data_2NVV
#
_entry.id   2NVV
#
_cell.length_a   131.051
_cell.length_b   131.051
_cell.length_c   162.093
_cell.angle_alpha   90.00
_cell.angle_beta   90.00
_cell.angle_gamma   120.00
#
_symmetry.space_group_name_H-M   'P 32'
#
loop_
_entity.id
_entity.type
_entity.pdbx_description
1 polymer 'Acetyl-CoA hydrolase/transferase family protein'
2 non-polymer 'ZINC ION'
3 water water
#
_entity_poly.entity_id   1
_entity_poly.type   'polypeptide(L)'
_entity_poly.pdbx_seq_one_letter_code
;(MSE)ALRFITAEEAAEFVHHNDNVGFSGFTPAGNPKVVPAAIAKRAIAAHEKGNPFKIG(MSE)FTGASTGARLDGVLA
QADAVKFRTPYQSNKDLRNLINNGSTSYFDLHLSTLAQDLRYGFYGKVDVAIIEVADVTEDGKILPTTGVGILPTICRLA
DRIIVELNDKHPKEI(MSE)G(MSE)HDLCEPLDPPARRELPVYTPSDRIGKPYVQVDPAKIVGVVRTSEPNDESDFAPL
DPVTQAIGDNVAAFLVSE(MSE)KAGRIPKDFLPLQSGVGNVANAVLGALGDNPDIPAFN(MSE)YTEVIQDAVIAL
(MSE)KKGRIKFASGCSLSVSRSVIQDIYANLDFFKDKILLRPQEYSNNPEIVRRLGVITINTALEADIFGNINSTHVSG
TR(MSE)(MSE)NGIGGSGDFTRNSYVSIFTTPSV(MSE)KDGKISSFVP(MSE)VAHHDHSEHSVKVIISEWGVADLRG
KNPRERAHEIIDKCVHPDYRPLLRQYLELGVKGQTPQNLDCCFAFHQELAKSGD(MSE)RNVRWEDY(MSE)KLEHHHHH
H
;
_entity_poly.pdbx_strand_id   A,B,C,D,E,F
#
loop_
_chem_comp.id
_chem_comp.type
_chem_comp.name
_chem_comp.formula
ZN non-polymer 'ZINC ION' 'Zn 2'
#
# COMPACT_ATOMS: atom_id res chain seq x y z
N ALA A 2 36.14 -76.62 13.57
CA ALA A 2 37.12 -76.13 14.59
C ALA A 2 37.77 -74.83 14.14
N LEU A 3 38.39 -74.12 15.08
CA LEU A 3 39.07 -72.88 14.79
C LEU A 3 40.25 -73.12 13.85
N ARG A 4 40.25 -72.39 12.74
CA ARG A 4 41.29 -72.50 11.74
C ARG A 4 42.31 -71.39 11.92
N PHE A 5 43.59 -71.76 11.95
CA PHE A 5 44.66 -70.79 12.09
C PHE A 5 45.24 -70.47 10.72
N ILE A 6 45.31 -69.19 10.39
CA ILE A 6 45.81 -68.76 9.10
C ILE A 6 46.78 -67.60 9.20
N THR A 7 47.26 -67.14 8.04
CA THR A 7 48.20 -66.03 7.97
C THR A 7 47.45 -64.73 7.76
N ALA A 8 48.17 -63.62 7.91
CA ALA A 8 47.56 -62.32 7.74
C ALA A 8 47.22 -62.10 6.27
N GLU A 9 47.85 -62.89 5.41
CA GLU A 9 47.62 -62.78 3.98
C GLU A 9 46.38 -63.56 3.57
N GLU A 10 46.19 -64.73 4.16
CA GLU A 10 45.03 -65.56 3.87
C GLU A 10 43.79 -64.87 4.41
N ALA A 11 43.93 -64.27 5.59
CA ALA A 11 42.84 -63.57 6.25
C ALA A 11 42.38 -62.39 5.43
N ALA A 12 43.33 -61.67 4.84
CA ALA A 12 43.01 -60.49 4.03
C ALA A 12 42.17 -60.84 2.81
N GLU A 13 42.18 -62.11 2.42
CA GLU A 13 41.42 -62.56 1.25
C GLU A 13 39.92 -62.56 1.54
N PHE A 14 39.55 -62.53 2.81
CA PHE A 14 38.15 -62.52 3.21
C PHE A 14 37.55 -61.12 3.17
N VAL A 15 38.38 -60.13 2.84
CA VAL A 15 37.93 -58.75 2.73
C VAL A 15 37.93 -58.38 1.26
N HIS A 16 36.79 -57.89 0.77
CA HIS A 16 36.66 -57.54 -0.63
C HIS A 16 36.31 -56.07 -0.82
N HIS A 17 36.48 -55.58 -2.04
CA HIS A 17 36.17 -54.19 -2.33
C HIS A 17 34.73 -53.91 -1.98
N ASN A 18 34.48 -52.74 -1.41
CA ASN A 18 33.14 -52.32 -1.03
C ASN A 18 32.58 -53.00 0.21
N ASP A 19 33.39 -53.83 0.86
CA ASP A 19 32.96 -54.48 2.08
C ASP A 19 33.05 -53.44 3.19
N ASN A 20 32.19 -53.56 4.18
CA ASN A 20 32.24 -52.65 5.32
C ASN A 20 32.91 -53.43 6.43
N VAL A 21 34.00 -52.90 6.97
CA VAL A 21 34.71 -53.59 8.02
C VAL A 21 34.70 -52.85 9.35
N GLY A 22 34.44 -53.61 10.41
CA GLY A 22 34.43 -53.03 11.74
C GLY A 22 35.65 -53.57 12.45
N PHE A 23 36.37 -52.71 13.16
CA PHE A 23 37.58 -53.12 13.88
C PHE A 23 37.39 -53.01 15.38
N SER A 24 38.02 -53.90 16.13
CA SER A 24 37.92 -53.89 17.60
C SER A 24 38.84 -52.83 18.20
N GLY A 25 38.76 -52.67 19.52
CA GLY A 25 39.60 -51.70 20.20
C GLY A 25 39.09 -50.28 20.31
N PHE A 26 39.82 -49.49 21.08
CA PHE A 26 39.50 -48.07 21.28
C PHE A 26 40.88 -47.44 21.43
N THR A 27 41.25 -46.62 20.44
CA THR A 27 42.56 -45.99 20.36
C THR A 27 43.38 -47.20 19.90
N PRO A 28 44.64 -47.00 19.50
CA PRO A 28 45.43 -48.17 19.07
C PRO A 28 45.18 -49.40 19.93
N ALA A 29 45.03 -49.20 21.23
CA ALA A 29 44.79 -50.29 22.17
C ALA A 29 43.57 -51.17 21.78
N GLY A 30 43.79 -52.48 21.71
CA GLY A 30 42.71 -53.41 21.36
C GLY A 30 42.40 -53.56 19.88
N ASN A 31 43.21 -52.91 19.04
CA ASN A 31 43.03 -52.95 17.59
C ASN A 31 43.92 -53.96 16.88
N PRO A 32 43.44 -54.52 15.76
CA PRO A 32 44.21 -55.49 15.01
C PRO A 32 45.43 -54.75 14.45
N LYS A 33 46.58 -55.42 14.38
CA LYS A 33 47.81 -54.78 13.92
C LYS A 33 48.53 -55.38 12.69
N VAL A 34 48.13 -56.58 12.28
CA VAL A 34 48.81 -57.20 11.14
C VAL A 34 47.92 -57.48 9.93
N VAL A 35 46.64 -57.75 10.16
CA VAL A 35 45.75 -58.01 9.04
C VAL A 35 45.45 -56.77 8.19
N PRO A 36 45.10 -55.64 8.85
CA PRO A 36 44.80 -54.45 8.02
C PRO A 36 45.92 -54.07 7.03
N ALA A 37 47.16 -54.35 7.38
CA ALA A 37 48.28 -54.06 6.51
C ALA A 37 48.26 -55.01 5.30
N ALA A 38 47.83 -56.24 5.54
CA ALA A 38 47.73 -57.25 4.50
C ALA A 38 46.58 -56.91 3.54
N ILE A 39 45.59 -56.19 4.06
CA ILE A 39 44.44 -55.77 3.25
C ILE A 39 44.95 -54.67 2.33
N ALA A 40 45.77 -53.80 2.91
CA ALA A 40 46.36 -52.68 2.17
C ALA A 40 47.17 -53.16 0.98
N LYS A 41 48.02 -54.17 1.18
CA LYS A 41 48.83 -54.72 0.10
C LYS A 41 47.86 -55.15 -1.00
N ARG A 42 46.92 -55.97 -0.60
CA ARG A 42 45.89 -56.52 -1.45
C ARG A 42 45.14 -55.42 -2.19
N ALA A 43 44.86 -54.33 -1.48
CA ALA A 43 44.14 -53.19 -2.05
C ALA A 43 44.97 -52.51 -3.11
N ILE A 44 46.25 -52.30 -2.80
CA ILE A 44 47.17 -51.64 -3.73
C ILE A 44 47.37 -52.50 -4.97
N ALA A 45 47.50 -53.80 -4.77
CA ALA A 45 47.71 -54.72 -5.89
C ALA A 45 46.52 -54.67 -6.84
N ALA A 46 45.34 -54.33 -6.32
CA ALA A 46 44.14 -54.23 -7.13
C ALA A 46 44.14 -52.90 -7.88
N HIS A 47 44.56 -51.83 -7.21
CA HIS A 47 44.59 -50.51 -7.82
C HIS A 47 45.48 -50.47 -9.06
N GLU A 48 46.76 -50.82 -8.89
CA GLU A 48 47.69 -50.80 -10.00
C GLU A 48 47.32 -51.80 -11.10
N LYS A 49 46.30 -52.60 -10.85
CA LYS A 49 45.83 -53.58 -11.81
C LYS A 49 44.60 -52.99 -12.52
N GLY A 50 44.23 -51.78 -12.12
CA GLY A 50 43.08 -51.11 -12.71
C GLY A 50 41.77 -51.40 -12.02
N ASN A 51 41.81 -52.24 -10.99
CA ASN A 51 40.61 -52.61 -10.25
C ASN A 51 40.42 -51.78 -8.99
N PRO A 52 39.17 -51.40 -8.70
CA PRO A 52 38.83 -50.59 -7.53
C PRO A 52 38.92 -51.40 -6.24
N PHE A 53 39.28 -50.74 -5.15
CA PHE A 53 39.36 -51.44 -3.87
C PHE A 53 39.37 -50.47 -2.68
N LYS A 54 38.19 -50.33 -2.08
CA LYS A 54 38.02 -49.48 -0.92
C LYS A 54 36.96 -50.11 -0.01
N ILE A 55 37.20 -50.05 1.29
CA ILE A 55 36.29 -50.63 2.26
C ILE A 55 35.71 -49.56 3.17
N GLY A 56 34.54 -49.83 3.74
CA GLY A 56 33.92 -48.90 4.65
C GLY A 56 34.53 -49.25 5.98
N MSE A 57 34.78 -48.26 6.84
CA MSE A 57 35.40 -48.54 8.13
C MSE A 57 34.66 -48.01 9.34
O MSE A 57 34.39 -46.83 9.45
CB MSE A 57 36.81 -47.96 8.14
CG MSE A 57 37.72 -48.51 7.06
SE MSE A 57 39.43 -47.58 7.01
CE MSE A 57 40.08 -48.09 8.76
N PHE A 58 34.33 -48.92 10.25
CA PHE A 58 33.66 -48.58 11.51
C PHE A 58 34.65 -48.99 12.59
N THR A 59 35.02 -48.05 13.46
CA THR A 59 35.95 -48.35 14.55
C THR A 59 35.39 -47.80 15.86
N GLY A 60 36.09 -48.04 16.96
CA GLY A 60 35.64 -47.51 18.23
C GLY A 60 36.02 -46.05 18.24
N ALA A 61 37.32 -45.81 18.13
CA ALA A 61 37.88 -44.46 18.06
C ALA A 61 39.10 -44.53 17.14
N SER A 62 40.22 -43.97 17.60
CA SER A 62 41.46 -43.97 16.83
C SER A 62 42.07 -45.36 16.77
N THR A 63 42.92 -45.56 15.77
CA THR A 63 43.58 -46.84 15.56
C THR A 63 45.07 -46.54 15.32
N GLY A 64 45.91 -47.56 15.34
CA GLY A 64 47.32 -47.30 15.10
C GLY A 64 47.64 -46.80 13.69
N ALA A 65 48.92 -46.66 13.40
CA ALA A 65 49.33 -46.22 12.06
C ALA A 65 49.25 -47.47 11.17
N ARG A 66 49.14 -48.63 11.80
CA ARG A 66 49.08 -49.91 11.09
C ARG A 66 47.64 -50.32 10.80
N LEU A 67 46.76 -49.33 10.86
CA LEU A 67 45.35 -49.53 10.60
C LEU A 67 44.95 -48.39 9.65
N ASP A 68 44.61 -47.23 10.22
CA ASP A 68 44.21 -46.09 9.41
C ASP A 68 45.36 -45.63 8.53
N GLY A 69 46.54 -45.55 9.11
CA GLY A 69 47.69 -45.10 8.34
C GLY A 69 47.94 -45.91 7.09
N VAL A 70 48.18 -47.21 7.27
CA VAL A 70 48.44 -48.08 6.14
C VAL A 70 47.26 -48.10 5.14
N LEU A 71 46.04 -48.12 5.67
CA LEU A 71 44.85 -48.15 4.83
C LEU A 71 44.69 -46.85 4.05
N ALA A 72 45.04 -45.74 4.68
CA ALA A 72 44.94 -44.44 4.05
C ALA A 72 46.02 -44.29 2.97
N GLN A 73 47.24 -44.73 3.27
CA GLN A 73 48.33 -44.65 2.30
C GLN A 73 47.99 -45.51 1.10
N ALA A 74 47.20 -46.56 1.35
CA ALA A 74 46.76 -47.47 0.29
C ALA A 74 45.58 -46.89 -0.48
N ASP A 75 45.05 -45.77 0.00
CA ASP A 75 43.91 -45.12 -0.65
C ASP A 75 42.79 -46.14 -0.81
N ALA A 76 42.46 -46.84 0.28
CA ALA A 76 41.42 -47.87 0.26
C ALA A 76 40.33 -47.56 1.26
N VAL A 77 40.12 -46.29 1.56
CA VAL A 77 39.11 -45.90 2.52
C VAL A 77 37.90 -45.31 1.80
N LYS A 78 36.80 -46.05 1.69
CA LYS A 78 35.63 -45.50 1.01
C LYS A 78 34.92 -44.54 1.96
N PHE A 79 34.87 -44.90 3.24
CA PHE A 79 34.27 -44.03 4.25
C PHE A 79 34.79 -44.45 5.61
N ARG A 80 34.86 -43.49 6.53
CA ARG A 80 35.39 -43.72 7.87
C ARG A 80 34.56 -43.09 9.00
N THR A 81 34.43 -43.83 10.10
CA THR A 81 33.70 -43.38 11.30
C THR A 81 34.22 -44.16 12.50
N PRO A 82 34.10 -43.58 13.71
CA PRO A 82 33.51 -42.29 13.99
C PRO A 82 34.55 -41.25 14.44
N TYR A 83 35.77 -41.71 14.74
CA TYR A 83 36.84 -40.86 15.21
C TYR A 83 38.16 -41.40 14.66
N GLN A 84 39.06 -40.52 14.26
CA GLN A 84 40.37 -40.92 13.78
C GLN A 84 41.43 -40.00 14.36
N SER A 85 42.69 -40.43 14.26
CA SER A 85 43.79 -39.65 14.78
C SER A 85 45.13 -40.03 14.12
N ASN A 86 45.10 -40.21 12.80
CA ASN A 86 46.30 -40.56 12.03
C ASN A 86 46.56 -39.52 10.94
N LYS A 87 47.80 -39.05 10.85
CA LYS A 87 48.19 -38.03 9.89
C LYS A 87 47.90 -38.33 8.42
N ASP A 88 48.12 -39.56 8.02
CA ASP A 88 47.86 -39.97 6.66
C ASP A 88 46.38 -39.93 6.36
N LEU A 89 45.58 -40.51 7.25
CA LEU A 89 44.14 -40.51 7.06
C LEU A 89 43.61 -39.08 7.15
N ARG A 90 44.13 -38.30 8.10
CA ARG A 90 43.71 -36.92 8.29
C ARG A 90 43.93 -36.08 7.04
N ASN A 91 45.07 -36.27 6.37
CA ASN A 91 45.36 -35.52 5.16
C ASN A 91 44.43 -36.00 4.04
N LEU A 92 44.28 -37.31 3.94
CA LEU A 92 43.41 -37.92 2.93
C LEU A 92 42.03 -37.28 3.04
N ILE A 93 41.58 -37.09 4.27
CA ILE A 93 40.29 -36.48 4.57
C ILE A 93 40.25 -35.02 4.15
N ASN A 94 41.18 -34.23 4.70
CA ASN A 94 41.25 -32.79 4.42
C ASN A 94 41.51 -32.46 2.96
N ASN A 95 41.97 -33.44 2.20
CA ASN A 95 42.21 -33.25 0.76
C ASN A 95 40.96 -33.71 0.01
N GLY A 96 39.90 -34.01 0.76
CA GLY A 96 38.65 -34.46 0.18
C GLY A 96 38.77 -35.72 -0.64
N SER A 97 39.69 -36.60 -0.27
CA SER A 97 39.93 -37.86 -1.00
C SER A 97 39.11 -39.03 -0.46
N THR A 98 38.37 -38.80 0.63
CA THR A 98 37.53 -39.85 1.23
C THR A 98 36.44 -39.23 2.08
N SER A 99 35.43 -40.02 2.43
CA SER A 99 34.33 -39.56 3.25
C SER A 99 34.51 -39.91 4.72
N TYR A 100 34.51 -38.88 5.55
CA TYR A 100 34.66 -39.04 6.98
C TYR A 100 33.56 -38.26 7.72
N PHE A 101 32.99 -38.89 8.73
CA PHE A 101 31.99 -38.21 9.53
C PHE A 101 32.18 -38.63 10.98
N ASP A 102 32.56 -37.67 11.83
CA ASP A 102 32.76 -37.94 13.25
C ASP A 102 31.45 -37.89 14.00
N LEU A 103 31.24 -38.88 14.87
CA LEU A 103 30.01 -38.99 15.63
C LEU A 103 30.26 -38.98 17.12
N HIS A 104 29.19 -38.81 17.89
CA HIS A 104 29.30 -38.88 19.34
C HIS A 104 29.58 -40.36 19.53
N LEU A 105 30.69 -40.68 20.16
CA LEU A 105 31.09 -42.08 20.34
C LEU A 105 30.05 -43.02 20.94
N SER A 106 29.32 -42.56 21.95
CA SER A 106 28.34 -43.44 22.59
C SER A 106 27.18 -43.88 21.69
N THR A 107 27.01 -43.24 20.54
CA THR A 107 25.89 -43.56 19.65
C THR A 107 26.12 -44.52 18.49
N LEU A 108 27.37 -44.78 18.11
CA LEU A 108 27.65 -45.67 16.96
C LEU A 108 27.13 -47.11 17.06
N ALA A 109 27.29 -47.71 18.24
CA ALA A 109 26.83 -49.08 18.45
C ALA A 109 25.33 -49.28 18.21
N GLN A 110 24.50 -48.50 18.89
CA GLN A 110 23.07 -48.65 18.72
C GLN A 110 22.59 -48.24 17.34
N ASP A 111 23.19 -47.21 16.78
CA ASP A 111 22.79 -46.74 15.46
C ASP A 111 23.14 -47.75 14.39
N LEU A 112 24.10 -48.61 14.69
CA LEU A 112 24.50 -49.66 13.77
C LEU A 112 23.40 -50.70 13.83
N ARG A 113 22.95 -51.00 15.04
CA ARG A 113 21.89 -51.97 15.26
C ARG A 113 20.59 -51.47 14.65
N TYR A 114 20.36 -50.15 14.73
CA TYR A 114 19.15 -49.54 14.16
C TYR A 114 19.15 -49.62 12.63
N GLY A 115 20.33 -49.90 12.07
CA GLY A 115 20.46 -50.01 10.63
C GLY A 115 20.77 -48.69 9.95
N PHE A 116 21.11 -47.68 10.74
CA PHE A 116 21.41 -46.35 10.19
C PHE A 116 22.57 -46.33 9.20
N TYR A 117 23.57 -47.18 9.43
CA TYR A 117 24.72 -47.28 8.54
C TYR A 117 24.57 -48.70 8.06
N GLY A 118 24.77 -48.93 6.78
CA GLY A 118 24.58 -50.23 6.18
C GLY A 118 24.85 -51.51 6.94
N LYS A 119 25.53 -52.42 6.25
CA LYS A 119 25.88 -53.73 6.79
C LYS A 119 27.35 -53.79 7.23
N VAL A 120 27.65 -54.70 8.14
CA VAL A 120 29.02 -54.92 8.60
C VAL A 120 29.35 -56.28 7.98
N ASP A 121 30.23 -56.30 6.99
CA ASP A 121 30.59 -57.54 6.33
C ASP A 121 31.54 -58.41 7.14
N VAL A 122 32.61 -57.80 7.63
CA VAL A 122 33.56 -58.54 8.44
C VAL A 122 34.03 -57.69 9.61
N ALA A 123 34.45 -58.38 10.68
CA ALA A 123 34.96 -57.75 11.87
C ALA A 123 36.36 -58.29 12.11
N ILE A 124 37.34 -57.38 12.21
CA ILE A 124 38.72 -57.80 12.49
C ILE A 124 38.91 -57.44 13.96
N ILE A 125 39.27 -58.41 14.80
CA ILE A 125 39.46 -58.12 16.21
C ILE A 125 40.76 -58.67 16.79
N GLU A 126 41.31 -57.97 17.79
CA GLU A 126 42.51 -58.44 18.46
C GLU A 126 42.03 -59.10 19.75
N VAL A 127 42.55 -60.28 20.06
CA VAL A 127 42.10 -61.02 21.21
C VAL A 127 43.21 -61.54 22.14
N ALA A 128 42.84 -61.77 23.40
CA ALA A 128 43.77 -62.31 24.39
C ALA A 128 43.48 -63.80 24.48
N ASP A 129 42.30 -64.18 24.00
CA ASP A 129 41.88 -65.58 23.99
C ASP A 129 40.57 -65.76 23.24
N VAL A 130 40.54 -66.76 22.38
CA VAL A 130 39.35 -67.09 21.61
C VAL A 130 39.07 -68.58 21.84
N THR A 131 37.91 -68.86 22.42
CA THR A 131 37.52 -70.23 22.70
C THR A 131 36.99 -70.92 21.45
N GLU A 132 36.94 -72.24 21.48
CA GLU A 132 36.46 -73.02 20.35
C GLU A 132 34.95 -72.86 20.20
N ASP A 133 34.27 -72.58 21.31
CA ASP A 133 32.83 -72.38 21.27
C ASP A 133 32.48 -70.91 21.04
N GLY A 134 33.43 -70.19 20.45
CA GLY A 134 33.22 -68.79 20.13
C GLY A 134 33.24 -67.73 21.23
N LYS A 135 34.07 -67.91 22.25
CA LYS A 135 34.13 -66.91 23.31
C LYS A 135 35.36 -66.03 23.07
N ILE A 136 35.12 -64.73 22.96
CA ILE A 136 36.18 -63.78 22.71
C ILE A 136 36.57 -62.97 23.93
N LEU A 137 37.88 -62.87 24.18
CA LEU A 137 38.40 -62.08 25.28
C LEU A 137 39.22 -60.97 24.64
N PRO A 138 38.73 -59.71 24.71
CA PRO A 138 39.38 -58.53 24.14
C PRO A 138 40.70 -58.26 24.83
N THR A 139 41.46 -57.30 24.32
CA THR A 139 42.72 -56.96 24.94
C THR A 139 42.59 -55.69 25.75
N THR A 140 43.23 -54.62 25.31
CA THR A 140 43.20 -53.36 26.06
C THR A 140 42.21 -52.28 25.64
N GLY A 141 41.37 -52.56 24.64
CA GLY A 141 40.40 -51.57 24.21
C GLY A 141 39.13 -52.26 23.77
N VAL A 142 37.96 -51.73 24.14
CA VAL A 142 36.69 -52.36 23.77
C VAL A 142 35.98 -51.73 22.56
N GLY A 143 35.74 -50.44 22.63
CA GLY A 143 35.08 -49.75 21.53
C GLY A 143 33.69 -50.26 21.21
N ILE A 144 33.51 -50.73 19.98
CA ILE A 144 32.22 -51.26 19.54
C ILE A 144 32.32 -52.76 19.27
N LEU A 145 33.25 -53.41 19.93
CA LEU A 145 33.48 -54.83 19.79
C LEU A 145 32.23 -55.70 19.76
N PRO A 146 31.47 -55.74 20.86
CA PRO A 146 30.27 -56.58 20.85
C PRO A 146 29.30 -56.36 19.70
N THR A 147 29.18 -55.13 19.23
CA THR A 147 28.26 -54.84 18.15
C THR A 147 28.80 -55.31 16.79
N ILE A 148 30.08 -55.11 16.53
CA ILE A 148 30.63 -55.54 15.25
C ILE A 148 30.68 -57.07 15.13
N CYS A 149 30.89 -57.74 16.27
CA CYS A 149 30.93 -59.19 16.30
C CYS A 149 29.54 -59.77 16.08
N ARG A 150 28.53 -59.06 16.56
CA ARG A 150 27.16 -59.49 16.42
C ARG A 150 26.66 -59.29 15.00
N LEU A 151 26.90 -58.11 14.45
CA LEU A 151 26.44 -57.75 13.11
C LEU A 151 27.23 -58.27 11.92
N ALA A 152 28.52 -58.59 12.11
CA ALA A 152 29.37 -59.06 11.01
C ALA A 152 29.02 -60.42 10.47
N ASP A 153 29.20 -60.59 9.16
CA ASP A 153 28.93 -61.85 8.48
C ASP A 153 30.05 -62.84 8.84
N ARG A 154 31.28 -62.34 8.90
CA ARG A 154 32.43 -63.17 9.25
C ARG A 154 33.40 -62.40 10.11
N ILE A 155 34.11 -63.13 10.97
CA ILE A 155 35.06 -62.53 11.90
C ILE A 155 36.47 -63.02 11.71
N ILE A 156 37.43 -62.08 11.68
CA ILE A 156 38.83 -62.40 11.55
C ILE A 156 39.51 -62.08 12.88
N VAL A 157 39.92 -63.11 13.59
CA VAL A 157 40.57 -62.93 14.90
C VAL A 157 42.10 -62.88 14.85
N GLU A 158 42.66 -62.07 15.73
CA GLU A 158 44.10 -61.87 15.82
C GLU A 158 44.48 -62.17 17.28
N LEU A 159 45.13 -63.31 17.50
CA LEU A 159 45.53 -63.75 18.85
C LEU A 159 46.91 -63.21 19.26
N ASN A 160 46.91 -62.15 20.06
CA ASN A 160 48.16 -61.51 20.49
C ASN A 160 48.86 -62.21 21.67
N ASP A 161 50.13 -62.54 21.45
CA ASP A 161 50.98 -63.18 22.45
C ASP A 161 51.13 -62.38 23.74
N LYS A 162 51.32 -61.07 23.57
CA LYS A 162 51.55 -60.14 24.66
C LYS A 162 50.44 -59.89 25.68
N HIS A 163 49.23 -60.32 25.38
CA HIS A 163 48.14 -60.10 26.31
C HIS A 163 47.63 -61.42 26.86
N PRO A 164 47.87 -61.67 28.17
CA PRO A 164 47.48 -62.88 28.89
C PRO A 164 45.99 -63.06 29.14
N LYS A 165 45.53 -64.30 29.11
CA LYS A 165 44.12 -64.61 29.33
C LYS A 165 43.74 -64.39 30.79
N GLU A 166 44.73 -64.09 31.63
CA GLU A 166 44.48 -63.83 33.06
C GLU A 166 43.75 -62.50 33.21
N ILE A 167 43.69 -61.75 32.12
CA ILE A 167 43.01 -60.47 32.07
C ILE A 167 41.53 -60.67 32.24
N MSE A 168 41.08 -61.89 31.93
CA MSE A 168 39.68 -62.28 32.06
C MSE A 168 39.07 -61.66 33.32
O MSE A 168 39.49 -61.96 34.43
CB MSE A 168 39.60 -63.80 32.15
CG MSE A 168 38.22 -64.36 32.48
SE MSE A 168 37.03 -64.52 30.97
CE MSE A 168 37.51 -66.31 30.38
N GLY A 169 38.07 -60.80 33.13
CA GLY A 169 37.45 -60.15 34.27
C GLY A 169 37.59 -58.64 34.26
N MSE A 170 38.52 -58.15 33.45
CA MSE A 170 38.74 -56.71 33.38
C MSE A 170 37.79 -56.00 32.41
O MSE A 170 37.77 -54.76 32.34
CB MSE A 170 40.18 -56.41 33.02
CG MSE A 170 41.12 -56.69 34.19
SE MSE A 170 42.93 -56.06 33.97
CE MSE A 170 42.54 -54.66 32.57
N HIS A 171 37.01 -56.77 31.65
CA HIS A 171 36.06 -56.20 30.71
C HIS A 171 34.66 -56.49 31.21
N ASP A 172 33.72 -55.65 30.79
CA ASP A 172 32.31 -55.81 31.14
C ASP A 172 31.64 -55.57 29.78
N LEU A 173 31.39 -56.67 29.07
CA LEU A 173 30.81 -56.62 27.74
C LEU A 173 29.34 -56.96 27.64
N CYS A 174 28.62 -56.17 26.85
CA CYS A 174 27.20 -56.39 26.62
C CYS A 174 26.60 -55.30 25.76
N GLU A 175 25.32 -55.50 25.43
CA GLU A 175 24.54 -54.57 24.64
C GLU A 175 23.16 -54.60 25.24
N PRO A 176 22.43 -53.48 25.19
CA PRO A 176 21.08 -53.45 25.75
C PRO A 176 20.06 -53.79 24.67
N LEU A 177 18.83 -54.09 25.09
CA LEU A 177 17.78 -54.37 24.13
C LEU A 177 17.56 -53.02 23.45
N ASP A 178 16.91 -53.01 22.30
CA ASP A 178 16.68 -51.77 21.59
C ASP A 178 15.21 -51.38 21.69
N PRO A 179 14.90 -50.08 21.54
CA PRO A 179 13.49 -49.70 21.63
C PRO A 179 12.59 -50.48 20.69
N PRO A 180 11.33 -50.68 21.07
CA PRO A 180 10.75 -50.21 22.33
C PRO A 180 10.95 -51.13 23.53
N ALA A 181 11.95 -52.00 23.47
CA ALA A 181 12.20 -52.96 24.56
C ALA A 181 13.36 -52.66 25.50
N ARG A 182 14.01 -51.53 25.34
CA ARG A 182 15.15 -51.22 26.18
C ARG A 182 14.83 -50.98 27.63
N ARG A 183 15.66 -51.55 28.50
CA ARG A 183 15.53 -51.39 29.95
C ARG A 183 16.63 -50.41 30.38
N GLU A 184 16.74 -50.15 31.67
CA GLU A 184 17.77 -49.23 32.12
C GLU A 184 19.14 -49.90 32.11
N LEU A 185 20.20 -49.10 32.08
CA LEU A 185 21.56 -49.61 32.10
C LEU A 185 21.95 -49.54 33.58
N PRO A 186 21.87 -50.68 34.29
CA PRO A 186 22.16 -50.85 35.71
C PRO A 186 23.51 -50.49 36.32
N VAL A 187 24.06 -49.32 36.00
CA VAL A 187 25.30 -48.91 36.61
C VAL A 187 25.00 -47.69 37.46
N TYR A 188 25.16 -47.85 38.77
CA TYR A 188 24.91 -46.80 39.74
C TYR A 188 26.20 -46.35 40.42
N THR A 189 27.28 -47.06 40.11
CA THR A 189 28.61 -46.79 40.65
C THR A 189 29.56 -47.03 39.49
N PRO A 190 30.68 -46.28 39.43
CA PRO A 190 31.58 -46.51 38.32
C PRO A 190 32.18 -47.92 38.21
N SER A 191 32.08 -48.72 39.26
CA SER A 191 32.64 -50.08 39.24
C SER A 191 31.61 -51.18 39.13
N ASP A 192 30.38 -50.84 38.78
CA ASP A 192 29.33 -51.83 38.66
C ASP A 192 29.43 -52.64 37.36
N ARG A 193 29.30 -53.96 37.51
CA ARG A 193 29.33 -54.87 36.38
C ARG A 193 27.90 -55.19 35.94
N ILE A 194 27.63 -55.11 34.65
CA ILE A 194 26.31 -55.40 34.16
C ILE A 194 26.32 -56.39 32.99
N GLY A 195 27.51 -56.77 32.53
CA GLY A 195 27.61 -57.70 31.43
C GLY A 195 28.48 -58.93 31.70
N LYS A 196 29.19 -59.40 30.68
CA LYS A 196 30.08 -60.56 30.81
C LYS A 196 31.53 -60.18 30.52
N PRO A 197 32.47 -60.99 31.00
CA PRO A 197 33.90 -60.74 30.79
C PRO A 197 34.38 -61.22 29.42
N TYR A 198 33.44 -61.49 28.54
CA TYR A 198 33.77 -61.97 27.20
C TYR A 198 32.58 -61.79 26.29
N VAL A 199 32.82 -61.89 24.99
CA VAL A 199 31.76 -61.76 24.01
C VAL A 199 31.56 -63.13 23.36
N GLN A 200 30.30 -63.58 23.30
CA GLN A 200 29.95 -64.87 22.72
C GLN A 200 29.47 -64.77 21.27
N VAL A 201 30.12 -65.52 20.38
CA VAL A 201 29.75 -65.52 18.96
C VAL A 201 29.66 -66.94 18.47
N ASP A 202 29.11 -67.13 17.27
CA ASP A 202 29.01 -68.45 16.67
C ASP A 202 30.38 -68.71 16.08
N PRO A 203 31.09 -69.72 16.59
CA PRO A 203 32.43 -70.04 16.09
C PRO A 203 32.48 -70.22 14.57
N ALA A 204 31.33 -70.52 13.96
CA ALA A 204 31.24 -70.71 12.52
C ALA A 204 31.54 -69.40 11.77
N LYS A 205 31.37 -68.28 12.45
CA LYS A 205 31.62 -66.97 11.85
C LYS A 205 33.10 -66.62 11.81
N ILE A 206 33.92 -67.32 12.60
CA ILE A 206 35.36 -67.07 12.63
C ILE A 206 36.02 -67.70 11.40
N VAL A 207 36.32 -66.90 10.38
CA VAL A 207 36.94 -67.42 9.19
C VAL A 207 38.40 -67.77 9.41
N GLY A 208 38.96 -67.33 10.53
CA GLY A 208 40.35 -67.64 10.83
C GLY A 208 40.95 -66.91 12.02
N VAL A 209 42.00 -67.51 12.59
CA VAL A 209 42.70 -66.93 13.74
C VAL A 209 44.17 -66.75 13.40
N VAL A 210 44.62 -65.50 13.37
CA VAL A 210 46.01 -65.18 13.06
C VAL A 210 46.77 -64.95 14.35
N ARG A 211 47.85 -65.69 14.56
CA ARG A 211 48.63 -65.53 15.77
C ARG A 211 49.59 -64.37 15.62
N THR A 212 49.64 -63.51 16.63
CA THR A 212 50.53 -62.37 16.59
C THR A 212 51.23 -62.22 17.93
N SER A 213 52.21 -61.33 17.97
CA SER A 213 52.94 -61.04 19.19
C SER A 213 53.31 -59.58 19.05
N GLU A 214 52.41 -58.71 19.47
CA GLU A 214 52.64 -57.28 19.34
C GLU A 214 52.63 -56.59 20.70
N PRO A 215 53.79 -56.03 21.09
CA PRO A 215 53.92 -55.34 22.37
C PRO A 215 53.41 -53.91 22.28
N ASN A 216 53.15 -53.29 23.43
CA ASN A 216 52.69 -51.92 23.51
C ASN A 216 53.87 -51.02 23.17
N ASP A 217 53.59 -49.84 22.63
CA ASP A 217 54.69 -48.91 22.31
C ASP A 217 55.13 -48.37 23.67
N GLU A 218 56.31 -47.75 23.73
CA GLU A 218 56.72 -47.21 25.01
C GLU A 218 56.41 -45.73 25.02
N SER A 219 56.46 -45.15 26.21
CA SER A 219 56.17 -43.74 26.42
C SER A 219 57.22 -42.90 25.70
N ASP A 220 56.75 -42.00 24.85
CA ASP A 220 57.62 -41.14 24.06
C ASP A 220 57.57 -39.68 24.50
N PHE A 221 58.74 -39.10 24.75
CA PHE A 221 58.95 -37.71 25.17
C PHE A 221 57.72 -36.95 25.67
N ALA A 222 57.67 -36.74 26.99
CA ALA A 222 56.55 -36.02 27.61
C ALA A 222 57.08 -34.95 28.56
N PRO A 223 57.66 -33.88 28.01
CA PRO A 223 58.23 -32.77 28.79
C PRO A 223 57.17 -31.99 29.55
N LEU A 224 57.58 -31.37 30.66
CA LEU A 224 56.68 -30.58 31.48
C LEU A 224 56.59 -29.19 30.85
N ASP A 225 55.48 -28.49 31.11
CA ASP A 225 55.27 -27.16 30.55
C ASP A 225 54.56 -26.31 31.59
N PRO A 226 55.13 -25.14 31.92
CA PRO A 226 54.54 -24.25 32.92
C PRO A 226 53.10 -23.90 32.67
N VAL A 227 52.72 -23.74 31.40
CA VAL A 227 51.32 -23.41 31.08
C VAL A 227 50.38 -24.54 31.49
N THR A 228 50.76 -25.78 31.24
CA THR A 228 49.92 -26.92 31.61
C THR A 228 49.96 -27.16 33.12
N GLN A 229 51.07 -26.82 33.75
CA GLN A 229 51.19 -26.97 35.20
C GLN A 229 50.16 -26.03 35.81
N ALA A 230 50.12 -24.81 35.28
CA ALA A 230 49.19 -23.80 35.74
C ALA A 230 47.75 -24.27 35.54
N ILE A 231 47.42 -24.66 34.31
CA ILE A 231 46.09 -25.15 34.00
C ILE A 231 45.66 -26.27 34.93
N GLY A 232 46.51 -27.28 35.07
CA GLY A 232 46.18 -28.40 35.95
C GLY A 232 45.89 -28.01 37.39
N ASP A 233 46.63 -27.03 37.90
CA ASP A 233 46.45 -26.58 39.27
C ASP A 233 45.13 -25.87 39.38
N ASN A 234 44.82 -25.04 38.40
CA ASN A 234 43.57 -24.29 38.43
C ASN A 234 42.38 -25.22 38.48
N VAL A 235 42.43 -26.29 37.70
CA VAL A 235 41.35 -27.27 37.67
C VAL A 235 41.15 -27.89 39.04
N ALA A 236 42.23 -28.40 39.62
CA ALA A 236 42.18 -29.03 40.94
C ALA A 236 41.74 -28.06 42.05
N ALA A 237 42.26 -26.86 42.05
CA ALA A 237 41.89 -25.87 43.08
C ALA A 237 40.42 -25.43 42.93
N PHE A 238 39.95 -25.35 41.70
CA PHE A 238 38.57 -24.95 41.45
C PHE A 238 37.64 -26.00 42.05
N LEU A 239 37.92 -27.26 41.75
CA LEU A 239 37.13 -28.36 42.23
C LEU A 239 37.04 -28.42 43.76
N VAL A 240 38.17 -28.31 44.47
CA VAL A 240 38.09 -28.36 45.93
C VAL A 240 37.27 -27.16 46.40
N SER A 241 37.44 -26.05 45.68
CA SER A 241 36.75 -24.82 46.02
C SER A 241 35.25 -24.94 45.87
N GLU A 242 34.84 -25.74 44.89
CA GLU A 242 33.42 -25.97 44.61
C GLU A 242 32.80 -26.85 45.67
N MSE A 243 33.56 -27.83 46.13
CA MSE A 243 33.05 -28.74 47.17
C MSE A 243 32.77 -27.98 48.46
O MSE A 243 31.74 -28.20 49.09
CB MSE A 243 34.06 -29.85 47.47
CG MSE A 243 34.25 -30.84 46.34
SE MSE A 243 35.24 -32.36 46.97
CE MSE A 243 37.03 -31.73 46.77
N LYS A 244 33.68 -27.09 48.84
CA LYS A 244 33.50 -26.32 50.06
C LYS A 244 32.43 -25.26 49.90
N ALA A 245 32.11 -24.91 48.66
CA ALA A 245 31.09 -23.91 48.38
C ALA A 245 29.73 -24.63 48.40
N GLY A 246 29.77 -25.95 48.40
CA GLY A 246 28.55 -26.74 48.40
C GLY A 246 28.00 -27.08 47.04
N ARG A 247 28.78 -26.84 45.99
CA ARG A 247 28.33 -27.11 44.62
C ARG A 247 28.75 -28.47 44.08
N ILE A 248 29.46 -29.22 44.90
CA ILE A 248 29.90 -30.57 44.57
C ILE A 248 29.90 -31.30 45.89
N PRO A 249 29.31 -32.51 45.93
CA PRO A 249 29.27 -33.25 47.20
C PRO A 249 30.66 -33.48 47.79
N LYS A 250 30.76 -33.33 49.10
CA LYS A 250 32.00 -33.48 49.84
C LYS A 250 32.86 -34.69 49.52
N ASP A 251 32.23 -35.82 49.18
CA ASP A 251 32.98 -37.02 48.84
C ASP A 251 33.42 -37.03 47.38
N PHE A 252 33.22 -35.91 46.69
CA PHE A 252 33.59 -35.78 45.28
C PHE A 252 32.68 -36.61 44.36
N LEU A 253 33.03 -36.69 43.08
CA LEU A 253 32.25 -37.41 42.07
C LEU A 253 33.17 -38.09 41.07
N PRO A 254 32.63 -38.94 40.17
CA PRO A 254 33.45 -39.61 39.18
C PRO A 254 34.02 -38.58 38.22
N LEU A 255 35.23 -38.85 37.71
CA LEU A 255 35.85 -37.92 36.77
C LEU A 255 36.07 -38.49 35.39
N GLN A 256 36.20 -37.59 34.42
CA GLN A 256 36.46 -37.95 33.05
C GLN A 256 37.37 -36.86 32.51
N SER A 257 38.44 -37.28 31.84
CA SER A 257 39.38 -36.32 31.27
C SER A 257 39.82 -36.86 29.93
N GLY A 258 40.33 -35.97 29.07
CA GLY A 258 40.81 -36.41 27.78
C GLY A 258 42.22 -36.95 27.92
N VAL A 259 42.91 -37.06 26.80
CA VAL A 259 44.29 -37.54 26.79
C VAL A 259 45.17 -36.35 26.43
N GLY A 260 46.39 -36.32 26.97
CA GLY A 260 47.27 -35.21 26.64
C GLY A 260 48.01 -34.67 27.84
N ASN A 261 48.85 -33.68 27.58
CA ASN A 261 49.66 -33.04 28.62
C ASN A 261 48.83 -32.33 29.65
N VAL A 262 47.79 -31.63 29.22
CA VAL A 262 46.93 -30.89 30.14
C VAL A 262 46.29 -31.91 31.06
N ALA A 263 45.67 -32.92 30.47
CA ALA A 263 45.01 -33.99 31.20
C ALA A 263 45.96 -34.57 32.24
N ASN A 264 47.20 -34.86 31.84
CA ASN A 264 48.20 -35.40 32.73
C ASN A 264 48.49 -34.45 33.88
N ALA A 265 48.51 -33.16 33.58
CA ALA A 265 48.75 -32.14 34.58
C ALA A 265 47.57 -32.08 35.54
N VAL A 266 46.37 -32.15 34.99
CA VAL A 266 45.15 -32.10 35.80
C VAL A 266 45.15 -33.28 36.76
N LEU A 267 45.37 -34.48 36.25
CA LEU A 267 45.40 -35.67 37.09
C LEU A 267 46.47 -35.56 38.17
N GLY A 268 47.63 -35.05 37.81
CA GLY A 268 48.71 -34.89 38.78
C GLY A 268 48.31 -33.90 39.86
N ALA A 269 47.73 -32.77 39.45
CA ALA A 269 47.30 -31.75 40.40
C ALA A 269 46.30 -32.31 41.40
N LEU A 270 45.32 -33.05 40.90
CA LEU A 270 44.31 -33.66 41.75
C LEU A 270 44.97 -34.57 42.79
N GLY A 271 45.90 -35.40 42.33
CA GLY A 271 46.60 -36.29 43.22
C GLY A 271 47.41 -35.56 44.29
N ASP A 272 47.95 -34.39 43.93
CA ASP A 272 48.75 -33.64 44.88
C ASP A 272 47.96 -32.66 45.78
N ASN A 273 46.69 -32.48 45.49
CA ASN A 273 45.88 -31.60 46.32
C ASN A 273 45.15 -32.48 47.34
N PRO A 274 45.59 -32.44 48.61
CA PRO A 274 45.01 -33.24 49.69
C PRO A 274 43.52 -33.01 49.91
N ASP A 275 43.02 -31.84 49.50
CA ASP A 275 41.60 -31.54 49.66
C ASP A 275 40.78 -32.28 48.63
N ILE A 276 41.45 -32.95 47.70
CA ILE A 276 40.74 -33.74 46.69
C ILE A 276 40.75 -35.17 47.24
N PRO A 277 39.58 -35.69 47.63
CA PRO A 277 39.50 -37.05 48.18
C PRO A 277 39.79 -38.14 47.15
N ALA A 278 40.25 -39.30 47.61
CA ALA A 278 40.54 -40.43 46.73
C ALA A 278 39.34 -40.53 45.80
N PHE A 279 39.59 -40.60 44.50
CA PHE A 279 38.49 -40.62 43.56
C PHE A 279 38.52 -41.74 42.54
N ASN A 280 37.40 -41.88 41.83
CA ASN A 280 37.26 -42.90 40.81
C ASN A 280 37.15 -42.22 39.46
N MSE A 281 37.49 -42.95 38.41
CA MSE A 281 37.40 -42.43 37.05
C MSE A 281 36.27 -43.14 36.33
O MSE A 281 36.03 -44.32 36.55
CB MSE A 281 38.69 -42.72 36.25
CG MSE A 281 39.97 -42.16 36.82
SE MSE A 281 40.01 -40.26 36.75
CE MSE A 281 40.21 -40.01 34.81
N TYR A 282 35.57 -42.39 35.48
CA TYR A 282 34.55 -42.96 34.64
C TYR A 282 34.83 -42.23 33.33
N THR A 283 36.00 -42.53 32.77
CA THR A 283 36.49 -41.91 31.52
C THR A 283 36.31 -42.75 30.26
N GLU A 284 36.99 -42.30 29.22
CA GLU A 284 37.01 -42.98 27.94
C GLU A 284 38.25 -43.82 27.92
N VAL A 285 39.41 -43.16 28.03
CA VAL A 285 40.68 -43.88 28.01
C VAL A 285 41.52 -43.68 29.28
N ILE A 286 41.97 -44.80 29.85
CA ILE A 286 42.77 -44.79 31.04
C ILE A 286 44.23 -44.69 30.61
N GLN A 287 44.91 -43.63 31.03
CA GLN A 287 46.30 -43.43 30.66
C GLN A 287 47.27 -43.71 31.80
N ASP A 288 48.56 -43.57 31.52
CA ASP A 288 49.61 -43.79 32.51
C ASP A 288 49.36 -42.97 33.76
N ALA A 289 49.05 -41.69 33.56
CA ALA A 289 48.81 -40.78 34.68
C ALA A 289 47.80 -41.33 35.70
N VAL A 290 46.77 -42.02 35.20
CA VAL A 290 45.75 -42.60 36.08
C VAL A 290 46.33 -43.77 36.86
N ILE A 291 47.06 -44.61 36.15
CA ILE A 291 47.70 -45.78 36.77
C ILE A 291 48.63 -45.34 37.92
N ALA A 292 49.40 -44.28 37.65
CA ALA A 292 50.34 -43.76 38.63
C ALA A 292 49.64 -43.37 39.92
N LEU A 293 48.52 -42.66 39.81
CA LEU A 293 47.73 -42.23 40.96
C LEU A 293 47.07 -43.41 41.64
N MSE A 294 46.80 -44.44 40.85
CA MSE A 294 46.17 -45.66 41.34
C MSE A 294 47.13 -46.40 42.27
O MSE A 294 46.74 -46.88 43.34
CB MSE A 294 45.81 -46.54 40.14
CG MSE A 294 44.75 -47.57 40.45
SE MSE A 294 44.13 -48.36 38.81
CE MSE A 294 44.42 -50.22 39.29
N LYS A 295 48.40 -46.48 41.88
CA LYS A 295 49.42 -47.16 42.69
C LYS A 295 49.66 -46.42 44.01
N LYS A 296 49.30 -45.14 44.06
CA LYS A 296 49.47 -44.36 45.28
C LYS A 296 48.16 -44.28 46.06
N GLY A 297 47.18 -45.09 45.65
CA GLY A 297 45.89 -45.09 46.32
C GLY A 297 45.12 -43.80 46.09
N ARG A 298 45.66 -42.95 45.23
CA ARG A 298 45.05 -41.68 44.90
C ARG A 298 43.77 -41.87 44.10
N ILE A 299 43.79 -42.83 43.18
CA ILE A 299 42.63 -43.17 42.39
C ILE A 299 42.22 -44.57 42.86
N LYS A 300 40.98 -44.71 43.30
CA LYS A 300 40.47 -45.97 43.81
C LYS A 300 40.05 -47.00 42.76
N PHE A 301 39.57 -46.52 41.62
CA PHE A 301 39.08 -47.39 40.57
C PHE A 301 39.03 -46.62 39.26
N ALA A 302 39.05 -47.34 38.15
CA ALA A 302 38.98 -46.69 36.87
C ALA A 302 38.09 -47.41 35.87
N SER A 303 37.05 -46.72 35.40
CA SER A 303 36.17 -47.28 34.41
C SER A 303 36.54 -46.56 33.11
N GLY A 304 36.59 -47.29 32.01
CA GLY A 304 36.93 -46.66 30.75
C GLY A 304 36.57 -47.56 29.59
N CYS A 305 37.02 -47.19 28.39
CA CYS A 305 36.75 -47.98 27.20
C CYS A 305 38.05 -48.64 26.74
N SER A 306 39.17 -48.09 27.21
CA SER A 306 40.47 -48.63 26.84
C SER A 306 41.52 -48.30 27.88
N LEU A 307 42.54 -49.14 27.95
CA LEU A 307 43.65 -48.93 28.85
C LEU A 307 44.79 -48.62 27.89
N SER A 308 44.96 -47.33 27.62
CA SER A 308 46.00 -46.88 26.71
C SER A 308 47.23 -46.44 27.48
N VAL A 309 48.04 -47.42 27.87
CA VAL A 309 49.25 -47.15 28.64
C VAL A 309 50.54 -47.57 27.94
N SER A 310 51.66 -47.02 28.40
CA SER A 310 52.95 -47.35 27.80
C SER A 310 53.33 -48.79 28.10
N ARG A 311 54.33 -49.31 27.39
CA ARG A 311 54.76 -50.70 27.58
C ARG A 311 55.22 -50.97 29.00
N SER A 312 55.91 -50.01 29.59
CA SER A 312 56.40 -50.17 30.96
C SER A 312 55.25 -50.34 31.93
N VAL A 313 54.19 -49.56 31.70
CA VAL A 313 53.02 -49.58 32.56
C VAL A 313 52.15 -50.82 32.37
N ILE A 314 51.97 -51.24 31.12
CA ILE A 314 51.15 -52.42 30.82
C ILE A 314 51.81 -53.67 31.37
N GLN A 315 53.14 -53.71 31.37
CA GLN A 315 53.86 -54.86 31.91
C GLN A 315 53.74 -54.89 33.42
N ASP A 316 53.71 -53.70 34.04
CA ASP A 316 53.58 -53.65 35.49
C ASP A 316 52.18 -54.14 35.91
N ILE A 317 51.18 -53.78 35.13
CA ILE A 317 49.81 -54.20 35.41
C ILE A 317 49.71 -55.72 35.28
N TYR A 318 50.14 -56.25 34.15
CA TYR A 318 50.09 -57.69 33.90
C TYR A 318 50.90 -58.51 34.90
N ALA A 319 51.89 -57.88 35.54
CA ALA A 319 52.73 -58.56 36.52
C ALA A 319 52.12 -58.42 37.91
N ASN A 320 51.08 -57.60 38.00
CA ASN A 320 50.38 -57.33 39.25
C ASN A 320 48.87 -57.30 39.10
N LEU A 321 48.32 -58.34 38.48
CA LEU A 321 46.88 -58.43 38.32
C LEU A 321 46.29 -58.51 39.72
N ASP A 322 47.13 -58.87 40.68
CA ASP A 322 46.74 -58.96 42.09
C ASP A 322 46.23 -57.62 42.64
N PHE A 323 46.78 -56.55 42.10
CA PHE A 323 46.43 -55.21 42.51
C PHE A 323 45.48 -54.49 41.54
N PHE A 324 45.75 -54.60 40.24
CA PHE A 324 44.96 -53.90 39.23
C PHE A 324 43.65 -54.52 38.76
N LYS A 325 43.59 -55.84 38.71
CA LYS A 325 42.41 -56.55 38.23
C LYS A 325 41.06 -56.04 38.72
N ASP A 326 40.96 -55.80 40.02
CA ASP A 326 39.72 -55.33 40.63
C ASP A 326 39.61 -53.80 40.70
N LYS A 327 40.52 -53.10 40.02
CA LYS A 327 40.49 -51.64 40.05
C LYS A 327 40.30 -51.02 38.68
N ILE A 328 40.38 -51.84 37.65
CA ILE A 328 40.21 -51.36 36.29
C ILE A 328 39.09 -52.14 35.63
N LEU A 329 38.22 -51.44 34.92
CA LEU A 329 37.12 -52.10 34.23
C LEU A 329 36.94 -51.43 32.89
N LEU A 330 37.00 -52.23 31.81
CA LEU A 330 36.85 -51.69 30.46
C LEU A 330 35.47 -52.03 29.90
N ARG A 331 34.81 -51.03 29.34
CA ARG A 331 33.47 -51.18 28.79
C ARG A 331 33.38 -50.71 27.33
N PRO A 332 32.30 -51.11 26.63
CA PRO A 332 32.17 -50.68 25.24
C PRO A 332 31.85 -49.20 25.35
N GLN A 333 32.19 -48.41 24.35
CA GLN A 333 31.95 -46.96 24.39
C GLN A 333 30.45 -46.65 24.52
N GLU A 334 29.62 -47.64 24.21
CA GLU A 334 28.19 -47.45 24.33
C GLU A 334 27.86 -47.23 25.79
N TYR A 335 28.68 -47.81 26.66
CA TYR A 335 28.48 -47.68 28.10
C TYR A 335 29.44 -46.70 28.76
N SER A 336 30.71 -46.74 28.40
CA SER A 336 31.68 -45.82 28.98
C SER A 336 31.34 -44.35 28.74
N ASN A 337 30.65 -44.08 27.62
CA ASN A 337 30.27 -42.71 27.25
C ASN A 337 28.78 -42.48 27.29
N ASN A 338 28.04 -43.36 27.95
CA ASN A 338 26.59 -43.24 27.97
C ASN A 338 26.02 -42.05 28.73
N PRO A 339 25.19 -41.24 28.06
CA PRO A 339 24.54 -40.07 28.65
C PRO A 339 23.79 -40.42 29.94
N GLU A 340 23.07 -41.54 29.90
CA GLU A 340 22.31 -42.02 31.06
C GLU A 340 23.23 -42.24 32.27
N ILE A 341 24.32 -42.96 32.06
CA ILE A 341 25.26 -43.25 33.15
C ILE A 341 25.99 -42.00 33.62
N VAL A 342 26.48 -41.22 32.66
CA VAL A 342 27.22 -40.00 32.95
C VAL A 342 26.40 -39.05 33.84
N ARG A 343 25.18 -38.76 33.42
CA ARG A 343 24.30 -37.86 34.19
C ARG A 343 23.85 -38.44 35.52
N ARG A 344 23.55 -39.74 35.55
CA ARG A 344 23.13 -40.36 36.81
C ARG A 344 24.24 -40.32 37.86
N LEU A 345 25.47 -40.69 37.47
CA LEU A 345 26.61 -40.70 38.39
C LEU A 345 27.14 -39.32 38.71
N GLY A 346 26.73 -38.32 37.93
CA GLY A 346 27.20 -36.97 38.16
C GLY A 346 28.67 -36.85 37.83
N VAL A 347 29.05 -37.46 36.72
CA VAL A 347 30.43 -37.44 36.27
C VAL A 347 30.88 -36.03 35.98
N ILE A 348 32.03 -35.63 36.54
CA ILE A 348 32.58 -34.31 36.29
C ILE A 348 33.49 -34.51 35.09
N THR A 349 33.25 -33.74 34.02
CA THR A 349 34.01 -33.87 32.80
C THR A 349 34.98 -32.72 32.54
N ILE A 350 36.18 -33.07 32.10
CA ILE A 350 37.24 -32.10 31.80
C ILE A 350 37.81 -32.44 30.43
N ASN A 351 37.59 -31.56 29.47
CA ASN A 351 38.04 -31.76 28.10
C ASN A 351 38.79 -30.56 27.57
N THR A 352 39.51 -30.75 26.46
CA THR A 352 40.29 -29.68 25.86
C THR A 352 39.54 -28.92 24.78
N ALA A 353 40.03 -27.74 24.44
CA ALA A 353 39.40 -26.94 23.41
C ALA A 353 40.46 -26.47 22.43
N LEU A 354 40.21 -26.59 21.12
CA LEU A 354 41.17 -26.13 20.12
C LEU A 354 41.13 -24.62 20.26
N GLU A 355 39.92 -24.13 20.40
CA GLU A 355 39.67 -22.72 20.57
C GLU A 355 38.30 -22.53 21.25
N ALA A 356 38.07 -21.36 21.83
CA ALA A 356 36.82 -21.04 22.50
C ALA A 356 36.52 -19.59 22.22
N ASP A 357 35.24 -19.20 22.29
CA ASP A 357 34.92 -17.79 22.08
C ASP A 357 34.38 -17.20 23.37
N ILE A 358 34.32 -15.88 23.41
CA ILE A 358 33.87 -15.16 24.59
C ILE A 358 32.45 -15.44 25.08
N PHE A 359 31.70 -16.25 24.34
CA PHE A 359 30.34 -16.56 24.78
C PHE A 359 30.19 -17.98 25.31
N GLY A 360 31.32 -18.68 25.44
CA GLY A 360 31.30 -20.03 25.97
C GLY A 360 31.16 -21.17 24.99
N ASN A 361 31.32 -20.89 23.70
CA ASN A 361 31.19 -21.92 22.68
C ASN A 361 32.57 -22.51 22.45
N ILE A 362 32.63 -23.82 22.23
CA ILE A 362 33.90 -24.50 22.03
C ILE A 362 34.04 -25.23 20.69
N ASN A 363 35.24 -25.13 20.11
CA ASN A 363 35.59 -25.79 18.86
C ASN A 363 36.63 -26.79 19.29
N SER A 364 36.39 -28.08 19.02
CA SER A 364 37.36 -29.08 19.39
C SER A 364 37.75 -29.97 18.22
N THR A 365 37.50 -29.51 17.01
CA THR A 365 37.80 -30.31 15.84
C THR A 365 38.36 -29.64 14.58
N HIS A 366 37.88 -28.44 14.24
CA HIS A 366 38.36 -27.79 13.02
C HIS A 366 39.31 -26.62 13.17
N VAL A 367 40.47 -26.71 12.56
CA VAL A 367 41.44 -25.63 12.61
C VAL A 367 40.96 -24.59 11.60
N SER A 368 40.81 -23.34 12.05
CA SER A 368 40.33 -22.27 11.19
C SER A 368 38.96 -22.60 10.61
N GLY A 369 38.27 -23.53 11.26
CA GLY A 369 36.93 -23.92 10.84
C GLY A 369 36.81 -24.82 9.61
N THR A 370 37.94 -25.22 9.03
CA THR A 370 37.89 -26.04 7.83
C THR A 370 38.69 -27.34 7.92
N ARG A 371 39.88 -27.28 8.50
CA ARG A 371 40.72 -28.47 8.60
C ARG A 371 40.41 -29.39 9.75
N MSE A 372 39.92 -30.59 9.44
CA MSE A 372 39.61 -31.56 10.46
C MSE A 372 40.83 -31.89 11.28
O MSE A 372 41.96 -31.92 10.78
CB MSE A 372 39.03 -32.86 9.88
CG MSE A 372 38.85 -33.99 10.88
SE MSE A 372 37.73 -33.60 12.46
CE MSE A 372 36.00 -33.58 11.65
N MSE A 373 40.59 -32.15 12.55
CA MSE A 373 41.61 -32.48 13.50
C MSE A 373 41.59 -33.98 13.78
O MSE A 373 42.35 -34.74 13.19
CB MSE A 373 41.34 -31.69 14.77
CG MSE A 373 42.44 -30.79 15.11
SE MSE A 373 43.81 -32.04 15.48
CE MSE A 373 44.29 -31.42 17.30
N ASN A 374 40.71 -34.39 14.68
CA ASN A 374 40.53 -35.78 15.06
C ASN A 374 39.05 -36.14 14.92
N GLY A 375 38.23 -35.52 15.75
CA GLY A 375 36.80 -35.76 15.73
C GLY A 375 36.23 -35.28 17.04
N ILE A 376 34.91 -35.06 17.07
CA ILE A 376 34.26 -34.56 18.28
C ILE A 376 34.50 -35.56 19.42
N GLY A 377 34.70 -36.82 19.06
CA GLY A 377 34.94 -37.85 20.05
C GLY A 377 33.80 -38.01 21.05
N GLY A 378 34.15 -38.17 22.33
CA GLY A 378 33.16 -38.31 23.35
C GLY A 378 32.99 -37.03 24.16
N SER A 379 33.60 -35.94 23.70
CA SER A 379 33.49 -34.67 24.42
C SER A 379 32.04 -34.20 24.50
N GLY A 380 31.25 -34.53 23.49
CA GLY A 380 29.85 -34.16 23.51
C GLY A 380 29.06 -35.04 24.47
N ASP A 381 29.27 -36.37 24.39
CA ASP A 381 28.58 -37.31 25.29
C ASP A 381 28.77 -36.89 26.74
N PHE A 382 30.00 -36.53 27.08
CA PHE A 382 30.34 -36.13 28.43
C PHE A 382 29.92 -34.71 28.79
N THR A 383 30.52 -33.72 28.13
CA THR A 383 30.19 -32.31 28.38
C THR A 383 28.70 -32.05 28.57
N ARG A 384 27.92 -32.48 27.60
CA ARG A 384 26.47 -32.29 27.62
C ARG A 384 25.77 -32.82 28.87
N ASN A 385 26.19 -33.97 29.37
CA ASN A 385 25.53 -34.56 30.54
C ASN A 385 26.27 -34.56 31.87
N SER A 386 27.46 -33.99 31.92
CA SER A 386 28.22 -33.95 33.16
C SER A 386 27.60 -33.08 34.24
N TYR A 387 28.00 -33.37 35.48
CA TYR A 387 27.53 -32.64 36.66
C TYR A 387 27.92 -31.19 36.42
N VAL A 388 29.17 -31.00 36.00
CA VAL A 388 29.70 -29.69 35.67
C VAL A 388 30.69 -29.97 34.55
N SER A 389 30.56 -29.28 33.43
CA SER A 389 31.48 -29.52 32.32
C SER A 389 32.58 -28.46 32.32
N ILE A 390 33.82 -28.92 32.18
CA ILE A 390 34.97 -28.04 32.18
C ILE A 390 35.78 -28.17 30.90
N PHE A 391 36.27 -27.05 30.40
CA PHE A 391 37.09 -27.04 29.20
C PHE A 391 38.38 -26.31 29.53
N THR A 392 39.49 -26.95 29.21
CA THR A 392 40.81 -26.40 29.44
C THR A 392 41.50 -26.11 28.13
N THR A 393 42.46 -25.18 28.17
CA THR A 393 43.22 -24.81 26.98
C THR A 393 44.22 -23.70 27.26
N PRO A 394 45.45 -23.85 26.76
CA PRO A 394 46.42 -22.78 27.00
C PRO A 394 45.80 -21.57 26.32
N SER A 395 46.01 -20.38 26.88
CA SER A 395 45.42 -19.16 26.31
C SER A 395 45.90 -18.81 24.90
N VAL A 396 47.17 -19.09 24.60
CA VAL A 396 47.70 -18.75 23.29
C VAL A 396 48.46 -19.87 22.62
N MSE A 397 48.97 -19.58 21.44
CA MSE A 397 49.71 -20.56 20.64
C MSE A 397 50.68 -19.79 19.74
O MSE A 397 50.62 -18.55 19.67
CB MSE A 397 48.70 -21.33 19.81
CG MSE A 397 49.29 -22.36 18.87
SE MSE A 397 47.87 -23.10 17.75
CE MSE A 397 46.84 -23.96 19.21
N LYS A 398 51.57 -20.51 19.06
CA LYS A 398 52.56 -19.91 18.16
C LYS A 398 53.20 -18.68 18.76
N ASP A 399 53.90 -18.87 19.87
CA ASP A 399 54.58 -17.76 20.56
C ASP A 399 53.69 -16.55 20.79
N GLY A 400 52.41 -16.79 21.01
CA GLY A 400 51.49 -15.70 21.25
C GLY A 400 50.79 -15.13 20.05
N LYS A 401 51.22 -15.51 18.85
CA LYS A 401 50.62 -15.00 17.61
C LYS A 401 49.21 -15.51 17.37
N ILE A 402 48.85 -16.59 18.07
CA ILE A 402 47.51 -17.16 17.94
C ILE A 402 46.84 -17.14 19.30
N SER A 403 45.60 -16.67 19.34
CA SER A 403 44.84 -16.66 20.57
C SER A 403 43.89 -17.85 20.59
N SER A 404 43.82 -18.57 21.70
CA SER A 404 42.92 -19.70 21.83
C SER A 404 41.50 -19.21 22.01
N PHE A 405 41.36 -17.93 22.33
CA PHE A 405 40.05 -17.29 22.53
C PHE A 405 39.78 -16.31 21.41
N VAL A 406 38.60 -16.45 20.79
CA VAL A 406 38.23 -15.63 19.67
C VAL A 406 36.81 -15.08 19.80
N PRO A 407 36.45 -14.07 18.98
CA PRO A 407 35.11 -13.48 19.03
C PRO A 407 34.05 -14.56 18.82
N MSE A 408 34.26 -15.39 17.79
CA MSE A 408 33.35 -16.50 17.47
C MSE A 408 34.20 -17.67 17.01
O MSE A 408 35.16 -17.48 16.26
CB MSE A 408 32.39 -16.11 16.36
CG MSE A 408 31.30 -17.14 16.12
SE MSE A 408 30.27 -16.90 14.48
CE MSE A 408 28.91 -15.64 15.08
N VAL A 409 33.87 -18.88 17.47
CA VAL A 409 34.62 -20.07 17.05
C VAL A 409 34.32 -20.39 15.58
N ALA A 410 35.37 -20.68 14.82
CA ALA A 410 35.25 -21.00 13.40
C ALA A 410 34.49 -22.30 13.16
N HIS A 411 34.25 -23.05 14.23
CA HIS A 411 33.52 -24.30 14.15
C HIS A 411 32.95 -24.60 15.52
N HIS A 412 31.63 -24.78 15.61
CA HIS A 412 30.98 -25.06 16.87
C HIS A 412 30.78 -26.55 17.15
N ASP A 413 31.39 -27.03 18.22
CA ASP A 413 31.25 -28.41 18.65
C ASP A 413 30.43 -28.48 19.94
N HIS A 414 30.59 -27.47 20.80
CA HIS A 414 29.84 -27.40 22.05
C HIS A 414 29.28 -26.00 22.20
N SER A 415 28.02 -25.88 22.60
CA SER A 415 27.38 -24.58 22.73
C SER A 415 27.33 -23.98 24.14
N GLU A 416 27.00 -22.69 24.17
CA GLU A 416 26.89 -21.92 25.40
C GLU A 416 26.00 -22.60 26.43
N HIS A 417 25.08 -23.43 25.95
CA HIS A 417 24.14 -24.13 26.82
C HIS A 417 24.73 -25.38 27.45
N SER A 418 25.90 -25.79 26.97
CA SER A 418 26.53 -26.99 27.48
C SER A 418 27.83 -26.76 28.21
N VAL A 419 28.55 -25.71 27.83
CA VAL A 419 29.84 -25.41 28.45
C VAL A 419 29.61 -24.62 29.76
N LYS A 420 29.99 -25.22 30.88
CA LYS A 420 29.79 -24.58 32.18
C LYS A 420 30.99 -23.84 32.74
N VAL A 421 32.19 -24.35 32.49
CA VAL A 421 33.41 -23.73 33.00
C VAL A 421 34.57 -23.82 32.01
N ILE A 422 35.36 -22.76 31.94
CA ILE A 422 36.53 -22.72 31.06
C ILE A 422 37.75 -22.34 31.91
N ILE A 423 38.87 -23.01 31.67
CA ILE A 423 40.07 -22.76 32.45
C ILE A 423 41.37 -22.72 31.63
N SER A 424 42.14 -21.66 31.80
CA SER A 424 43.44 -21.57 31.12
C SER A 424 44.48 -21.36 32.22
N GLU A 425 45.71 -21.04 31.85
CA GLU A 425 46.75 -20.82 32.85
C GLU A 425 46.50 -19.54 33.66
N TRP A 426 45.70 -18.64 33.10
CA TRP A 426 45.39 -17.37 33.72
C TRP A 426 44.32 -17.39 34.80
N GLY A 427 43.46 -18.40 34.80
CA GLY A 427 42.40 -18.46 35.80
C GLY A 427 41.22 -19.24 35.29
N VAL A 428 40.14 -19.24 36.06
CA VAL A 428 38.94 -19.99 35.66
C VAL A 428 37.72 -19.09 35.47
N ALA A 429 36.91 -19.43 34.47
CA ALA A 429 35.71 -18.65 34.18
C ALA A 429 34.48 -19.52 34.36
N ASP A 430 33.79 -19.34 35.47
CA ASP A 430 32.58 -20.11 35.75
C ASP A 430 31.47 -19.40 34.97
N LEU A 431 30.94 -20.09 33.96
CA LEU A 431 29.92 -19.52 33.10
C LEU A 431 28.49 -19.67 33.58
N ARG A 432 28.27 -20.49 34.61
CA ARG A 432 26.92 -20.72 35.12
C ARG A 432 26.19 -19.50 35.64
N GLY A 433 24.93 -19.38 35.25
CA GLY A 433 24.12 -18.27 35.69
C GLY A 433 24.41 -16.95 35.03
N LYS A 434 25.15 -16.98 33.93
CA LYS A 434 25.50 -15.75 33.22
C LYS A 434 24.98 -15.67 31.80
N ASN A 435 24.64 -14.47 31.38
CA ASN A 435 24.15 -14.28 30.02
C ASN A 435 25.39 -14.09 29.14
N PRO A 436 25.20 -13.89 27.83
CA PRO A 436 26.37 -13.72 26.93
C PRO A 436 27.39 -12.66 27.33
N ARG A 437 26.94 -11.44 27.60
CA ARG A 437 27.84 -10.37 27.98
C ARG A 437 28.59 -10.61 29.28
N GLU A 438 27.89 -11.15 30.26
CA GLU A 438 28.51 -11.43 31.56
C GLU A 438 29.55 -12.54 31.47
N ARG A 439 29.30 -13.54 30.64
CA ARG A 439 30.28 -14.63 30.55
C ARG A 439 31.46 -14.25 29.65
N ALA A 440 31.25 -13.26 28.77
CA ALA A 440 32.33 -12.80 27.91
C ALA A 440 33.33 -12.01 28.77
N HIS A 441 32.83 -11.16 29.66
CA HIS A 441 33.73 -10.40 30.51
C HIS A 441 34.45 -11.31 31.49
N GLU A 442 33.76 -12.34 31.95
CA GLU A 442 34.39 -13.29 32.87
C GLU A 442 35.49 -14.04 32.13
N ILE A 443 35.19 -14.52 30.93
CA ILE A 443 36.17 -15.25 30.13
C ILE A 443 37.36 -14.38 29.76
N ILE A 444 37.09 -13.12 29.47
CA ILE A 444 38.13 -12.18 29.09
C ILE A 444 39.09 -11.87 30.24
N ASP A 445 38.52 -11.56 31.41
CA ASP A 445 39.28 -11.22 32.60
C ASP A 445 40.02 -12.39 33.25
N LYS A 446 39.47 -13.59 33.15
CA LYS A 446 40.07 -14.76 33.80
C LYS A 446 40.85 -15.74 32.94
N CYS A 447 40.43 -15.97 31.70
CA CYS A 447 41.07 -16.94 30.83
C CYS A 447 41.91 -16.44 29.67
N VAL A 448 41.44 -15.38 29.01
CA VAL A 448 42.13 -14.78 27.88
C VAL A 448 43.52 -14.25 28.26
N HIS A 449 44.46 -14.38 27.32
CA HIS A 449 45.82 -13.90 27.53
C HIS A 449 45.82 -12.38 27.45
N PRO A 450 46.52 -11.70 28.39
CA PRO A 450 46.59 -10.24 28.43
C PRO A 450 46.69 -9.55 27.06
N ASP A 451 47.50 -10.12 26.17
CA ASP A 451 47.69 -9.58 24.82
C ASP A 451 46.42 -9.49 23.99
N TYR A 452 45.36 -10.19 24.39
CA TYR A 452 44.12 -10.18 23.62
C TYR A 452 42.91 -9.67 24.41
N ARG A 453 43.09 -9.42 25.70
CA ARG A 453 41.96 -8.98 26.49
C ARG A 453 41.37 -7.63 26.05
N PRO A 454 42.22 -6.61 25.82
CA PRO A 454 41.63 -5.34 25.39
C PRO A 454 40.92 -5.35 24.05
N LEU A 455 41.43 -6.17 23.14
CA LEU A 455 40.85 -6.30 21.81
C LEU A 455 39.48 -6.97 21.87
N LEU A 456 39.35 -7.99 22.72
CA LEU A 456 38.06 -8.66 22.85
C LEU A 456 37.08 -7.81 23.66
N ARG A 457 37.61 -6.89 24.47
CA ARG A 457 36.76 -6.00 25.25
C ARG A 457 36.19 -4.97 24.26
N GLN A 458 37.01 -4.57 23.30
CA GLN A 458 36.58 -3.61 22.28
C GLN A 458 35.54 -4.23 21.35
N TYR A 459 35.60 -5.55 21.19
CA TYR A 459 34.66 -6.25 20.33
C TYR A 459 33.25 -6.16 20.91
N LEU A 460 33.16 -6.10 22.23
CA LEU A 460 31.86 -6.02 22.90
C LEU A 460 31.25 -4.62 22.85
N GLU A 461 32.02 -3.65 22.35
CA GLU A 461 31.53 -2.28 22.26
C GLU A 461 31.47 -1.79 20.82
N LEU A 462 31.12 -2.67 19.89
CA LEU A 462 31.05 -2.29 18.49
C LEU A 462 29.66 -1.88 18.03
N GLY A 463 28.78 -1.58 18.98
CA GLY A 463 27.44 -1.14 18.66
C GLY A 463 26.38 -2.18 18.34
N VAL A 464 26.72 -3.47 18.40
CA VAL A 464 25.76 -4.52 18.11
C VAL A 464 24.65 -4.60 19.16
N LYS A 465 23.41 -4.70 18.70
CA LYS A 465 22.28 -4.80 19.60
C LYS A 465 21.73 -6.22 19.72
N GLY A 466 21.29 -6.58 20.91
CA GLY A 466 20.75 -7.91 21.12
C GLY A 466 21.34 -8.73 22.23
N GLN A 467 20.72 -9.88 22.48
CA GLN A 467 21.15 -10.84 23.49
C GLN A 467 22.63 -11.20 23.31
N THR A 468 23.04 -11.48 22.08
CA THR A 468 24.43 -11.84 21.80
C THR A 468 25.08 -10.82 20.87
N PRO A 469 26.08 -10.08 21.38
CA PRO A 469 26.83 -9.04 20.66
C PRO A 469 27.77 -9.51 19.56
N GLN A 470 27.34 -10.44 18.72
CA GLN A 470 28.20 -10.91 17.62
C GLN A 470 28.09 -9.96 16.44
N ASN A 471 29.24 -9.54 15.91
CA ASN A 471 29.25 -8.63 14.77
C ASN A 471 29.59 -9.42 13.51
N LEU A 472 28.56 -9.83 12.79
CA LEU A 472 28.72 -10.62 11.58
C LEU A 472 29.67 -10.04 10.54
N ASP A 473 30.01 -8.76 10.67
CA ASP A 473 30.92 -8.14 9.71
C ASP A 473 32.39 -8.43 10.00
N CYS A 474 32.69 -8.75 11.27
CA CYS A 474 34.08 -9.00 11.68
C CYS A 474 34.31 -10.05 12.77
N CYS A 475 33.30 -10.88 13.07
CA CYS A 475 33.46 -11.91 14.11
C CYS A 475 34.62 -12.87 13.85
N PHE A 476 35.06 -12.96 12.60
CA PHE A 476 36.15 -13.86 12.23
C PHE A 476 37.44 -13.12 11.88
N ALA A 477 37.53 -11.86 12.29
CA ALA A 477 38.71 -11.05 12.04
C ALA A 477 39.99 -11.69 12.60
N PHE A 478 39.89 -12.30 13.77
CA PHE A 478 41.05 -12.94 14.39
C PHE A 478 41.64 -14.01 13.46
N HIS A 479 40.76 -14.88 12.95
CA HIS A 479 41.13 -15.97 12.06
C HIS A 479 41.62 -15.40 10.74
N GLN A 480 40.92 -14.38 10.25
CA GLN A 480 41.28 -13.74 9.00
C GLN A 480 42.64 -13.10 9.13
N GLU A 481 42.91 -12.43 10.25
CA GLU A 481 44.20 -11.77 10.46
C GLU A 481 45.34 -12.77 10.56
N LEU A 482 45.07 -13.95 11.11
CA LEU A 482 46.11 -14.95 11.23
C LEU A 482 46.57 -15.33 9.84
N ALA A 483 45.62 -15.43 8.92
CA ALA A 483 45.88 -15.80 7.54
C ALA A 483 46.57 -14.69 6.77
N LYS A 484 46.30 -13.45 7.16
CA LYS A 484 46.90 -12.30 6.50
C LYS A 484 48.29 -11.95 7.03
N SER A 485 48.40 -11.75 8.36
CA SER A 485 49.66 -11.36 9.00
C SER A 485 50.40 -12.48 9.72
N GLY A 486 49.67 -13.47 10.21
CA GLY A 486 50.30 -14.55 10.93
C GLY A 486 50.30 -14.24 12.42
N ASP A 487 49.74 -13.08 12.77
CA ASP A 487 49.68 -12.64 14.16
C ASP A 487 48.33 -11.96 14.42
N MSE A 488 47.49 -12.60 15.23
CA MSE A 488 46.18 -12.06 15.52
C MSE A 488 46.19 -10.73 16.27
O MSE A 488 45.20 -10.00 16.27
CB MSE A 488 45.35 -13.08 16.32
CG MSE A 488 45.18 -14.43 15.64
SE MSE A 488 43.95 -15.57 16.59
CE MSE A 488 43.49 -16.80 15.17
N ARG A 489 47.31 -10.40 16.91
CA ARG A 489 47.40 -9.14 17.66
C ARG A 489 47.37 -7.94 16.75
N ASN A 490 47.56 -8.17 15.45
CA ASN A 490 47.54 -7.10 14.46
C ASN A 490 46.12 -6.63 14.11
N VAL A 491 45.13 -7.20 14.77
CA VAL A 491 43.77 -6.84 14.48
C VAL A 491 43.43 -5.46 15.05
N ARG A 492 42.64 -4.72 14.29
CA ARG A 492 42.15 -3.40 14.66
C ARG A 492 40.75 -3.40 14.05
N TRP A 493 39.74 -3.37 14.91
CA TRP A 493 38.36 -3.42 14.45
C TRP A 493 38.00 -2.39 13.39
N GLU A 494 38.67 -1.24 13.42
CA GLU A 494 38.41 -0.19 12.46
C GLU A 494 38.88 -0.63 11.07
N ASP A 495 39.74 -1.63 11.05
CA ASP A 495 40.27 -2.16 9.80
C ASP A 495 39.34 -3.22 9.23
N TYR A 496 38.63 -3.93 10.11
CA TYR A 496 37.71 -4.97 9.66
C TYR A 496 36.29 -4.48 9.50
N MSE A 497 36.15 -3.17 9.41
CA MSE A 497 34.86 -2.53 9.21
C MSE A 497 35.09 -1.05 8.90
O MSE A 497 34.78 -0.64 7.76
CB MSE A 497 33.98 -2.67 10.46
CG MSE A 497 34.55 -2.05 11.74
SE MSE A 497 33.35 -2.17 13.29
CE MSE A 497 32.98 -0.30 13.56
N ALA B 2 -3.23 -23.74 60.45
CA ALA B 2 -4.15 -24.07 59.33
C ALA B 2 -3.85 -23.20 58.12
N LEU B 3 -4.39 -23.59 56.96
CA LEU B 3 -4.20 -22.86 55.72
C LEU B 3 -4.90 -21.52 55.81
N ARG B 4 -4.14 -20.46 55.54
CA ARG B 4 -4.66 -19.10 55.59
C ARG B 4 -5.00 -18.59 54.20
N PHE B 5 -6.20 -18.06 54.04
CA PHE B 5 -6.63 -17.53 52.76
C PHE B 5 -6.42 -16.03 52.72
N ILE B 6 -5.73 -15.55 51.70
CA ILE B 6 -5.44 -14.14 51.58
C ILE B 6 -5.69 -13.61 50.17
N THR B 7 -5.39 -12.33 49.99
CA THR B 7 -5.58 -11.67 48.71
C THR B 7 -4.27 -11.69 47.93
N ALA B 8 -4.35 -11.33 46.65
CA ALA B 8 -3.18 -11.31 45.80
C ALA B 8 -2.27 -10.17 46.25
N GLU B 9 -2.85 -9.21 46.97
CA GLU B 9 -2.07 -8.06 47.44
C GLU B 9 -1.32 -8.41 48.72
N GLU B 10 -1.95 -9.19 49.60
CA GLU B 10 -1.32 -9.59 50.85
C GLU B 10 -0.20 -10.59 50.54
N ALA B 11 -0.47 -11.45 49.56
CA ALA B 11 0.49 -12.46 49.13
C ALA B 11 1.75 -11.82 48.55
N ALA B 12 1.55 -10.77 47.75
CA ALA B 12 2.67 -10.06 47.14
C ALA B 12 3.62 -9.48 48.17
N GLU B 13 3.14 -9.25 49.39
CA GLU B 13 3.96 -8.69 50.44
C GLU B 13 5.05 -9.67 50.89
N PHE B 14 4.86 -10.95 50.59
CA PHE B 14 5.83 -11.97 50.97
C PHE B 14 7.01 -12.04 50.01
N VAL B 15 6.95 -11.24 48.95
CA VAL B 15 8.02 -11.19 47.96
C VAL B 15 8.74 -9.87 48.15
N HIS B 16 10.07 -9.93 48.29
CA HIS B 16 10.87 -8.73 48.51
C HIS B 16 11.93 -8.57 47.43
N HIS B 17 12.50 -7.37 47.36
CA HIS B 17 13.52 -7.08 46.37
C HIS B 17 14.69 -8.04 46.54
N ASN B 18 15.20 -8.54 45.42
CA ASN B 18 16.34 -9.44 45.41
C ASN B 18 15.98 -10.87 45.77
N ASP B 19 14.70 -11.14 45.99
CA ASP B 19 14.27 -12.50 46.32
C ASP B 19 14.29 -13.28 45.02
N ASN B 20 14.53 -14.59 45.11
CA ASN B 20 14.51 -15.43 43.92
C ASN B 20 13.20 -16.16 43.97
N VAL B 21 12.39 -16.02 42.93
CA VAL B 21 11.10 -16.66 42.91
C VAL B 21 10.96 -17.71 41.82
N GLY B 22 10.45 -18.88 42.20
CA GLY B 22 10.22 -19.96 41.27
C GLY B 22 8.72 -20.04 41.04
N PHE B 23 8.30 -20.20 39.80
CA PHE B 23 6.88 -20.28 39.47
C PHE B 23 6.52 -21.67 38.92
N SER B 24 5.30 -22.11 39.21
CA SER B 24 4.82 -23.42 38.75
C SER B 24 4.36 -23.36 37.30
N GLY B 25 4.03 -24.52 36.74
CA GLY B 25 3.57 -24.56 35.37
C GLY B 25 4.63 -24.71 34.29
N PHE B 26 4.15 -24.94 33.06
CA PHE B 26 5.02 -25.10 31.90
C PHE B 26 4.19 -24.48 30.77
N THR B 27 4.66 -23.34 30.28
CA THR B 27 3.96 -22.55 29.28
C THR B 27 2.89 -21.91 30.18
N PRO B 28 2.11 -20.94 29.67
CA PRO B 28 1.10 -20.33 30.52
C PRO B 28 0.39 -21.34 31.42
N ALA B 29 0.11 -22.52 30.86
CA ALA B 29 -0.57 -23.58 31.59
C ALA B 29 0.11 -23.94 32.91
N GLY B 30 -0.65 -23.93 33.99
CA GLY B 30 -0.13 -24.30 35.30
C GLY B 30 0.57 -23.19 36.04
N ASN B 31 0.56 -21.98 35.46
CA ASN B 31 1.23 -20.83 36.05
C ASN B 31 0.30 -19.92 36.85
N PRO B 32 0.84 -19.24 37.87
CA PRO B 32 0.03 -18.32 38.69
C PRO B 32 -0.37 -17.14 37.79
N LYS B 33 -1.58 -16.62 37.96
CA LYS B 33 -2.06 -15.54 37.11
C LYS B 33 -2.44 -14.20 37.76
N VAL B 34 -2.60 -14.18 39.07
CA VAL B 34 -3.00 -12.95 39.74
C VAL B 34 -1.96 -12.38 40.72
N VAL B 35 -1.15 -13.23 41.34
CA VAL B 35 -0.16 -12.73 42.29
C VAL B 35 0.99 -12.00 41.62
N PRO B 36 1.55 -12.57 40.54
CA PRO B 36 2.67 -11.87 39.91
C PRO B 36 2.37 -10.44 39.53
N ALA B 37 1.11 -10.17 39.18
CA ALA B 37 0.71 -8.82 38.80
C ALA B 37 0.71 -7.91 40.03
N ALA B 38 0.38 -8.50 41.18
CA ALA B 38 0.35 -7.77 42.44
C ALA B 38 1.77 -7.43 42.86
N ILE B 39 2.71 -8.28 42.46
CA ILE B 39 4.12 -8.07 42.79
C ILE B 39 4.58 -6.90 41.97
N ALA B 40 4.14 -6.88 40.72
CA ALA B 40 4.49 -5.82 39.77
C ALA B 40 4.06 -4.46 40.29
N LYS B 41 2.82 -4.34 40.75
CA LYS B 41 2.33 -3.09 41.30
C LYS B 41 3.31 -2.67 42.40
N ARG B 42 3.49 -3.59 43.34
CA ARG B 42 4.39 -3.42 44.49
C ARG B 42 5.79 -3.02 44.05
N ALA B 43 6.27 -3.63 42.97
CA ALA B 43 7.60 -3.33 42.43
C ALA B 43 7.65 -1.92 41.88
N ILE B 44 6.63 -1.55 41.13
CA ILE B 44 6.56 -0.22 40.54
C ILE B 44 6.46 0.85 41.62
N ALA B 45 5.64 0.59 42.63
CA ALA B 45 5.46 1.53 43.73
C ALA B 45 6.78 1.77 44.47
N ALA B 46 7.69 0.79 44.39
CA ALA B 46 8.98 0.93 45.05
C ALA B 46 9.91 1.74 44.15
N HIS B 47 9.83 1.50 42.85
CA HIS B 47 10.68 2.22 41.90
C HIS B 47 10.47 3.72 41.96
N GLU B 48 9.23 4.16 41.74
CA GLU B 48 8.92 5.58 41.74
C GLU B 48 9.13 6.24 43.11
N LYS B 49 9.46 5.41 44.09
CA LYS B 49 9.72 5.90 45.43
C LYS B 49 11.24 5.99 45.60
N GLY B 50 11.96 5.60 44.56
CA GLY B 50 13.41 5.63 44.61
C GLY B 50 14.06 4.35 45.12
N ASN B 51 13.23 3.38 45.51
CA ASN B 51 13.71 2.11 46.02
C ASN B 51 13.80 1.04 44.94
N PRO B 52 14.87 0.23 44.98
CA PRO B 52 15.08 -0.83 44.01
C PRO B 52 14.14 -2.01 44.26
N PHE B 53 13.77 -2.69 43.18
CA PHE B 53 12.90 -3.85 43.32
C PHE B 53 12.92 -4.74 42.08
N LYS B 54 13.68 -5.83 42.19
CA LYS B 54 13.80 -6.81 41.12
C LYS B 54 13.99 -8.18 41.76
N ILE B 55 13.34 -9.18 41.20
CA ILE B 55 13.43 -10.55 41.70
C ILE B 55 14.08 -11.47 40.67
N GLY B 56 14.65 -12.57 41.15
CA GLY B 56 15.24 -13.54 40.25
C GLY B 56 14.10 -14.46 39.89
N MSE B 57 14.05 -14.92 38.65
CA MSE B 57 12.96 -15.77 38.23
C MSE B 57 13.34 -17.13 37.65
O MSE B 57 14.09 -17.20 36.67
CB MSE B 57 12.11 -15.04 37.21
CG MSE B 57 11.55 -13.74 37.72
SE MSE B 57 10.67 -12.78 36.30
CE MSE B 57 9.25 -14.03 35.93
N PHE B 58 12.82 -18.19 38.26
CA PHE B 58 13.05 -19.56 37.81
C PHE B 58 11.67 -20.07 37.42
N THR B 59 11.51 -20.54 36.19
CA THR B 59 10.22 -21.06 35.73
C THR B 59 10.44 -22.40 35.01
N GLY B 60 9.35 -23.03 34.57
CA GLY B 60 9.47 -24.28 33.86
C GLY B 60 9.89 -23.93 32.45
N ALA B 61 9.05 -23.14 31.80
CA ALA B 61 9.27 -22.64 30.46
C ALA B 61 8.60 -21.26 30.36
N SER B 62 7.81 -21.05 29.31
CA SER B 62 7.12 -19.78 29.11
C SER B 62 5.99 -19.60 30.13
N THR B 63 5.59 -18.35 30.32
CA THR B 63 4.53 -18.01 31.25
C THR B 63 3.59 -17.04 30.53
N GLY B 64 2.42 -16.78 31.09
CA GLY B 64 1.52 -15.86 30.40
C GLY B 64 2.04 -14.44 30.34
N ALA B 65 1.21 -13.53 29.83
CA ALA B 65 1.57 -12.12 29.75
C ALA B 65 1.35 -11.52 31.15
N ARG B 66 0.66 -12.28 31.99
CA ARG B 66 0.34 -11.86 33.36
C ARG B 66 1.40 -12.37 34.32
N LEU B 67 2.57 -12.72 33.78
CA LEU B 67 3.68 -13.21 34.57
C LEU B 67 4.90 -12.45 34.07
N ASP B 68 5.51 -12.94 33.00
CA ASP B 68 6.69 -12.30 32.42
C ASP B 68 6.33 -10.92 31.90
N GLY B 69 5.20 -10.84 31.21
CA GLY B 69 4.77 -9.58 30.65
C GLY B 69 4.69 -8.46 31.67
N VAL B 70 3.81 -8.64 32.65
CA VAL B 70 3.60 -7.65 33.68
C VAL B 70 4.89 -7.39 34.46
N LEU B 71 5.64 -8.46 34.77
CA LEU B 71 6.89 -8.31 35.51
C LEU B 71 7.94 -7.54 34.71
N ALA B 72 7.97 -7.79 33.40
CA ALA B 72 8.91 -7.11 32.51
C ALA B 72 8.52 -5.64 32.34
N GLN B 73 7.24 -5.37 32.18
CA GLN B 73 6.78 -3.98 32.03
C GLN B 73 7.09 -3.23 33.32
N ALA B 74 7.11 -3.95 34.43
CA ALA B 74 7.41 -3.37 35.73
C ALA B 74 8.91 -3.18 35.93
N ASP B 75 9.70 -3.71 35.00
CA ASP B 75 11.15 -3.62 35.08
C ASP B 75 11.62 -4.17 36.44
N ALA B 76 11.10 -5.34 36.80
CA ALA B 76 11.45 -5.97 38.07
C ALA B 76 12.08 -7.33 37.88
N VAL B 77 12.78 -7.51 36.76
CA VAL B 77 13.42 -8.79 36.47
C VAL B 77 14.93 -8.69 36.64
N LYS B 78 15.47 -9.19 37.75
CA LYS B 78 16.91 -9.12 37.94
C LYS B 78 17.58 -10.17 37.06
N PHE B 79 16.96 -11.34 36.93
CA PHE B 79 17.49 -12.39 36.06
C PHE B 79 16.36 -13.38 35.75
N ARG B 80 16.43 -14.01 34.59
CA ARG B 80 15.39 -14.94 34.15
C ARG B 80 15.93 -16.25 33.55
N THR B 81 15.27 -17.36 33.87
CA THR B 81 15.61 -18.69 33.35
C THR B 81 14.37 -19.57 33.42
N PRO B 82 14.29 -20.60 32.57
CA PRO B 82 15.28 -20.97 31.56
C PRO B 82 14.81 -20.75 30.12
N TYR B 83 13.51 -20.47 29.98
CA TYR B 83 12.89 -20.24 28.68
C TYR B 83 11.78 -19.21 28.85
N GLN B 84 11.66 -18.29 27.89
CA GLN B 84 10.60 -17.29 27.93
C GLN B 84 9.99 -17.15 26.54
N SER B 85 8.83 -16.49 26.45
CA SER B 85 8.14 -16.33 25.20
C SER B 85 7.15 -15.16 25.25
N ASN B 86 7.57 -14.05 25.84
CA ASN B 86 6.74 -12.85 25.97
C ASN B 86 7.44 -11.65 25.34
N LYS B 87 6.70 -10.91 24.53
CA LYS B 87 7.25 -9.76 23.81
C LYS B 87 7.88 -8.67 24.68
N ASP B 88 7.26 -8.39 25.82
CA ASP B 88 7.78 -7.37 26.72
C ASP B 88 9.10 -7.83 27.33
N LEU B 89 9.14 -9.06 27.81
CA LEU B 89 10.35 -9.59 28.41
C LEU B 89 11.43 -9.76 27.35
N ARG B 90 11.04 -10.21 26.17
CA ARG B 90 11.95 -10.42 25.06
C ARG B 90 12.65 -9.13 24.66
N ASN B 91 11.90 -8.02 24.65
CA ASN B 91 12.48 -6.72 24.29
C ASN B 91 13.38 -6.24 25.41
N LEU B 92 12.93 -6.42 26.64
CA LEU B 92 13.70 -6.03 27.81
C LEU B 92 15.06 -6.72 27.73
N ILE B 93 15.04 -7.99 27.32
CA ILE B 93 16.25 -8.80 27.18
C ILE B 93 17.14 -8.28 26.06
N ASN B 94 16.59 -8.19 24.86
CA ASN B 94 17.34 -7.74 23.70
C ASN B 94 17.85 -6.31 23.79
N ASN B 95 17.28 -5.55 24.72
CA ASN B 95 17.72 -4.18 24.94
C ASN B 95 18.77 -4.19 26.04
N GLY B 96 19.14 -5.40 26.48
CA GLY B 96 20.15 -5.55 27.52
C GLY B 96 19.77 -4.93 28.85
N SER B 97 18.48 -4.92 29.15
CA SER B 97 17.96 -4.33 30.38
C SER B 97 17.85 -5.35 31.52
N THR B 98 18.12 -6.62 31.23
CA THR B 98 18.06 -7.67 32.24
C THR B 98 18.92 -8.86 31.82
N SER B 99 19.18 -9.76 32.77
CA SER B 99 19.98 -10.95 32.49
C SER B 99 19.12 -12.16 32.22
N TYR B 100 19.30 -12.75 31.05
CA TYR B 100 18.56 -13.94 30.68
C TYR B 100 19.52 -15.01 30.17
N PHE B 101 19.30 -16.25 30.58
CA PHE B 101 20.11 -17.34 30.10
C PHE B 101 19.21 -18.55 29.90
N ASP B 102 19.09 -19.01 28.65
CA ASP B 102 18.25 -20.15 28.35
C ASP B 102 19.04 -21.45 28.54
N LEU B 103 18.40 -22.42 29.17
CA LEU B 103 19.03 -23.69 29.47
C LEU B 103 18.27 -24.86 28.88
N HIS B 104 18.92 -26.03 28.85
CA HIS B 104 18.26 -27.22 28.37
C HIS B 104 17.24 -27.44 29.51
N LEU B 105 15.96 -27.45 29.16
CA LEU B 105 14.92 -27.60 30.16
C LEU B 105 15.05 -28.76 31.14
N SER B 106 15.50 -29.93 30.69
CA SER B 106 15.61 -31.07 31.59
C SER B 106 16.63 -30.92 32.73
N THR B 107 17.51 -29.93 32.62
CA THR B 107 18.57 -29.74 33.60
C THR B 107 18.36 -28.74 34.74
N LEU B 108 17.38 -27.84 34.61
CA LEU B 108 17.17 -26.83 35.66
C LEU B 108 16.86 -27.36 37.06
N ALA B 109 15.99 -28.35 37.15
CA ALA B 109 15.61 -28.93 38.44
C ALA B 109 16.79 -29.47 39.24
N GLN B 110 17.56 -30.38 38.66
CA GLN B 110 18.69 -30.95 39.39
C GLN B 110 19.78 -29.94 39.68
N ASP B 111 19.99 -29.02 38.74
CA ASP B 111 21.04 -28.01 38.91
C ASP B 111 20.69 -27.04 40.02
N LEU B 112 19.39 -26.94 40.29
CA LEU B 112 18.90 -26.08 41.36
C LEU B 112 19.25 -26.81 42.66
N ARG B 113 19.00 -28.12 42.67
CA ARG B 113 19.30 -28.94 43.83
C ARG B 113 20.81 -28.99 44.08
N TYR B 114 21.59 -29.02 43.01
CA TYR B 114 23.05 -29.03 43.10
C TYR B 114 23.60 -27.73 43.69
N GLY B 115 22.74 -26.70 43.70
CA GLY B 115 23.12 -25.41 44.23
C GLY B 115 23.76 -24.50 43.21
N PHE B 116 23.69 -24.87 41.94
CA PHE B 116 24.30 -24.08 40.86
C PHE B 116 23.77 -22.67 40.73
N TYR B 117 22.48 -22.50 41.00
CA TYR B 117 21.86 -21.19 40.98
C TYR B 117 21.47 -21.03 42.43
N GLY B 118 21.70 -19.84 42.98
CA GLY B 118 21.43 -19.58 44.38
C GLY B 118 20.30 -20.27 45.12
N LYS B 119 19.59 -19.47 45.91
CA LYS B 119 18.47 -19.92 46.72
C LYS B 119 17.14 -19.59 46.07
N VAL B 120 16.11 -20.34 46.45
CA VAL B 120 14.74 -20.10 45.98
C VAL B 120 14.07 -19.57 47.25
N ASP B 121 13.73 -18.30 47.27
CA ASP B 121 13.09 -17.71 48.43
C ASP B 121 11.62 -18.07 48.54
N VAL B 122 10.89 -17.90 47.46
CA VAL B 122 9.47 -18.22 47.47
C VAL B 122 9.04 -18.91 46.17
N ALA B 123 7.98 -19.69 46.28
CA ALA B 123 7.44 -20.40 45.13
C ALA B 123 5.98 -20.01 44.98
N ILE B 124 5.61 -19.48 43.82
CA ILE B 124 4.22 -19.12 43.57
C ILE B 124 3.68 -20.26 42.70
N ILE B 125 2.60 -20.91 43.13
CA ILE B 125 2.08 -22.01 42.33
C ILE B 125 0.57 -21.94 42.12
N GLU B 126 0.09 -22.47 40.98
CA GLU B 126 -1.34 -22.51 40.72
C GLU B 126 -1.75 -23.94 41.05
N VAL B 127 -2.86 -24.10 41.76
CA VAL B 127 -3.29 -25.41 42.18
C VAL B 127 -4.76 -25.74 41.90
N ALA B 128 -5.05 -27.05 41.82
CA ALA B 128 -6.41 -27.53 41.60
C ALA B 128 -6.94 -27.93 42.97
N ASP B 129 -6.02 -28.15 43.89
CA ASP B 129 -6.35 -28.51 45.26
C ASP B 129 -5.11 -28.55 46.16
N VAL B 130 -5.24 -27.92 47.32
CA VAL B 130 -4.17 -27.87 48.32
C VAL B 130 -4.74 -28.39 49.64
N THR B 131 -4.19 -29.51 50.11
CA THR B 131 -4.63 -30.13 51.35
C THR B 131 -4.08 -29.40 52.56
N GLU B 132 -4.72 -29.60 53.70
CA GLU B 132 -4.29 -28.96 54.94
C GLU B 132 -2.96 -29.54 55.41
N ASP B 133 -2.69 -30.78 55.04
CA ASP B 133 -1.45 -31.44 55.42
C ASP B 133 -0.38 -31.19 54.37
N GLY B 134 -0.56 -30.15 53.57
CA GLY B 134 0.41 -29.81 52.55
C GLY B 134 0.48 -30.60 51.25
N LYS B 135 -0.64 -31.13 50.77
CA LYS B 135 -0.60 -31.87 49.52
C LYS B 135 -1.05 -30.96 48.40
N ILE B 136 -0.20 -30.80 47.39
CA ILE B 136 -0.49 -29.94 46.26
C ILE B 136 -0.85 -30.70 44.99
N LEU B 137 -1.94 -30.29 44.35
CA LEU B 137 -2.38 -30.89 43.09
C LEU B 137 -2.25 -29.79 42.04
N PRO B 138 -1.29 -29.93 41.11
CA PRO B 138 -1.03 -28.97 40.04
C PRO B 138 -2.19 -28.89 39.09
N THR B 139 -2.14 -27.94 38.16
CA THR B 139 -3.19 -27.81 37.18
C THR B 139 -2.78 -28.42 35.84
N THR B 140 -2.57 -27.59 34.84
CA THR B 140 -2.25 -28.10 33.51
C THR B 140 -0.79 -28.11 33.07
N GLY B 141 0.11 -27.68 33.95
CA GLY B 141 1.53 -27.65 33.61
C GLY B 141 2.35 -27.98 34.84
N VAL B 142 3.39 -28.79 34.67
CA VAL B 142 4.22 -29.17 35.82
C VAL B 142 5.53 -28.40 35.95
N GLY B 143 6.34 -28.39 34.88
CA GLY B 143 7.61 -27.69 34.90
C GLY B 143 8.59 -28.15 35.97
N ILE B 144 8.95 -27.23 36.88
CA ILE B 144 9.88 -27.53 37.96
C ILE B 144 9.20 -27.45 39.32
N LEU B 145 7.88 -27.62 39.30
CA LEU B 145 7.07 -27.58 40.50
C LEU B 145 7.65 -28.28 41.74
N PRO B 146 7.86 -29.61 41.66
CA PRO B 146 8.39 -30.30 42.84
C PRO B 146 9.69 -29.74 43.40
N THR B 147 10.54 -29.22 42.53
CA THR B 147 11.81 -28.70 42.99
C THR B 147 11.67 -27.35 43.66
N ILE B 148 10.86 -26.46 43.08
CA ILE B 148 10.68 -25.13 43.69
C ILE B 148 9.94 -25.20 45.02
N CYS B 149 9.04 -26.18 45.16
CA CYS B 149 8.27 -26.36 46.40
C CYS B 149 9.19 -26.92 47.48
N ARG B 150 10.15 -27.74 47.06
CA ARG B 150 11.08 -28.34 48.00
C ARG B 150 12.12 -27.34 48.50
N LEU B 151 12.67 -26.57 47.56
CA LEU B 151 13.71 -25.60 47.87
C LEU B 151 13.28 -24.26 48.42
N ALA B 152 12.05 -23.83 48.13
CA ALA B 152 11.57 -22.54 48.60
C ALA B 152 11.36 -22.41 50.11
N ASP B 153 11.66 -21.22 50.64
CA ASP B 153 11.49 -20.92 52.06
C ASP B 153 9.99 -20.81 52.39
N ARG B 154 9.24 -20.21 51.48
CA ARG B 154 7.81 -20.05 51.65
C ARG B 154 7.10 -20.24 50.30
N ILE B 155 5.87 -20.72 50.37
CA ILE B 155 5.07 -20.98 49.18
C ILE B 155 3.77 -20.18 49.18
N ILE B 156 3.47 -19.58 48.03
CA ILE B 156 2.25 -18.81 47.84
C ILE B 156 1.38 -19.60 46.87
N VAL B 157 0.27 -20.16 47.35
CA VAL B 157 -0.62 -20.96 46.53
C VAL B 157 -1.78 -20.16 45.92
N GLU B 158 -2.17 -20.56 44.71
CA GLU B 158 -3.25 -19.91 43.98
C GLU B 158 -4.24 -21.01 43.61
N LEU B 159 -5.40 -21.02 44.27
CA LEU B 159 -6.43 -22.04 44.05
C LEU B 159 -7.40 -21.65 42.94
N ASN B 160 -7.20 -22.22 41.75
CA ASN B 160 -8.03 -21.92 40.59
C ASN B 160 -9.36 -22.67 40.52
N ASP B 161 -10.44 -21.91 40.41
CA ASP B 161 -11.81 -22.43 40.31
C ASP B 161 -12.03 -23.37 39.14
N LYS B 162 -11.49 -22.97 38.00
CA LYS B 162 -11.63 -23.69 36.75
C LYS B 162 -11.01 -25.08 36.60
N HIS B 163 -10.13 -25.46 37.53
CA HIS B 163 -9.51 -26.77 37.45
C HIS B 163 -9.98 -27.67 38.58
N PRO B 164 -10.77 -28.70 38.25
CA PRO B 164 -11.32 -29.67 39.21
C PRO B 164 -10.30 -30.65 39.82
N LYS B 165 -10.52 -31.00 41.08
CA LYS B 165 -9.63 -31.92 41.79
C LYS B 165 -9.79 -33.34 41.26
N GLU B 166 -10.72 -33.53 40.33
CA GLU B 166 -10.95 -34.85 39.74
C GLU B 166 -9.79 -35.17 38.81
N ILE B 167 -8.97 -34.15 38.56
CA ILE B 167 -7.80 -34.28 37.71
C ILE B 167 -6.78 -35.20 38.38
N MSE B 168 -6.88 -35.30 39.70
CA MSE B 168 -6.02 -36.15 40.52
C MSE B 168 -5.71 -37.45 39.78
O MSE B 168 -6.61 -38.25 39.49
CB MSE B 168 -6.74 -36.46 41.83
CG MSE B 168 -6.06 -37.48 42.72
SE MSE B 168 -4.66 -36.75 43.76
CE MSE B 168 -5.66 -36.27 45.36
N GLY B 169 -4.43 -37.67 39.48
CA GLY B 169 -4.05 -38.88 38.78
C GLY B 169 -3.44 -38.61 37.41
N MSE B 170 -3.61 -37.39 36.91
CA MSE B 170 -3.06 -37.05 35.60
C MSE B 170 -1.61 -36.58 35.67
O MSE B 170 -0.98 -36.37 34.63
CB MSE B 170 -3.93 -35.98 34.93
CG MSE B 170 -5.24 -36.52 34.41
SE MSE B 170 -6.21 -35.28 33.26
CE MSE B 170 -4.72 -34.15 32.70
N HIS B 171 -1.10 -36.41 36.88
CA HIS B 171 0.28 -35.96 37.03
C HIS B 171 1.07 -37.10 37.65
N ASP B 172 2.38 -37.09 37.42
CA ASP B 172 3.27 -38.09 37.97
C ASP B 172 4.42 -37.21 38.46
N LEU B 173 4.35 -36.87 39.74
CA LEU B 173 5.34 -35.98 40.34
C LEU B 173 6.37 -36.69 41.21
N CYS B 174 7.63 -36.25 41.07
CA CYS B 174 8.72 -36.77 41.87
C CYS B 174 10.06 -36.19 41.46
N GLU B 175 11.09 -36.55 42.22
CA GLU B 175 12.45 -36.12 41.95
C GLU B 175 13.29 -37.32 42.29
N PRO B 176 14.44 -37.47 41.63
CA PRO B 176 15.31 -38.61 41.90
C PRO B 176 16.35 -38.23 42.93
N LEU B 177 17.01 -39.22 43.53
CA LEU B 177 18.07 -38.93 44.48
C LEU B 177 19.14 -38.26 43.62
N ASP B 178 20.11 -37.60 44.24
CA ASP B 178 21.15 -36.95 43.48
C ASP B 178 22.46 -37.70 43.64
N PRO B 179 23.40 -37.55 42.70
CA PRO B 179 24.66 -38.25 42.86
C PRO B 179 25.35 -37.96 44.21
N PRO B 180 26.11 -38.94 44.71
CA PRO B 180 26.34 -40.25 44.09
C PRO B 180 25.26 -41.30 44.39
N ALA B 181 24.07 -40.87 44.81
CA ALA B 181 23.02 -41.82 45.18
C ALA B 181 21.89 -42.03 44.18
N ARG B 182 21.99 -41.43 43.01
CA ARG B 182 20.91 -41.56 42.04
C ARG B 182 20.75 -42.96 41.44
N ARG B 183 19.49 -43.38 41.32
CA ARG B 183 19.14 -44.67 40.77
C ARG B 183 18.57 -44.38 39.38
N GLU B 184 18.14 -45.41 38.66
CA GLU B 184 17.58 -45.21 37.33
C GLU B 184 16.18 -44.60 37.41
N LEU B 185 15.75 -43.98 36.32
CA LEU B 185 14.41 -43.38 36.25
C LEU B 185 13.59 -44.45 35.56
N PRO B 186 12.83 -45.24 36.36
CA PRO B 186 11.97 -46.35 35.91
C PRO B 186 10.85 -46.16 34.90
N VAL B 187 11.12 -45.48 33.79
CA VAL B 187 10.10 -45.35 32.76
C VAL B 187 10.60 -46.07 31.50
N TYR B 188 9.91 -47.15 31.14
CA TYR B 188 10.28 -47.99 30.01
C TYR B 188 9.22 -47.90 28.92
N THR B 189 8.13 -47.21 29.25
CA THR B 189 7.01 -46.99 28.35
C THR B 189 6.58 -45.54 28.58
N PRO B 190 6.08 -44.86 27.54
CA PRO B 190 5.67 -43.49 27.78
C PRO B 190 4.54 -43.27 28.79
N SER B 191 3.85 -44.34 29.18
CA SER B 191 2.75 -44.23 30.16
C SER B 191 3.08 -44.77 31.55
N ASP B 192 4.36 -45.04 31.81
CA ASP B 192 4.75 -45.56 33.12
C ASP B 192 4.74 -44.50 34.21
N ARG B 193 4.17 -44.86 35.35
CA ARG B 193 4.12 -43.98 36.50
C ARG B 193 5.25 -44.34 37.45
N ILE B 194 5.99 -43.34 37.90
CA ILE B 194 7.09 -43.58 38.82
C ILE B 194 7.03 -42.68 40.06
N GLY B 195 6.07 -41.76 40.11
CA GLY B 195 5.95 -40.86 41.24
C GLY B 195 4.57 -40.84 41.89
N LYS B 196 4.17 -39.67 42.37
CA LYS B 196 2.87 -39.50 43.02
C LYS B 196 2.00 -38.50 42.27
N PRO B 197 0.67 -38.55 42.47
CA PRO B 197 -0.24 -37.64 41.80
C PRO B 197 -0.36 -36.29 42.49
N TYR B 198 0.60 -36.00 43.34
CA TYR B 198 0.59 -34.75 44.08
C TYR B 198 1.98 -34.54 44.68
N VAL B 199 2.24 -33.30 45.09
CA VAL B 199 3.50 -32.95 45.71
C VAL B 199 3.25 -32.64 47.19
N GLN B 200 4.03 -33.27 48.06
CA GLN B 200 3.90 -33.10 49.50
C GLN B 200 4.89 -32.08 50.05
N VAL B 201 4.37 -31.09 50.79
CA VAL B 201 5.19 -30.06 51.39
C VAL B 201 4.75 -29.86 52.82
N ASP B 202 5.53 -29.11 53.60
CA ASP B 202 5.19 -28.81 54.99
C ASP B 202 4.20 -27.66 54.91
N PRO B 203 2.95 -27.89 55.32
CA PRO B 203 1.94 -26.84 55.28
C PRO B 203 2.38 -25.53 55.93
N ALA B 204 3.36 -25.61 56.81
CA ALA B 204 3.88 -24.44 57.50
C ALA B 204 4.56 -23.48 56.54
N LYS B 205 4.96 -23.99 55.37
CA LYS B 205 5.63 -23.17 54.36
C LYS B 205 4.64 -22.36 53.52
N ILE B 206 3.38 -22.76 53.53
CA ILE B 206 2.33 -22.05 52.77
C ILE B 206 1.97 -20.75 53.49
N VAL B 207 2.49 -19.62 53.03
CA VAL B 207 2.19 -18.35 53.67
C VAL B 207 0.77 -17.89 53.37
N GLY B 208 0.14 -18.53 52.39
CA GLY B 208 -1.22 -18.14 52.03
C GLY B 208 -1.80 -18.78 50.78
N VAL B 209 -3.12 -18.86 50.72
CA VAL B 209 -3.82 -19.44 49.58
C VAL B 209 -4.78 -18.40 49.00
N VAL B 210 -4.50 -17.99 47.76
CA VAL B 210 -5.33 -17.03 47.07
C VAL B 210 -6.31 -17.75 46.14
N ARG B 211 -7.60 -17.50 46.32
CA ARG B 211 -8.61 -18.11 45.47
C ARG B 211 -8.72 -17.36 44.17
N THR B 212 -8.73 -18.10 43.06
CA THR B 212 -8.87 -17.49 41.75
C THR B 212 -9.85 -18.30 40.92
N SER B 213 -10.22 -17.73 39.78
CA SER B 213 -11.11 -18.40 38.86
C SER B 213 -10.63 -17.90 37.52
N GLU B 214 -9.65 -18.60 36.95
CA GLU B 214 -9.10 -18.22 35.66
C GLU B 214 -9.27 -19.30 34.60
N PRO B 215 -10.07 -19.00 33.56
CA PRO B 215 -10.31 -19.96 32.48
C PRO B 215 -9.18 -19.95 31.46
N ASN B 216 -9.13 -20.99 30.63
CA ASN B 216 -8.12 -21.11 29.59
C ASN B 216 -8.48 -20.12 28.49
N ASP B 217 -7.49 -19.62 27.76
CA ASP B 217 -7.80 -18.72 26.65
C ASP B 217 -8.40 -19.61 25.58
N GLU B 218 -9.04 -19.01 24.57
CA GLU B 218 -9.58 -19.86 23.52
C GLU B 218 -8.63 -19.82 22.34
N SER B 219 -8.80 -20.77 21.43
CA SER B 219 -7.98 -20.91 20.23
C SER B 219 -8.15 -19.66 19.38
N ASP B 220 -7.02 -19.05 19.03
CA ASP B 220 -7.02 -17.84 18.23
C ASP B 220 -6.43 -18.07 16.83
N PHE B 221 -7.20 -17.64 15.83
CA PHE B 221 -6.83 -17.72 14.41
C PHE B 221 -5.67 -18.65 14.04
N ALA B 222 -6.01 -19.80 13.44
CA ALA B 222 -5.01 -20.78 13.02
C ALA B 222 -5.27 -21.21 11.57
N PRO B 223 -5.00 -20.29 10.61
CA PRO B 223 -5.20 -20.56 9.17
C PRO B 223 -4.27 -21.65 8.66
N LEU B 224 -4.69 -22.31 7.59
CA LEU B 224 -3.90 -23.36 6.97
C LEU B 224 -2.93 -22.69 6.01
N ASP B 225 -1.81 -23.36 5.74
CA ASP B 225 -0.80 -22.81 4.85
C ASP B 225 -0.22 -23.96 4.01
N PRO B 226 -0.22 -23.79 2.68
CA PRO B 226 0.30 -24.84 1.80
C PRO B 226 1.74 -25.29 2.13
N VAL B 227 2.59 -24.37 2.54
CA VAL B 227 3.97 -24.72 2.87
C VAL B 227 4.01 -25.68 4.06
N THR B 228 3.19 -25.43 5.08
CA THR B 228 3.18 -26.30 6.26
C THR B 228 2.47 -27.61 5.95
N GLN B 229 1.51 -27.58 5.02
CA GLN B 229 0.79 -28.79 4.62
C GLN B 229 1.83 -29.69 3.99
N ALA B 230 2.64 -29.11 3.12
CA ALA B 230 3.72 -29.81 2.44
C ALA B 230 4.70 -30.40 3.46
N ILE B 231 5.23 -29.55 4.33
CA ILE B 231 6.17 -29.99 5.35
C ILE B 231 5.60 -31.16 6.16
N GLY B 232 4.39 -30.99 6.68
CA GLY B 232 3.77 -32.04 7.48
C GLY B 232 3.63 -33.36 6.76
N ASP B 233 3.35 -33.32 5.46
CA ASP B 233 3.21 -34.54 4.67
C ASP B 233 4.56 -35.21 4.52
N ASN B 234 5.58 -34.40 4.23
CA ASN B 234 6.91 -34.94 4.05
C ASN B 234 7.39 -35.67 5.30
N VAL B 235 7.10 -35.12 6.46
CA VAL B 235 7.51 -35.74 7.72
C VAL B 235 6.86 -37.12 7.84
N ALA B 236 5.54 -37.15 7.74
CA ALA B 236 4.78 -38.39 7.83
C ALA B 236 5.19 -39.44 6.79
N ALA B 237 5.36 -39.03 5.52
CA ALA B 237 5.75 -39.95 4.47
C ALA B 237 7.15 -40.50 4.68
N PHE B 238 8.04 -39.66 5.21
CA PHE B 238 9.41 -40.07 5.47
C PHE B 238 9.43 -41.17 6.51
N LEU B 239 8.72 -40.93 7.61
CA LEU B 239 8.64 -41.88 8.70
C LEU B 239 8.10 -43.25 8.27
N VAL B 240 6.98 -43.30 7.54
CA VAL B 240 6.46 -44.60 7.10
C VAL B 240 7.51 -45.25 6.20
N SER B 241 8.16 -44.43 5.39
CA SER B 241 9.19 -44.90 4.47
C SER B 241 10.39 -45.53 5.21
N GLU B 242 10.72 -44.95 6.37
CA GLU B 242 11.83 -45.44 7.21
C GLU B 242 11.48 -46.77 7.86
N MSE B 243 10.21 -46.92 8.24
CA MSE B 243 9.78 -48.17 8.85
C MSE B 243 9.91 -49.33 7.89
O MSE B 243 10.39 -50.40 8.24
CB MSE B 243 8.34 -48.07 9.35
CG MSE B 243 8.16 -47.14 10.52
SE MSE B 243 6.45 -47.35 11.39
CE MSE B 243 5.37 -46.30 10.16
N LYS B 244 9.46 -49.11 6.65
CA LYS B 244 9.54 -50.17 5.64
C LYS B 244 10.97 -50.41 5.16
N ALA B 245 11.85 -49.44 5.39
CA ALA B 245 13.25 -49.56 5.02
C ALA B 245 13.97 -50.33 6.13
N GLY B 246 13.31 -50.47 7.27
CA GLY B 246 13.87 -51.19 8.40
C GLY B 246 14.67 -50.30 9.36
N ARG B 247 14.54 -48.99 9.22
CA ARG B 247 15.28 -48.07 10.07
C ARG B 247 14.48 -47.56 11.26
N ILE B 248 13.25 -48.02 11.36
CA ILE B 248 12.40 -47.70 12.49
C ILE B 248 11.55 -48.95 12.68
N PRO B 249 11.42 -49.42 13.94
CA PRO B 249 10.61 -50.62 14.18
C PRO B 249 9.18 -50.49 13.67
N LYS B 250 8.68 -51.56 13.07
CA LYS B 250 7.35 -51.60 12.48
C LYS B 250 6.20 -51.07 13.32
N ASP B 251 6.28 -51.20 14.64
CA ASP B 251 5.22 -50.70 15.51
C ASP B 251 5.41 -49.23 15.84
N PHE B 252 6.39 -48.59 15.19
CA PHE B 252 6.68 -47.17 15.40
C PHE B 252 7.34 -46.93 16.76
N LEU B 253 7.50 -45.66 17.12
CA LEU B 253 8.14 -45.26 18.37
C LEU B 253 7.46 -44.02 18.95
N PRO B 254 7.81 -43.64 20.20
CA PRO B 254 7.20 -42.45 20.82
C PRO B 254 7.60 -41.21 20.03
N LEU B 255 6.73 -40.20 19.99
CA LEU B 255 7.05 -38.99 19.26
C LEU B 255 7.11 -37.76 20.15
N GLN B 256 7.78 -36.74 19.63
CA GLN B 256 7.92 -35.46 20.30
C GLN B 256 7.92 -34.42 19.21
N SER B 257 7.14 -33.36 19.40
CA SER B 257 7.09 -32.30 18.42
C SER B 257 6.96 -31.00 19.18
N GLY B 258 7.31 -29.91 18.52
CA GLY B 258 7.18 -28.62 19.18
C GLY B 258 5.75 -28.12 19.05
N VAL B 259 5.57 -26.82 19.26
CA VAL B 259 4.26 -26.22 19.16
C VAL B 259 4.29 -25.32 17.92
N GLY B 260 3.15 -25.18 17.27
CA GLY B 260 3.11 -24.34 16.09
C GLY B 260 2.32 -24.93 14.95
N ASN B 261 2.25 -24.18 13.85
CA ASN B 261 1.52 -24.61 12.66
C ASN B 261 2.14 -25.83 12.00
N VAL B 262 3.47 -25.85 11.91
CA VAL B 262 4.14 -26.98 11.29
C VAL B 262 3.81 -28.23 12.10
N ALA B 263 4.05 -28.13 13.41
CA ALA B 263 3.77 -29.23 14.34
C ALA B 263 2.35 -29.73 14.12
N ASN B 264 1.40 -28.80 14.06
CA ASN B 264 0.00 -29.16 13.86
C ASN B 264 -0.19 -29.91 12.56
N ALA B 265 0.51 -29.47 11.53
CA ALA B 265 0.42 -30.08 10.22
C ALA B 265 1.05 -31.47 10.28
N VAL B 266 2.16 -31.59 10.98
CA VAL B 266 2.84 -32.89 11.11
C VAL B 266 1.91 -33.88 11.80
N LEU B 267 1.35 -33.48 12.93
CA LEU B 267 0.43 -34.33 13.67
C LEU B 267 -0.75 -34.73 12.80
N GLY B 268 -1.31 -33.77 12.06
CA GLY B 268 -2.44 -34.07 11.20
C GLY B 268 -2.04 -35.08 10.13
N ALA B 269 -0.89 -34.86 9.50
CA ALA B 269 -0.42 -35.76 8.46
C ALA B 269 -0.27 -37.19 8.98
N LEU B 270 0.35 -37.34 10.15
CA LEU B 270 0.55 -38.65 10.77
C LEU B 270 -0.79 -39.35 10.96
N GLY B 271 -1.76 -38.60 11.48
CA GLY B 271 -3.09 -39.15 11.70
C GLY B 271 -3.78 -39.58 10.41
N ASP B 272 -3.52 -38.88 9.33
CA ASP B 272 -4.15 -39.20 8.05
C ASP B 272 -3.39 -40.23 7.22
N ASN B 273 -2.16 -40.56 7.62
CA ASN B 273 -1.40 -41.56 6.86
C ASN B 273 -1.63 -42.91 7.55
N PRO B 274 -2.45 -43.78 6.93
CA PRO B 274 -2.78 -45.10 7.46
C PRO B 274 -1.56 -45.99 7.76
N ASP B 275 -0.46 -45.74 7.06
CA ASP B 275 0.75 -46.52 7.27
C ASP B 275 1.44 -46.14 8.57
N ILE B 276 0.92 -45.09 9.21
CA ILE B 276 1.47 -44.67 10.50
C ILE B 276 0.57 -45.32 11.54
N PRO B 277 1.10 -46.30 12.29
CA PRO B 277 0.30 -46.98 13.31
C PRO B 277 -0.06 -46.08 14.48
N ALA B 278 -1.15 -46.41 15.18
CA ALA B 278 -1.61 -45.63 16.34
C ALA B 278 -0.37 -45.43 17.18
N PHE B 279 -0.11 -44.18 17.57
CA PHE B 279 1.09 -43.89 18.32
C PHE B 279 0.91 -43.13 19.63
N ASN B 280 1.98 -43.10 20.41
CA ASN B 280 1.99 -42.41 21.69
C ASN B 280 2.92 -41.21 21.59
N MSE B 281 2.70 -40.24 22.47
CA MSE B 281 3.51 -39.04 22.50
C MSE B 281 4.34 -39.05 23.76
O MSE B 281 3.86 -39.50 24.81
CB MSE B 281 2.65 -37.78 22.53
CG MSE B 281 1.73 -37.59 21.37
SE MSE B 281 2.65 -37.26 19.70
CE MSE B 281 3.30 -35.45 20.11
N TYR B 282 5.57 -38.60 23.66
CA TYR B 282 6.43 -38.43 24.82
C TYR B 282 7.04 -37.07 24.52
N THR B 283 6.19 -36.03 24.55
CA THR B 283 6.57 -34.65 24.26
C THR B 283 6.76 -33.76 25.47
N GLU B 284 6.83 -32.46 25.19
CA GLU B 284 6.97 -31.43 26.20
C GLU B 284 5.57 -30.92 26.46
N VAL B 285 4.96 -30.34 25.42
CA VAL B 285 3.61 -29.82 25.58
C VAL B 285 2.57 -30.49 24.67
N ILE B 286 1.46 -30.89 25.29
CA ILE B 286 0.37 -31.55 24.58
C ILE B 286 -0.59 -30.45 24.09
N GLN B 287 -0.75 -30.34 22.78
CA GLN B 287 -1.62 -29.31 22.21
C GLN B 287 -2.96 -29.87 21.70
N ASP B 288 -3.80 -28.98 21.19
CA ASP B 288 -5.10 -29.38 20.68
C ASP B 288 -4.99 -30.47 19.63
N ALA B 289 -4.05 -30.29 18.71
CA ALA B 289 -3.83 -31.25 17.63
C ALA B 289 -3.66 -32.68 18.14
N VAL B 290 -3.02 -32.85 19.29
CA VAL B 290 -2.80 -34.17 19.87
C VAL B 290 -4.12 -34.72 20.42
N ILE B 291 -4.86 -33.86 21.10
CA ILE B 291 -6.15 -34.21 21.67
C ILE B 291 -7.09 -34.68 20.57
N ALA B 292 -7.09 -33.95 19.46
CA ALA B 292 -7.95 -34.29 18.33
C ALA B 292 -7.69 -35.71 17.83
N LEU B 293 -6.42 -36.06 17.67
CA LEU B 293 -6.03 -37.38 17.20
C LEU B 293 -6.33 -38.44 18.24
N MSE B 294 -6.34 -38.00 19.50
CA MSE B 294 -6.61 -38.88 20.61
C MSE B 294 -8.07 -39.33 20.58
O MSE B 294 -8.38 -40.50 20.82
CB MSE B 294 -6.31 -38.15 21.91
CG MSE B 294 -6.06 -39.05 23.10
SE MSE B 294 -5.36 -38.04 24.59
CE MSE B 294 -6.66 -38.57 25.90
N LYS B 295 -8.96 -38.38 20.29
CA LYS B 295 -10.38 -38.69 20.23
C LYS B 295 -10.72 -39.62 19.09
N LYS B 296 -9.85 -39.66 18.09
CA LYS B 296 -10.05 -40.54 16.94
C LYS B 296 -9.25 -41.84 17.10
N GLY B 297 -8.74 -42.06 18.30
CA GLY B 297 -7.96 -43.25 18.57
C GLY B 297 -6.66 -43.27 17.80
N ARG B 298 -6.36 -42.16 17.14
CA ARG B 298 -5.13 -42.02 16.37
C ARG B 298 -3.90 -41.98 17.29
N ILE B 299 -4.03 -41.27 18.43
CA ILE B 299 -2.98 -41.19 19.43
C ILE B 299 -3.49 -41.98 20.63
N LYS B 300 -2.73 -42.97 21.05
CA LYS B 300 -3.14 -43.83 22.15
C LYS B 300 -2.92 -43.26 23.55
N PHE B 301 -1.88 -42.46 23.70
CA PHE B 301 -1.54 -41.91 25.00
C PHE B 301 -0.62 -40.72 24.78
N ALA B 302 -0.58 -39.81 25.75
CA ALA B 302 0.28 -38.64 25.63
C ALA B 302 1.00 -38.33 26.94
N SER B 303 2.33 -38.31 26.88
CA SER B 303 3.13 -37.98 28.04
C SER B 303 3.69 -36.60 27.73
N GLY B 304 3.68 -35.71 28.71
CA GLY B 304 4.18 -34.38 28.47
C GLY B 304 4.46 -33.64 29.77
N CYS B 305 4.75 -32.35 29.68
CA CYS B 305 5.02 -31.56 30.85
C CYS B 305 3.85 -30.61 31.09
N SER B 306 3.06 -30.40 30.05
CA SER B 306 1.90 -29.52 30.16
C SER B 306 0.84 -29.85 29.14
N LEU B 307 -0.40 -29.54 29.48
CA LEU B 307 -1.51 -29.75 28.58
C LEU B 307 -1.91 -28.33 28.19
N SER B 308 -1.31 -27.83 27.12
CA SER B 308 -1.58 -26.48 26.64
C SER B 308 -2.63 -26.48 25.55
N VAL B 309 -3.89 -26.55 25.95
CA VAL B 309 -4.99 -26.60 25.00
C VAL B 309 -5.96 -25.43 25.13
N SER B 310 -6.76 -25.21 24.10
CA SER B 310 -7.73 -24.11 24.09
C SER B 310 -8.83 -24.38 25.09
N ARG B 311 -9.61 -23.35 25.42
CA ARG B 311 -10.68 -23.48 26.39
C ARG B 311 -11.72 -24.53 25.98
N SER B 312 -12.03 -24.57 24.70
CA SER B 312 -13.00 -25.52 24.21
C SER B 312 -12.52 -26.94 24.45
N VAL B 313 -11.23 -27.17 24.23
CA VAL B 313 -10.63 -28.48 24.40
C VAL B 313 -10.49 -28.91 25.86
N ILE B 314 -10.08 -27.98 26.71
CA ILE B 314 -9.89 -28.27 28.14
C ILE B 314 -11.23 -28.58 28.79
N GLN B 315 -12.30 -27.92 28.33
CA GLN B 315 -13.62 -28.18 28.89
C GLN B 315 -14.10 -29.56 28.45
N ASP B 316 -13.74 -29.96 27.23
CA ASP B 316 -14.15 -31.26 26.74
C ASP B 316 -13.44 -32.36 27.53
N ILE B 317 -12.18 -32.12 27.88
CA ILE B 317 -11.41 -33.09 28.64
C ILE B 317 -12.00 -33.23 30.03
N TYR B 318 -12.18 -32.10 30.72
CA TYR B 318 -12.74 -32.10 32.06
C TYR B 318 -14.15 -32.67 32.14
N ALA B 319 -14.86 -32.66 31.02
CA ALA B 319 -16.22 -33.19 30.96
C ALA B 319 -16.18 -34.66 30.60
N ASN B 320 -14.99 -35.14 30.23
CA ASN B 320 -14.78 -36.52 29.85
C ASN B 320 -13.52 -37.13 30.44
N LEU B 321 -13.34 -36.99 31.73
CA LEU B 321 -12.19 -37.55 32.41
C LEU B 321 -12.27 -39.06 32.23
N ASP B 322 -13.46 -39.51 31.89
CA ASP B 322 -13.70 -40.91 31.64
C ASP B 322 -12.83 -41.48 30.54
N PHE B 323 -12.57 -40.62 29.57
CA PHE B 323 -11.81 -40.98 28.39
C PHE B 323 -10.35 -40.52 28.45
N PHE B 324 -10.15 -39.28 28.88
CA PHE B 324 -8.80 -38.70 28.91
C PHE B 324 -7.90 -39.01 30.09
N LYS B 325 -8.48 -39.16 31.27
CA LYS B 325 -7.71 -39.41 32.48
C LYS B 325 -6.58 -40.43 32.37
N ASP B 326 -6.88 -41.58 31.78
CA ASP B 326 -5.90 -42.65 31.62
C ASP B 326 -5.09 -42.58 30.31
N LYS B 327 -5.22 -41.47 29.58
CA LYS B 327 -4.51 -41.31 28.32
C LYS B 327 -3.55 -40.14 28.30
N ILE B 328 -3.62 -39.31 29.34
CA ILE B 328 -2.75 -38.15 29.46
C ILE B 328 -1.99 -38.25 30.76
N LEU B 329 -0.70 -37.92 30.73
CA LEU B 329 0.13 -37.97 31.94
C LEU B 329 1.11 -36.82 31.88
N LEU B 330 1.06 -35.95 32.89
CA LEU B 330 1.94 -34.79 32.94
C LEU B 330 3.07 -35.01 33.93
N ARG B 331 4.30 -34.73 33.48
CA ARG B 331 5.50 -34.93 34.30
C ARG B 331 6.32 -33.65 34.42
N PRO B 332 7.23 -33.62 35.40
CA PRO B 332 8.07 -32.42 35.56
C PRO B 332 8.99 -32.47 34.35
N GLN B 333 9.47 -31.33 33.88
CA GLN B 333 10.35 -31.32 32.70
C GLN B 333 11.62 -32.12 32.94
N GLU B 334 11.94 -32.37 34.20
CA GLU B 334 13.12 -33.15 34.54
C GLU B 334 12.94 -34.56 33.99
N TYR B 335 11.70 -34.98 33.89
CA TYR B 335 11.38 -36.29 33.37
C TYR B 335 10.87 -36.29 31.94
N SER B 336 9.97 -35.36 31.62
CA SER B 336 9.41 -35.29 30.26
C SER B 336 10.49 -35.05 29.20
N ASN B 337 11.59 -34.39 29.59
CA ASN B 337 12.68 -34.08 28.67
C ASN B 337 13.97 -34.82 29.03
N ASN B 338 13.87 -35.86 29.85
CA ASN B 338 15.07 -36.56 30.27
C ASN B 338 15.82 -37.36 29.22
N PRO B 339 17.12 -37.06 29.05
CA PRO B 339 17.99 -37.74 28.07
C PRO B 339 17.90 -39.27 28.22
N GLU B 340 17.98 -39.73 29.46
CA GLU B 340 17.90 -41.15 29.77
C GLU B 340 16.61 -41.78 29.22
N ILE B 341 15.47 -41.16 29.50
CA ILE B 341 14.18 -41.68 29.04
C ILE B 341 14.04 -41.58 27.52
N VAL B 342 14.35 -40.41 26.99
CA VAL B 342 14.26 -40.15 25.56
C VAL B 342 15.04 -41.18 24.76
N ARG B 343 16.31 -41.39 25.12
CA ARG B 343 17.15 -42.34 24.41
C ARG B 343 16.73 -43.79 24.62
N ARG B 344 16.28 -44.13 25.83
CA ARG B 344 15.86 -45.49 26.10
C ARG B 344 14.61 -45.86 25.28
N LEU B 345 13.63 -44.97 25.27
CA LEU B 345 12.39 -45.23 24.56
C LEU B 345 12.55 -45.11 23.05
N GLY B 346 13.62 -44.48 22.61
CA GLY B 346 13.83 -44.30 21.19
C GLY B 346 12.84 -43.28 20.66
N VAL B 347 12.66 -42.20 21.42
CA VAL B 347 11.74 -41.14 21.04
C VAL B 347 12.17 -40.48 19.74
N ILE B 348 11.23 -40.35 18.80
CA ILE B 348 11.52 -39.69 17.53
C ILE B 348 11.15 -38.23 17.73
N THR B 349 12.14 -37.35 17.57
CA THR B 349 11.92 -35.92 17.79
C THR B 349 11.80 -35.10 16.53
N ILE B 350 10.88 -34.15 16.54
CA ILE B 350 10.62 -33.28 15.39
C ILE B 350 10.52 -31.86 15.93
N ASN B 351 11.49 -31.03 15.56
CA ASN B 351 11.54 -29.65 16.03
C ASN B 351 11.71 -28.65 14.88
N THR B 352 11.47 -27.39 15.17
CA THR B 352 11.59 -26.35 14.16
C THR B 352 12.97 -25.70 14.15
N ALA B 353 13.26 -24.98 13.08
CA ALA B 353 14.54 -24.29 12.96
C ALA B 353 14.29 -22.87 12.47
N LEU B 354 14.90 -21.89 13.13
CA LEU B 354 14.75 -20.51 12.68
C LEU B 354 15.48 -20.46 11.35
N GLU B 355 16.62 -21.13 11.33
CA GLU B 355 17.42 -21.21 10.12
C GLU B 355 18.32 -22.44 10.25
N ALA B 356 18.87 -22.88 9.13
CA ALA B 356 19.77 -24.03 9.09
C ALA B 356 20.83 -23.76 8.03
N ASP B 357 21.99 -24.40 8.15
CA ASP B 357 23.00 -24.20 7.13
C ASP B 357 23.24 -25.50 6.39
N ILE B 358 23.92 -25.39 5.25
CA ILE B 358 24.20 -26.52 4.39
C ILE B 358 25.00 -27.67 4.99
N PHE B 359 25.48 -27.51 6.22
CA PHE B 359 26.22 -28.59 6.84
C PHE B 359 25.46 -29.29 7.96
N GLY B 360 24.17 -28.97 8.08
CA GLY B 360 23.34 -29.59 9.10
C GLY B 360 23.28 -28.95 10.48
N ASN B 361 23.78 -27.73 10.61
CA ASN B 361 23.76 -27.03 11.88
C ASN B 361 22.46 -26.23 11.96
N ILE B 362 21.85 -26.19 13.15
CA ILE B 362 20.60 -25.48 13.32
C ILE B 362 20.63 -24.33 14.34
N ASN B 363 19.93 -23.27 13.98
CA ASN B 363 19.80 -22.09 14.83
C ASN B 363 18.33 -22.07 15.19
N SER B 364 18.00 -22.13 16.48
CA SER B 364 16.61 -22.10 16.88
C SER B 364 16.32 -21.03 17.90
N THR B 365 17.20 -20.04 18.00
CA THR B 365 17.00 -18.99 18.98
C THR B 365 17.35 -17.54 18.60
N HIS B 366 18.44 -17.31 17.88
CA HIS B 366 18.82 -15.95 17.55
C HIS B 366 18.59 -15.48 16.14
N VAL B 367 17.84 -14.40 15.97
CA VAL B 367 17.59 -13.82 14.65
C VAL B 367 18.85 -13.05 14.29
N SER B 368 19.40 -13.34 13.11
CA SER B 368 20.64 -12.69 12.66
C SER B 368 21.77 -12.92 13.65
N GLY B 369 21.63 -13.95 14.48
CA GLY B 369 22.64 -14.28 15.46
C GLY B 369 22.75 -13.39 16.67
N THR B 370 21.90 -12.37 16.79
CA THR B 370 21.98 -11.46 17.94
C THR B 370 20.69 -11.33 18.74
N ARG B 371 19.56 -11.25 18.04
CA ARG B 371 18.30 -11.07 18.73
C ARG B 371 17.66 -12.35 19.27
N MSE B 372 17.58 -12.44 20.59
CA MSE B 372 16.98 -13.62 21.19
C MSE B 372 15.53 -13.76 20.75
O MSE B 372 14.80 -12.79 20.54
CB MSE B 372 17.04 -13.56 22.73
CG MSE B 372 16.21 -14.64 23.45
SE MSE B 372 16.60 -16.52 23.02
CE MSE B 372 18.36 -16.66 23.85
N MSE B 373 15.13 -15.02 20.64
CA MSE B 373 13.80 -15.39 20.22
C MSE B 373 13.00 -15.84 21.45
O MSE B 373 12.28 -15.05 22.04
CB MSE B 373 13.92 -16.52 19.23
CG MSE B 373 13.36 -16.16 17.93
SE MSE B 373 11.51 -15.91 18.33
CE MSE B 373 10.77 -17.23 17.07
N ASN B 374 13.15 -17.10 21.80
CA ASN B 374 12.47 -17.67 22.96
C ASN B 374 13.53 -18.31 23.85
N GLY B 375 14.17 -19.36 23.34
CA GLY B 375 15.18 -20.06 24.09
C GLY B 375 15.40 -21.41 23.46
N ILE B 376 16.54 -22.05 23.73
CA ILE B 376 16.82 -23.34 23.15
C ILE B 376 15.73 -24.34 23.52
N GLY B 377 15.08 -24.10 24.67
CA GLY B 377 14.02 -24.98 25.13
C GLY B 377 14.50 -26.39 25.38
N GLY B 378 13.69 -27.36 24.98
CA GLY B 378 14.04 -28.75 25.14
C GLY B 378 14.46 -29.37 23.81
N SER B 379 14.66 -28.52 22.80
CA SER B 379 15.08 -29.03 21.49
C SER B 379 16.42 -29.75 21.59
N GLY B 380 17.27 -29.31 22.52
CA GLY B 380 18.56 -29.95 22.72
C GLY B 380 18.39 -31.28 23.44
N ASP B 381 17.63 -31.28 24.52
CA ASP B 381 17.38 -32.50 25.29
C ASP B 381 16.88 -33.62 24.38
N PHE B 382 15.97 -33.26 23.47
CA PHE B 382 15.37 -34.22 22.55
C PHE B 382 16.25 -34.57 21.37
N THR B 383 16.53 -33.58 20.52
CA THR B 383 17.35 -33.76 19.34
C THR B 383 18.59 -34.62 19.59
N ARG B 384 19.37 -34.22 20.58
CA ARG B 384 20.60 -34.91 20.95
C ARG B 384 20.42 -36.40 21.22
N ASN B 385 19.35 -36.77 21.92
CA ASN B 385 19.16 -38.18 22.28
C ASN B 385 18.08 -38.97 21.55
N SER B 386 17.39 -38.36 20.60
CA SER B 386 16.33 -39.06 19.88
C SER B 386 16.82 -40.21 19.02
N TYR B 387 15.91 -41.11 18.70
CA TYR B 387 16.20 -42.27 17.85
C TYR B 387 16.70 -41.70 16.52
N VAL B 388 15.96 -40.71 16.02
CA VAL B 388 16.29 -39.99 14.79
C VAL B 388 15.78 -38.57 15.04
N SER B 389 16.66 -37.57 14.88
CA SER B 389 16.22 -36.20 15.09
C SER B 389 15.86 -35.52 13.79
N ILE B 390 14.71 -34.86 13.77
CA ILE B 390 14.24 -34.19 12.59
C ILE B 390 14.02 -32.70 12.84
N PHE B 391 14.37 -31.89 11.85
CA PHE B 391 14.17 -30.46 11.94
C PHE B 391 13.39 -30.02 10.70
N THR B 392 12.32 -29.28 10.95
CA THR B 392 11.45 -28.78 9.89
C THR B 392 11.55 -27.27 9.83
N THR B 393 11.19 -26.71 8.68
CA THR B 393 11.22 -25.26 8.48
C THR B 393 10.87 -24.89 7.06
N PRO B 394 10.00 -23.88 6.89
CA PRO B 394 9.66 -23.49 5.52
C PRO B 394 10.99 -23.05 4.91
N SER B 395 11.18 -23.26 3.61
CA SER B 395 12.45 -22.91 2.99
C SER B 395 12.77 -21.42 3.00
N VAL B 396 11.75 -20.59 2.84
CA VAL B 396 11.97 -19.15 2.80
C VAL B 396 11.06 -18.32 3.72
N MSE B 397 11.26 -17.02 3.67
CA MSE B 397 10.51 -16.09 4.50
C MSE B 397 10.46 -14.74 3.78
O MSE B 397 11.15 -14.54 2.78
CB MSE B 397 11.25 -15.97 5.83
CG MSE B 397 10.63 -15.03 6.83
SE MSE B 397 11.83 -14.92 8.33
CE MSE B 397 11.63 -16.74 9.00
N LYS B 398 9.64 -13.83 4.31
CA LYS B 398 9.50 -12.49 3.73
C LYS B 398 9.36 -12.53 2.22
N ASP B 399 8.31 -13.19 1.74
CA ASP B 399 8.04 -13.32 0.31
C ASP B 399 9.24 -13.77 -0.48
N GLY B 400 10.06 -14.64 0.12
CA GLY B 400 11.24 -15.15 -0.55
C GLY B 400 12.51 -14.36 -0.38
N LYS B 401 12.43 -13.17 0.19
CA LYS B 401 13.61 -12.33 0.38
C LYS B 401 14.57 -12.86 1.44
N ILE B 402 14.09 -13.79 2.26
CA ILE B 402 14.91 -14.39 3.29
C ILE B 402 14.93 -15.90 3.09
N SER B 403 16.12 -16.48 3.10
CA SER B 403 16.27 -17.92 2.95
C SER B 403 16.44 -18.55 4.33
N SER B 404 15.72 -19.63 4.60
CA SER B 404 15.84 -20.32 5.88
C SER B 404 17.14 -21.11 5.95
N PHE B 405 17.76 -21.30 4.77
CA PHE B 405 19.03 -22.03 4.65
C PHE B 405 20.14 -21.04 4.28
N VAL B 406 21.23 -21.10 5.03
CA VAL B 406 22.35 -20.20 4.84
C VAL B 406 23.69 -20.94 4.84
N PRO B 407 24.77 -20.28 4.37
CA PRO B 407 26.09 -20.92 4.34
C PRO B 407 26.50 -21.39 5.75
N MSE B 408 26.30 -20.51 6.73
CA MSE B 408 26.60 -20.80 8.14
C MSE B 408 25.54 -20.12 9.00
O MSE B 408 25.16 -18.98 8.74
CB MSE B 408 27.98 -20.24 8.52
CG MSE B 408 28.43 -20.69 9.91
SE MSE B 408 29.97 -19.70 10.63
CE MSE B 408 31.40 -20.77 9.87
N VAL B 409 25.04 -20.83 10.01
CA VAL B 409 24.03 -20.27 10.89
C VAL B 409 24.65 -19.19 11.78
N ALA B 410 23.97 -18.05 11.90
CA ALA B 410 24.45 -16.93 12.69
C ALA B 410 24.50 -17.24 14.17
N HIS B 411 23.96 -18.40 14.55
CA HIS B 411 23.95 -18.85 15.95
C HIS B 411 23.73 -20.36 15.95
N HIS B 412 24.66 -21.08 16.58
CA HIS B 412 24.57 -22.52 16.64
C HIS B 412 23.90 -23.07 17.90
N ASP B 413 22.77 -23.75 17.72
CA ASP B 413 22.05 -24.36 18.83
C ASP B 413 22.19 -25.88 18.76
N HIS B 414 22.23 -26.43 17.55
CA HIS B 414 22.39 -27.86 17.36
C HIS B 414 23.46 -28.07 16.30
N SER B 415 24.36 -29.04 16.51
CA SER B 415 25.46 -29.28 15.58
C SER B 415 25.27 -30.45 14.61
N GLU B 416 26.14 -30.47 13.60
CA GLU B 416 26.15 -31.49 12.56
C GLU B 416 26.14 -32.89 13.13
N HIS B 417 26.62 -33.02 14.37
CA HIS B 417 26.70 -34.32 15.04
C HIS B 417 25.38 -34.74 15.68
N SER B 418 24.45 -33.80 15.78
CA SER B 418 23.17 -34.10 16.40
C SER B 418 21.97 -34.05 15.47
N VAL B 419 22.06 -33.27 14.39
CA VAL B 419 20.95 -33.14 13.45
C VAL B 419 21.02 -34.25 12.42
N LYS B 420 20.02 -35.13 12.44
CA LYS B 420 19.99 -36.27 11.52
C LYS B 420 19.20 -36.07 10.25
N VAL B 421 18.10 -35.34 10.34
CA VAL B 421 17.25 -35.11 9.17
C VAL B 421 16.67 -33.72 9.13
N ILE B 422 16.58 -33.14 7.93
CA ILE B 422 16.00 -31.81 7.76
C ILE B 422 14.90 -31.88 6.70
N ILE B 423 13.78 -31.23 6.96
CA ILE B 423 12.65 -31.28 6.03
C ILE B 423 11.96 -29.94 5.80
N SER B 424 11.79 -29.57 4.54
CA SER B 424 11.06 -28.35 4.20
C SER B 424 9.93 -28.76 3.25
N GLU B 425 9.24 -27.80 2.66
CA GLU B 425 8.15 -28.13 1.74
C GLU B 425 8.66 -28.78 0.46
N TRP B 426 9.95 -28.58 0.17
CA TRP B 426 10.58 -29.11 -1.02
C TRP B 426 11.01 -30.57 -0.97
N GLY B 427 11.22 -31.11 0.23
CA GLY B 427 11.63 -32.49 0.33
C GLY B 427 12.37 -32.73 1.61
N VAL B 428 12.94 -33.93 1.78
CA VAL B 428 13.68 -34.25 3.00
C VAL B 428 15.15 -34.53 2.73
N ALA B 429 16.01 -34.11 3.65
CA ALA B 429 17.44 -34.36 3.51
C ALA B 429 17.93 -35.25 4.66
N ASP B 430 18.14 -36.53 4.38
CA ASP B 430 18.63 -37.44 5.39
C ASP B 430 20.14 -37.22 5.46
N LEU B 431 20.60 -36.68 6.58
CA LEU B 431 22.01 -36.36 6.77
C LEU B 431 22.90 -37.50 7.27
N ARG B 432 22.28 -38.57 7.73
CA ARG B 432 23.03 -39.72 8.25
C ARG B 432 24.01 -40.37 7.28
N GLY B 433 25.22 -40.64 7.78
CA GLY B 433 26.24 -41.28 6.98
C GLY B 433 26.90 -40.39 5.95
N LYS B 434 26.71 -39.08 6.08
CA LYS B 434 27.29 -38.14 5.13
C LYS B 434 28.26 -37.16 5.74
N ASN B 435 29.29 -36.80 4.96
CA ASN B 435 30.27 -35.84 5.42
C ASN B 435 29.70 -34.44 5.09
N PRO B 436 30.43 -33.37 5.44
CA PRO B 436 29.93 -32.02 5.16
C PRO B 436 29.49 -31.69 3.72
N ARG B 437 30.33 -32.03 2.74
CA ARG B 437 29.99 -31.75 1.35
C ARG B 437 28.81 -32.55 0.87
N GLU B 438 28.73 -33.81 1.26
CA GLU B 438 27.62 -34.67 0.82
C GLU B 438 26.30 -34.24 1.43
N ARG B 439 26.32 -33.77 2.68
CA ARG B 439 25.07 -33.37 3.27
C ARG B 439 24.64 -31.97 2.80
N ALA B 440 25.60 -31.18 2.32
CA ALA B 440 25.30 -29.85 1.80
C ALA B 440 24.54 -30.00 0.48
N HIS B 441 25.04 -30.89 -0.39
CA HIS B 441 24.37 -31.12 -1.65
C HIS B 441 23.00 -31.72 -1.47
N GLU B 442 22.86 -32.59 -0.48
CA GLU B 442 21.57 -33.22 -0.20
C GLU B 442 20.60 -32.13 0.30
N ILE B 443 21.07 -31.30 1.23
CA ILE B 443 20.24 -30.22 1.77
C ILE B 443 19.86 -29.22 0.69
N ILE B 444 20.79 -28.93 -0.20
CA ILE B 444 20.57 -27.98 -1.28
C ILE B 444 19.53 -28.48 -2.30
N ASP B 445 19.69 -29.72 -2.73
CA ASP B 445 18.80 -30.33 -3.71
C ASP B 445 17.42 -30.68 -3.22
N LYS B 446 17.30 -31.02 -1.94
CA LYS B 446 16.02 -31.43 -1.37
C LYS B 446 15.25 -30.41 -0.51
N CYS B 447 15.96 -29.59 0.25
CA CYS B 447 15.31 -28.65 1.17
C CYS B 447 15.32 -27.16 0.81
N VAL B 448 16.43 -26.70 0.27
CA VAL B 448 16.60 -25.31 -0.11
C VAL B 448 15.62 -24.89 -1.20
N HIS B 449 15.17 -23.63 -1.13
CA HIS B 449 14.24 -23.12 -2.12
C HIS B 449 15.01 -22.86 -3.41
N PRO B 450 14.42 -23.24 -4.56
CA PRO B 450 15.06 -23.05 -5.87
C PRO B 450 15.83 -21.73 -6.04
N ASP B 451 15.25 -20.63 -5.55
CA ASP B 451 15.87 -19.30 -5.64
C ASP B 451 17.23 -19.18 -4.97
N TYR B 452 17.58 -20.13 -4.11
CA TYR B 452 18.85 -20.07 -3.40
C TYR B 452 19.75 -21.27 -3.65
N ARG B 453 19.26 -22.26 -4.36
CA ARG B 453 20.06 -23.45 -4.58
C ARG B 453 21.34 -23.19 -5.38
N PRO B 454 21.25 -22.45 -6.50
CA PRO B 454 22.49 -22.21 -7.26
C PRO B 454 23.57 -21.40 -6.53
N LEU B 455 23.11 -20.47 -5.71
CA LEU B 455 23.99 -19.61 -4.94
C LEU B 455 24.74 -20.41 -3.87
N LEU B 456 24.05 -21.35 -3.24
CA LEU B 456 24.67 -22.18 -2.21
C LEU B 456 25.53 -23.23 -2.85
N ARG B 457 25.27 -23.56 -4.11
CA ARG B 457 26.09 -24.53 -4.82
C ARG B 457 27.40 -23.84 -5.16
N GLN B 458 27.31 -22.55 -5.50
CA GLN B 458 28.48 -21.75 -5.84
C GLN B 458 29.36 -21.53 -4.61
N TYR B 459 28.73 -21.53 -3.43
CA TYR B 459 29.45 -21.34 -2.18
C TYR B 459 30.41 -22.51 -1.94
N LEU B 460 30.01 -23.69 -2.39
CA LEU B 460 30.83 -24.89 -2.21
C LEU B 460 32.00 -24.97 -3.16
N GLU B 461 32.07 -24.03 -4.11
CA GLU B 461 33.15 -24.02 -5.08
C GLU B 461 33.98 -22.74 -5.01
N LEU B 462 34.16 -22.20 -3.81
CA LEU B 462 34.93 -20.97 -3.66
C LEU B 462 36.41 -21.21 -3.36
N GLY B 463 36.87 -22.44 -3.57
CA GLY B 463 38.27 -22.74 -3.35
C GLY B 463 38.72 -23.13 -1.96
N VAL B 464 37.80 -23.17 -1.00
CA VAL B 464 38.16 -23.53 0.38
C VAL B 464 38.59 -24.98 0.52
N LYS B 465 39.70 -25.21 1.19
CA LYS B 465 40.22 -26.56 1.40
C LYS B 465 39.91 -27.08 2.79
N GLY B 466 39.63 -28.38 2.88
CA GLY B 466 39.37 -28.99 4.16
C GLY B 466 38.08 -29.77 4.28
N GLN B 467 37.93 -30.44 5.42
CA GLN B 467 36.75 -31.22 5.75
C GLN B 467 35.46 -30.39 5.56
N THR B 468 35.45 -29.17 6.08
CA THR B 468 34.29 -28.29 5.98
C THR B 468 34.62 -27.03 5.15
N PRO B 469 34.00 -26.89 3.97
CA PRO B 469 34.19 -25.78 3.04
C PRO B 469 33.61 -24.44 3.47
N GLN B 470 33.85 -24.02 4.71
CA GLN B 470 33.34 -22.72 5.16
C GLN B 470 34.31 -21.63 4.77
N ASN B 471 33.80 -20.57 4.16
CA ASN B 471 34.65 -19.46 3.74
C ASN B 471 34.47 -18.31 4.73
N LEU B 472 35.36 -18.24 5.71
CA LEU B 472 35.30 -17.22 6.74
C LEU B 472 35.23 -15.78 6.26
N ASP B 473 35.54 -15.56 4.98
CA ASP B 473 35.47 -14.21 4.41
C ASP B 473 34.05 -13.80 4.02
N CYS B 474 33.19 -14.79 3.76
CA CYS B 474 31.82 -14.52 3.33
C CYS B 474 30.73 -15.50 3.78
N CYS B 475 31.01 -16.32 4.78
CA CYS B 475 30.00 -17.27 5.26
C CYS B 475 28.72 -16.60 5.75
N PHE B 476 28.81 -15.31 6.09
CA PHE B 476 27.64 -14.56 6.57
C PHE B 476 27.10 -13.54 5.56
N ALA B 477 27.48 -13.69 4.31
CA ALA B 477 27.03 -12.79 3.25
C ALA B 477 25.50 -12.75 3.14
N PHE B 478 24.84 -13.89 3.32
CA PHE B 478 23.38 -13.94 3.24
C PHE B 478 22.75 -13.00 4.26
N HIS B 479 23.20 -13.09 5.51
CA HIS B 479 22.73 -12.27 6.61
C HIS B 479 23.13 -10.81 6.38
N GLN B 480 24.35 -10.62 5.91
CA GLN B 480 24.84 -9.29 5.63
C GLN B 480 24.02 -8.63 4.54
N GLU B 481 23.72 -9.39 3.48
CA GLU B 481 22.94 -8.85 2.37
C GLU B 481 21.50 -8.51 2.80
N LEU B 482 20.94 -9.30 3.70
CA LEU B 482 19.59 -9.02 4.16
C LEU B 482 19.56 -7.62 4.78
N ALA B 483 20.61 -7.33 5.53
CA ALA B 483 20.74 -6.04 6.22
C ALA B 483 21.00 -4.90 5.24
N LYS B 484 21.69 -5.21 4.14
CA LYS B 484 22.01 -4.20 3.15
C LYS B 484 20.89 -3.92 2.14
N SER B 485 20.39 -4.97 1.50
CA SER B 485 19.35 -4.88 0.47
C SER B 485 17.95 -5.28 0.92
N GLY B 486 17.87 -6.18 1.90
CA GLY B 486 16.57 -6.64 2.34
C GLY B 486 16.18 -7.89 1.58
N ASP B 487 17.05 -8.30 0.65
CA ASP B 487 16.81 -9.49 -0.17
C ASP B 487 18.10 -10.30 -0.33
N MSE B 488 18.15 -11.47 0.29
CA MSE B 488 19.34 -12.31 0.20
C MSE B 488 19.69 -12.78 -1.22
O MSE B 488 20.83 -13.15 -1.47
CB MSE B 488 19.18 -13.54 1.10
CG MSE B 488 18.95 -13.20 2.58
SE MSE B 488 18.98 -14.76 3.77
CE MSE B 488 19.31 -13.90 5.46
N ARG B 489 18.72 -12.76 -2.13
CA ARG B 489 18.98 -13.20 -3.52
C ARG B 489 19.94 -12.27 -4.24
N ASN B 490 20.17 -11.09 -3.66
CA ASN B 490 21.07 -10.10 -4.26
C ASN B 490 22.54 -10.43 -4.03
N VAL B 491 22.81 -11.52 -3.33
CA VAL B 491 24.17 -11.91 -3.07
C VAL B 491 24.87 -12.40 -4.33
N ARG B 492 26.14 -12.04 -4.43
CA ARG B 492 27.03 -12.43 -5.51
C ARG B 492 28.35 -12.59 -4.78
N TRP B 493 28.86 -13.81 -4.74
CA TRP B 493 30.10 -14.10 -4.04
C TRP B 493 31.27 -13.21 -4.44
N GLU B 494 31.29 -12.78 -5.69
CA GLU B 494 32.38 -11.93 -6.17
C GLU B 494 32.31 -10.56 -5.50
N ASP B 495 31.14 -10.25 -4.94
CA ASP B 495 30.93 -8.97 -4.26
C ASP B 495 31.35 -9.07 -2.81
N TYR B 496 31.25 -10.26 -2.23
CA TYR B 496 31.64 -10.46 -0.85
C TYR B 496 33.07 -10.95 -0.69
N MSE B 497 33.86 -10.77 -1.74
CA MSE B 497 35.26 -11.16 -1.75
C MSE B 497 35.89 -10.57 -3.02
O MSE B 497 36.77 -9.70 -2.87
CB MSE B 497 35.42 -12.68 -1.72
CG MSE B 497 34.77 -13.43 -2.86
SE MSE B 497 35.07 -15.37 -2.79
CE MSE B 497 36.17 -15.54 -4.40
N ALA C 2 -69.14 38.77 47.47
CA ALA C 2 -69.96 38.47 46.27
C ALA C 2 -69.26 38.93 45.01
N LEU C 3 -69.74 38.46 43.86
CA LEU C 3 -69.15 38.81 42.57
C LEU C 3 -69.34 40.30 42.30
N ARG C 4 -68.24 40.97 42.01
CA ARG C 4 -68.25 42.41 41.74
C ARG C 4 -68.21 42.67 40.23
N PHE C 5 -69.14 43.48 39.74
CA PHE C 5 -69.19 43.81 38.33
C PHE C 5 -68.49 45.13 38.11
N ILE C 6 -67.57 45.16 37.15
CA ILE C 6 -66.80 46.35 36.86
C ILE C 6 -66.67 46.59 35.37
N THR C 7 -65.95 47.66 35.03
CA THR C 7 -65.72 48.06 33.65
C THR C 7 -64.41 47.48 33.16
N ALA C 8 -64.21 47.52 31.84
CA ALA C 8 -62.98 47.01 31.26
C ALA C 8 -61.81 47.88 31.66
N GLU C 9 -62.10 49.09 32.10
CA GLU C 9 -61.06 50.03 32.53
C GLU C 9 -60.64 49.76 33.97
N GLU C 10 -61.61 49.45 34.82
CA GLU C 10 -61.32 49.14 36.22
C GLU C 10 -60.57 47.83 36.29
N ALA C 11 -60.98 46.89 35.45
CA ALA C 11 -60.38 45.56 35.39
C ALA C 11 -58.92 45.66 34.97
N ALA C 12 -58.65 46.49 33.99
CA ALA C 12 -57.29 46.67 33.50
C ALA C 12 -56.33 47.17 34.59
N GLU C 13 -56.87 47.76 35.64
CA GLU C 13 -56.05 48.28 36.73
C GLU C 13 -55.42 47.16 37.55
N PHE C 14 -55.99 45.95 37.42
CA PHE C 14 -55.47 44.80 38.15
C PHE C 14 -54.27 44.15 37.45
N VAL C 15 -53.90 44.68 36.28
CA VAL C 15 -52.77 44.18 35.53
C VAL C 15 -51.66 45.24 35.62
N HIS C 16 -50.48 44.81 36.04
CA HIS C 16 -49.36 45.72 36.21
C HIS C 16 -48.18 45.32 35.34
N HIS C 17 -47.24 46.25 35.16
CA HIS C 17 -46.07 45.98 34.36
C HIS C 17 -45.34 44.78 34.94
N ASN C 18 -44.86 43.91 34.04
CA ASN C 18 -44.10 42.72 34.41
C ASN C 18 -44.97 41.58 34.96
N ASP C 19 -46.29 41.77 34.94
CA ASP C 19 -47.18 40.71 35.39
C ASP C 19 -47.26 39.69 34.27
N ASN C 20 -47.46 38.43 34.62
CA ASN C 20 -47.61 37.40 33.61
C ASN C 20 -49.10 37.11 33.52
N VAL C 21 -49.68 37.28 32.34
CA VAL C 21 -51.11 37.07 32.17
C VAL C 21 -51.44 35.89 31.27
N GLY C 22 -52.40 35.08 31.72
CA GLY C 22 -52.83 33.95 30.95
C GLY C 22 -54.22 34.27 30.46
N PHE C 23 -54.50 33.95 29.20
CA PHE C 23 -55.81 34.23 28.63
C PHE C 23 -56.53 32.95 28.25
N SER C 24 -57.84 32.95 28.39
CA SER C 24 -58.66 31.79 28.05
C SER C 24 -58.86 31.64 26.54
N GLY C 25 -59.50 30.55 26.15
CA GLY C 25 -59.77 30.31 24.73
C GLY C 25 -58.69 29.63 23.91
N PHE C 26 -59.05 29.32 22.68
CA PHE C 26 -58.15 28.66 21.75
C PHE C 26 -58.57 29.23 20.41
N THR C 27 -57.69 30.03 19.82
CA THR C 27 -57.96 30.76 18.58
C THR C 27 -58.85 31.85 19.13
N PRO C 28 -59.15 32.89 18.33
CA PRO C 28 -60.02 33.95 18.85
C PRO C 28 -61.15 33.43 19.72
N ALA C 29 -61.71 32.28 19.33
CA ALA C 29 -62.81 31.67 20.07
C ALA C 29 -62.48 31.42 21.55
N GLY C 30 -63.33 31.91 22.45
CA GLY C 30 -63.13 31.72 23.87
C GLY C 30 -62.19 32.70 24.55
N ASN C 31 -61.71 33.68 23.79
CA ASN C 31 -60.78 34.68 24.30
C ASN C 31 -61.45 36.00 24.73
N PRO C 32 -60.87 36.68 25.73
CA PRO C 32 -61.42 37.95 26.20
C PRO C 32 -61.27 38.95 25.04
N LYS C 33 -62.22 39.87 24.91
CA LYS C 33 -62.20 40.82 23.79
C LYS C 33 -62.22 42.31 24.14
N VAL C 34 -62.50 42.65 25.38
CA VAL C 34 -62.55 44.06 25.75
C VAL C 34 -61.53 44.51 26.80
N VAL C 35 -61.16 43.62 27.70
CA VAL C 35 -60.20 43.99 28.72
C VAL C 35 -58.78 44.16 28.15
N PRO C 36 -58.29 43.21 27.32
CA PRO C 36 -56.93 43.39 26.81
C PRO C 36 -56.68 44.73 26.12
N ALA C 37 -57.72 45.28 25.50
CA ALA C 37 -57.61 46.57 24.82
C ALA C 37 -57.46 47.68 25.87
N ALA C 38 -58.13 47.51 27.01
CA ALA C 38 -58.06 48.48 28.10
C ALA C 38 -56.68 48.43 28.76
N ILE C 39 -56.02 47.28 28.68
CA ILE C 39 -54.69 47.11 29.25
C ILE C 39 -53.74 47.87 28.33
N ALA C 40 -53.99 47.73 27.03
CA ALA C 40 -53.17 48.40 26.03
C ALA C 40 -53.19 49.91 26.23
N LYS C 41 -54.37 50.50 26.43
CA LYS C 41 -54.49 51.94 26.64
C LYS C 41 -53.60 52.28 27.83
N ARG C 42 -53.84 51.57 28.92
CA ARG C 42 -53.11 51.72 30.16
C ARG C 42 -51.61 51.58 29.96
N ALA C 43 -51.21 50.62 29.11
CA ALA C 43 -49.80 50.38 28.82
C ALA C 43 -49.20 51.55 28.06
N ILE C 44 -49.92 52.04 27.06
CA ILE C 44 -49.46 53.16 26.25
C ILE C 44 -49.35 54.42 27.09
N ALA C 45 -50.33 54.64 27.96
CA ALA C 45 -50.34 55.82 28.82
C ALA C 45 -49.11 55.80 29.74
N ALA C 46 -48.60 54.61 30.03
CA ALA C 46 -47.43 54.48 30.88
C ALA C 46 -46.16 54.75 30.07
N HIS C 47 -46.15 54.27 28.83
CA HIS C 47 -44.98 54.47 27.96
C HIS C 47 -44.69 55.94 27.73
N GLU C 48 -45.68 56.67 27.21
CA GLU C 48 -45.49 58.08 26.91
C GLU C 48 -45.26 58.91 28.15
N LYS C 49 -45.36 58.27 29.31
CA LYS C 49 -45.12 58.95 30.58
C LYS C 49 -43.70 58.61 31.02
N GLY C 50 -43.02 57.80 30.22
CA GLY C 50 -41.65 57.41 30.54
C GLY C 50 -41.56 56.15 31.38
N ASN C 51 -42.70 55.57 31.72
CA ASN C 51 -42.73 54.37 32.54
C ASN C 51 -42.85 53.10 31.70
N PRO C 52 -42.15 52.03 32.10
CA PRO C 52 -42.18 50.75 31.38
C PRO C 52 -43.49 50.00 31.63
N PHE C 53 -43.92 49.25 30.63
CA PHE C 53 -45.15 48.48 30.78
C PHE C 53 -45.28 47.37 29.74
N LYS C 54 -44.95 46.15 30.17
CA LYS C 54 -45.02 44.97 29.34
C LYS C 54 -45.38 43.79 30.22
N ILE C 55 -46.24 42.91 29.70
CA ILE C 55 -46.69 41.75 30.45
C ILE C 55 -46.27 40.47 29.74
N GLY C 56 -46.17 39.40 30.50
CA GLY C 56 -45.82 38.12 29.92
C GLY C 56 -47.15 37.53 29.48
N MSE C 57 -47.19 36.83 28.36
CA MSE C 57 -48.44 36.28 27.87
C MSE C 57 -48.45 34.78 27.61
O MSE C 57 -47.66 34.28 26.82
CB MSE C 57 -48.86 37.00 26.59
CG MSE C 57 -48.99 38.50 26.71
SE MSE C 57 -49.30 39.36 24.99
CE MSE C 57 -51.01 38.54 24.59
N PHE C 58 -49.38 34.09 28.27
CA PHE C 58 -49.57 32.65 28.09
C PHE C 58 -50.98 32.52 27.54
N THR C 59 -51.13 31.87 26.39
CA THR C 59 -52.45 31.67 25.78
C THR C 59 -52.60 30.21 25.37
N GLY C 60 -53.76 29.85 24.85
CA GLY C 60 -53.96 28.49 24.39
C GLY C 60 -53.27 28.39 23.03
N ALA C 61 -53.72 29.22 22.11
CA ALA C 61 -53.16 29.31 20.78
C ALA C 61 -53.31 30.78 20.33
N SER C 62 -53.86 30.98 19.13
CA SER C 62 -54.05 32.32 18.59
C SER C 62 -55.17 33.04 19.29
N THR C 63 -55.15 34.37 19.19
CA THR C 63 -56.14 35.22 19.83
C THR C 63 -56.60 36.25 18.78
N GLY C 64 -57.66 36.98 19.06
CA GLY C 64 -58.10 37.95 18.07
C GLY C 64 -57.13 39.11 17.86
N ALA C 65 -57.54 40.07 17.05
CA ALA C 65 -56.70 41.25 16.83
C ALA C 65 -56.89 42.17 18.04
N ARG C 66 -57.90 41.87 18.84
CA ARG C 66 -58.23 42.66 20.03
C ARG C 66 -57.55 42.08 21.26
N LEU C 67 -56.53 41.29 21.02
CA LEU C 67 -55.76 40.66 22.08
C LEU C 67 -54.29 40.89 21.71
N ASP C 68 -53.75 40.00 20.88
CA ASP C 68 -52.35 40.12 20.45
C ASP C 68 -52.15 41.39 19.63
N GLY C 69 -53.08 41.65 18.73
CA GLY C 69 -52.97 42.83 17.90
C GLY C 69 -52.84 44.12 18.68
N VAL C 70 -53.84 44.39 19.51
CA VAL C 70 -53.84 45.62 20.29
C VAL C 70 -52.66 45.67 21.25
N LEU C 71 -52.34 44.53 21.85
CA LEU C 71 -51.22 44.45 22.80
C LEU C 71 -49.88 44.66 22.10
N ALA C 72 -49.77 44.13 20.88
CA ALA C 72 -48.55 44.28 20.09
C ALA C 72 -48.39 45.73 19.62
N GLN C 73 -49.46 46.33 19.16
CA GLN C 73 -49.41 47.72 18.69
C GLN C 73 -49.04 48.61 19.86
N ALA C 74 -49.41 48.18 21.06
CA ALA C 74 -49.11 48.92 22.29
C ALA C 74 -47.67 48.67 22.75
N ASP C 75 -46.99 47.74 22.08
CA ASP C 75 -45.62 47.40 22.44
C ASP C 75 -45.54 47.06 23.94
N ALA C 76 -46.45 46.20 24.39
CA ALA C 76 -46.52 45.81 25.79
C ALA C 76 -46.36 44.30 25.96
N VAL C 77 -45.66 43.67 25.03
CA VAL C 77 -45.45 42.23 25.09
C VAL C 77 -44.03 41.91 25.54
N LYS C 78 -43.85 41.49 26.79
CA LYS C 78 -42.50 41.17 27.24
C LYS C 78 -42.11 39.79 26.69
N PHE C 79 -43.06 38.87 26.64
CA PHE C 79 -42.81 37.55 26.09
C PHE C 79 -44.14 36.92 25.76
N ARG C 80 -44.15 36.06 24.75
CA ARG C 80 -45.36 35.40 24.27
C ARG C 80 -45.21 33.90 24.00
N THR C 81 -46.25 33.14 24.36
CA THR C 81 -46.31 31.68 24.15
C THR C 81 -47.77 31.26 24.14
N PRO C 82 -48.09 30.13 23.46
CA PRO C 82 -47.16 29.27 22.74
C PRO C 82 -47.34 29.32 21.22
N TYR C 83 -48.43 29.96 20.79
CA TYR C 83 -48.76 30.07 19.38
C TYR C 83 -49.46 31.41 19.16
N GLN C 84 -49.16 32.07 18.03
CA GLN C 84 -49.81 33.33 17.70
C GLN C 84 -50.15 33.32 16.22
N SER C 85 -51.00 34.25 15.82
CA SER C 85 -51.42 34.34 14.43
C SER C 85 -51.96 35.73 14.09
N ASN C 86 -51.27 36.78 14.57
CA ASN C 86 -51.66 38.17 14.32
C ASN C 86 -50.51 38.90 13.63
N LYS C 87 -50.83 39.65 12.58
CA LYS C 87 -49.83 40.39 11.80
C LYS C 87 -49.00 41.39 12.58
N ASP C 88 -49.63 42.12 13.50
CA ASP C 88 -48.93 43.10 14.31
C ASP C 88 -47.94 42.41 15.24
N LEU C 89 -48.38 41.36 15.91
CA LEU C 89 -47.51 40.62 16.82
C LEU C 89 -46.41 39.91 16.04
N ARG C 90 -46.78 39.35 14.89
CA ARG C 90 -45.85 38.64 14.03
C ARG C 90 -44.72 39.54 13.57
N ASN C 91 -45.04 40.79 13.23
CA ASN C 91 -44.01 41.74 12.79
C ASN C 91 -43.15 42.15 13.97
N LEU C 92 -43.80 42.40 15.10
CA LEU C 92 -43.11 42.79 16.32
C LEU C 92 -42.06 41.71 16.63
N ILE C 93 -42.45 40.45 16.42
CA ILE C 93 -41.57 39.31 16.67
C ILE C 93 -40.42 39.27 15.69
N ASN C 94 -40.75 39.23 14.39
CA ASN C 94 -39.73 39.16 13.33
C ASN C 94 -38.80 40.36 13.29
N ASN C 95 -39.18 41.46 13.96
CA ASN C 95 -38.32 42.64 14.02
C ASN C 95 -37.50 42.55 15.30
N GLY C 96 -37.60 41.41 15.99
CA GLY C 96 -36.86 41.21 17.22
C GLY C 96 -37.21 42.18 18.32
N SER C 97 -38.45 42.65 18.35
CA SER C 97 -38.91 43.62 19.36
C SER C 97 -39.52 42.97 20.59
N THR C 98 -39.65 41.65 20.59
CA THR C 98 -40.18 40.92 21.73
C THR C 98 -39.72 39.47 21.69
N SER C 99 -39.90 38.76 22.80
CA SER C 99 -39.51 37.35 22.90
C SER C 99 -40.69 36.43 22.68
N TYR C 100 -40.55 35.57 21.68
CA TYR C 100 -41.58 34.60 21.36
C TYR C 100 -40.99 33.20 21.23
N PHE C 101 -41.68 32.23 21.81
CA PHE C 101 -41.23 30.86 21.67
C PHE C 101 -42.45 29.96 21.52
N ASP C 102 -42.55 29.32 20.35
CA ASP C 102 -43.68 28.42 20.08
C ASP C 102 -43.40 27.03 20.64
N LEU C 103 -44.41 26.47 21.28
CA LEU C 103 -44.28 25.16 21.92
C LEU C 103 -45.29 24.19 21.39
N HIS C 104 -45.08 22.91 21.68
CA HIS C 104 -46.05 21.88 21.30
C HIS C 104 -47.20 22.24 22.22
N LEU C 105 -48.37 22.52 21.64
CA LEU C 105 -49.53 22.93 22.42
C LEU C 105 -49.92 22.03 23.58
N SER C 106 -49.85 20.72 23.42
CA SER C 106 -50.24 19.83 24.51
C SER C 106 -49.38 19.91 25.78
N THR C 107 -48.21 20.54 25.69
CA THR C 107 -47.30 20.62 26.83
C THR C 107 -47.32 21.85 27.73
N LEU C 108 -47.88 22.96 27.27
CA LEU C 108 -47.89 24.19 28.06
C LEU C 108 -48.54 24.10 29.44
N ALA C 109 -49.71 23.46 29.53
CA ALA C 109 -50.42 23.33 30.80
C ALA C 109 -49.62 22.64 31.89
N GLN C 110 -49.12 21.44 31.61
CA GLN C 110 -48.37 20.73 32.64
C GLN C 110 -47.04 21.40 32.96
N ASP C 111 -46.39 21.97 31.95
CA ASP C 111 -45.11 22.63 32.15
C ASP C 111 -45.27 23.88 33.00
N LEU C 112 -46.48 24.42 33.00
CA LEU C 112 -46.78 25.61 33.79
C LEU C 112 -46.86 25.13 35.22
N ARG C 113 -47.54 23.99 35.40
CA ARG C 113 -47.69 23.40 36.72
C ARG C 113 -46.34 22.95 37.27
N TYR C 114 -45.46 22.46 36.39
CA TYR C 114 -44.13 22.02 36.78
C TYR C 114 -43.27 23.20 37.22
N GLY C 115 -43.72 24.40 36.90
CA GLY C 115 -43.00 25.60 37.27
C GLY C 115 -41.96 26.03 36.25
N PHE C 116 -41.98 25.41 35.07
CA PHE C 116 -41.00 25.72 34.03
C PHE C 116 -41.01 27.16 33.58
N TYR C 117 -42.19 27.78 33.55
CA TYR C 117 -42.33 29.19 33.17
C TYR C 117 -42.84 29.76 34.46
N GLY C 118 -42.29 30.89 34.86
CA GLY C 118 -42.63 31.53 36.11
C GLY C 118 -44.00 31.42 36.74
N LYS C 119 -44.50 32.56 37.19
CA LYS C 119 -45.80 32.66 37.83
C LYS C 119 -46.88 33.22 36.90
N VAL C 120 -48.13 32.91 37.19
CA VAL C 120 -49.27 33.44 36.44
C VAL C 120 -49.91 34.42 37.42
N ASP C 121 -49.79 35.71 37.15
CA ASP C 121 -50.33 36.71 38.05
C ASP C 121 -51.83 36.86 37.95
N VAL C 122 -52.32 37.00 36.74
CA VAL C 122 -53.75 37.14 36.52
C VAL C 122 -54.19 36.35 35.29
N ALA C 123 -55.46 35.94 35.31
CA ALA C 123 -56.04 35.20 34.21
C ALA C 123 -57.25 35.98 33.71
N ILE C 124 -57.27 36.29 32.42
CA ILE C 124 -58.41 37.00 31.86
C ILE C 124 -59.18 35.93 31.08
N ILE C 125 -60.45 35.73 31.41
CA ILE C 125 -61.21 34.70 30.72
C ILE C 125 -62.57 35.18 30.21
N GLU C 126 -63.04 34.59 29.11
CA GLU C 126 -64.36 34.92 28.58
C GLU C 126 -65.27 33.80 29.05
N VAL C 127 -66.45 34.14 29.54
CA VAL C 127 -67.35 33.13 30.09
C VAL C 127 -68.79 33.22 29.60
N ALA C 128 -69.49 32.10 29.67
CA ALA C 128 -70.90 32.01 29.28
C ALA C 128 -71.72 32.11 30.56
N ASP C 129 -71.04 31.83 31.67
CA ASP C 129 -71.65 31.89 32.99
C ASP C 129 -70.64 31.70 34.10
N VAL C 130 -70.71 32.56 35.11
CA VAL C 130 -69.83 32.51 36.26
C VAL C 130 -70.71 32.49 37.51
N THR C 131 -70.62 31.41 38.26
CA THR C 131 -71.43 31.25 39.47
C THR C 131 -70.82 32.05 40.62
N GLU C 132 -71.62 32.28 41.65
CA GLU C 132 -71.18 33.02 42.82
C GLU C 132 -70.18 32.20 43.65
N ASP C 133 -70.31 30.86 43.56
CA ASP C 133 -69.42 29.96 44.28
C ASP C 133 -68.20 29.61 43.42
N GLY C 134 -67.92 30.47 42.44
CA GLY C 134 -66.76 30.29 41.57
C GLY C 134 -66.78 29.23 40.48
N LYS C 135 -67.93 28.98 39.87
CA LYS C 135 -68.00 27.99 38.80
C LYS C 135 -67.96 28.72 37.46
N ILE C 136 -66.98 28.36 36.64
CA ILE C 136 -66.80 29.01 35.34
C ILE C 136 -67.23 28.13 34.17
N LEU C 137 -68.02 28.71 33.26
CA LEU C 137 -68.47 28.01 32.08
C LEU C 137 -67.85 28.76 30.90
N PRO C 138 -66.87 28.13 30.22
CA PRO C 138 -66.16 28.71 29.07
C PRO C 138 -67.10 28.93 27.91
N THR C 139 -66.60 29.55 26.85
CA THR C 139 -67.43 29.78 25.68
C THR C 139 -67.07 28.80 24.58
N THR C 140 -66.47 29.29 23.50
CA THR C 140 -66.15 28.43 22.37
C THR C 140 -64.72 27.89 22.24
N GLY C 141 -63.84 28.22 23.19
CA GLY C 141 -62.48 27.73 23.13
C GLY C 141 -61.98 27.42 24.53
N VAL C 142 -61.26 26.33 24.72
CA VAL C 142 -60.78 25.99 26.06
C VAL C 142 -59.31 26.34 26.32
N GLY C 143 -58.42 25.86 25.47
CA GLY C 143 -57.01 26.14 25.62
C GLY C 143 -56.40 25.65 26.92
N ILE C 144 -55.86 26.58 27.69
CA ILE C 144 -55.22 26.25 28.96
C ILE C 144 -56.02 26.83 30.12
N LEU C 145 -57.31 27.05 29.88
CA LEU C 145 -58.21 27.61 30.87
C LEU C 145 -58.07 27.06 32.29
N PRO C 146 -58.33 25.76 32.49
CA PRO C 146 -58.21 25.23 33.85
C PRO C 146 -56.89 25.48 34.54
N THR C 147 -55.79 25.47 33.80
CA THR C 147 -54.50 25.69 34.40
C THR C 147 -54.25 27.15 34.79
N ILE C 148 -54.64 28.09 33.92
CA ILE C 148 -54.44 29.50 34.26
C ILE C 148 -55.34 29.95 35.41
N CYS C 149 -56.53 29.36 35.52
CA CYS C 149 -57.45 29.70 36.59
C CYS C 149 -56.94 29.14 37.92
N ARG C 150 -56.27 27.99 37.85
CA ARG C 150 -55.72 27.36 39.03
C ARG C 150 -54.47 28.10 39.55
N LEU C 151 -53.56 28.40 38.64
CA LEU C 151 -52.31 29.07 38.97
C LEU C 151 -52.34 30.58 39.18
N ALA C 152 -53.33 31.27 38.62
CA ALA C 152 -53.40 32.74 38.75
C ALA C 152 -53.73 33.24 40.14
N ASP C 153 -53.12 34.38 40.50
CA ASP C 153 -53.36 35.02 41.80
C ASP C 153 -54.77 35.63 41.80
N ARG C 154 -55.14 36.22 40.67
CA ARG C 154 -56.46 36.85 40.53
C ARG C 154 -57.01 36.60 39.13
N ILE C 155 -58.34 36.56 39.04
CA ILE C 155 -59.02 36.30 37.78
C ILE C 155 -59.94 37.41 37.37
N ILE C 156 -59.85 37.80 36.10
CA ILE C 156 -60.72 38.84 35.55
C ILE C 156 -61.66 38.16 34.55
N VAL C 157 -62.94 38.09 34.91
CA VAL C 157 -63.94 37.45 34.06
C VAL C 157 -64.67 38.41 33.13
N GLU C 158 -65.00 37.90 31.95
CA GLU C 158 -65.70 38.64 30.91
C GLU C 158 -66.95 37.84 30.55
N LEU C 159 -68.12 38.31 30.96
CA LEU C 159 -69.40 37.64 30.73
C LEU C 159 -70.03 38.05 29.39
N ASN C 160 -69.88 37.20 28.38
CA ASN C 160 -70.40 37.49 27.05
C ASN C 160 -71.89 37.17 26.85
N ASP C 161 -72.63 38.17 26.41
CA ASP C 161 -74.07 38.08 26.14
C ASP C 161 -74.41 37.00 25.11
N LYS C 162 -73.62 36.96 24.04
CA LYS C 162 -73.83 36.06 22.92
C LYS C 162 -73.69 34.55 23.14
N HIS C 163 -73.14 34.14 24.27
CA HIS C 163 -72.99 32.72 24.51
C HIS C 163 -73.87 32.29 25.68
N PRO C 164 -74.91 31.49 25.39
CA PRO C 164 -75.88 30.97 26.36
C PRO C 164 -75.35 29.89 27.32
N LYS C 165 -75.85 29.92 28.56
CA LYS C 165 -75.43 28.96 29.57
C LYS C 165 -75.97 27.57 29.26
N GLU C 166 -76.79 27.48 28.22
CA GLU C 166 -77.35 26.18 27.81
C GLU C 166 -76.26 25.33 27.19
N ILE C 167 -75.12 25.96 26.95
CA ILE C 167 -73.95 25.31 26.37
C ILE C 167 -73.40 24.30 27.37
N MSE C 168 -73.72 24.54 28.64
CA MSE C 168 -73.30 23.68 29.73
C MSE C 168 -73.35 22.21 29.31
O MSE C 168 -74.41 21.68 28.98
CB MSE C 168 -74.23 23.90 30.93
CG MSE C 168 -74.06 22.94 32.09
SE MSE C 168 -72.64 23.43 33.25
CE MSE C 168 -73.63 24.52 34.52
N GLY C 169 -72.19 21.55 29.31
CA GLY C 169 -72.15 20.15 28.92
C GLY C 169 -71.31 19.92 27.67
N MSE C 170 -71.00 20.99 26.93
CA MSE C 170 -70.20 20.85 25.73
C MSE C 170 -68.70 20.87 26.00
O MSE C 170 -67.91 20.64 25.09
CB MSE C 170 -70.57 21.94 24.74
CG MSE C 170 -71.95 21.71 24.09
SE MSE C 170 -72.37 22.91 22.62
CE MSE C 170 -70.49 23.36 22.11
N HIS C 171 -68.32 21.15 27.25
CA HIS C 171 -66.91 21.16 27.60
C HIS C 171 -66.63 19.99 28.54
N ASP C 172 -65.38 19.55 28.56
CA ASP C 172 -64.95 18.47 29.43
C ASP C 172 -63.63 19.03 30.00
N LEU C 173 -63.75 19.66 31.17
CA LEU C 173 -62.62 20.32 31.80
C LEU C 173 -62.00 19.58 32.96
N CYS C 174 -60.68 19.57 33.00
CA CYS C 174 -59.94 18.93 34.07
C CYS C 174 -58.44 18.98 33.83
N GLU C 175 -57.70 18.49 34.82
CA GLU C 175 -56.25 18.42 34.77
C GLU C 175 -55.90 17.12 35.46
N PRO C 176 -54.80 16.47 35.03
CA PRO C 176 -54.42 15.22 35.67
C PRO C 176 -53.45 15.50 36.83
N LEU C 177 -53.23 14.50 37.67
CA LEU C 177 -52.27 14.66 38.76
C LEU C 177 -50.93 14.75 38.03
N ASP C 178 -49.90 15.22 38.71
CA ASP C 178 -48.61 15.34 38.06
C ASP C 178 -47.66 14.29 38.62
N PRO C 179 -46.62 13.94 37.86
CA PRO C 179 -45.68 12.93 38.37
C PRO C 179 -45.12 13.28 39.76
N PRO C 180 -44.81 12.25 40.56
CA PRO C 180 -44.96 10.83 40.24
C PRO C 180 -46.35 10.24 40.52
N ALA C 181 -47.38 11.08 40.59
CA ALA C 181 -48.73 10.61 40.90
C ALA C 181 -49.72 10.54 39.74
N ARG C 182 -49.26 10.81 38.53
CA ARG C 182 -50.19 10.80 37.40
C ARG C 182 -50.74 9.43 37.03
N ARG C 183 -52.04 9.40 36.75
CA ARG C 183 -52.74 8.18 36.35
C ARG C 183 -52.99 8.32 34.84
N GLU C 184 -53.66 7.33 34.24
CA GLU C 184 -53.91 7.41 32.81
C GLU C 184 -55.02 8.40 32.52
N LEU C 185 -55.07 8.89 31.28
CA LEU C 185 -56.12 9.82 30.85
C LEU C 185 -57.15 8.90 30.21
N PRO C 186 -58.22 8.59 30.95
CA PRO C 186 -59.33 7.71 30.53
C PRO C 186 -60.18 8.01 29.30
N VAL C 187 -59.56 8.30 28.17
CA VAL C 187 -60.34 8.51 26.97
C VAL C 187 -59.94 7.41 25.99
N TYR C 188 -60.91 6.55 25.69
CA TYR C 188 -60.71 5.42 24.79
C TYR C 188 -61.52 5.58 23.50
N THR C 189 -62.33 6.63 23.48
CA THR C 189 -63.19 6.97 22.34
C THR C 189 -63.14 8.49 22.24
N PRO C 190 -63.25 9.04 21.02
CA PRO C 190 -63.20 10.51 20.96
C PRO C 190 -64.30 11.25 21.70
N SER C 191 -65.36 10.56 22.10
CA SER C 191 -66.47 11.22 22.79
C SER C 191 -66.52 10.95 24.29
N ASP C 192 -65.46 10.36 24.84
CA ASP C 192 -65.45 10.04 26.27
C ASP C 192 -65.24 11.25 27.16
N ARG C 193 -66.04 11.37 28.21
CA ARG C 193 -65.93 12.46 29.17
C ARG C 193 -65.12 11.99 30.36
N ILE C 194 -64.16 12.80 30.79
CA ILE C 194 -63.35 12.44 31.93
C ILE C 194 -63.26 13.55 32.96
N GLY C 195 -63.87 14.70 32.67
CA GLY C 195 -63.83 15.81 33.61
C GLY C 195 -65.19 16.40 33.94
N LYS C 196 -65.23 17.71 34.14
CA LYS C 196 -66.48 18.40 34.47
C LYS C 196 -66.83 19.42 33.39
N PRO C 197 -68.11 19.82 33.32
CA PRO C 197 -68.57 20.79 32.33
C PRO C 197 -68.32 22.24 32.76
N TYR C 198 -67.44 22.40 33.74
CA TYR C 198 -67.12 23.73 34.25
C TYR C 198 -65.85 23.65 35.07
N VAL C 199 -65.24 24.80 35.33
CA VAL C 199 -64.03 24.87 36.10
C VAL C 199 -64.37 25.55 37.43
N GLN C 200 -63.95 24.93 38.53
CA GLN C 200 -64.20 25.45 39.88
C GLN C 200 -63.02 26.25 40.45
N VAL C 201 -63.28 27.47 40.87
CA VAL C 201 -62.25 28.33 41.45
C VAL C 201 -62.77 28.97 42.72
N ASP C 202 -61.88 29.58 43.49
CA ASP C 202 -62.28 30.26 44.71
C ASP C 202 -62.81 31.61 44.22
N PRO C 203 -64.11 31.87 44.45
CA PRO C 203 -64.70 33.15 44.02
C PRO C 203 -63.92 34.38 44.52
N ALA C 204 -63.15 34.20 45.58
CA ALA C 204 -62.36 35.29 46.14
C ALA C 204 -61.28 35.75 45.17
N LYS C 205 -60.92 34.88 44.23
CA LYS C 205 -59.89 35.22 43.25
C LYS C 205 -60.42 36.09 42.11
N ILE C 206 -61.75 36.13 41.95
CA ILE C 206 -62.37 36.93 40.89
C ILE C 206 -62.38 38.40 41.29
N VAL C 207 -61.44 39.18 40.76
CA VAL C 207 -61.38 40.59 41.11
C VAL C 207 -62.49 41.40 40.44
N GLY C 208 -63.19 40.78 39.49
CA GLY C 208 -64.26 41.47 38.81
C GLY C 208 -64.84 40.76 37.60
N VAL C 209 -66.10 41.08 37.28
CA VAL C 209 -66.81 40.51 36.14
C VAL C 209 -67.27 41.63 35.21
N VAL C 210 -66.73 41.64 34.00
CA VAL C 210 -67.08 42.65 33.01
C VAL C 210 -68.10 42.08 32.05
N ARG C 211 -69.25 42.73 31.93
CA ARG C 211 -70.29 42.26 31.02
C ARG C 211 -70.00 42.70 29.60
N THR C 212 -70.09 41.77 28.67
CA THR C 212 -69.85 42.09 27.27
C THR C 212 -70.92 41.45 26.41
N SER C 213 -70.91 41.83 25.15
CA SER C 213 -71.85 41.28 24.19
C SER C 213 -71.09 41.29 22.89
N GLU C 214 -70.31 40.24 22.65
CA GLU C 214 -69.49 40.16 21.44
C GLU C 214 -69.87 38.97 20.57
N PRO C 215 -70.38 39.25 19.36
CA PRO C 215 -70.79 38.20 18.43
C PRO C 215 -69.60 37.64 17.67
N ASN C 216 -69.79 36.46 17.07
CA ASN C 216 -68.75 35.81 16.26
C ASN C 216 -68.63 36.60 14.95
N ASP C 217 -67.44 36.60 14.36
CA ASP C 217 -67.27 37.30 13.09
C ASP C 217 -67.97 36.42 12.09
N GLU C 218 -68.24 36.93 10.89
CA GLU C 218 -68.88 36.07 9.90
C GLU C 218 -67.83 35.56 8.95
N SER C 219 -68.21 34.54 8.18
CA SER C 219 -67.34 33.91 7.22
C SER C 219 -66.95 34.92 6.15
N ASP C 220 -65.64 35.07 5.95
CA ASP C 220 -65.12 36.01 4.97
C ASP C 220 -64.44 35.32 3.78
N PHE C 221 -64.88 35.70 2.59
CA PHE C 221 -64.38 35.20 1.29
C PHE C 221 -63.57 33.91 1.31
N ALA C 222 -64.21 32.83 0.86
CA ALA C 222 -63.54 31.53 0.81
C ALA C 222 -63.74 30.88 -0.57
N PRO C 223 -63.08 31.43 -1.60
CA PRO C 223 -63.17 30.93 -2.98
C PRO C 223 -62.59 29.52 -3.13
N LEU C 224 -63.08 28.81 -4.13
CA LEU C 224 -62.61 27.46 -4.39
C LEU C 224 -61.36 27.57 -5.24
N ASP C 225 -60.50 26.55 -5.18
CA ASP C 225 -59.25 26.55 -5.92
C ASP C 225 -58.98 25.13 -6.42
N PRO C 226 -58.77 24.97 -7.73
CA PRO C 226 -58.51 23.65 -8.32
C PRO C 226 -57.38 22.88 -7.66
N VAL C 227 -56.34 23.58 -7.22
CA VAL C 227 -55.22 22.91 -6.58
C VAL C 227 -55.66 22.26 -5.26
N THR C 228 -56.47 22.97 -4.48
CA THR C 228 -56.92 22.42 -3.20
C THR C 228 -57.98 21.34 -3.41
N GLN C 229 -58.74 21.45 -4.50
CA GLN C 229 -59.76 20.47 -4.83
C GLN C 229 -59.01 19.18 -5.09
N ALA C 230 -57.93 19.30 -5.86
CA ALA C 230 -57.08 18.15 -6.19
C ALA C 230 -56.50 17.53 -4.92
N ILE C 231 -55.83 18.35 -4.11
CA ILE C 231 -55.25 17.89 -2.87
C ILE C 231 -56.26 17.17 -2.00
N GLY C 232 -57.41 17.79 -1.77
CA GLY C 232 -58.43 17.17 -0.95
C GLY C 232 -58.91 15.82 -1.44
N ASP C 233 -59.02 15.67 -2.74
CA ASP C 233 -59.47 14.41 -3.33
C ASP C 233 -58.40 13.34 -3.12
N ASN C 234 -57.14 13.72 -3.35
CA ASN C 234 -56.05 12.79 -3.17
C ASN C 234 -56.02 12.23 -1.76
N VAL C 235 -56.24 13.09 -0.77
CA VAL C 235 -56.23 12.67 0.63
C VAL C 235 -57.32 11.64 0.88
N ALA C 236 -58.54 11.97 0.48
CA ALA C 236 -59.69 11.08 0.66
C ALA C 236 -59.53 9.75 -0.08
N ALA C 237 -59.05 9.79 -1.33
CA ALA C 237 -58.88 8.58 -2.13
C ALA C 237 -57.77 7.70 -1.57
N PHE C 238 -56.73 8.33 -1.02
CA PHE C 238 -55.62 7.60 -0.44
C PHE C 238 -56.11 6.79 0.76
N LEU C 239 -56.85 7.48 1.63
CA LEU C 239 -57.39 6.86 2.82
C LEU C 239 -58.30 5.66 2.53
N VAL C 240 -59.24 5.77 1.59
CA VAL C 240 -60.11 4.63 1.31
C VAL C 240 -59.22 3.50 0.75
N SER C 241 -58.23 3.90 -0.02
CA SER C 241 -57.32 2.96 -0.62
C SER C 241 -56.51 2.21 0.41
N GLU C 242 -56.19 2.87 1.50
CA GLU C 242 -55.42 2.28 2.61
C GLU C 242 -56.27 1.29 3.38
N MSE C 243 -57.54 1.62 3.56
CA MSE C 243 -58.44 0.73 4.27
C MSE C 243 -58.61 -0.60 3.54
O MSE C 243 -58.58 -1.67 4.15
CB MSE C 243 -59.82 1.36 4.44
CG MSE C 243 -59.87 2.51 5.41
SE MSE C 243 -61.68 2.95 5.88
CE MSE C 243 -62.11 4.09 4.37
N LYS C 244 -58.77 -0.53 2.22
CA LYS C 244 -58.93 -1.75 1.44
C LYS C 244 -57.61 -2.51 1.29
N ALA C 245 -56.50 -1.83 1.54
CA ALA C 245 -55.18 -2.46 1.47
C ALA C 245 -54.90 -3.14 2.81
N GLY C 246 -55.74 -2.82 3.80
CA GLY C 246 -55.59 -3.39 5.12
C GLY C 246 -54.68 -2.63 6.06
N ARG C 247 -54.31 -1.41 5.69
CA ARG C 247 -53.43 -0.58 6.51
C ARG C 247 -54.17 0.39 7.43
N ILE C 248 -55.50 0.35 7.38
CA ILE C 248 -56.34 1.18 8.22
C ILE C 248 -57.58 0.33 8.46
N PRO C 249 -58.02 0.19 9.71
CA PRO C 249 -59.21 -0.62 9.97
C PRO C 249 -60.42 -0.18 9.17
N LYS C 250 -61.17 -1.17 8.68
CA LYS C 250 -62.35 -0.91 7.85
C LYS C 250 -63.36 0.13 8.35
N ASP C 251 -63.50 0.26 9.67
CA ASP C 251 -64.42 1.24 10.21
C ASP C 251 -63.78 2.62 10.34
N PHE C 252 -62.59 2.77 9.78
CA PHE C 252 -61.86 4.04 9.81
C PHE C 252 -61.35 4.36 11.22
N LEU C 253 -60.82 5.58 11.38
CA LEU C 253 -60.24 6.03 12.66
C LEU C 253 -60.55 7.52 12.88
N PRO C 254 -60.25 8.04 14.09
CA PRO C 254 -60.51 9.46 14.37
C PRO C 254 -59.60 10.32 13.48
N LEU C 255 -60.09 11.50 13.10
CA LEU C 255 -59.29 12.38 12.26
C LEU C 255 -58.93 13.71 12.91
N GLN C 256 -57.86 14.29 12.40
CA GLN C 256 -57.40 15.58 12.85
C GLN C 256 -56.89 16.30 11.62
N SER C 257 -57.31 17.57 11.46
CA SER C 257 -56.88 18.36 10.33
C SER C 257 -56.66 19.78 10.81
N GLY C 258 -55.89 20.54 10.06
CA GLY C 258 -55.65 21.92 10.44
C GLY C 258 -56.81 22.78 9.98
N VAL C 259 -56.57 24.08 9.93
CA VAL C 259 -57.57 25.03 9.47
C VAL C 259 -57.10 25.57 8.14
N GLY C 260 -58.03 25.91 7.25
CA GLY C 260 -57.62 26.44 5.97
C GLY C 260 -58.39 25.86 4.80
N ASN C 261 -58.07 26.34 3.61
CA ASN C 261 -58.72 25.91 2.38
C ASN C 261 -58.48 24.44 2.07
N VAL C 262 -57.24 24.00 2.23
CA VAL C 262 -56.90 22.61 1.97
C VAL C 262 -57.72 21.74 2.89
N ALA C 263 -57.66 22.05 4.19
CA ALA C 263 -58.41 21.33 5.21
C ALA C 263 -59.87 21.24 4.81
N ASN C 264 -60.43 22.37 4.41
CA ASN C 264 -61.84 22.41 4.01
C ASN C 264 -62.08 21.47 2.83
N ALA C 265 -61.14 21.46 1.90
CA ALA C 265 -61.26 20.61 0.72
C ALA C 265 -61.17 19.15 1.13
N VAL C 266 -60.25 18.85 2.05
CA VAL C 266 -60.07 17.49 2.53
C VAL C 266 -61.35 16.99 3.17
N LEU C 267 -61.89 17.79 4.09
CA LEU C 267 -63.14 17.44 4.78
C LEU C 267 -64.28 17.23 3.77
N GLY C 268 -64.37 18.12 2.78
CA GLY C 268 -65.41 18.00 1.78
C GLY C 268 -65.24 16.71 0.98
N ALA C 269 -64.01 16.42 0.58
CA ALA C 269 -63.73 15.21 -0.20
C ALA C 269 -64.12 13.96 0.57
N LEU C 270 -63.78 13.91 1.86
CA LEU C 270 -64.12 12.78 2.72
C LEU C 270 -65.64 12.60 2.74
N GLY C 271 -66.35 13.70 2.93
CA GLY C 271 -67.80 13.63 2.98
C GLY C 271 -68.41 13.15 1.67
N ASP C 272 -67.78 13.48 0.55
CA ASP C 272 -68.31 13.08 -0.75
C ASP C 272 -67.83 11.72 -1.25
N ASN C 273 -66.87 11.10 -0.57
CA ASN C 273 -66.41 9.79 -0.98
C ASN C 273 -67.16 8.77 -0.13
N PRO C 274 -68.13 8.07 -0.73
CA PRO C 274 -68.95 7.07 -0.05
C PRO C 274 -68.16 5.94 0.61
N ASP C 275 -66.95 5.69 0.12
CA ASP C 275 -66.11 4.64 0.70
C ASP C 275 -65.52 5.07 2.01
N ILE C 276 -65.71 6.34 2.37
CA ILE C 276 -65.24 6.85 3.65
C ILE C 276 -66.42 6.74 4.58
N PRO C 277 -66.36 5.86 5.58
CA PRO C 277 -67.47 5.69 6.52
C PRO C 277 -67.67 6.90 7.44
N ALA C 278 -68.90 7.08 7.93
CA ALA C 278 -69.21 8.19 8.82
C ALA C 278 -68.09 8.19 9.87
N PHE C 279 -67.48 9.35 10.09
CA PHE C 279 -66.36 9.41 11.00
C PHE C 279 -66.44 10.44 12.11
N ASN C 280 -65.52 10.31 13.06
CA ASN C 280 -65.45 11.25 14.17
C ASN C 280 -64.16 12.07 14.06
N MSE C 281 -64.17 13.23 14.69
CA MSE C 281 -63.01 14.10 14.69
C MSE C 281 -62.41 14.12 16.08
O MSE C 281 -63.14 14.03 17.06
CB MSE C 281 -63.38 15.56 14.37
CG MSE C 281 -64.06 15.80 13.04
SE MSE C 281 -62.89 15.49 11.58
CE MSE C 281 -61.68 16.99 11.75
N TYR C 282 -61.09 14.18 16.14
CA TYR C 282 -60.39 14.32 17.41
C TYR C 282 -59.33 15.33 17.02
N THR C 283 -59.78 16.55 16.70
CA THR C 283 -58.92 17.64 16.26
C THR C 283 -58.60 18.68 17.31
N GLU C 284 -58.05 19.79 16.84
CA GLU C 284 -57.71 20.94 17.67
C GLU C 284 -58.87 21.90 17.56
N VAL C 285 -59.15 22.37 16.34
CA VAL C 285 -60.23 23.31 16.14
C VAL C 285 -61.31 22.80 15.17
N ILE C 286 -62.55 22.90 15.61
CA ILE C 286 -63.69 22.47 14.82
C ILE C 286 -64.14 23.66 13.99
N GLN C 287 -64.10 23.52 12.67
CA GLN C 287 -64.49 24.61 11.78
C GLN C 287 -65.84 24.39 11.12
N ASP C 288 -66.28 25.36 10.33
CA ASP C 288 -67.55 25.29 9.63
C ASP C 288 -67.67 24.00 8.83
N ALA C 289 -66.63 23.68 8.08
CA ALA C 289 -66.60 22.47 7.24
C ALA C 289 -67.00 21.22 8.00
N VAL C 290 -66.59 21.11 9.26
CA VAL C 290 -66.93 19.95 10.09
C VAL C 290 -68.42 19.97 10.45
N ILE C 291 -68.89 21.15 10.84
CA ILE C 291 -70.29 21.32 11.20
C ILE C 291 -71.19 20.93 10.03
N ALA C 292 -70.80 21.36 8.82
CA ALA C 292 -71.56 21.07 7.61
C ALA C 292 -71.73 19.56 7.42
N LEU C 293 -70.63 18.82 7.54
CA LEU C 293 -70.64 17.36 7.39
C LEU C 293 -71.42 16.70 8.52
N MSE C 294 -71.44 17.36 9.67
CA MSE C 294 -72.14 16.88 10.85
C MSE C 294 -73.66 16.91 10.60
O MSE C 294 -74.37 15.96 10.94
CB MSE C 294 -71.79 17.76 12.04
CG MSE C 294 -72.02 17.15 13.39
SE MSE C 294 -71.26 18.24 14.79
CE MSE C 294 -72.79 18.39 15.91
N LYS C 295 -74.14 18.00 10.02
CA LYS C 295 -75.56 18.15 9.73
C LYS C 295 -76.03 17.13 8.70
N LYS C 296 -75.09 16.60 7.91
CA LYS C 296 -75.43 15.60 6.91
C LYS C 296 -75.13 14.19 7.43
N GLY C 297 -74.87 14.08 8.73
CA GLY C 297 -74.60 12.80 9.33
C GLY C 297 -73.30 12.20 8.86
N ARG C 298 -72.56 13.01 8.11
CA ARG C 298 -71.26 12.59 7.58
C ARG C 298 -70.22 12.47 8.71
N ILE C 299 -70.26 13.40 9.66
CA ILE C 299 -69.38 13.38 10.80
C ILE C 299 -70.30 13.08 12.00
N LYS C 300 -70.00 12.03 12.73
CA LYS C 300 -70.79 11.60 13.86
C LYS C 300 -70.57 12.36 15.15
N PHE C 301 -69.36 12.83 15.36
CA PHE C 301 -69.02 13.52 16.59
C PHE C 301 -67.74 14.32 16.36
N ALA C 302 -67.52 15.34 17.17
CA ALA C 302 -66.32 16.14 17.03
C ALA C 302 -65.71 16.52 18.37
N SER C 303 -64.46 16.10 18.58
CA SER C 303 -63.74 16.44 19.79
C SER C 303 -62.70 17.47 19.36
N GLY C 304 -62.54 18.53 20.14
CA GLY C 304 -61.58 19.56 19.80
C GLY C 304 -61.25 20.43 20.99
N CYS C 305 -60.54 21.52 20.75
CA CYS C 305 -60.18 22.43 21.82
C CYS C 305 -60.99 23.71 21.66
N SER C 306 -61.52 23.92 20.45
CA SER C 306 -62.31 25.11 20.18
C SER C 306 -63.28 24.88 19.04
N LEU C 307 -64.36 25.64 19.07
CA LEU C 307 -65.37 25.58 18.02
C LEU C 307 -65.18 26.93 17.34
N SER C 308 -64.33 26.95 16.32
CA SER C 308 -64.07 28.18 15.59
C SER C 308 -64.91 28.24 14.32
N VAL C 309 -66.16 28.68 14.49
CA VAL C 309 -67.09 28.76 13.37
C VAL C 309 -67.60 30.18 13.11
N SER C 310 -68.16 30.39 11.92
CA SER C 310 -68.68 31.70 11.55
C SER C 310 -69.93 32.01 12.33
N ARG C 311 -70.33 33.28 12.34
CA ARG C 311 -71.52 33.71 13.07
C ARG C 311 -72.77 32.97 12.64
N SER C 312 -72.91 32.73 11.36
CA SER C 312 -74.08 32.03 10.86
C SER C 312 -74.15 30.61 11.43
N VAL C 313 -72.99 29.97 11.50
CA VAL C 313 -72.88 28.60 12.00
C VAL C 313 -73.08 28.49 13.51
N ILE C 314 -72.50 29.42 14.27
CA ILE C 314 -72.60 29.40 15.71
C ILE C 314 -74.04 29.67 16.14
N GLN C 315 -74.76 30.49 15.38
CA GLN C 315 -76.15 30.78 15.71
C GLN C 315 -77.01 29.55 15.41
N ASP C 316 -76.65 28.81 14.36
CA ASP C 316 -77.40 27.61 14.01
C ASP C 316 -77.22 26.56 15.10
N ILE C 317 -76.01 26.46 15.64
CA ILE C 317 -75.71 25.51 16.71
C ILE C 317 -76.49 25.87 17.97
N TYR C 318 -76.37 27.11 18.40
CA TYR C 318 -77.07 27.57 19.59
C TYR C 318 -78.59 27.48 19.47
N ALA C 319 -79.10 27.48 18.25
CA ALA C 319 -80.54 27.38 18.00
C ALA C 319 -80.96 25.93 17.91
N ASN C 320 -79.97 25.03 17.88
CA ASN C 320 -80.21 23.60 17.78
C ASN C 320 -79.30 22.78 18.69
N LEU C 321 -79.26 23.16 19.97
CA LEU C 321 -78.47 22.43 20.93
C LEU C 321 -79.04 21.01 20.98
N ASP C 322 -80.27 20.89 20.52
CA ASP C 322 -80.96 19.60 20.47
C ASP C 322 -80.20 18.58 19.62
N PHE C 323 -79.51 19.09 18.61
CA PHE C 323 -78.76 18.27 17.69
C PHE C 323 -77.26 18.25 17.96
N PHE C 324 -76.68 19.43 18.20
CA PHE C 324 -75.25 19.58 18.41
C PHE C 324 -74.66 19.27 19.78
N LYS C 325 -75.41 19.56 20.83
CA LYS C 325 -74.94 19.36 22.20
C LYS C 325 -74.20 18.05 22.49
N ASP C 326 -74.76 16.95 22.03
CA ASP C 326 -74.19 15.63 22.25
C ASP C 326 -73.24 15.18 21.13
N LYS C 327 -72.90 16.09 20.22
CA LYS C 327 -72.01 15.74 19.12
C LYS C 327 -70.72 16.52 19.11
N ILE C 328 -70.66 17.55 19.94
CA ILE C 328 -69.46 18.38 20.03
C ILE C 328 -68.96 18.35 21.46
N LEU C 329 -67.65 18.23 21.63
CA LEU C 329 -67.07 18.22 22.96
C LEU C 329 -65.75 18.99 22.91
N LEU C 330 -65.65 20.03 23.72
CA LEU C 330 -64.43 20.84 23.76
C LEU C 330 -63.58 20.50 24.99
N ARG C 331 -62.29 20.30 24.75
CA ARG C 331 -61.35 19.94 25.81
C ARG C 331 -60.15 20.89 25.87
N PRO C 332 -59.41 20.86 26.99
CA PRO C 332 -58.25 21.74 27.11
C PRO C 332 -57.23 21.14 26.11
N GLN C 333 -56.34 21.97 25.57
CA GLN C 333 -55.37 21.45 24.62
C GLN C 333 -54.48 20.38 25.22
N GLU C 334 -54.44 20.33 26.54
CA GLU C 334 -53.64 19.32 27.22
C GLU C 334 -54.22 17.95 26.90
N TYR C 335 -55.52 17.91 26.63
CA TYR C 335 -56.19 16.66 26.29
C TYR C 335 -56.48 16.52 24.79
N SER C 336 -56.96 17.58 24.15
CA SER C 336 -57.27 17.52 22.73
C SER C 336 -56.04 17.19 21.87
N ASN C 337 -54.86 17.56 22.35
CA ASN C 337 -53.61 17.29 21.61
C ASN C 337 -52.70 16.31 22.34
N ASN C 338 -53.25 15.54 23.28
CA ASN C 338 -52.42 14.63 24.04
C ASN C 338 -51.84 13.44 23.29
N PRO C 339 -50.51 13.26 23.36
CA PRO C 339 -49.82 12.15 22.69
C PRO C 339 -50.42 10.80 23.08
N GLU C 340 -50.69 10.62 24.37
CA GLU C 340 -51.27 9.39 24.88
C GLU C 340 -52.60 9.07 24.21
N ILE C 341 -53.49 10.05 24.14
CA ILE C 341 -54.80 9.87 23.53
C ILE C 341 -54.73 9.67 22.03
N VAL C 342 -53.95 10.54 21.38
CA VAL C 342 -53.76 10.49 19.94
C VAL C 342 -53.28 9.11 19.49
N ARG C 343 -52.22 8.61 20.12
CA ARG C 343 -51.66 7.33 19.76
C ARG C 343 -52.57 6.16 20.11
N ARG C 344 -53.21 6.22 21.27
CA ARG C 344 -54.11 5.14 21.67
C ARG C 344 -55.30 5.01 20.71
N LEU C 345 -55.95 6.14 20.38
CA LEU C 345 -57.09 6.13 19.47
C LEU C 345 -56.71 5.89 18.01
N GLY C 346 -55.43 6.03 17.69
CA GLY C 346 -55.00 5.83 16.32
C GLY C 346 -55.51 6.94 15.44
N VAL C 347 -55.41 8.17 15.94
CA VAL C 347 -55.86 9.34 15.22
C VAL C 347 -55.06 9.54 13.95
N ILE C 348 -55.75 9.71 12.84
CA ILE C 348 -55.10 9.95 11.56
C ILE C 348 -54.98 11.48 11.46
N THR C 349 -53.75 11.95 11.30
CA THR C 349 -53.49 13.40 11.26
C THR C 349 -53.16 13.92 9.87
N ILE C 350 -53.73 15.07 9.55
CA ILE C 350 -53.52 15.72 8.26
C ILE C 350 -53.20 17.19 8.53
N ASN C 351 -51.97 17.59 8.21
CA ASN C 351 -51.54 18.95 8.46
C ASN C 351 -50.88 19.55 7.22
N THR C 352 -50.73 20.87 7.21
CA THR C 352 -50.11 21.56 6.08
C THR C 352 -48.61 21.74 6.22
N ALA C 353 -47.96 22.06 5.12
CA ALA C 353 -46.53 22.28 5.14
C ALA C 353 -46.20 23.56 4.39
N LEU C 354 -45.39 24.45 5.00
CA LEU C 354 -45.01 25.69 4.31
C LEU C 354 -44.15 25.23 3.15
N GLU C 355 -43.29 24.26 3.46
CA GLU C 355 -42.41 23.67 2.48
C GLU C 355 -41.99 22.29 2.98
N ALA C 356 -41.49 21.46 2.08
CA ALA C 356 -41.05 20.11 2.42
C ALA C 356 -39.83 19.80 1.56
N ASP C 357 -38.97 18.90 2.02
CA ASP C 357 -37.82 18.55 1.19
C ASP C 357 -37.96 17.11 0.73
N ILE C 358 -37.14 16.75 -0.24
CA ILE C 358 -37.17 15.42 -0.84
C ILE C 358 -36.88 14.25 0.10
N PHE C 359 -36.53 14.52 1.35
CA PHE C 359 -36.27 13.43 2.28
C PHE C 359 -37.36 13.26 3.32
N GLY C 360 -38.46 13.99 3.15
CA GLY C 360 -39.59 13.89 4.06
C GLY C 360 -39.61 14.80 5.26
N ASN C 361 -38.75 15.81 5.28
CA ASN C 361 -38.72 16.74 6.38
C ASN C 361 -39.68 17.88 6.07
N ILE C 362 -40.38 18.36 7.10
CA ILE C 362 -41.33 19.45 6.91
C ILE C 362 -41.06 20.72 7.72
N ASN C 363 -41.28 21.85 7.08
CA ASN C 363 -41.12 23.16 7.68
C ASN C 363 -42.54 23.69 7.73
N SER C 364 -43.02 24.05 8.91
CA SER C 364 -44.37 24.58 9.01
C SER C 364 -44.42 25.88 9.75
N THR C 365 -43.28 26.57 9.85
CA THR C 365 -43.22 27.82 10.60
C THR C 365 -42.37 28.96 10.07
N HIS C 366 -41.18 28.68 9.53
CA HIS C 366 -40.31 29.76 9.05
C HIS C 366 -40.20 29.96 7.55
N VAL C 367 -40.51 31.16 7.09
CA VAL C 367 -40.38 31.48 5.67
C VAL C 367 -38.90 31.71 5.41
N SER C 368 -38.33 31.02 4.43
CA SER C 368 -36.91 31.14 4.14
C SER C 368 -36.04 30.82 5.35
N GLY C 369 -36.61 30.10 6.31
CA GLY C 369 -35.90 29.70 7.50
C GLY C 369 -35.65 30.76 8.56
N THR C 370 -36.13 31.98 8.34
CA THR C 370 -35.91 33.05 9.30
C THR C 370 -37.17 33.75 9.80
N ARG C 371 -38.11 34.01 8.89
CA ARG C 371 -39.33 34.72 9.28
C ARG C 371 -40.41 33.85 9.89
N MSE C 372 -40.71 34.07 11.17
CA MSE C 372 -41.75 33.31 11.84
C MSE C 372 -43.07 33.51 11.15
O MSE C 372 -43.38 34.58 10.64
CB MSE C 372 -41.88 33.70 13.31
CG MSE C 372 -43.08 33.06 14.04
SE MSE C 372 -43.22 31.10 14.05
CE MSE C 372 -41.78 30.65 15.22
N MSE C 373 -43.85 32.44 11.17
CA MSE C 373 -45.16 32.40 10.57
C MSE C 373 -46.22 32.50 11.66
O MSE C 373 -46.72 33.58 11.96
CB MSE C 373 -45.28 31.09 9.80
CG MSE C 373 -45.50 31.30 8.36
SE MSE C 373 -47.16 32.17 8.35
CE MSE C 373 -48.17 30.92 7.21
N ASN C 374 -46.56 31.36 12.25
CA ASN C 374 -47.52 31.30 13.33
C ASN C 374 -46.88 30.57 14.53
N GLY C 375 -46.56 29.30 14.33
CA GLY C 375 -45.95 28.51 15.38
C GLY C 375 -46.13 27.05 15.02
N ILE C 376 -45.31 26.18 15.61
CA ILE C 376 -45.40 24.76 15.31
C ILE C 376 -46.81 24.25 15.64
N GLY C 377 -47.47 24.92 16.59
CA GLY C 377 -48.82 24.54 16.97
C GLY C 377 -48.91 23.14 17.52
N GLY C 378 -49.94 22.42 17.11
CA GLY C 378 -50.12 21.05 17.55
C GLY C 378 -49.73 20.06 16.49
N SER C 379 -49.12 20.53 15.39
CA SER C 379 -48.73 19.65 14.32
C SER C 379 -47.74 18.59 14.79
N GLY C 380 -46.93 18.94 15.79
CA GLY C 380 -45.97 18.02 16.34
C GLY C 380 -46.66 16.99 17.23
N ASP C 381 -47.54 17.47 18.12
CA ASP C 381 -48.26 16.58 19.02
C ASP C 381 -48.98 15.47 18.23
N PHE C 382 -49.61 15.88 17.13
CA PHE C 382 -50.35 14.97 16.28
C PHE C 382 -49.47 14.13 15.35
N THR C 383 -48.81 14.77 14.41
CA THR C 383 -47.92 14.09 13.46
C THR C 383 -47.09 12.98 14.11
N ARG C 384 -46.36 13.35 15.16
CA ARG C 384 -45.51 12.41 15.85
C ARG C 384 -46.20 11.14 16.34
N ASN C 385 -47.41 11.27 16.88
CA ASN C 385 -48.12 10.11 17.42
C ASN C 385 -49.30 9.52 16.63
N SER C 386 -49.63 10.10 15.47
CA SER C 386 -50.74 9.61 14.68
C SER C 386 -50.53 8.21 14.14
N TYR C 387 -51.64 7.58 13.79
CA TYR C 387 -51.65 6.23 13.22
C TYR C 387 -50.82 6.33 11.94
N VAL C 388 -51.13 7.36 11.15
CA VAL C 388 -50.41 7.65 9.91
C VAL C 388 -50.42 9.17 9.82
N SER C 389 -49.27 9.79 9.65
CA SER C 389 -49.24 11.24 9.56
C SER C 389 -49.18 11.69 8.12
N ILE C 390 -50.02 12.64 7.77
CA ILE C 390 -50.07 13.15 6.41
C ILE C 390 -49.83 14.64 6.36
N PHE C 391 -49.09 15.07 5.35
CA PHE C 391 -48.81 16.48 5.14
C PHE C 391 -49.23 16.88 3.73
N THR C 392 -50.02 17.93 3.64
CA THR C 392 -50.51 18.42 2.37
C THR C 392 -49.91 19.78 2.07
N THR C 393 -49.89 20.14 0.79
CA THR C 393 -49.35 21.43 0.36
C THR C 393 -49.36 21.57 -1.14
N PRO C 394 -49.81 22.72 -1.65
CA PRO C 394 -49.81 22.89 -3.11
C PRO C 394 -48.35 22.77 -3.51
N SER C 395 -48.07 22.22 -4.69
CA SER C 395 -46.69 22.02 -5.10
C SER C 395 -45.88 23.31 -5.29
N VAL C 396 -46.52 24.37 -5.75
CA VAL C 396 -45.84 25.62 -6.00
C VAL C 396 -46.54 26.85 -5.44
N MSE C 397 -45.91 28.00 -5.65
CA MSE C 397 -46.40 29.27 -5.15
C MSE C 397 -45.91 30.37 -6.08
O MSE C 397 -45.06 30.13 -6.93
CB MSE C 397 -45.85 29.46 -3.75
CG MSE C 397 -46.24 30.73 -3.06
SE MSE C 397 -45.32 30.84 -1.37
CE MSE C 397 -46.16 29.32 -0.49
N LYS C 398 -46.42 31.58 -5.88
CA LYS C 398 -46.03 32.74 -6.71
C LYS C 398 -45.97 32.41 -8.19
N ASP C 399 -47.12 32.01 -8.75
CA ASP C 399 -47.22 31.65 -10.16
C ASP C 399 -46.15 30.68 -10.60
N GLY C 400 -45.75 29.77 -9.71
CA GLY C 400 -44.76 28.78 -10.05
C GLY C 400 -43.33 29.17 -9.79
N LYS C 401 -43.08 30.43 -9.43
CA LYS C 401 -41.72 30.90 -9.16
C LYS C 401 -41.12 30.33 -7.87
N ILE C 402 -42.00 29.82 -7.02
CA ILE C 402 -41.57 29.23 -5.75
C ILE C 402 -42.04 27.79 -5.70
N SER C 403 -41.12 26.89 -5.35
CA SER C 403 -41.44 25.48 -5.22
C SER C 403 -41.67 25.15 -3.74
N SER C 404 -42.76 24.43 -3.45
CA SER C 404 -43.04 24.04 -2.07
C SER C 404 -42.09 22.92 -1.64
N PHE C 405 -41.43 22.31 -2.61
CA PHE C 405 -40.48 21.22 -2.36
C PHE C 405 -39.06 21.70 -2.67
N VAL C 406 -38.17 21.49 -1.72
CA VAL C 406 -36.79 21.93 -1.83
C VAL C 406 -35.79 20.84 -1.44
N PRO C 407 -34.50 21.03 -1.79
CA PRO C 407 -33.47 20.03 -1.44
C PRO C 407 -33.45 19.79 0.07
N MSE C 408 -33.45 20.89 0.83
CA MSE C 408 -33.47 20.83 2.28
C MSE C 408 -34.36 21.96 2.81
O MSE C 408 -34.30 23.08 2.29
CB MSE C 408 -32.05 21.01 2.85
CG MSE C 408 -31.96 20.72 4.35
SE MSE C 408 -30.33 21.28 5.25
CE MSE C 408 -29.20 19.75 4.91
N VAL C 409 -35.19 21.67 3.81
CA VAL C 409 -36.06 22.70 4.37
C VAL C 409 -35.21 23.72 5.17
N ALA C 410 -35.49 25.00 4.95
CA ALA C 410 -34.76 26.09 5.62
C ALA C 410 -35.02 26.10 7.13
N HIS C 411 -35.98 25.29 7.57
CA HIS C 411 -36.34 25.18 8.99
C HIS C 411 -37.02 23.85 9.21
N HIS C 412 -36.50 23.04 10.12
CA HIS C 412 -37.07 21.73 10.39
C HIS C 412 -38.02 21.71 11.57
N ASP C 413 -39.28 21.37 11.31
CA ASP C 413 -40.29 21.27 12.34
C ASP C 413 -40.67 19.80 12.55
N HIS C 414 -40.66 19.03 11.47
CA HIS C 414 -40.97 17.60 11.54
C HIS C 414 -39.92 16.84 10.76
N SER C 415 -39.42 15.75 11.33
CA SER C 415 -38.36 14.97 10.68
C SER C 415 -38.82 13.74 9.90
N GLU C 416 -37.89 13.23 9.10
CA GLU C 416 -38.08 12.04 8.26
C GLU C 416 -38.64 10.87 9.06
N HIS C 417 -38.38 10.85 10.36
CA HIS C 417 -38.84 9.78 11.23
C HIS C 417 -40.29 9.94 11.66
N SER C 418 -40.85 11.11 11.40
CA SER C 418 -42.23 11.39 11.81
C SER C 418 -43.21 11.58 10.67
N VAL C 419 -42.71 12.05 9.54
CA VAL C 419 -43.57 12.29 8.38
C VAL C 419 -43.76 11.00 7.58
N LYS C 420 -44.98 10.49 7.53
CA LYS C 420 -45.26 9.24 6.85
C LYS C 420 -45.77 9.37 5.42
N VAL C 421 -46.56 10.41 5.16
CA VAL C 421 -47.12 10.62 3.83
C VAL C 421 -47.19 12.10 3.47
N ILE C 422 -46.93 12.41 2.20
CA ILE C 422 -47.00 13.77 1.70
C ILE C 422 -47.92 13.77 0.49
N ILE C 423 -48.75 14.80 0.37
CA ILE C 423 -49.70 14.87 -0.74
C ILE C 423 -49.90 16.28 -1.32
N SER C 424 -49.76 16.40 -2.63
CA SER C 424 -49.98 17.68 -3.29
C SER C 424 -51.04 17.43 -4.36
N GLU C 425 -51.28 18.39 -5.24
CA GLU C 425 -52.28 18.21 -6.28
C GLU C 425 -51.86 17.17 -7.32
N TRP C 426 -50.56 16.89 -7.37
CA TRP C 426 -49.99 15.94 -8.33
C TRP C 426 -50.09 14.47 -7.94
N GLY C 427 -50.25 14.19 -6.66
CA GLY C 427 -50.33 12.80 -6.22
C GLY C 427 -49.88 12.64 -4.79
N VAL C 428 -49.76 11.39 -4.35
CA VAL C 428 -49.35 11.13 -2.98
C VAL C 428 -48.05 10.34 -2.89
N ALA C 429 -47.23 10.68 -1.90
CA ALA C 429 -45.96 10.00 -1.71
C ALA C 429 -45.95 9.30 -0.35
N ASP C 430 -46.15 7.99 -0.37
CA ASP C 430 -46.14 7.22 0.87
C ASP C 430 -44.67 6.98 1.19
N LEU C 431 -44.21 7.57 2.29
CA LEU C 431 -42.81 7.48 2.68
C LEU C 431 -42.43 6.27 3.52
N ARG C 432 -43.42 5.56 4.03
CA ARG C 432 -43.15 4.40 4.87
C ARG C 432 -42.34 3.29 4.23
N GLY C 433 -41.36 2.80 4.99
CA GLY C 433 -40.52 1.71 4.52
C GLY C 433 -39.49 2.10 3.50
N LYS C 434 -39.22 3.39 3.37
CA LYS C 434 -38.25 3.87 2.40
C LYS C 434 -37.10 4.62 3.02
N ASN C 435 -35.94 4.49 2.40
CA ASN C 435 -34.75 5.18 2.88
C ASN C 435 -34.76 6.56 2.23
N PRO C 436 -33.76 7.40 2.52
CA PRO C 436 -33.73 8.75 1.94
C PRO C 436 -33.87 8.85 0.41
N ARG C 437 -33.06 8.09 -0.31
CA ARG C 437 -33.10 8.12 -1.76
C ARG C 437 -34.41 7.64 -2.35
N GLU C 438 -34.96 6.59 -1.77
CA GLU C 438 -36.22 6.04 -2.27
C GLU C 438 -37.39 6.98 -2.01
N ARG C 439 -37.38 7.67 -0.88
CA ARG C 439 -38.50 8.56 -0.61
C ARG C 439 -38.36 9.89 -1.38
N ALA C 440 -37.14 10.22 -1.78
CA ALA C 440 -36.90 11.44 -2.57
C ALA C 440 -37.47 11.23 -3.97
N HIS C 441 -37.20 10.06 -4.56
CA HIS C 441 -37.73 9.78 -5.90
C HIS C 441 -39.24 9.67 -5.88
N GLU C 442 -39.78 9.14 -4.79
CA GLU C 442 -41.22 9.01 -4.66
C GLU C 442 -41.83 10.41 -4.57
N ILE C 443 -41.25 11.25 -3.72
CA ILE C 443 -41.75 12.62 -3.54
C ILE C 443 -41.62 13.44 -4.83
N ILE C 444 -40.53 13.23 -5.55
CA ILE C 444 -40.28 13.94 -6.79
C ILE C 444 -41.29 13.56 -7.88
N ASP C 445 -41.48 12.26 -8.08
CA ASP C 445 -42.38 11.74 -9.09
C ASP C 445 -43.88 11.94 -8.81
N LYS C 446 -44.25 11.95 -7.54
CA LYS C 446 -45.66 12.07 -7.18
C LYS C 446 -46.15 13.43 -6.67
N CYS C 447 -45.32 14.15 -5.91
CA CYS C 447 -45.73 15.43 -5.34
C CYS C 447 -45.18 16.72 -5.94
N VAL C 448 -43.91 16.69 -6.31
CA VAL C 448 -43.23 17.84 -6.89
C VAL C 448 -43.84 18.30 -8.20
N HIS C 449 -43.88 19.62 -8.41
CA HIS C 449 -44.44 20.17 -9.64
C HIS C 449 -43.45 19.90 -10.79
N PRO C 450 -43.96 19.45 -11.95
CA PRO C 450 -43.13 19.15 -13.12
C PRO C 450 -41.96 20.09 -13.36
N ASP C 451 -42.20 21.39 -13.18
CA ASP C 451 -41.17 22.41 -13.37
C ASP C 451 -39.95 22.26 -12.47
N TYR C 452 -40.06 21.47 -11.41
CA TYR C 452 -38.94 21.29 -10.49
C TYR C 452 -38.46 19.84 -10.33
N ARG C 453 -39.16 18.91 -10.97
CA ARG C 453 -38.79 17.51 -10.85
C ARG C 453 -37.40 17.19 -11.42
N PRO C 454 -37.08 17.67 -12.64
CA PRO C 454 -35.74 17.34 -13.16
C PRO C 454 -34.58 17.94 -12.37
N LEU C 455 -34.79 19.12 -11.83
CA LEU C 455 -33.78 19.82 -11.06
C LEU C 455 -33.50 19.09 -9.75
N LEU C 456 -34.55 18.57 -9.11
CA LEU C 456 -34.38 17.86 -7.86
C LEU C 456 -33.84 16.46 -8.12
N ARG C 457 -34.02 15.97 -9.34
CA ARG C 457 -33.49 14.66 -9.71
C ARG C 457 -31.99 14.83 -9.90
N GLN C 458 -31.60 15.97 -10.46
CA GLN C 458 -30.18 16.26 -10.67
C GLN C 458 -29.46 16.46 -9.34
N TYR C 459 -30.20 16.93 -8.34
CA TYR C 459 -29.62 17.17 -7.02
C TYR C 459 -29.18 15.86 -6.40
N LEU C 460 -29.85 14.77 -6.75
CA LEU C 460 -29.53 13.46 -6.21
C LEU C 460 -28.34 12.82 -6.89
N GLU C 461 -27.85 13.46 -7.94
CA GLU C 461 -26.72 12.95 -8.69
C GLU C 461 -25.51 13.88 -8.65
N LEU C 462 -25.32 14.58 -7.54
CA LEU C 462 -24.21 15.52 -7.45
C LEU C 462 -22.95 14.92 -6.83
N GLY C 463 -22.90 13.60 -6.74
CA GLY C 463 -21.73 12.94 -6.19
C GLY C 463 -21.63 12.75 -4.68
N VAL C 464 -22.63 13.20 -3.92
CA VAL C 464 -22.58 13.07 -2.48
C VAL C 464 -22.67 11.61 -2.02
N LYS C 465 -21.81 11.23 -1.09
CA LYS C 465 -21.81 9.88 -0.57
C LYS C 465 -22.45 9.77 0.81
N GLY C 466 -23.16 8.68 1.05
CA GLY C 466 -23.79 8.47 2.33
C GLY C 466 -25.27 8.15 2.31
N GLN C 467 -25.80 7.87 3.49
CA GLN C 467 -27.21 7.57 3.71
C GLN C 467 -28.09 8.69 3.14
N THR C 468 -27.74 9.93 3.43
CA THR C 468 -28.52 11.08 2.96
C THR C 468 -27.69 11.96 2.02
N PRO C 469 -28.08 12.01 0.73
CA PRO C 469 -27.42 12.77 -0.32
C PRO C 469 -27.55 14.29 -0.24
N GLN C 470 -27.36 14.87 0.94
CA GLN C 470 -27.45 16.34 1.06
C GLN C 470 -26.11 16.97 0.71
N ASN C 471 -26.14 17.97 -0.17
CA ASN C 471 -24.93 18.66 -0.58
C ASN C 471 -24.83 20.00 0.14
N LEU C 472 -24.10 20.02 1.25
CA LEU C 472 -23.96 21.21 2.06
C LEU C 472 -23.49 22.45 1.33
N ASP C 473 -22.96 22.27 0.12
CA ASP C 473 -22.48 23.41 -0.67
C ASP C 473 -23.60 24.14 -1.40
N CYS C 474 -24.71 23.44 -1.65
CA CYS C 474 -25.84 24.01 -2.38
C CYS C 474 -27.25 23.55 -1.99
N CYS C 475 -27.40 22.88 -0.85
CA CYS C 475 -28.72 22.43 -0.43
C CYS C 475 -29.76 23.55 -0.31
N PHE C 476 -29.30 24.79 -0.16
CA PHE C 476 -30.19 25.94 -0.06
C PHE C 476 -30.21 26.82 -1.29
N ALA C 477 -29.76 26.28 -2.42
CA ALA C 477 -29.73 27.02 -3.68
C ALA C 477 -31.12 27.49 -4.10
N PHE C 478 -32.14 26.69 -3.85
CA PHE C 478 -33.50 27.06 -4.20
C PHE C 478 -33.89 28.37 -3.51
N HIS C 479 -33.66 28.42 -2.19
CA HIS C 479 -33.99 29.58 -1.36
C HIS C 479 -33.12 30.75 -1.74
N GLN C 480 -31.84 30.46 -2.00
CA GLN C 480 -30.90 31.49 -2.37
C GLN C 480 -31.31 32.09 -3.72
N GLU C 481 -31.70 31.26 -4.67
CA GLU C 481 -32.11 31.74 -5.98
C GLU C 481 -33.37 32.58 -5.91
N LEU C 482 -34.29 32.23 -5.01
CA LEU C 482 -35.51 33.00 -4.89
C LEU C 482 -35.15 34.42 -4.53
N ALA C 483 -34.17 34.57 -3.65
CA ALA C 483 -33.72 35.87 -3.18
C ALA C 483 -32.94 36.61 -4.25
N LYS C 484 -32.27 35.87 -5.12
CA LYS C 484 -31.50 36.50 -6.18
C LYS C 484 -32.32 36.86 -7.41
N SER C 485 -33.05 35.88 -7.95
CA SER C 485 -33.86 36.07 -9.17
C SER C 485 -35.35 36.23 -8.94
N GLY C 486 -35.87 35.63 -7.87
CA GLY C 486 -37.30 35.70 -7.61
C GLY C 486 -37.99 34.49 -8.25
N ASP C 487 -37.19 33.63 -8.88
CA ASP C 487 -37.71 32.42 -9.52
C ASP C 487 -36.75 31.26 -9.30
N MSE C 488 -37.17 30.28 -8.52
CA MSE C 488 -36.33 29.13 -8.23
C MSE C 488 -35.97 28.28 -9.45
O MSE C 488 -35.01 27.52 -9.42
CB MSE C 488 -36.99 28.24 -7.17
CG MSE C 488 -37.31 28.96 -5.86
SE MSE C 488 -37.95 27.77 -4.46
CE MSE C 488 -37.61 28.85 -2.90
N ARG C 489 -36.74 28.40 -10.53
CA ARG C 489 -36.48 27.61 -11.72
C ARG C 489 -35.19 28.02 -12.39
N ASN C 490 -34.64 29.16 -11.99
CA ASN C 490 -33.40 29.67 -12.55
C ASN C 490 -32.16 28.97 -11.98
N VAL C 491 -32.38 28.02 -11.11
CA VAL C 491 -31.27 27.31 -10.50
C VAL C 491 -30.61 26.36 -11.50
N ARG C 492 -29.29 26.29 -11.40
CA ARG C 492 -28.45 25.43 -12.21
C ARG C 492 -27.36 25.04 -11.22
N TRP C 493 -27.31 23.76 -10.88
CA TRP C 493 -26.34 23.28 -9.90
C TRP C 493 -24.90 23.64 -10.21
N GLU C 494 -24.58 23.77 -11.50
CA GLU C 494 -23.22 24.12 -11.88
C GLU C 494 -22.91 25.56 -11.46
N ASP C 495 -23.96 26.32 -11.21
CA ASP C 495 -23.82 27.72 -10.81
C ASP C 495 -23.63 27.82 -9.31
N TYR C 496 -24.22 26.89 -8.57
CA TYR C 496 -24.10 26.90 -7.12
C TYR C 496 -22.96 26.05 -6.60
N MSE C 497 -22.03 25.73 -7.49
CA MSE C 497 -20.85 24.95 -7.16
C MSE C 497 -19.90 25.02 -8.35
O MSE C 497 -18.80 25.60 -8.18
CB MSE C 497 -21.21 23.49 -6.85
CG MSE C 497 -21.90 22.74 -7.98
SE MSE C 497 -22.23 20.86 -7.54
CE MSE C 497 -21.11 20.01 -8.85
N ALA D 2 -43.61 -32.57 17.96
CA ALA D 2 -42.67 -32.20 19.07
C ALA D 2 -41.59 -31.28 18.54
N LEU D 3 -40.86 -30.65 19.46
CA LEU D 3 -39.79 -29.73 19.10
C LEU D 3 -38.65 -30.49 18.45
N ARG D 4 -38.28 -30.06 17.25
CA ARG D 4 -37.21 -30.69 16.49
C ARG D 4 -35.90 -29.91 16.67
N PHE D 5 -34.84 -30.63 17.01
CA PHE D 5 -33.53 -30.01 17.18
C PHE D 5 -32.74 -30.16 15.91
N ILE D 6 -32.21 -29.05 15.42
CA ILE D 6 -31.43 -29.06 14.18
C ILE D 6 -30.15 -28.25 14.28
N THR D 7 -29.41 -28.20 13.17
CA THR D 7 -28.16 -27.47 13.10
C THR D 7 -28.41 -26.07 12.55
N ALA D 8 -27.41 -25.21 12.68
CA ALA D 8 -27.52 -23.85 12.19
C ALA D 8 -27.57 -23.86 10.65
N GLU D 9 -27.13 -24.97 10.06
CA GLU D 9 -27.13 -25.10 8.61
C GLU D 9 -28.50 -25.53 8.11
N GLU D 10 -29.13 -26.44 8.84
CA GLU D 10 -30.45 -26.93 8.48
C GLU D 10 -31.45 -25.80 8.66
N ALA D 11 -31.29 -25.06 9.75
CA ALA D 11 -32.16 -23.94 10.08
C ALA D 11 -32.11 -22.87 9.00
N ALA D 12 -30.89 -22.58 8.52
CA ALA D 12 -30.69 -21.57 7.48
C ALA D 12 -31.46 -21.89 6.20
N GLU D 13 -31.79 -23.16 6.01
CA GLU D 13 -32.52 -23.58 4.80
C GLU D 13 -33.94 -23.07 4.80
N PHE D 14 -34.45 -22.69 5.98
CA PHE D 14 -35.82 -22.17 6.10
C PHE D 14 -35.93 -20.70 5.73
N VAL D 15 -34.78 -20.08 5.43
CA VAL D 15 -34.75 -18.68 5.03
C VAL D 15 -34.44 -18.66 3.53
N HIS D 16 -35.28 -17.96 2.78
CA HIS D 16 -35.12 -17.87 1.33
C HIS D 16 -34.95 -16.42 0.87
N HIS D 17 -34.45 -16.26 -0.35
CA HIS D 17 -34.25 -14.95 -0.91
C HIS D 17 -35.57 -14.19 -0.91
N ASN D 18 -35.48 -12.91 -0.55
CA ASN D 18 -36.65 -12.02 -0.52
C ASN D 18 -37.54 -12.23 0.69
N ASP D 19 -37.13 -13.11 1.59
CA ASP D 19 -37.91 -13.35 2.80
C ASP D 19 -37.63 -12.18 3.75
N ASN D 20 -38.61 -11.83 4.57
CA ASN D 20 -38.41 -10.77 5.55
C ASN D 20 -38.18 -11.48 6.88
N VAL D 21 -37.04 -11.20 7.49
CA VAL D 21 -36.72 -11.84 8.76
C VAL D 21 -36.64 -10.88 9.93
N GLY D 22 -37.29 -11.26 11.04
CA GLY D 22 -37.26 -10.45 12.23
C GLY D 22 -36.39 -11.19 13.22
N PHE D 23 -35.53 -10.46 13.93
CA PHE D 23 -34.63 -11.07 14.90
C PHE D 23 -34.94 -10.58 16.31
N SER D 24 -34.73 -11.45 17.29
CA SER D 24 -34.99 -11.11 18.69
C SER D 24 -33.87 -10.27 19.29
N GLY D 25 -34.06 -9.84 20.53
CA GLY D 25 -33.03 -9.05 21.18
C GLY D 25 -33.05 -7.55 20.96
N PHE D 26 -32.22 -6.85 21.73
CA PHE D 26 -32.09 -5.40 21.66
C PHE D 26 -30.61 -5.17 21.96
N THR D 27 -29.88 -4.74 20.94
CA THR D 27 -28.44 -4.56 20.99
C THR D 27 -28.01 -6.03 20.88
N PRO D 28 -26.72 -6.32 20.73
CA PRO D 28 -26.29 -7.73 20.62
C PRO D 28 -27.04 -8.63 21.60
N ALA D 29 -27.27 -8.13 22.79
CA ALA D 29 -27.97 -8.88 23.83
C ALA D 29 -29.34 -9.40 23.37
N GLY D 30 -29.56 -10.70 23.51
CA GLY D 30 -30.83 -11.31 23.15
C GLY D 30 -30.98 -11.67 21.69
N ASN D 31 -29.90 -11.47 20.93
CA ASN D 31 -29.89 -11.76 19.50
C ASN D 31 -29.31 -13.12 19.12
N PRO D 32 -29.82 -13.74 18.04
CA PRO D 32 -29.31 -15.03 17.58
C PRO D 32 -27.87 -14.82 17.15
N LYS D 33 -26.99 -15.80 17.39
CA LYS D 33 -25.58 -15.65 17.06
C LYS D 33 -24.98 -16.64 16.08
N VAL D 34 -25.67 -17.74 15.80
CA VAL D 34 -25.08 -18.75 14.93
C VAL D 34 -25.85 -18.99 13.63
N VAL D 35 -27.17 -18.80 13.65
CA VAL D 35 -27.94 -19.03 12.45
C VAL D 35 -27.72 -17.96 11.38
N PRO D 36 -27.73 -16.68 11.78
CA PRO D 36 -27.53 -15.64 10.76
C PRO D 36 -26.26 -15.83 9.93
N ALA D 37 -25.24 -16.40 10.55
CA ALA D 37 -23.98 -16.62 9.85
C ALA D 37 -24.15 -17.74 8.82
N ALA D 38 -25.02 -18.72 9.15
CA ALA D 38 -25.30 -19.84 8.27
C ALA D 38 -26.12 -19.36 7.08
N ILE D 39 -26.91 -18.32 7.30
CA ILE D 39 -27.72 -17.75 6.24
C ILE D 39 -26.78 -17.08 5.28
N ALA D 40 -25.79 -16.38 5.84
CA ALA D 40 -24.79 -15.67 5.07
C ALA D 40 -24.04 -16.61 4.13
N LYS D 41 -23.58 -17.75 4.65
CA LYS D 41 -22.87 -18.74 3.84
C LYS D 41 -23.79 -19.06 2.66
N ARG D 42 -24.99 -19.49 3.01
CA ARG D 42 -26.04 -19.84 2.07
C ARG D 42 -26.29 -18.73 1.05
N ALA D 43 -26.28 -17.48 1.51
CA ALA D 43 -26.52 -16.33 0.65
C ALA D 43 -25.36 -16.16 -0.34
N ILE D 44 -24.14 -16.28 0.17
CA ILE D 44 -22.96 -16.13 -0.66
C ILE D 44 -22.89 -17.25 -1.70
N ALA D 45 -23.22 -18.47 -1.29
CA ALA D 45 -23.18 -19.61 -2.18
C ALA D 45 -24.18 -19.39 -3.33
N ALA D 46 -25.23 -18.62 -3.08
CA ALA D 46 -26.22 -18.34 -4.11
C ALA D 46 -25.69 -17.26 -5.05
N HIS D 47 -25.03 -16.25 -4.48
CA HIS D 47 -24.50 -15.14 -5.28
C HIS D 47 -23.50 -15.63 -6.33
N GLU D 48 -22.44 -16.29 -5.87
CA GLU D 48 -21.41 -16.79 -6.79
C GLU D 48 -21.95 -17.84 -7.78
N LYS D 49 -23.20 -18.23 -7.59
CA LYS D 49 -23.83 -19.19 -8.47
C LYS D 49 -24.70 -18.41 -9.46
N GLY D 50 -24.71 -17.10 -9.31
CA GLY D 50 -25.49 -16.25 -10.19
C GLY D 50 -26.91 -15.99 -9.74
N ASN D 51 -27.28 -16.59 -8.61
CA ASN D 51 -28.62 -16.43 -8.06
C ASN D 51 -28.68 -15.34 -7.00
N PRO D 52 -29.76 -14.56 -6.99
CA PRO D 52 -29.96 -13.45 -6.04
C PRO D 52 -30.31 -13.98 -4.66
N PHE D 53 -29.90 -13.25 -3.63
CA PHE D 53 -30.20 -13.67 -2.27
C PHE D 53 -30.03 -12.52 -1.29
N LYS D 54 -31.15 -11.93 -0.88
CA LYS D 54 -31.18 -10.83 0.07
C LYS D 54 -32.48 -10.93 0.83
N ILE D 55 -32.41 -10.67 2.13
CA ILE D 55 -33.58 -10.73 3.00
C ILE D 55 -33.87 -9.35 3.60
N GLY D 56 -35.13 -9.16 3.99
CA GLY D 56 -35.51 -7.92 4.63
C GLY D 56 -35.23 -8.15 6.09
N MSE D 57 -34.78 -7.13 6.80
CA MSE D 57 -34.45 -7.30 8.21
C MSE D 57 -35.13 -6.35 9.18
O MSE D 57 -35.01 -5.13 9.07
CB MSE D 57 -32.94 -7.19 8.41
CG MSE D 57 -32.13 -8.18 7.59
SE MSE D 57 -30.23 -7.81 7.72
CE MSE D 57 -30.04 -8.18 9.61
N PHE D 58 -35.85 -6.92 10.13
CA PHE D 58 -36.53 -6.16 11.17
C PHE D 58 -35.87 -6.61 12.48
N THR D 59 -35.35 -5.66 13.26
CA THR D 59 -34.70 -5.98 14.53
C THR D 59 -35.20 -5.05 15.61
N GLY D 60 -34.75 -5.25 16.84
CA GLY D 60 -35.16 -4.37 17.93
C GLY D 60 -34.33 -3.10 17.77
N ALA D 61 -33.01 -3.28 17.84
CA ALA D 61 -32.05 -2.20 17.68
C ALA D 61 -30.80 -2.81 17.02
N SER D 62 -29.64 -2.55 17.61
CA SER D 62 -28.38 -3.08 17.08
C SER D 62 -28.25 -4.58 17.36
N THR D 63 -27.39 -5.21 16.56
CA THR D 63 -27.15 -6.64 16.67
C THR D 63 -25.63 -6.85 16.65
N GLY D 64 -25.18 -8.06 16.98
CA GLY D 64 -23.74 -8.27 16.98
C GLY D 64 -23.12 -8.20 15.59
N ALA D 65 -21.82 -8.50 15.51
CA ALA D 65 -21.13 -8.50 14.24
C ALA D 65 -21.47 -9.83 13.54
N ARG D 66 -22.04 -10.76 14.30
CA ARG D 66 -22.43 -12.07 13.79
C ARG D 66 -23.89 -12.06 13.31
N LEU D 67 -24.40 -10.86 13.07
CA LEU D 67 -25.76 -10.66 12.60
C LEU D 67 -25.66 -9.69 11.44
N ASP D 68 -25.67 -8.41 11.73
CA ASP D 68 -25.56 -7.38 10.70
C ASP D 68 -24.23 -7.47 9.97
N GLY D 69 -23.17 -7.66 10.75
CA GLY D 69 -21.85 -7.74 10.17
C GLY D 69 -21.73 -8.81 9.10
N VAL D 70 -21.96 -10.06 9.50
CA VAL D 70 -21.86 -11.18 8.60
C VAL D 70 -22.84 -11.04 7.44
N LEU D 71 -24.06 -10.61 7.74
CA LEU D 71 -25.07 -10.44 6.68
C LEU D 71 -24.70 -9.34 5.70
N ALA D 72 -24.08 -8.28 6.21
CA ALA D 72 -23.65 -7.15 5.38
C ALA D 72 -22.46 -7.56 4.51
N GLN D 73 -21.51 -8.29 5.10
CA GLN D 73 -20.35 -8.73 4.34
C GLN D 73 -20.80 -9.66 3.23
N ALA D 74 -21.91 -10.36 3.48
CA ALA D 74 -22.48 -11.30 2.52
C ALA D 74 -23.29 -10.56 1.46
N ASP D 75 -23.49 -9.27 1.66
CA ASP D 75 -24.26 -8.46 0.72
C ASP D 75 -25.64 -9.10 0.52
N ALA D 76 -26.29 -9.47 1.62
CA ALA D 76 -27.60 -10.10 1.56
C ALA D 76 -28.65 -9.28 2.30
N VAL D 77 -28.47 -7.97 2.34
CA VAL D 77 -29.41 -7.08 3.03
C VAL D 77 -30.28 -6.33 2.03
N LYS D 78 -31.54 -6.74 1.85
CA LYS D 78 -32.37 -6.03 0.88
C LYS D 78 -32.85 -4.73 1.50
N PHE D 79 -33.15 -4.77 2.80
CA PHE D 79 -33.56 -3.57 3.53
C PHE D 79 -33.37 -3.83 5.03
N ARG D 80 -33.10 -2.75 5.77
CA ARG D 80 -32.85 -2.87 7.21
C ARG D 80 -33.57 -1.81 8.06
N THR D 81 -34.06 -2.24 9.22
CA THR D 81 -34.75 -1.35 10.18
C THR D 81 -34.66 -1.99 11.56
N PRO D 82 -34.74 -1.17 12.62
CA PRO D 82 -34.91 0.28 12.58
C PRO D 82 -33.67 1.03 13.06
N TYR D 83 -32.71 0.30 13.64
CA TYR D 83 -31.48 0.87 14.16
C TYR D 83 -30.35 -0.14 13.97
N GLN D 84 -29.17 0.34 13.59
CA GLN D 84 -28.02 -0.55 13.43
C GLN D 84 -26.79 0.11 14.05
N SER D 85 -25.74 -0.67 14.23
CA SER D 85 -24.52 -0.17 14.83
C SER D 85 -23.31 -1.06 14.50
N ASN D 86 -23.21 -1.47 13.24
CA ASN D 86 -22.12 -2.33 12.77
C ASN D 86 -21.40 -1.64 11.62
N LYS D 87 -20.07 -1.61 11.68
CA LYS D 87 -19.27 -0.95 10.64
C LYS D 87 -19.46 -1.45 9.22
N ASP D 88 -19.60 -2.76 9.06
CA ASP D 88 -19.80 -3.34 7.75
C ASP D 88 -21.15 -2.93 7.19
N LEU D 89 -22.19 -3.02 8.01
CA LEU D 89 -23.52 -2.63 7.55
C LEU D 89 -23.57 -1.13 7.31
N ARG D 90 -22.93 -0.36 8.20
CA ARG D 90 -22.90 1.09 8.10
C ARG D 90 -22.26 1.55 6.78
N ASN D 91 -21.18 0.89 6.38
CA ASN D 91 -20.50 1.24 5.13
C ASN D 91 -21.37 0.85 3.95
N LEU D 92 -21.97 -0.34 4.05
CA LEU D 92 -22.83 -0.84 3.00
C LEU D 92 -23.92 0.18 2.76
N ILE D 93 -24.43 0.74 3.85
CA ILE D 93 -25.48 1.75 3.80
C ILE D 93 -24.99 3.03 3.15
N ASN D 94 -23.94 3.60 3.74
CA ASN D 94 -23.38 4.86 3.25
C ASN D 94 -22.85 4.80 1.83
N ASN D 95 -22.63 3.59 1.33
CA ASN D 95 -22.17 3.42 -0.04
C ASN D 95 -23.39 3.23 -0.94
N GLY D 96 -24.58 3.37 -0.34
CA GLY D 96 -25.83 3.22 -1.07
C GLY D 96 -26.02 1.85 -1.66
N SER D 97 -25.49 0.82 -0.99
CA SER D 97 -25.59 -0.56 -1.46
C SER D 97 -26.79 -1.31 -0.92
N THR D 98 -27.55 -0.66 -0.03
CA THR D 98 -28.75 -1.27 0.55
C THR D 98 -29.67 -0.18 1.08
N SER D 99 -30.91 -0.55 1.37
CA SER D 99 -31.91 0.38 1.89
C SER D 99 -32.02 0.31 3.42
N TYR D 100 -31.81 1.44 4.06
CA TYR D 100 -31.90 1.53 5.50
C TYR D 100 -32.74 2.72 5.90
N PHE D 101 -33.62 2.52 6.86
CA PHE D 101 -34.43 3.61 7.36
C PHE D 101 -34.56 3.46 8.88
N ASP D 102 -34.03 4.42 9.62
CA ASP D 102 -34.10 4.39 11.07
C ASP D 102 -35.43 4.98 11.54
N LEU D 103 -36.04 4.31 12.51
CA LEU D 103 -37.33 4.74 13.03
C LEU D 103 -37.27 4.96 14.53
N HIS D 104 -38.30 5.61 15.06
CA HIS D 104 -38.41 5.80 16.49
C HIS D 104 -38.66 4.37 16.96
N LEU D 105 -37.78 3.85 17.80
CA LEU D 105 -37.90 2.48 18.27
C LEU D 105 -39.24 2.03 18.83
N SER D 106 -39.92 2.88 19.60
CA SER D 106 -41.20 2.49 20.18
C SER D 106 -42.33 2.24 19.17
N THR D 107 -42.13 2.64 17.92
CA THR D 107 -43.18 2.50 16.90
C THR D 107 -43.14 1.29 15.97
N LEU D 108 -42.00 0.61 15.85
CA LEU D 108 -41.88 -0.52 14.93
C LEU D 108 -42.86 -1.67 15.16
N ALA D 109 -43.07 -2.04 16.41
CA ALA D 109 -43.95 -3.15 16.75
C ALA D 109 -45.38 -2.97 16.27
N GLN D 110 -46.02 -1.88 16.67
CA GLN D 110 -47.39 -1.61 16.26
C GLN D 110 -47.51 -1.38 14.76
N ASP D 111 -46.54 -0.70 14.17
CA ASP D 111 -46.58 -0.40 12.75
C ASP D 111 -46.46 -1.67 11.92
N LEU D 112 -45.85 -2.68 12.52
CA LEU D 112 -45.70 -3.97 11.86
C LEU D 112 -47.09 -4.59 11.88
N ARG D 113 -47.77 -4.50 13.03
CA ARG D 113 -49.11 -5.04 13.19
C ARG D 113 -50.10 -4.30 12.29
N TYR D 114 -49.89 -2.99 12.12
CA TYR D 114 -50.75 -2.19 11.27
C TYR D 114 -50.57 -2.58 9.79
N GLY D 115 -49.50 -3.31 9.50
CA GLY D 115 -49.24 -3.74 8.14
C GLY D 115 -48.44 -2.74 7.34
N PHE D 116 -47.87 -1.75 8.01
CA PHE D 116 -47.11 -0.71 7.33
C PHE D 116 -45.89 -1.22 6.57
N TYR D 117 -45.25 -2.25 7.12
CA TYR D 117 -44.09 -2.88 6.48
C TYR D 117 -44.64 -4.26 6.21
N GLY D 118 -44.39 -4.77 5.02
CA GLY D 118 -44.92 -6.06 4.60
C GLY D 118 -45.18 -7.19 5.59
N LYS D 119 -44.74 -8.37 5.18
CA LYS D 119 -44.89 -9.59 5.97
C LYS D 119 -43.59 -9.99 6.66
N VAL D 120 -43.72 -10.73 7.75
CA VAL D 120 -42.59 -11.27 8.48
C VAL D 120 -42.65 -12.76 8.14
N ASP D 121 -41.69 -13.24 7.36
CA ASP D 121 -41.67 -14.64 6.96
C ASP D 121 -41.17 -15.56 8.04
N VAL D 122 -40.04 -15.20 8.64
CA VAL D 122 -39.48 -16.01 9.72
C VAL D 122 -38.89 -15.14 10.83
N ALA D 123 -38.88 -15.69 12.04
CA ALA D 123 -38.34 -15.01 13.20
C ALA D 123 -37.23 -15.88 13.77
N ILE D 124 -36.03 -15.31 13.91
CA ILE D 124 -34.91 -16.06 14.49
C ILE D 124 -34.78 -15.48 15.90
N ILE D 125 -34.88 -16.33 16.91
CA ILE D 125 -34.78 -15.81 18.27
C ILE D 125 -33.81 -16.60 19.14
N GLU D 126 -33.20 -15.91 20.12
CA GLU D 126 -32.31 -16.57 21.07
C GLU D 126 -33.16 -16.79 22.33
N VAL D 127 -33.07 -17.97 22.90
CA VAL D 127 -33.88 -18.28 24.06
C VAL D 127 -33.14 -18.89 25.26
N ALA D 128 -33.73 -18.75 26.44
CA ALA D 128 -33.16 -19.31 27.66
C ALA D 128 -33.92 -20.61 27.92
N ASP D 129 -35.09 -20.71 27.32
CA ASP D 129 -35.93 -21.88 27.43
C ASP D 129 -37.14 -21.81 26.50
N VAL D 130 -37.38 -22.90 25.79
CA VAL D 130 -38.50 -23.02 24.87
C VAL D 130 -39.28 -24.27 25.24
N THR D 131 -40.53 -24.07 25.67
CA THR D 131 -41.40 -25.16 26.08
C THR D 131 -41.95 -25.91 24.87
N GLU D 132 -42.42 -27.13 25.10
CA GLU D 132 -42.98 -27.95 24.05
C GLU D 132 -44.33 -27.38 23.59
N ASP D 133 -45.01 -26.69 24.49
CA ASP D 133 -46.30 -26.09 24.18
C ASP D 133 -46.10 -24.66 23.64
N GLY D 134 -44.90 -24.38 23.17
CA GLY D 134 -44.59 -23.09 22.58
C GLY D 134 -44.36 -21.89 23.47
N LYS D 135 -43.80 -22.08 24.66
CA LYS D 135 -43.54 -20.95 25.56
C LYS D 135 -42.09 -20.56 25.40
N ILE D 136 -41.86 -19.28 25.06
CA ILE D 136 -40.51 -18.79 24.85
C ILE D 136 -40.04 -17.88 25.99
N LEU D 137 -38.82 -18.14 26.47
CA LEU D 137 -38.22 -17.32 27.52
C LEU D 137 -37.00 -16.67 26.87
N PRO D 138 -37.05 -15.34 26.66
CA PRO D 138 -35.98 -14.55 26.04
C PRO D 138 -34.73 -14.56 26.90
N THR D 139 -33.65 -14.00 26.38
CA THR D 139 -32.44 -13.91 27.16
C THR D 139 -32.24 -12.50 27.74
N THR D 140 -31.25 -11.79 27.24
CA THR D 140 -30.94 -10.47 27.79
C THR D 140 -31.47 -9.24 27.03
N GLY D 141 -32.22 -9.46 25.96
CA GLY D 141 -32.77 -8.35 25.20
C GLY D 141 -34.14 -8.70 24.66
N VAL D 142 -35.10 -7.78 24.74
CA VAL D 142 -36.43 -8.07 24.24
C VAL D 142 -36.73 -7.52 22.85
N GLY D 143 -36.55 -6.21 22.65
CA GLY D 143 -36.81 -5.61 21.36
C GLY D 143 -38.24 -5.74 20.86
N ILE D 144 -38.42 -6.39 19.71
CA ILE D 144 -39.75 -6.59 19.12
C ILE D 144 -40.13 -8.06 19.12
N LEU D 145 -39.52 -8.81 20.03
CA LEU D 145 -39.76 -10.24 20.14
C LEU D 145 -41.22 -10.70 20.03
N PRO D 146 -42.09 -10.23 20.94
CA PRO D 146 -43.48 -10.67 20.86
C PRO D 146 -44.17 -10.43 19.53
N THR D 147 -43.79 -9.34 18.86
CA THR D 147 -44.42 -9.02 17.60
C THR D 147 -43.93 -9.89 16.46
N ILE D 148 -42.62 -10.13 16.40
CA ILE D 148 -42.08 -10.97 15.33
C ILE D 148 -42.50 -12.43 15.48
N CYS D 149 -42.72 -12.88 16.71
CA CYS D 149 -43.13 -14.26 16.96
C CYS D 149 -44.59 -14.42 16.57
N ARG D 150 -45.36 -13.35 16.74
CA ARG D 150 -46.78 -13.38 16.42
C ARG D 150 -47.02 -13.32 14.92
N LEU D 151 -46.31 -12.42 14.25
CA LEU D 151 -46.47 -12.22 12.83
C LEU D 151 -45.73 -13.18 11.89
N ALA D 152 -44.67 -13.81 12.37
CA ALA D 152 -43.89 -14.72 11.53
C ALA D 152 -44.59 -16.02 11.15
N ASP D 153 -44.34 -16.49 9.94
CA ASP D 153 -44.90 -17.74 9.42
C ASP D 153 -44.22 -18.93 10.13
N ARG D 154 -42.92 -18.81 10.33
CA ARG D 154 -42.15 -19.85 11.00
C ARG D 154 -41.09 -19.23 11.91
N ILE D 155 -40.75 -19.93 12.99
CA ILE D 155 -39.80 -19.46 13.96
C ILE D 155 -38.62 -20.40 14.10
N ILE D 156 -37.42 -19.83 14.12
CA ILE D 156 -36.18 -20.58 14.29
C ILE D 156 -35.61 -20.21 15.65
N VAL D 157 -35.65 -21.15 16.59
CA VAL D 157 -35.16 -20.90 17.95
C VAL D 157 -33.71 -21.32 18.16
N GLU D 158 -33.03 -20.55 19.00
CA GLU D 158 -31.63 -20.76 19.34
C GLU D 158 -31.57 -20.86 20.86
N LEU D 159 -31.32 -22.07 21.38
CA LEU D 159 -31.25 -22.32 22.82
C LEU D 159 -29.85 -22.15 23.38
N ASN D 160 -29.58 -20.99 23.99
CA ASN D 160 -28.27 -20.68 24.55
C ASN D 160 -28.00 -21.28 25.93
N ASP D 161 -26.89 -22.01 26.01
CA ASP D 161 -26.41 -22.67 27.23
C ASP D 161 -26.18 -21.71 28.38
N LYS D 162 -25.54 -20.59 28.05
CA LYS D 162 -25.16 -19.56 29.01
C LYS D 162 -26.25 -18.80 29.76
N HIS D 163 -27.48 -18.88 29.29
CA HIS D 163 -28.56 -18.17 29.96
C HIS D 163 -29.53 -19.15 30.63
N PRO D 164 -29.55 -19.18 31.97
CA PRO D 164 -30.39 -20.05 32.80
C PRO D 164 -31.89 -19.70 32.81
N LYS D 165 -32.72 -20.73 32.87
CA LYS D 165 -34.17 -20.55 32.88
C LYS D 165 -34.64 -19.94 34.19
N GLU D 166 -33.71 -19.76 35.13
CA GLU D 166 -34.03 -19.18 36.42
C GLU D 166 -34.31 -17.69 36.24
N ILE D 167 -34.00 -17.20 35.04
CA ILE D 167 -34.20 -15.81 34.67
C ILE D 167 -35.70 -15.52 34.61
N MSE D 168 -36.47 -16.57 34.41
CA MSE D 168 -37.93 -16.49 34.34
C MSE D 168 -38.43 -15.48 35.35
O MSE D 168 -38.23 -15.65 36.55
CB MSE D 168 -38.52 -17.87 34.65
CG MSE D 168 -40.04 -17.91 34.79
SE MSE D 168 -40.99 -18.04 33.08
CE MSE D 168 -41.07 -19.97 32.94
N GLY D 169 -39.08 -14.43 34.87
CA GLY D 169 -39.60 -13.41 35.77
C GLY D 169 -38.96 -12.04 35.56
N MSE D 170 -37.83 -12.02 34.86
CA MSE D 170 -37.16 -10.76 34.62
C MSE D 170 -37.69 -10.01 33.39
O MSE D 170 -37.32 -8.86 33.13
CB MSE D 170 -35.66 -10.98 34.46
CG MSE D 170 -34.94 -11.27 35.79
SE MSE D 170 -32.95 -11.14 35.64
CE MSE D 170 -32.82 -10.09 34.05
N HIS D 171 -38.57 -10.67 32.63
CA HIS D 171 -39.15 -10.04 31.45
C HIS D 171 -40.63 -9.79 31.69
N ASP D 172 -41.17 -8.82 30.99
CA ASP D 172 -42.59 -8.48 31.09
C ASP D 172 -42.96 -8.32 29.62
N LEU D 173 -43.47 -9.42 29.05
CA LEU D 173 -43.82 -9.47 27.65
C LEU D 173 -45.31 -9.36 27.37
N CYS D 174 -45.64 -8.59 26.34
CA CYS D 174 -47.01 -8.41 25.89
C CYS D 174 -47.12 -7.40 24.77
N GLU D 175 -48.33 -7.28 24.26
CA GLU D 175 -48.66 -6.34 23.20
C GLU D 175 -50.05 -5.82 23.55
N PRO D 176 -50.34 -4.58 23.18
CA PRO D 176 -51.66 -4.03 23.49
C PRO D 176 -52.61 -4.26 22.30
N LEU D 177 -53.91 -4.11 22.53
CA LEU D 177 -54.86 -4.25 21.44
C LEU D 177 -54.52 -3.08 20.51
N ASP D 178 -55.02 -3.08 19.29
CA ASP D 178 -54.73 -2.00 18.37
C ASP D 178 -55.99 -1.19 18.14
N PRO D 179 -55.84 0.08 17.73
CA PRO D 179 -57.04 0.88 17.49
C PRO D 179 -58.02 0.21 16.53
N PRO D 180 -59.33 0.47 16.71
CA PRO D 180 -59.88 1.36 17.75
C PRO D 180 -60.10 0.68 19.09
N ALA D 181 -59.45 -0.45 19.34
CA ALA D 181 -59.68 -1.17 20.59
C ALA D 181 -58.62 -1.06 21.68
N ARG D 182 -57.59 -0.25 21.47
CA ARG D 182 -56.55 -0.12 22.45
C ARG D 182 -56.95 0.51 23.77
N ARG D 183 -56.47 -0.07 24.86
CA ARG D 183 -56.73 0.41 26.20
C ARG D 183 -55.42 1.07 26.65
N GLU D 184 -55.39 1.55 27.89
CA GLU D 184 -54.19 2.19 28.40
C GLU D 184 -53.12 1.15 28.74
N LEU D 185 -51.87 1.59 28.78
CA LEU D 185 -50.75 0.71 29.13
C LEU D 185 -50.58 0.96 30.61
N PRO D 186 -51.10 0.05 31.46
CA PRO D 186 -51.06 0.11 32.93
C PRO D 186 -49.74 0.16 33.71
N VAL D 187 -48.83 1.03 33.31
CA VAL D 187 -47.58 1.17 34.07
C VAL D 187 -47.57 2.58 34.66
N TYR D 188 -47.62 2.64 35.98
CA TYR D 188 -47.65 3.92 36.71
C TYR D 188 -46.38 4.08 37.55
N THR D 189 -45.57 3.04 37.55
CA THR D 189 -44.30 3.00 38.28
C THR D 189 -43.34 2.27 37.36
N PRO D 190 -42.04 2.58 37.42
CA PRO D 190 -41.14 1.88 36.52
C PRO D 190 -41.00 0.36 36.74
N SER D 191 -41.49 -0.13 37.88
CA SER D 191 -41.42 -1.56 38.18
C SER D 191 -42.74 -2.33 38.04
N ASP D 192 -43.74 -1.70 37.43
CA ASP D 192 -45.04 -2.34 37.26
C ASP D 192 -45.05 -3.40 36.15
N ARG D 193 -45.63 -4.55 36.47
CA ARG D 193 -45.75 -5.65 35.52
C ARG D 193 -47.14 -5.63 34.90
N ILE D 194 -47.19 -5.72 33.57
CA ILE D 194 -48.47 -5.70 32.89
C ILE D 194 -48.62 -6.85 31.90
N GLY D 195 -47.58 -7.67 31.76
CA GLY D 195 -47.64 -8.79 30.85
C GLY D 195 -47.24 -10.13 31.45
N LYS D 196 -46.63 -10.99 30.64
CA LYS D 196 -46.20 -12.30 31.11
C LYS D 196 -44.69 -12.46 31.04
N PRO D 197 -44.13 -13.40 31.82
CA PRO D 197 -42.68 -13.63 31.82
C PRO D 197 -42.20 -14.51 30.66
N TYR D 198 -43.05 -14.65 29.66
CA TYR D 198 -42.73 -15.46 28.50
C TYR D 198 -43.67 -15.11 27.36
N VAL D 199 -43.32 -15.54 26.17
CA VAL D 199 -44.16 -15.31 24.99
C VAL D 199 -44.71 -16.66 24.54
N GLN D 200 -46.02 -16.72 24.31
CA GLN D 200 -46.70 -17.94 23.89
C GLN D 200 -46.93 -17.97 22.39
N VAL D 201 -46.49 -19.05 21.74
CA VAL D 201 -46.66 -19.22 20.30
C VAL D 201 -47.15 -20.63 20.04
N ASP D 202 -47.57 -20.89 18.79
CA ASP D 202 -48.01 -22.22 18.40
C ASP D 202 -46.74 -22.99 18.12
N PRO D 203 -46.46 -24.05 18.91
CA PRO D 203 -45.25 -24.84 18.71
C PRO D 203 -45.07 -25.33 17.27
N ALA D 204 -46.17 -25.39 16.53
CA ALA D 204 -46.14 -25.84 15.14
C ALA D 204 -45.35 -24.87 14.27
N LYS D 205 -45.21 -23.64 14.74
CA LYS D 205 -44.47 -22.63 13.99
C LYS D 205 -42.95 -22.75 14.15
N ILE D 206 -42.52 -23.47 15.17
CA ILE D 206 -41.09 -23.65 15.43
C ILE D 206 -40.52 -24.69 14.46
N VAL D 207 -39.85 -24.24 13.41
CA VAL D 207 -39.30 -25.16 12.44
C VAL D 207 -38.06 -25.87 12.96
N GLY D 208 -37.54 -25.41 14.11
CA GLY D 208 -36.38 -26.04 14.68
C GLY D 208 -35.73 -25.32 15.84
N VAL D 209 -35.03 -26.07 16.70
CA VAL D 209 -34.33 -25.52 17.84
C VAL D 209 -32.83 -25.84 17.77
N VAL D 210 -32.02 -24.82 17.59
CA VAL D 210 -30.57 -24.98 17.50
C VAL D 210 -29.95 -24.72 18.87
N ARG D 211 -29.20 -25.70 19.40
CA ARG D 211 -28.56 -25.53 20.68
C ARG D 211 -27.26 -24.76 20.51
N THR D 212 -27.05 -23.77 21.36
CA THR D 212 -25.83 -22.97 21.32
C THR D 212 -25.32 -22.76 22.73
N SER D 213 -24.11 -22.22 22.81
CA SER D 213 -23.50 -21.94 24.09
C SER D 213 -22.65 -20.72 23.79
N GLU D 214 -23.25 -19.54 23.89
CA GLU D 214 -22.55 -18.30 23.59
C GLU D 214 -22.50 -17.37 24.79
N PRO D 215 -21.29 -17.12 25.31
CA PRO D 215 -21.11 -16.26 26.48
C PRO D 215 -21.12 -14.78 26.08
N ASN D 216 -21.31 -13.91 27.06
CA ASN D 216 -21.29 -12.46 26.83
C ASN D 216 -19.83 -12.05 26.57
N ASP D 217 -19.63 -10.99 25.80
CA ASP D 217 -18.27 -10.53 25.57
C ASP D 217 -17.85 -9.88 26.88
N GLU D 218 -16.56 -9.63 27.06
CA GLU D 218 -16.15 -8.97 28.30
C GLU D 218 -15.96 -7.49 28.03
N SER D 219 -15.90 -6.71 29.11
CA SER D 219 -15.71 -5.28 29.02
C SER D 219 -14.37 -4.96 28.37
N ASP D 220 -14.40 -4.13 27.35
CA ASP D 220 -13.19 -3.76 26.62
C ASP D 220 -12.82 -2.29 26.80
N PHE D 221 -11.57 -2.07 27.19
CA PHE D 221 -10.97 -0.75 27.41
C PHE D 221 -11.93 0.45 27.55
N ALA D 222 -12.09 0.93 28.79
CA ALA D 222 -12.97 2.05 29.08
C ALA D 222 -12.25 3.10 29.93
N PRO D 223 -11.27 3.79 29.33
CA PRO D 223 -10.48 4.82 30.03
C PRO D 223 -11.34 6.01 30.46
N LEU D 224 -10.88 6.70 31.49
CA LEU D 224 -11.59 7.87 32.00
C LEU D 224 -11.14 9.06 31.17
N ASP D 225 -11.98 10.09 31.11
CA ASP D 225 -11.67 11.28 30.33
C ASP D 225 -12.18 12.50 31.07
N PRO D 226 -11.30 13.49 31.33
CA PRO D 226 -11.69 14.71 32.04
C PRO D 226 -12.91 15.43 31.47
N VAL D 227 -13.06 15.43 30.15
CA VAL D 227 -14.21 16.08 29.54
C VAL D 227 -15.51 15.40 29.96
N THR D 228 -15.52 14.07 29.97
CA THR D 228 -16.74 13.35 30.34
C THR D 228 -16.97 13.40 31.84
N GLN D 229 -15.89 13.53 32.61
CA GLN D 229 -16.01 13.64 34.07
C GLN D 229 -16.74 14.94 34.33
N ALA D 230 -16.32 15.98 33.61
CA ALA D 230 -16.91 17.30 33.72
C ALA D 230 -18.38 17.25 33.33
N ILE D 231 -18.67 16.72 32.15
CA ILE D 231 -20.03 16.60 31.67
C ILE D 231 -20.92 15.86 32.68
N GLY D 232 -20.46 14.71 33.13
CA GLY D 232 -21.24 13.94 34.08
C GLY D 232 -21.56 14.69 35.36
N ASP D 233 -20.60 15.47 35.85
CA ASP D 233 -20.81 16.23 37.07
C ASP D 233 -21.85 17.32 36.84
N ASN D 234 -21.74 18.00 35.71
CA ASN D 234 -22.67 19.06 35.40
C ASN D 234 -24.10 18.56 35.37
N VAL D 235 -24.30 17.38 34.79
CA VAL D 235 -25.64 16.80 34.69
C VAL D 235 -26.18 16.57 36.09
N ALA D 236 -25.43 15.86 36.92
CA ALA D 236 -25.84 15.57 38.29
C ALA D 236 -26.08 16.83 39.13
N ALA D 237 -25.19 17.82 39.04
CA ALA D 237 -25.33 19.06 39.81
C ALA D 237 -26.53 19.87 39.36
N PHE D 238 -26.82 19.83 38.06
CA PHE D 238 -27.95 20.55 37.50
C PHE D 238 -29.25 19.98 38.07
N LEU D 239 -29.36 18.66 38.01
CA LEU D 239 -30.53 17.97 38.51
C LEU D 239 -30.83 18.26 40.00
N VAL D 240 -29.83 18.16 40.88
CA VAL D 240 -30.07 18.43 42.30
C VAL D 240 -30.49 19.90 42.42
N SER D 241 -29.88 20.73 41.60
CA SER D 241 -30.17 22.16 41.60
C SER D 241 -31.63 22.44 41.19
N GLU D 242 -32.15 21.63 40.27
CA GLU D 242 -33.52 21.76 39.78
C GLU D 242 -34.52 21.34 40.83
N MSE D 243 -34.18 20.30 41.58
CA MSE D 243 -35.07 19.82 42.65
C MSE D 243 -35.24 20.88 43.71
O MSE D 243 -36.35 21.10 44.19
CB MSE D 243 -34.52 18.56 43.29
CG MSE D 243 -34.54 17.34 42.40
SE MSE D 243 -34.27 15.75 43.48
CE MSE D 243 -32.32 15.77 43.43
N LYS D 244 -34.14 21.52 44.11
CA LYS D 244 -34.23 22.54 45.15
C LYS D 244 -34.86 23.83 44.63
N ALA D 245 -34.88 23.99 43.31
CA ALA D 245 -35.49 25.15 42.67
C ALA D 245 -37.00 24.90 42.56
N GLY D 246 -37.40 23.65 42.77
CA GLY D 246 -38.80 23.28 42.70
C GLY D 246 -39.26 22.85 41.32
N ARG D 247 -38.31 22.62 40.42
CA ARG D 247 -38.65 22.24 39.05
C ARG D 247 -38.63 20.73 38.81
N ILE D 248 -38.30 19.99 39.85
CA ILE D 248 -38.30 18.53 39.81
C ILE D 248 -38.72 18.14 41.21
N PRO D 249 -39.68 17.20 41.34
CA PRO D 249 -40.11 16.77 42.66
C PRO D 249 -38.96 16.27 43.52
N LYS D 250 -38.99 16.63 44.79
CA LYS D 250 -37.95 16.27 45.76
C LYS D 250 -37.50 14.81 45.80
N ASP D 251 -38.41 13.88 45.52
CA ASP D 251 -38.05 12.47 45.52
C ASP D 251 -37.43 12.04 44.19
N PHE D 252 -37.21 13.00 43.30
CA PHE D 252 -36.62 12.73 41.98
C PHE D 252 -37.63 12.04 41.04
N LEU D 253 -37.15 11.62 39.88
CA LEU D 253 -38.00 10.96 38.88
C LEU D 253 -37.23 9.84 38.18
N PRO D 254 -37.92 9.03 37.33
CA PRO D 254 -37.24 7.93 36.62
C PRO D 254 -36.25 8.53 35.63
N LEU D 255 -35.15 7.83 35.39
CA LEU D 255 -34.14 8.32 34.45
C LEU D 255 -33.93 7.44 33.24
N GLN D 256 -33.42 8.05 32.19
CA GLN D 256 -33.10 7.35 30.96
C GLN D 256 -31.82 7.96 30.43
N SER D 257 -30.88 7.12 30.06
CA SER D 257 -29.63 7.62 29.52
C SER D 257 -29.21 6.71 28.39
N GLY D 258 -28.34 7.21 27.53
CA GLY D 258 -27.89 6.38 26.43
C GLY D 258 -26.75 5.49 26.90
N VAL D 259 -26.00 4.96 25.95
CA VAL D 259 -24.88 4.11 26.27
C VAL D 259 -23.62 4.88 25.91
N GLY D 260 -22.53 4.67 26.65
CA GLY D 260 -21.31 5.37 26.33
C GLY D 260 -20.56 5.91 27.53
N ASN D 261 -19.43 6.53 27.27
CA ASN D 261 -18.60 7.08 28.32
C ASN D 261 -19.28 8.22 29.07
N VAL D 262 -19.95 9.09 28.33
CA VAL D 262 -20.63 10.21 28.98
C VAL D 262 -21.69 9.64 29.91
N ALA D 263 -22.52 8.75 29.37
CA ALA D 263 -23.58 8.09 30.14
C ALA D 263 -23.00 7.50 31.41
N ASN D 264 -21.90 6.78 31.27
CA ASN D 264 -21.24 6.15 32.41
C ASN D 264 -20.84 7.19 33.45
N ALA D 265 -20.33 8.32 32.96
CA ALA D 265 -19.89 9.41 33.83
C ALA D 265 -21.10 10.01 34.52
N VAL D 266 -22.19 10.18 33.78
CA VAL D 266 -23.41 10.75 34.34
C VAL D 266 -23.91 9.87 35.46
N LEU D 267 -24.05 8.58 35.18
CA LEU D 267 -24.50 7.63 36.19
C LEU D 267 -23.58 7.64 37.41
N GLY D 268 -22.27 7.68 37.20
CA GLY D 268 -21.33 7.71 38.30
C GLY D 268 -21.52 8.97 39.12
N ALA D 269 -21.63 10.11 38.46
CA ALA D 269 -21.83 11.39 39.15
C ALA D 269 -23.10 11.37 40.02
N LEU D 270 -24.20 10.86 39.47
CA LEU D 270 -25.47 10.78 40.19
C LEU D 270 -25.29 9.96 41.45
N GLY D 271 -24.59 8.83 41.31
CA GLY D 271 -24.34 7.96 42.44
C GLY D 271 -23.49 8.62 43.51
N ASP D 272 -22.56 9.45 43.10
CA ASP D 272 -21.67 10.13 44.05
C ASP D 272 -22.20 11.44 44.62
N ASN D 273 -23.29 11.95 44.06
CA ASN D 273 -23.86 13.19 44.60
C ASN D 273 -24.96 12.79 45.58
N PRO D 274 -24.69 12.94 46.89
CA PRO D 274 -25.64 12.60 47.95
C PRO D 274 -26.99 13.30 47.86
N ASP D 275 -27.02 14.45 47.20
CA ASP D 275 -28.28 15.18 47.04
C ASP D 275 -29.18 14.54 46.01
N ILE D 276 -28.64 13.52 45.34
CA ILE D 276 -29.43 12.78 44.35
C ILE D 276 -29.96 11.56 45.11
N PRO D 277 -31.27 11.51 45.37
CA PRO D 277 -31.86 10.38 46.10
C PRO D 277 -31.83 9.07 45.30
N ALA D 278 -31.80 7.95 46.02
CA ALA D 278 -31.78 6.62 45.40
C ALA D 278 -32.82 6.70 44.29
N PHE D 279 -32.46 6.29 43.08
CA PHE D 279 -33.37 6.40 41.96
C PHE D 279 -33.60 5.15 41.14
N ASN D 280 -34.61 5.20 40.28
CA ASN D 280 -34.95 4.09 39.41
C ASN D 280 -34.67 4.47 37.96
N MSE D 281 -34.47 3.48 37.12
CA MSE D 281 -34.21 3.70 35.71
C MSE D 281 -35.40 3.24 34.92
O MSE D 281 -36.03 2.24 35.26
CB MSE D 281 -33.00 2.87 35.24
CG MSE D 281 -31.68 3.16 35.92
SE MSE D 281 -31.00 4.90 35.47
CE MSE D 281 -30.50 4.62 33.64
N TYR D 282 -35.70 3.97 33.86
CA TYR D 282 -36.74 3.59 32.94
C TYR D 282 -36.07 3.90 31.60
N THR D 283 -35.00 3.15 31.31
CA THR D 283 -34.20 3.33 30.10
C THR D 283 -34.48 2.34 28.99
N GLU D 284 -33.57 2.35 28.02
CA GLU D 284 -33.61 1.44 26.87
C GLU D 284 -32.71 0.27 27.22
N VAL D 285 -31.42 0.56 27.42
CA VAL D 285 -30.48 -0.48 27.76
C VAL D 285 -29.79 -0.28 29.12
N ILE D 286 -29.78 -1.35 29.91
CA ILE D 286 -29.18 -1.34 31.23
C ILE D 286 -27.72 -1.77 31.08
N GLN D 287 -26.80 -0.88 31.44
CA GLN D 287 -25.37 -1.19 31.29
C GLN D 287 -24.70 -1.49 32.62
N ASP D 288 -23.41 -1.80 32.57
CA ASP D 288 -22.65 -2.13 33.76
C ASP D 288 -22.77 -1.04 34.82
N ALA D 289 -22.61 0.20 34.38
CA ALA D 289 -22.68 1.36 35.28
C ALA D 289 -23.93 1.36 36.16
N VAL D 290 -25.05 0.91 35.60
CA VAL D 290 -26.30 0.86 36.35
C VAL D 290 -26.24 -0.25 37.39
N ILE D 291 -25.72 -1.39 36.97
CA ILE D 291 -25.59 -2.54 37.85
C ILE D 291 -24.72 -2.19 39.04
N ALA D 292 -23.61 -1.49 38.76
CA ALA D 292 -22.69 -1.08 39.82
C ALA D 292 -23.41 -0.26 40.89
N LEU D 293 -24.19 0.73 40.45
CA LEU D 293 -24.95 1.59 41.36
C LEU D 293 -26.05 0.83 42.09
N MSE D 294 -26.53 -0.22 41.43
CA MSE D 294 -27.57 -1.07 41.99
C MSE D 294 -27.03 -1.84 43.19
O MSE D 294 -27.69 -1.96 44.22
CB MSE D 294 -28.05 -2.02 40.92
CG MSE D 294 -29.41 -2.62 41.18
SE MSE D 294 -30.07 -3.59 39.63
CE MSE D 294 -30.45 -5.26 40.43
N LYS D 295 -25.82 -2.37 43.06
CA LYS D 295 -25.19 -3.14 44.13
C LYS D 295 -24.90 -2.26 45.34
N LYS D 296 -24.81 -0.96 45.13
CA LYS D 296 -24.54 -0.04 46.22
C LYS D 296 -25.85 0.59 46.72
N GLY D 297 -26.97 0.06 46.27
CA GLY D 297 -28.26 0.58 46.68
C GLY D 297 -28.53 1.97 46.13
N ARG D 298 -27.65 2.42 45.26
CA ARG D 298 -27.76 3.74 44.64
C ARG D 298 -28.94 3.75 43.65
N ILE D 299 -29.09 2.66 42.90
CA ILE D 299 -30.20 2.53 41.96
C ILE D 299 -31.09 1.45 42.56
N LYS D 300 -32.36 1.78 42.77
CA LYS D 300 -33.31 0.87 43.37
C LYS D 300 -33.90 -0.17 42.44
N PHE D 301 -34.08 0.20 41.17
CA PHE D 301 -34.69 -0.70 40.22
C PHE D 301 -34.33 -0.23 38.81
N ALA D 302 -34.38 -1.13 37.84
CA ALA D 302 -34.07 -0.75 36.48
C ALA D 302 -35.01 -1.37 35.48
N SER D 303 -35.69 -0.52 34.72
CA SER D 303 -36.60 -0.99 33.68
C SER D 303 -35.87 -0.69 32.38
N GLY D 304 -35.91 -1.64 31.45
CA GLY D 304 -35.23 -1.42 30.18
C GLY D 304 -35.72 -2.38 29.12
N CYS D 305 -35.02 -2.43 27.99
CA CYS D 305 -35.39 -3.31 26.91
C CYS D 305 -34.32 -4.39 26.81
N SER D 306 -33.15 -4.09 27.36
CA SER D 306 -32.06 -5.06 27.33
C SER D 306 -31.10 -4.86 28.48
N LEU D 307 -30.45 -5.95 28.88
CA LEU D 307 -29.46 -5.92 29.92
C LEU D 307 -28.15 -6.14 29.14
N SER D 308 -27.53 -5.06 28.69
CA SER D 308 -26.30 -5.13 27.93
C SER D 308 -25.11 -4.94 28.84
N VAL D 309 -24.69 -6.00 29.53
CA VAL D 309 -23.58 -5.94 30.45
C VAL D 309 -22.42 -6.86 30.07
N SER D 310 -21.24 -6.59 30.63
CA SER D 310 -20.07 -7.40 30.35
C SER D 310 -20.24 -8.81 30.94
N ARG D 311 -19.37 -9.73 30.51
CA ARG D 311 -19.43 -11.10 30.98
C ARG D 311 -19.27 -11.23 32.48
N SER D 312 -18.39 -10.42 33.05
CA SER D 312 -18.14 -10.44 34.48
C SER D 312 -19.40 -10.05 35.24
N VAL D 313 -20.10 -9.05 34.72
CA VAL D 313 -21.32 -8.53 35.33
C VAL D 313 -22.51 -9.48 35.19
N ILE D 314 -22.67 -10.07 34.01
CA ILE D 314 -23.78 -10.98 33.77
C ILE D 314 -23.64 -12.23 34.62
N GLN D 315 -22.39 -12.66 34.84
CA GLN D 315 -22.18 -13.85 35.66
C GLN D 315 -22.51 -13.53 37.11
N ASP D 316 -22.20 -12.30 37.54
CA ASP D 316 -22.49 -11.89 38.90
C ASP D 316 -23.99 -11.86 39.14
N ILE D 317 -24.74 -11.39 38.14
CA ILE D 317 -26.19 -11.32 38.22
C ILE D 317 -26.78 -12.72 38.32
N TYR D 318 -26.39 -13.59 37.38
CA TYR D 318 -26.89 -14.96 37.36
C TYR D 318 -26.54 -15.75 38.59
N ALA D 319 -25.48 -15.33 39.29
CA ALA D 319 -25.04 -16.01 40.51
C ALA D 319 -25.74 -15.42 41.71
N ASN D 320 -26.44 -14.30 41.48
CA ASN D 320 -27.16 -13.61 42.54
C ASN D 320 -28.56 -13.16 42.10
N LEU D 321 -29.33 -14.09 41.55
CA LEU D 321 -30.69 -13.77 41.13
C LEU D 321 -31.45 -13.37 42.38
N ASP D 322 -30.91 -13.76 43.53
CA ASP D 322 -31.48 -13.46 44.83
C ASP D 322 -31.61 -11.96 45.05
N PHE D 323 -30.66 -11.23 44.48
CA PHE D 323 -30.60 -9.78 44.62
C PHE D 323 -31.13 -9.01 43.39
N PHE D 324 -30.75 -9.47 42.20
CA PHE D 324 -31.14 -8.78 40.96
C PHE D 324 -32.51 -9.07 40.38
N LYS D 325 -32.98 -10.31 40.50
CA LYS D 325 -34.26 -10.73 39.94
C LYS D 325 -35.41 -9.75 40.10
N ASP D 326 -35.59 -9.23 41.31
CA ASP D 326 -36.68 -8.29 41.59
C ASP D 326 -36.29 -6.81 41.40
N LYS D 327 -35.13 -6.56 40.82
CA LYS D 327 -34.67 -5.19 40.61
C LYS D 327 -34.48 -4.83 39.16
N ILE D 328 -34.52 -5.84 38.29
CA ILE D 328 -34.37 -5.62 36.87
C ILE D 328 -35.61 -6.13 36.16
N LEU D 329 -36.10 -5.37 35.18
CA LEU D 329 -37.28 -5.79 34.42
C LEU D 329 -37.08 -5.40 32.97
N LEU D 330 -37.11 -6.39 32.07
CA LEU D 330 -36.92 -6.12 30.65
C LEU D 330 -38.27 -6.15 29.91
N ARG D 331 -38.49 -5.12 29.09
CA ARG D 331 -39.72 -4.97 28.33
C ARG D 331 -39.46 -4.80 26.83
N PRO D 332 -40.49 -5.01 26.00
CA PRO D 332 -40.32 -4.85 24.56
C PRO D 332 -40.13 -3.36 24.39
N GLN D 333 -39.42 -2.94 23.34
CA GLN D 333 -39.19 -1.51 23.14
C GLN D 333 -40.49 -0.74 22.95
N GLU D 334 -41.57 -1.47 22.63
CA GLU D 334 -42.87 -0.84 22.46
C GLU D 334 -43.31 -0.25 23.79
N TYR D 335 -42.82 -0.85 24.87
CA TYR D 335 -43.14 -0.38 26.21
C TYR D 335 -42.02 0.39 26.87
N SER D 336 -40.79 -0.10 26.76
CA SER D 336 -39.65 0.58 27.37
C SER D 336 -39.47 2.01 26.86
N ASN D 337 -39.87 2.25 25.60
CA ASN D 337 -39.73 3.56 24.95
C ASN D 337 -41.07 4.23 24.68
N ASN D 338 -42.12 3.76 25.32
CA ASN D 338 -43.45 4.30 25.06
C ASN D 338 -43.71 5.73 25.51
N PRO D 339 -44.14 6.59 24.58
CA PRO D 339 -44.44 8.01 24.85
C PRO D 339 -45.42 8.15 26.03
N GLU D 340 -46.46 7.35 26.02
CA GLU D 340 -47.46 7.36 27.08
C GLU D 340 -46.82 7.12 28.46
N ILE D 341 -46.00 6.09 28.56
CA ILE D 341 -45.36 5.75 29.84
C ILE D 341 -44.34 6.81 30.25
N VAL D 342 -43.48 7.18 29.30
CA VAL D 342 -42.43 8.16 29.52
C VAL D 342 -43.00 9.45 30.06
N ARG D 343 -44.00 10.00 29.40
CA ARG D 343 -44.62 11.24 29.83
C ARG D 343 -45.38 11.12 31.14
N ARG D 344 -46.11 10.01 31.32
CA ARG D 344 -46.85 9.82 32.56
C ARG D 344 -45.93 9.75 33.77
N LEU D 345 -44.87 8.94 33.68
CA LEU D 345 -43.93 8.79 34.79
C LEU D 345 -43.04 10.01 34.99
N GLY D 346 -42.99 10.89 34.00
CA GLY D 346 -42.13 12.07 34.11
C GLY D 346 -40.68 11.67 34.03
N VAL D 347 -40.37 10.76 33.10
CA VAL D 347 -39.00 10.26 32.93
C VAL D 347 -38.08 11.39 32.52
N ILE D 348 -36.94 11.51 33.20
CA ILE D 348 -35.96 12.53 32.85
C ILE D 348 -35.00 11.84 31.88
N THR D 349 -34.89 12.40 30.68
CA THR D 349 -34.04 11.81 29.64
C THR D 349 -32.73 12.55 29.40
N ILE D 350 -31.66 11.77 29.23
CA ILE D 350 -30.33 12.32 29.00
C ILE D 350 -29.73 11.55 27.82
N ASN D 351 -29.52 12.24 26.72
CA ASN D 351 -28.99 11.63 25.50
C ASN D 351 -27.82 12.41 24.93
N THR D 352 -27.11 11.79 24.00
CA THR D 352 -25.95 12.44 23.39
C THR D 352 -26.26 13.15 22.09
N ALA D 353 -25.36 14.01 21.66
CA ALA D 353 -25.56 14.76 20.43
C ALA D 353 -24.29 14.68 19.60
N LEU D 354 -24.41 14.34 18.32
CA LEU D 354 -23.23 14.31 17.46
C LEU D 354 -22.80 15.76 17.36
N GLU D 355 -23.81 16.62 17.21
CA GLU D 355 -23.58 18.05 17.12
C GLU D 355 -24.88 18.73 17.51
N ALA D 356 -24.80 20.02 17.81
CA ALA D 356 -25.96 20.84 18.19
C ALA D 356 -25.73 22.24 17.63
N ASP D 357 -26.79 22.99 17.41
CA ASP D 357 -26.61 24.34 16.93
C ASP D 357 -27.07 25.31 18.00
N ILE D 358 -26.72 26.58 17.81
CA ILE D 358 -27.05 27.64 18.76
C ILE D 358 -28.54 27.90 19.03
N PHE D 359 -29.42 27.23 18.29
CA PHE D 359 -30.84 27.42 18.51
C PHE D 359 -31.52 26.24 19.19
N GLY D 360 -30.72 25.29 19.64
CA GLY D 360 -31.24 24.14 20.36
C GLY D 360 -31.63 22.92 19.54
N ASN D 361 -31.21 22.87 18.30
CA ASN D 361 -31.53 21.74 17.44
C ASN D 361 -30.39 20.73 17.57
N ILE D 362 -30.75 19.44 17.58
CA ILE D 362 -29.75 18.39 17.72
C ILE D 362 -29.68 17.39 16.56
N ASN D 363 -28.44 17.04 16.23
CA ASN D 363 -28.17 16.05 15.18
C ASN D 363 -27.59 14.88 15.94
N SER D 364 -28.20 13.72 15.82
CA SER D 364 -27.68 12.55 16.51
C SER D 364 -27.49 11.38 15.58
N THR D 365 -27.38 11.65 14.29
CA THR D 365 -27.22 10.55 13.33
C THR D 365 -26.31 10.75 12.11
N HIS D 366 -26.33 11.92 11.49
CA HIS D 366 -25.52 12.15 10.30
C HIS D 366 -24.28 13.01 10.45
N VAL D 367 -23.12 12.44 10.10
CA VAL D 367 -21.87 13.17 10.16
C VAL D 367 -21.86 14.08 8.92
N SER D 368 -21.64 15.37 9.13
CA SER D 368 -21.64 16.35 8.03
C SER D 368 -22.98 16.32 7.27
N GLY D 369 -24.00 15.80 7.92
CA GLY D 369 -25.33 15.74 7.34
C GLY D 369 -25.58 14.69 6.28
N THR D 370 -24.58 13.87 5.97
CA THR D 370 -24.73 12.86 4.93
C THR D 370 -24.43 11.43 5.37
N ARG D 371 -23.35 11.25 6.10
CA ARG D 371 -22.97 9.92 6.54
C ARG D 371 -23.72 9.39 7.75
N MSE D 372 -24.52 8.34 7.54
CA MSE D 372 -25.27 7.76 8.64
C MSE D 372 -24.31 7.24 9.71
O MSE D 372 -23.20 6.80 9.44
CB MSE D 372 -26.18 6.61 8.17
CG MSE D 372 -26.82 5.76 9.30
SE MSE D 372 -27.96 6.63 10.67
CE MSE D 372 -29.41 7.18 9.48
N MSE D 373 -24.80 7.33 10.93
CA MSE D 373 -24.07 6.92 12.10
C MSE D 373 -24.62 5.59 12.60
O MSE D 373 -24.12 4.53 12.26
CB MSE D 373 -24.23 8.00 13.15
CG MSE D 373 -22.93 8.57 13.54
SE MSE D 373 -22.07 7.06 14.28
CE MSE D 373 -21.69 7.84 16.07
N ASN D 374 -25.67 5.67 13.39
CA ASN D 374 -26.34 4.48 13.93
C ASN D 374 -27.82 4.56 13.57
N GLY D 375 -28.50 5.56 14.14
CA GLY D 375 -29.91 5.74 13.89
C GLY D 375 -30.47 6.65 14.97
N ILE D 376 -31.62 7.25 14.73
CA ILE D 376 -32.20 8.14 15.72
C ILE D 376 -32.45 7.37 17.01
N GLY D 377 -32.64 6.06 16.90
CA GLY D 377 -32.88 5.24 18.07
C GLY D 377 -34.14 5.62 18.84
N GLY D 378 -34.02 5.64 20.16
CA GLY D 378 -35.14 6.01 20.99
C GLY D 378 -34.97 7.40 21.56
N SER D 379 -33.99 8.15 21.05
CA SER D 379 -33.75 9.50 21.55
C SER D 379 -34.97 10.38 21.30
N GLY D 380 -35.69 10.10 20.21
CA GLY D 380 -36.88 10.87 19.89
C GLY D 380 -38.02 10.49 20.83
N ASP D 381 -38.27 9.18 20.99
CA ASP D 381 -39.33 8.70 21.88
C ASP D 381 -39.19 9.33 23.27
N PHE D 382 -37.96 9.37 23.77
CA PHE D 382 -37.68 9.91 25.09
C PHE D 382 -37.67 11.44 25.14
N THR D 383 -36.69 12.05 24.46
CA THR D 383 -36.55 13.50 24.42
C THR D 383 -37.88 14.23 24.30
N ARG D 384 -38.63 13.89 23.26
CA ARG D 384 -39.93 14.50 23.00
C ARG D 384 -40.90 14.47 24.17
N ASN D 385 -40.95 13.36 24.90
CA ASN D 385 -41.92 13.24 26.00
C ASN D 385 -41.41 13.29 27.43
N SER D 386 -40.10 13.48 27.61
CA SER D 386 -39.54 13.54 28.96
C SER D 386 -39.99 14.74 29.77
N TYR D 387 -39.88 14.61 31.09
CA TYR D 387 -40.22 15.68 32.03
C TYR D 387 -39.35 16.88 31.64
N VAL D 388 -38.06 16.61 31.44
CA VAL D 388 -37.07 17.60 31.02
C VAL D 388 -36.08 16.81 30.15
N SER D 389 -35.86 17.26 28.93
CA SER D 389 -34.92 16.54 28.05
C SER D 389 -33.56 17.18 28.10
N ILE D 390 -32.53 16.35 28.24
CA ILE D 390 -31.18 16.83 28.32
C ILE D 390 -30.31 16.21 27.23
N PHE D 391 -29.41 17.02 26.66
CA PHE D 391 -28.49 16.53 25.65
C PHE D 391 -27.08 16.92 26.10
N THR D 392 -26.20 15.92 26.08
CA THR D 392 -24.82 16.09 26.48
C THR D 392 -23.92 15.90 25.28
N THR D 393 -22.71 16.45 25.35
CA THR D 393 -21.75 16.34 24.28
C THR D 393 -20.48 17.14 24.57
N PRO D 394 -19.31 16.53 24.35
CA PRO D 394 -18.09 17.30 24.60
C PRO D 394 -18.18 18.48 23.64
N SER D 395 -17.63 19.63 24.01
CA SER D 395 -17.73 20.80 23.19
C SER D 395 -17.01 20.71 21.84
N VAL D 396 -15.87 20.02 21.82
CA VAL D 396 -15.09 19.91 20.60
C VAL D 396 -14.66 18.49 20.25
N MSE D 397 -13.95 18.38 19.14
CA MSE D 397 -13.47 17.10 18.65
C MSE D 397 -12.21 17.33 17.82
O MSE D 397 -11.88 18.48 17.52
CB MSE D 397 -14.57 16.49 17.78
CG MSE D 397 -14.25 15.16 17.17
SE MSE D 397 -15.68 14.67 15.99
CE MSE D 397 -17.10 14.45 17.32
N LYS D 398 -11.52 16.25 17.47
CA LYS D 398 -10.29 16.33 16.67
C LYS D 398 -9.35 17.41 17.19
N ASP D 399 -8.90 17.26 18.43
CA ASP D 399 -8.00 18.23 19.05
C ASP D 399 -8.46 19.66 18.90
N GLY D 400 -9.78 19.87 18.95
CA GLY D 400 -10.33 21.20 18.84
C GLY D 400 -10.63 21.70 17.43
N LYS D 401 -10.22 20.96 16.41
CA LYS D 401 -10.44 21.37 15.02
C LYS D 401 -11.90 21.25 14.59
N ILE D 402 -12.68 20.53 15.39
CA ILE D 402 -14.10 20.36 15.10
C ILE D 402 -14.89 20.83 16.31
N SER D 403 -15.89 21.68 16.07
CA SER D 403 -16.76 22.17 17.13
C SER D 403 -18.04 21.34 17.14
N SER D 404 -18.47 20.92 18.33
CA SER D 404 -19.70 20.15 18.47
C SER D 404 -20.91 21.07 18.30
N PHE D 405 -20.67 22.38 18.37
CA PHE D 405 -21.71 23.38 18.23
C PHE D 405 -21.49 24.16 16.93
N VAL D 406 -22.56 24.25 16.14
CA VAL D 406 -22.50 24.90 14.84
C VAL D 406 -23.66 25.87 14.63
N PRO D 407 -23.57 26.74 13.61
CA PRO D 407 -24.65 27.69 13.32
C PRO D 407 -25.98 26.96 13.09
N MSE D 408 -25.92 25.91 12.27
CA MSE D 408 -27.09 25.08 11.95
C MSE D 408 -26.61 23.63 11.85
O MSE D 408 -25.56 23.37 11.26
CB MSE D 408 -27.71 25.50 10.62
CG MSE D 408 -29.04 24.79 10.34
SE MSE D 408 -29.75 24.97 8.50
CE MSE D 408 -30.68 26.67 8.71
N VAL D 409 -27.38 22.70 12.40
CA VAL D 409 -27.00 21.28 12.34
C VAL D 409 -27.21 20.77 10.92
N ALA D 410 -26.23 20.03 10.41
CA ALA D 410 -26.27 19.48 9.05
C ALA D 410 -27.36 18.44 8.88
N HIS D 411 -28.00 18.05 9.98
CA HIS D 411 -29.08 17.07 9.98
C HIS D 411 -29.88 17.23 11.26
N HIS D 412 -31.17 17.48 11.13
CA HIS D 412 -32.04 17.68 12.28
C HIS D 412 -32.74 16.43 12.75
N ASP D 413 -32.44 16.00 13.97
CA ASP D 413 -33.10 14.84 14.56
C ASP D 413 -34.05 15.28 15.67
N HIS D 414 -33.69 16.35 16.38
CA HIS D 414 -34.52 16.89 17.45
C HIS D 414 -34.60 18.40 17.26
N SER D 415 -35.79 18.97 17.41
CA SER D 415 -36.00 20.40 17.22
C SER D 415 -36.03 21.26 18.47
N GLU D 416 -35.93 22.57 18.24
CA GLU D 416 -35.93 23.58 19.29
C GLU D 416 -37.09 23.43 20.23
N HIS D 417 -38.16 22.82 19.73
CA HIS D 417 -39.39 22.60 20.52
C HIS D 417 -39.30 21.41 21.43
N SER D 418 -38.30 20.56 21.23
CA SER D 418 -38.16 19.36 22.03
C SER D 418 -36.93 19.33 22.96
N VAL D 419 -35.89 20.06 22.57
CA VAL D 419 -34.65 20.09 23.36
C VAL D 419 -34.77 21.15 24.45
N LYS D 420 -34.75 20.70 25.70
CA LYS D 420 -34.90 21.61 26.83
C LYS D 420 -33.60 22.06 27.47
N VAL D 421 -32.62 21.17 27.54
CA VAL D 421 -31.34 21.50 28.16
C VAL D 421 -30.16 20.87 27.43
N ILE D 422 -29.05 21.60 27.37
CA ILE D 422 -27.84 21.12 26.72
C ILE D 422 -26.70 21.27 27.71
N ILE D 423 -25.84 20.25 27.78
CA ILE D 423 -24.72 20.29 28.70
C ILE D 423 -23.39 19.78 28.15
N SER D 424 -22.33 20.57 28.29
CA SER D 424 -21.00 20.15 27.86
C SER D 424 -20.09 20.27 29.08
N GLU D 425 -18.78 20.12 28.89
CA GLU D 425 -17.86 20.22 30.01
C GLU D 425 -17.77 21.63 30.54
N TRP D 426 -18.17 22.60 29.72
CA TRP D 426 -18.12 24.01 30.08
C TRP D 426 -19.27 24.53 30.95
N GLY D 427 -20.40 23.85 30.91
CA GLY D 427 -21.54 24.30 31.70
C GLY D 427 -22.85 23.81 31.13
N VAL D 428 -23.96 24.29 31.67
CA VAL D 428 -25.27 23.87 31.19
C VAL D 428 -26.08 25.02 30.62
N ALA D 429 -26.83 24.75 29.56
CA ALA D 429 -27.66 25.78 28.94
C ALA D 429 -29.13 25.39 29.03
N ASP D 430 -29.85 26.00 29.96
CA ASP D 430 -31.27 25.71 30.12
C ASP D 430 -31.98 26.53 29.05
N LEU D 431 -32.56 25.85 28.08
CA LEU D 431 -33.23 26.50 26.96
C LEU D 431 -34.68 26.88 27.18
N ARG D 432 -35.29 26.38 28.26
CA ARG D 432 -36.70 26.66 28.55
C ARG D 432 -37.04 28.14 28.74
N GLY D 433 -38.13 28.54 28.12
CA GLY D 433 -38.60 29.91 28.21
C GLY D 433 -37.80 30.92 27.41
N LYS D 434 -36.99 30.43 26.48
CA LYS D 434 -36.17 31.34 25.69
C LYS D 434 -36.46 31.27 24.21
N ASN D 435 -36.33 32.41 23.55
CA ASN D 435 -36.55 32.47 22.12
C ASN D 435 -35.22 32.08 21.45
N PRO D 436 -35.16 32.05 20.11
CA PRO D 436 -33.91 31.68 19.43
C PRO D 436 -32.65 32.44 19.82
N ARG D 437 -32.71 33.77 19.84
CA ARG D 437 -31.55 34.58 20.19
C ARG D 437 -31.10 34.40 21.63
N GLU D 438 -32.07 34.29 22.54
CA GLU D 438 -31.74 34.12 23.95
C GLU D 438 -31.12 32.76 24.24
N ARG D 439 -31.57 31.73 23.53
CA ARG D 439 -31.01 30.43 23.81
C ARG D 439 -29.66 30.25 23.10
N ALA D 440 -29.42 31.04 22.07
CA ALA D 440 -28.15 30.99 21.34
C ALA D 440 -27.07 31.59 22.23
N HIS D 441 -27.36 32.71 22.88
CA HIS D 441 -26.39 33.32 23.75
C HIS D 441 -26.13 32.46 24.96
N GLU D 442 -27.16 31.78 25.44
CA GLU D 442 -27.00 30.92 26.60
C GLU D 442 -26.11 29.73 26.21
N ILE D 443 -26.41 29.12 25.06
CA ILE D 443 -25.63 27.99 24.58
C ILE D 443 -24.18 28.38 24.32
N ILE D 444 -23.99 29.58 23.77
CA ILE D 444 -22.66 30.08 23.46
C ILE D 444 -21.80 30.31 24.71
N ASP D 445 -22.38 31.00 25.68
CA ASP D 445 -21.70 31.33 26.92
C ASP D 445 -21.45 30.16 27.88
N LYS D 446 -22.35 29.17 27.87
CA LYS D 446 -22.24 28.05 28.80
C LYS D 446 -21.73 26.71 28.24
N CYS D 447 -22.06 26.39 26.99
CA CYS D 447 -21.68 25.11 26.41
C CYS D 447 -20.56 25.08 25.37
N VAL D 448 -20.58 26.07 24.49
CA VAL D 448 -19.60 26.20 23.41
C VAL D 448 -18.18 26.35 23.94
N HIS D 449 -17.22 25.78 23.22
CA HIS D 449 -15.83 25.86 23.62
C HIS D 449 -15.33 27.28 23.30
N PRO D 450 -14.56 27.88 24.23
CA PRO D 450 -14.01 29.23 24.05
C PRO D 450 -13.51 29.57 22.64
N ASP D 451 -12.84 28.62 22.00
CA ASP D 451 -12.31 28.78 20.64
C ASP D 451 -13.38 29.06 19.58
N TYR D 452 -14.64 28.80 19.90
CA TYR D 452 -15.71 29.02 18.93
C TYR D 452 -16.78 30.00 19.38
N ARG D 453 -16.69 30.47 20.63
CA ARG D 453 -17.70 31.37 21.13
C ARG D 453 -17.76 32.71 20.40
N PRO D 454 -16.61 33.37 20.16
CA PRO D 454 -16.68 34.65 19.46
C PRO D 454 -17.19 34.59 18.02
N LEU D 455 -16.88 33.48 17.35
CA LEU D 455 -17.29 33.27 15.97
C LEU D 455 -18.79 33.06 15.88
N LEU D 456 -19.36 32.33 16.83
CA LEU D 456 -20.79 32.10 16.83
C LEU D 456 -21.51 33.35 17.31
N ARG D 457 -20.82 34.22 18.04
CA ARG D 457 -21.44 35.46 18.50
C ARG D 457 -21.54 36.38 17.29
N GLN D 458 -20.51 36.32 16.44
CA GLN D 458 -20.47 37.12 15.22
C GLN D 458 -21.52 36.67 14.24
N TYR D 459 -21.86 35.39 14.29
CA TYR D 459 -22.87 34.83 13.40
C TYR D 459 -24.24 35.44 13.69
N LEU D 460 -24.48 35.82 14.94
CA LEU D 460 -25.75 36.41 15.33
C LEU D 460 -25.86 37.88 14.96
N GLU D 461 -24.77 38.45 14.46
CA GLU D 461 -24.77 39.86 14.07
C GLU D 461 -24.49 40.05 12.59
N LEU D 462 -24.95 39.13 11.75
CA LEU D 462 -24.73 39.23 10.31
C LEU D 462 -25.84 39.95 9.56
N GLY D 463 -26.70 40.64 10.28
CA GLY D 463 -27.78 41.40 9.67
C GLY D 463 -29.07 40.69 9.32
N VAL D 464 -29.17 39.40 9.64
CA VAL D 464 -30.38 38.63 9.35
C VAL D 464 -31.57 39.08 10.18
N LYS D 465 -32.70 39.30 9.52
CA LYS D 465 -33.92 39.72 10.20
C LYS D 465 -34.91 38.58 10.42
N GLY D 466 -35.59 38.61 11.57
CA GLY D 466 -36.57 37.59 11.86
C GLY D 466 -36.40 36.88 13.18
N GLN D 467 -37.39 36.04 13.48
CA GLN D 467 -37.43 35.21 14.68
C GLN D 467 -36.14 34.40 14.85
N THR D 468 -35.69 33.76 13.77
CA THR D 468 -34.48 32.95 13.80
C THR D 468 -33.40 33.52 12.86
N PRO D 469 -32.30 34.03 13.44
CA PRO D 469 -31.16 34.62 12.72
C PRO D 469 -30.30 33.67 11.90
N GLN D 470 -30.91 32.78 11.12
CA GLN D 470 -30.12 31.86 10.31
C GLN D 470 -29.76 32.54 8.99
N ASN D 471 -28.47 32.48 8.63
CA ASN D 471 -28.01 33.08 7.39
C ASN D 471 -27.80 31.99 6.33
N LEU D 472 -28.82 31.74 5.52
CA LEU D 472 -28.77 30.73 4.49
C LEU D 472 -27.57 30.78 3.55
N ASP D 473 -26.84 31.89 3.54
CA ASP D 473 -25.66 32.00 2.68
C ASP D 473 -24.42 31.35 3.31
N CYS D 474 -24.41 31.22 4.63
CA CYS D 474 -23.26 30.67 5.33
C CYS D 474 -23.53 29.87 6.60
N CYS D 475 -24.76 29.43 6.81
CA CYS D 475 -25.08 28.66 8.01
C CYS D 475 -24.26 27.35 8.12
N PHE D 476 -23.73 26.88 6.99
CA PHE D 476 -22.94 25.64 6.97
C PHE D 476 -21.46 25.88 6.77
N ALA D 477 -21.01 27.10 6.98
CA ALA D 477 -19.60 27.45 6.82
C ALA D 477 -18.69 26.60 7.71
N PHE D 478 -19.13 26.30 8.92
CA PHE D 478 -18.33 25.47 9.84
C PHE D 478 -18.02 24.12 9.21
N HIS D 479 -19.05 23.47 8.69
CA HIS D 479 -18.94 22.16 8.05
C HIS D 479 -18.14 22.28 6.77
N GLN D 480 -18.41 23.34 6.02
CA GLN D 480 -17.70 23.57 4.78
C GLN D 480 -16.22 23.78 5.04
N GLU D 481 -15.91 24.56 6.07
CA GLU D 481 -14.51 24.83 6.41
C GLU D 481 -13.79 23.57 6.86
N LEU D 482 -14.49 22.68 7.55
CA LEU D 482 -13.86 21.45 8.00
C LEU D 482 -13.36 20.67 6.80
N ALA D 483 -14.20 20.64 5.77
CA ALA D 483 -13.88 19.96 4.53
C ALA D 483 -12.75 20.65 3.75
N LYS D 484 -12.68 21.97 3.86
CA LYS D 484 -11.65 22.72 3.15
C LYS D 484 -10.30 22.73 3.87
N SER D 485 -10.29 23.18 5.13
CA SER D 485 -9.06 23.28 5.92
C SER D 485 -8.81 22.16 6.92
N GLY D 486 -9.88 21.54 7.42
CA GLY D 486 -9.72 20.50 8.41
C GLY D 486 -9.80 21.11 9.80
N ASP D 487 -9.99 22.44 9.86
CA ASP D 487 -10.11 23.15 11.13
C ASP D 487 -11.19 24.23 11.04
N MSE D 488 -12.28 24.06 11.77
CA MSE D 488 -13.38 25.01 11.73
C MSE D 488 -13.02 26.40 12.25
O MSE D 488 -13.69 27.37 11.92
CB MSE D 488 -14.58 24.47 12.53
CG MSE D 488 -15.11 23.13 12.02
SE MSE D 488 -16.77 22.56 12.89
CE MSE D 488 -17.42 21.29 11.61
N ARG D 489 -11.97 26.51 13.05
CA ARG D 489 -11.55 27.80 13.58
C ARG D 489 -11.10 28.75 12.49
N ASN D 490 -10.83 28.21 11.29
CA ASN D 490 -10.37 29.01 10.16
C ASN D 490 -11.48 29.80 9.49
N VAL D 491 -12.69 29.68 10.02
CA VAL D 491 -13.82 30.37 9.45
C VAL D 491 -13.75 31.88 9.75
N ARG D 492 -14.15 32.65 8.74
CA ARG D 492 -14.23 34.10 8.81
C ARG D 492 -15.46 34.38 7.96
N TRP D 493 -16.50 34.91 8.60
CA TRP D 493 -17.75 35.17 7.92
C TRP D 493 -17.60 36.02 6.67
N GLU D 494 -16.62 36.90 6.65
CA GLU D 494 -16.41 37.76 5.49
C GLU D 494 -15.92 36.94 4.30
N ASP D 495 -15.46 35.73 4.59
CA ASP D 495 -14.97 34.81 3.57
C ASP D 495 -16.11 33.99 3.00
N TYR D 496 -17.11 33.72 3.82
CA TYR D 496 -18.26 32.93 3.38
C TYR D 496 -19.41 33.79 2.88
N MSE D 497 -19.11 35.04 2.58
CA MSE D 497 -20.08 35.99 2.06
C MSE D 497 -19.35 37.24 1.57
O MSE D 497 -19.37 37.47 0.34
CB MSE D 497 -21.12 36.37 3.12
CG MSE D 497 -20.54 37.02 4.37
SE MSE D 497 -21.91 37.54 5.62
CE MSE D 497 -21.67 39.47 5.58
N ALA E 2 45.55 -4.50 -71.91
CA ALA E 2 46.45 -3.78 -70.97
C ALA E 2 46.12 -2.29 -70.93
N LEU E 3 46.64 -1.61 -69.91
CA LEU E 3 46.41 -0.17 -69.74
C LEU E 3 47.07 0.59 -70.88
N ARG E 4 46.28 1.42 -71.54
CA ARG E 4 46.75 2.22 -72.66
C ARG E 4 47.04 3.65 -72.21
N PHE E 5 48.23 4.13 -72.53
CA PHE E 5 48.62 5.49 -72.18
C PHE E 5 48.36 6.41 -73.35
N ILE E 6 47.64 7.49 -73.10
CA ILE E 6 47.31 8.45 -74.14
C ILE E 6 47.52 9.89 -73.71
N THR E 7 47.20 10.81 -74.62
CA THR E 7 47.34 12.23 -74.36
C THR E 7 46.02 12.80 -73.86
N ALA E 8 46.08 14.03 -73.35
CA ALA E 8 44.89 14.68 -72.85
C ALA E 8 43.95 14.99 -74.00
N GLU E 9 44.49 15.03 -75.22
CA GLU E 9 43.70 15.32 -76.40
C GLU E 9 42.98 14.07 -76.90
N GLU E 10 43.67 12.93 -76.85
CA GLU E 10 43.06 11.67 -77.27
C GLU E 10 41.97 11.28 -76.27
N ALA E 11 42.24 11.52 -75.00
CA ALA E 11 41.31 11.21 -73.92
C ALA E 11 40.02 12.02 -74.04
N ALA E 12 40.17 13.29 -74.42
CA ALA E 12 39.02 14.19 -74.59
C ALA E 12 38.08 13.71 -75.69
N GLU E 13 38.58 12.88 -76.59
CA GLU E 13 37.75 12.36 -77.68
C GLU E 13 36.71 11.37 -77.17
N PHE E 14 36.92 10.86 -75.96
CA PHE E 14 35.99 9.91 -75.38
C PHE E 14 34.80 10.59 -74.71
N VAL E 15 34.80 11.91 -74.71
CA VAL E 15 33.72 12.69 -74.13
C VAL E 15 32.96 13.34 -75.29
N HIS E 16 31.65 13.15 -75.32
CA HIS E 16 30.83 13.68 -76.40
C HIS E 16 29.75 14.60 -75.87
N HIS E 17 29.15 15.38 -76.76
CA HIS E 17 28.10 16.29 -76.36
C HIS E 17 26.98 15.52 -75.70
N ASN E 18 26.42 16.11 -74.64
CA ASN E 18 25.32 15.51 -73.89
C ASN E 18 25.73 14.35 -72.98
N ASP E 19 27.02 14.07 -72.90
CA ASP E 19 27.49 13.01 -72.02
C ASP E 19 27.47 13.55 -70.61
N ASN E 20 27.23 12.70 -69.63
CA ASN E 20 27.27 13.13 -68.24
C ASN E 20 28.62 12.68 -67.70
N VAL E 21 29.41 13.61 -67.20
CA VAL E 21 30.73 13.27 -66.69
C VAL E 21 30.88 13.50 -65.19
N GLY E 22 31.44 12.50 -64.51
CA GLY E 22 31.66 12.60 -63.09
C GLY E 22 33.15 12.76 -62.91
N PHE E 23 33.55 13.67 -62.02
CA PHE E 23 34.96 13.91 -61.77
C PHE E 23 35.35 13.54 -60.34
N SER E 24 36.59 13.07 -60.19
CA SER E 24 37.09 12.66 -58.88
C SER E 24 37.50 13.87 -58.03
N GLY E 25 37.86 13.60 -56.77
CA GLY E 25 38.30 14.65 -55.89
C GLY E 25 37.23 15.39 -55.10
N PHE E 26 37.70 16.23 -54.19
CA PHE E 26 36.84 17.04 -53.34
C PHE E 26 37.62 18.34 -53.16
N THR E 27 37.11 19.41 -53.76
CA THR E 27 37.76 20.72 -53.79
C THR E 27 38.81 20.43 -54.86
N PRO E 28 39.56 21.44 -55.32
CA PRO E 28 40.58 21.17 -56.35
C PRO E 28 41.35 19.88 -56.10
N ALA E 29 41.63 19.59 -54.82
CA ALA E 29 42.36 18.41 -54.43
C ALA E 29 41.72 17.11 -54.93
N GLY E 30 42.52 16.29 -55.61
CA GLY E 30 42.04 15.02 -56.14
C GLY E 30 41.29 15.10 -57.45
N ASN E 31 41.27 16.28 -58.05
CA ASN E 31 40.57 16.49 -59.31
C ASN E 31 41.48 16.43 -60.53
N PRO E 32 40.93 16.03 -61.69
CA PRO E 32 41.73 15.96 -62.91
C PRO E 32 42.09 17.41 -63.30
N LYS E 33 43.29 17.61 -63.84
CA LYS E 33 43.74 18.96 -64.18
C LYS E 33 44.10 19.25 -65.63
N VAL E 34 44.26 18.22 -66.45
CA VAL E 34 44.63 18.46 -67.83
C VAL E 34 43.61 18.01 -68.88
N VAL E 35 42.84 16.97 -68.58
CA VAL E 35 41.85 16.49 -69.54
C VAL E 35 40.66 17.44 -69.71
N PRO E 36 40.07 17.91 -68.59
CA PRO E 36 38.93 18.82 -68.76
C PRO E 36 39.20 20.02 -69.68
N ALA E 37 40.44 20.51 -69.68
CA ALA E 37 40.80 21.64 -70.52
C ALA E 37 40.80 21.21 -71.98
N ALA E 38 41.18 19.95 -72.23
CA ALA E 38 41.20 19.39 -73.57
C ALA E 38 39.77 19.20 -74.07
N ILE E 39 38.85 18.97 -73.15
CA ILE E 39 37.44 18.80 -73.50
C ILE E 39 36.94 20.16 -73.94
N ALA E 40 37.35 21.18 -73.18
CA ALA E 40 36.95 22.55 -73.44
C ALA E 40 37.35 22.97 -74.86
N LYS E 41 38.61 22.71 -75.24
CA LYS E 41 39.09 23.06 -76.58
C LYS E 41 38.12 22.43 -77.56
N ARG E 42 37.97 21.12 -77.41
CA ARG E 42 37.10 20.29 -78.22
C ARG E 42 35.67 20.83 -78.26
N ALA E 43 35.18 21.29 -77.12
CA ALA E 43 33.84 21.84 -76.99
C ALA E 43 33.73 23.13 -77.79
N ILE E 44 34.72 24.01 -77.63
CA ILE E 44 34.74 25.29 -78.32
C ILE E 44 34.84 25.07 -79.84
N ALA E 45 35.69 24.13 -80.25
CA ALA E 45 35.86 23.85 -81.66
C ALA E 45 34.54 23.40 -82.29
N ALA E 46 33.67 22.82 -81.47
CA ALA E 46 32.39 22.35 -81.95
C ALA E 46 31.42 23.53 -82.05
N HIS E 47 31.48 24.41 -81.07
CA HIS E 47 30.60 25.57 -81.05
C HIS E 47 30.78 26.45 -82.28
N GLU E 48 32.01 26.91 -82.50
CA GLU E 48 32.28 27.78 -83.64
C GLU E 48 32.08 27.09 -84.99
N LYS E 49 31.79 25.80 -84.92
CA LYS E 49 31.53 25.03 -86.12
C LYS E 49 30.01 24.89 -86.29
N GLY E 50 29.27 25.47 -85.35
CA GLY E 50 27.82 25.42 -85.40
C GLY E 50 27.23 24.21 -84.69
N ASN E 51 28.09 23.35 -84.15
CA ASN E 51 27.63 22.15 -83.45
C ASN E 51 27.55 22.36 -81.94
N PRO E 52 26.51 21.79 -81.31
CA PRO E 52 26.31 21.89 -79.86
C PRO E 52 27.28 21.02 -79.08
N PHE E 53 27.65 21.48 -77.89
CA PHE E 53 28.56 20.69 -77.07
C PHE E 53 28.54 21.12 -75.62
N LYS E 54 27.81 20.35 -74.82
CA LYS E 54 27.69 20.60 -73.39
C LYS E 54 27.54 19.24 -72.69
N ILE E 55 28.21 19.10 -71.55
CA ILE E 55 28.17 17.87 -70.78
C ILE E 55 27.55 18.11 -69.41
N GLY E 56 27.00 17.05 -68.84
CA GLY E 56 26.42 17.13 -67.51
C GLY E 56 27.59 16.91 -66.58
N MSE E 57 27.62 17.59 -65.44
CA MSE E 57 28.74 17.45 -64.52
C MSE E 57 28.39 17.09 -63.09
O MSE E 57 27.64 17.80 -62.44
CB MSE E 57 29.54 18.76 -64.49
CG MSE E 57 30.06 19.16 -65.86
SE MSE E 57 30.90 20.87 -65.87
CE MSE E 57 32.35 20.47 -64.59
N PHE E 58 28.95 15.99 -62.62
CA PHE E 58 28.75 15.50 -61.26
C PHE E 58 30.14 15.53 -60.62
N THR E 59 30.29 16.25 -59.52
CA THR E 59 31.57 16.33 -58.83
C THR E 59 31.38 16.08 -57.34
N GLY E 60 32.48 16.05 -56.60
CA GLY E 60 32.36 15.86 -55.16
C GLY E 60 31.92 17.20 -54.59
N ALA E 61 32.76 18.20 -54.82
CA ALA E 61 32.49 19.56 -54.38
C ALA E 61 33.13 20.48 -55.42
N SER E 62 33.87 21.48 -54.95
CA SER E 62 34.53 22.42 -55.85
C SER E 62 35.68 21.78 -56.62
N THR E 63 36.03 22.39 -57.73
CA THR E 63 37.10 21.91 -58.58
C THR E 63 38.00 23.11 -58.91
N GLY E 64 39.18 22.86 -59.47
CA GLY E 64 40.03 23.99 -59.79
C GLY E 64 39.48 24.88 -60.89
N ALA E 65 40.28 25.84 -61.33
CA ALA E 65 39.88 26.75 -62.40
C ALA E 65 40.12 26.03 -63.72
N ARG E 66 40.82 24.91 -63.64
CA ARG E 66 41.14 24.09 -64.81
C ARG E 66 40.11 22.99 -64.97
N LEU E 67 38.96 23.19 -64.34
CA LEU E 67 37.88 22.21 -64.41
C LEU E 67 36.64 23.02 -64.70
N ASP E 68 36.02 23.55 -63.66
CA ASP E 68 34.81 24.37 -63.80
C ASP E 68 35.11 25.64 -64.58
N GLY E 69 36.22 26.29 -64.24
CA GLY E 69 36.60 27.51 -64.91
C GLY E 69 36.71 27.38 -66.42
N VAL E 70 37.61 26.51 -66.86
CA VAL E 70 37.80 26.29 -68.29
C VAL E 70 36.52 25.79 -68.98
N LEU E 71 35.79 24.88 -68.32
CA LEU E 71 34.55 24.35 -68.87
C LEU E 71 33.47 25.44 -68.97
N ALA E 72 33.43 26.31 -67.98
CA ALA E 72 32.46 27.41 -67.94
C ALA E 72 32.80 28.44 -69.02
N GLN E 73 34.07 28.79 -69.15
CA GLN E 73 34.50 29.76 -70.17
C GLN E 73 34.19 29.20 -71.55
N ALA E 74 34.21 27.87 -71.66
CA ALA E 74 33.92 27.17 -72.91
C ALA E 74 32.42 27.08 -73.15
N ASP E 75 31.63 27.46 -72.15
CA ASP E 75 30.17 27.42 -72.25
C ASP E 75 29.73 25.99 -72.65
N ALA E 76 30.29 25.00 -71.95
CA ALA E 76 30.00 23.61 -72.23
C ALA E 76 29.39 22.89 -71.01
N VAL E 77 28.71 23.65 -70.17
CA VAL E 77 28.08 23.09 -68.97
C VAL E 77 26.56 22.97 -69.15
N LYS E 78 26.06 21.77 -69.40
CA LYS E 78 24.61 21.61 -69.57
C LYS E 78 23.95 21.65 -68.19
N PHE E 79 24.60 21.07 -67.20
CA PHE E 79 24.09 21.09 -65.83
C PHE E 79 25.23 20.75 -64.87
N ARG E 80 25.15 21.31 -63.66
CA ARG E 80 26.21 21.12 -62.67
C ARG E 80 25.70 20.79 -61.27
N THR E 81 26.41 19.88 -60.58
CA THR E 81 26.09 19.47 -59.22
C THR E 81 27.36 18.92 -58.57
N PRO E 82 27.45 18.97 -57.22
CA PRO E 82 26.45 19.52 -56.31
C PRO E 82 26.89 20.83 -55.64
N TYR E 83 28.17 21.14 -55.78
CA TYR E 83 28.78 22.32 -55.18
C TYR E 83 29.86 22.86 -56.11
N GLN E 84 29.95 24.18 -56.23
CA GLN E 84 30.97 24.79 -57.06
C GLN E 84 31.56 25.98 -56.33
N SER E 85 32.67 26.50 -56.84
CA SER E 85 33.33 27.63 -56.21
C SER E 85 34.30 28.32 -57.17
N ASN E 86 33.86 28.51 -58.42
CA ASN E 86 34.67 29.15 -59.45
C ASN E 86 33.92 30.35 -59.99
N LYS E 87 34.62 31.48 -60.10
CA LYS E 87 34.02 32.74 -60.57
C LYS E 87 33.37 32.70 -61.95
N ASP E 88 33.99 31.97 -62.87
CA ASP E 88 33.47 31.87 -64.23
C ASP E 88 32.19 31.06 -64.23
N LEU E 89 32.20 29.93 -63.54
CA LEU E 89 31.01 29.09 -63.47
C LEU E 89 29.92 29.81 -62.68
N ARG E 90 30.30 30.48 -61.60
CA ARG E 90 29.37 31.21 -60.77
C ARG E 90 28.62 32.28 -61.54
N ASN E 91 29.33 33.02 -62.40
CA ASN E 91 28.70 34.06 -63.21
C ASN E 91 27.80 33.41 -64.25
N LEU E 92 28.29 32.33 -64.85
CA LEU E 92 27.55 31.62 -65.87
C LEU E 92 26.22 31.21 -65.28
N ILE E 93 26.25 30.79 -64.03
CA ILE E 93 25.06 30.37 -63.29
C ILE E 93 24.14 31.53 -63.02
N ASN E 94 24.68 32.56 -62.35
CA ASN E 94 23.89 33.75 -62.00
C ASN E 94 23.33 34.53 -63.18
N ASN E 95 23.88 34.26 -64.36
CA ASN E 95 23.41 34.90 -65.59
C ASN E 95 22.39 33.97 -66.23
N GLY E 96 22.04 32.90 -65.53
CA GLY E 96 21.07 31.94 -66.04
C GLY E 96 21.49 31.28 -67.35
N SER E 97 22.79 31.11 -67.53
CA SER E 97 23.31 30.50 -68.75
C SER E 97 23.49 28.99 -68.64
N THR E 98 23.22 28.43 -67.45
CA THR E 98 23.32 26.99 -67.26
C THR E 98 22.49 26.57 -66.04
N SER E 99 22.28 25.26 -65.90
CA SER E 99 21.51 24.72 -64.78
C SER E 99 22.40 24.22 -63.66
N TYR E 100 22.21 24.78 -62.48
CA TYR E 100 22.96 24.40 -61.32
C TYR E 100 22.02 24.13 -60.15
N PHE E 101 22.28 23.06 -59.41
CA PHE E 101 21.48 22.75 -58.24
C PHE E 101 22.40 22.20 -57.16
N ASP E 102 22.53 22.92 -56.07
CA ASP E 102 23.38 22.48 -54.97
C ASP E 102 22.64 21.52 -54.06
N LEU E 103 23.32 20.45 -53.67
CA LEU E 103 22.71 19.42 -52.83
C LEU E 103 23.49 19.20 -51.56
N HIS E 104 22.88 18.50 -50.61
CA HIS E 104 23.57 18.15 -49.38
C HIS E 104 24.61 17.16 -49.91
N LEU E 105 25.89 17.45 -49.68
CA LEU E 105 26.96 16.61 -50.19
C LEU E 105 26.87 15.13 -49.87
N SER E 106 26.46 14.77 -48.66
CA SER E 106 26.39 13.36 -48.31
C SER E 106 25.37 12.52 -49.10
N THR E 107 24.48 13.19 -49.82
CA THR E 107 23.44 12.46 -50.56
C THR E 107 23.64 12.16 -52.04
N LEU E 108 24.56 12.85 -52.71
CA LEU E 108 24.76 12.65 -54.15
C LEU E 108 25.13 11.23 -54.58
N ALA E 109 26.02 10.57 -53.84
CA ALA E 109 26.45 9.21 -54.18
C ALA E 109 25.31 8.21 -54.24
N GLN E 110 24.56 8.06 -53.14
CA GLN E 110 23.44 7.11 -53.12
C GLN E 110 22.32 7.49 -54.10
N ASP E 111 22.03 8.78 -54.24
CA ASP E 111 20.98 9.25 -55.14
C ASP E 111 21.36 8.98 -56.58
N LEU E 112 22.65 8.82 -56.83
CA LEU E 112 23.14 8.51 -58.15
C LEU E 112 22.82 7.04 -58.38
N ARG E 113 23.10 6.23 -57.36
CA ARG E 113 22.85 4.80 -57.42
C ARG E 113 21.35 4.53 -57.53
N TYR E 114 20.55 5.36 -56.86
CA TYR E 114 19.10 5.22 -56.88
C TYR E 114 18.54 5.54 -58.26
N GLY E 115 19.36 6.17 -59.09
CA GLY E 115 18.94 6.54 -60.43
C GLY E 115 18.24 7.87 -60.53
N PHE E 116 18.32 8.67 -59.46
CA PHE E 116 17.67 9.98 -59.41
C PHE E 116 18.15 10.94 -60.47
N TYR E 117 19.46 10.89 -60.77
CA TYR E 117 20.05 11.72 -61.81
C TYR E 117 20.47 10.68 -62.81
N GLY E 118 20.19 10.95 -64.08
CA GLY E 118 20.48 10.01 -65.15
C GLY E 118 21.63 9.03 -65.08
N LYS E 119 22.35 8.92 -66.20
CA LYS E 119 23.49 8.04 -66.34
C LYS E 119 24.82 8.79 -66.23
N VAL E 120 25.87 8.05 -65.88
CA VAL E 120 27.22 8.60 -65.80
C VAL E 120 27.91 7.94 -67.00
N ASP E 121 28.22 8.72 -68.01
CA ASP E 121 28.86 8.19 -69.21
C ASP E 121 30.34 7.92 -69.02
N VAL E 122 31.05 8.91 -68.49
CA VAL E 122 32.48 8.76 -68.26
C VAL E 122 32.90 9.38 -66.93
N ALA E 123 33.98 8.86 -66.36
CA ALA E 123 34.50 9.36 -65.11
C ALA E 123 35.94 9.75 -65.35
N ILE E 124 36.29 11.00 -65.06
CA ILE E 124 37.67 11.45 -65.21
C ILE E 124 38.20 11.48 -63.79
N ILE E 125 39.31 10.77 -63.54
CA ILE E 125 39.85 10.76 -62.19
C ILE E 125 41.36 11.01 -62.12
N GLU E 126 41.82 11.61 -61.02
CA GLU E 126 43.25 11.82 -60.85
C GLU E 126 43.70 10.70 -59.91
N VAL E 127 44.82 10.08 -60.23
CA VAL E 127 45.30 8.96 -59.45
C VAL E 127 46.79 9.01 -59.03
N ALA E 128 47.11 8.30 -57.96
CA ALA E 128 48.47 8.23 -57.46
C ALA E 128 49.05 6.92 -57.96
N ASP E 129 48.14 6.03 -58.36
CA ASP E 129 48.51 4.73 -58.90
C ASP E 129 47.31 3.96 -59.40
N VAL E 130 47.46 3.41 -60.61
CA VAL E 130 46.40 2.62 -61.24
C VAL E 130 47.01 1.28 -61.64
N THR E 131 46.50 0.21 -61.04
CA THR E 131 46.98 -1.13 -61.31
C THR E 131 46.44 -1.64 -62.63
N GLU E 132 47.06 -2.69 -63.15
CA GLU E 132 46.66 -3.28 -64.41
C GLU E 132 45.36 -4.05 -64.25
N ASP E 133 45.11 -4.52 -63.04
CA ASP E 133 43.88 -5.26 -62.73
C ASP E 133 42.79 -4.31 -62.26
N GLY E 134 42.94 -3.04 -62.61
CA GLY E 134 41.94 -2.05 -62.26
C GLY E 134 41.85 -1.52 -60.84
N LYS E 135 42.96 -1.41 -60.13
CA LYS E 135 42.93 -0.88 -58.76
C LYS E 135 43.34 0.60 -58.81
N ILE E 136 42.46 1.46 -58.32
CA ILE E 136 42.71 2.89 -58.31
C ILE E 136 43.08 3.43 -56.94
N LEU E 137 44.12 4.24 -56.89
CA LEU E 137 44.57 4.88 -55.66
C LEU E 137 44.40 6.38 -55.90
N PRO E 138 43.42 7.01 -55.19
CA PRO E 138 43.11 8.44 -55.28
C PRO E 138 44.27 9.27 -54.78
N THR E 139 44.16 10.58 -54.96
CA THR E 139 45.21 11.46 -54.49
C THR E 139 44.79 12.14 -53.21
N THR E 140 44.55 13.45 -53.24
CA THR E 140 44.20 14.18 -52.03
C THR E 140 42.73 14.48 -51.73
N GLY E 141 41.82 14.01 -52.59
CA GLY E 141 40.40 14.25 -52.40
C GLY E 141 39.60 13.07 -52.88
N VAL E 142 38.58 12.67 -52.12
CA VAL E 142 37.79 11.51 -52.52
C VAL E 142 36.47 11.82 -53.19
N GLY E 143 35.63 12.63 -52.53
CA GLY E 143 34.35 13.01 -53.09
C GLY E 143 33.41 11.83 -53.36
N ILE E 144 33.01 11.68 -54.63
CA ILE E 144 32.11 10.60 -55.02
C ILE E 144 32.82 9.59 -55.94
N LEU E 145 34.14 9.53 -55.80
CA LEU E 145 34.99 8.65 -56.59
C LEU E 145 34.46 7.23 -56.78
N PRO E 146 34.30 6.47 -55.68
CA PRO E 146 33.80 5.11 -55.85
C PRO E 146 32.50 4.97 -56.62
N THR E 147 31.60 5.94 -56.48
CA THR E 147 30.32 5.86 -57.17
C THR E 147 30.43 6.18 -58.66
N ILE E 148 31.24 7.16 -59.02
CA ILE E 148 31.37 7.50 -60.44
C ILE E 148 32.15 6.42 -61.19
N CYS E 149 33.08 5.76 -60.52
CA CYS E 149 33.87 4.70 -61.13
C CYS E 149 32.98 3.46 -61.34
N ARG E 150 32.05 3.25 -60.42
CA ARG E 150 31.14 2.11 -60.51
C ARG E 150 30.08 2.31 -61.62
N LEU E 151 29.46 3.48 -61.62
CA LEU E 151 28.41 3.82 -62.58
C LEU E 151 28.83 4.22 -64.00
N ALA E 152 30.05 4.71 -64.15
CA ALA E 152 30.52 5.16 -65.48
C ALA E 152 30.72 4.04 -66.51
N ASP E 153 30.41 4.35 -67.76
CA ASP E 153 30.60 3.41 -68.88
C ASP E 153 32.09 3.26 -69.17
N ARG E 154 32.81 4.37 -69.10
CA ARG E 154 34.25 4.38 -69.34
C ARG E 154 34.95 5.34 -68.40
N ILE E 155 36.19 5.03 -68.08
CA ILE E 155 36.98 5.84 -67.16
C ILE E 155 38.24 6.38 -67.79
N ILE E 156 38.50 7.67 -67.56
CA ILE E 156 39.71 8.32 -68.06
C ILE E 156 40.57 8.65 -66.86
N VAL E 157 41.71 7.96 -66.75
CA VAL E 157 42.62 8.17 -65.62
C VAL E 157 43.74 9.15 -65.90
N GLU E 158 44.13 9.88 -64.85
CA GLU E 158 45.17 10.88 -64.91
C GLU E 158 46.17 10.53 -63.80
N LEU E 159 47.34 10.03 -64.20
CA LEU E 159 48.40 9.61 -63.28
C LEU E 159 49.34 10.77 -62.92
N ASN E 160 49.13 11.35 -61.74
CA ASN E 160 49.94 12.48 -61.30
C ASN E 160 51.29 12.11 -60.67
N ASP E 161 52.34 12.70 -61.22
CA ASP E 161 53.71 12.50 -60.76
C ASP E 161 53.94 12.88 -59.30
N LYS E 162 53.35 14.01 -58.92
CA LYS E 162 53.49 14.57 -57.60
C LYS E 162 52.90 13.82 -56.41
N HIS E 163 52.06 12.84 -56.66
CA HIS E 163 51.48 12.09 -55.55
C HIS E 163 51.99 10.65 -55.55
N PRO E 164 52.80 10.29 -54.52
CA PRO E 164 53.39 8.97 -54.34
C PRO E 164 52.43 7.87 -53.94
N LYS E 165 52.69 6.65 -54.43
CA LYS E 165 51.84 5.51 -54.12
C LYS E 165 52.00 5.07 -52.67
N GLU E 166 52.93 5.71 -51.97
CA GLU E 166 53.18 5.39 -50.55
C GLU E 166 52.02 5.91 -49.72
N ILE E 167 51.16 6.69 -50.35
CA ILE E 167 49.97 7.26 -49.72
C ILE E 167 48.99 6.13 -49.41
N MSE E 168 49.13 5.04 -50.15
CA MSE E 168 48.30 3.86 -49.96
C MSE E 168 48.02 3.64 -48.48
O MSE E 168 48.93 3.43 -47.68
CB MSE E 168 49.03 2.64 -50.51
CG MSE E 168 48.34 1.31 -50.28
SE MSE E 168 47.03 0.83 -51.60
CE MSE E 168 48.07 -0.14 -52.83
N GLY E 169 46.74 3.70 -48.10
CA GLY E 169 46.38 3.50 -46.71
C GLY E 169 45.75 4.72 -46.08
N MSE E 170 45.86 5.87 -46.74
CA MSE E 170 45.28 7.11 -46.22
C MSE E 170 43.82 7.29 -46.63
O MSE E 170 43.15 8.22 -46.17
CB MSE E 170 46.10 8.32 -46.67
CG MSE E 170 47.42 8.48 -45.92
SE MSE E 170 48.24 10.27 -46.18
CE MSE E 170 46.74 11.24 -46.75
N HIS E 171 43.33 6.41 -47.50
CA HIS E 171 41.95 6.51 -47.92
C HIS E 171 41.18 5.31 -47.38
N ASP E 172 39.88 5.48 -47.21
CA ASP E 172 39.01 4.40 -46.75
C ASP E 172 37.83 4.51 -47.73
N LEU E 173 37.92 3.72 -48.79
CA LEU E 173 36.92 3.74 -49.85
C LEU E 173 35.94 2.58 -49.82
N CYS E 174 34.68 2.91 -50.09
CA CYS E 174 33.61 1.93 -50.15
C CYS E 174 32.24 2.57 -50.33
N GLU E 175 31.24 1.72 -50.51
CA GLU E 175 29.86 2.14 -50.67
C GLU E 175 29.06 1.13 -49.90
N PRO E 176 27.91 1.54 -49.35
CA PRO E 176 27.09 0.58 -48.60
C PRO E 176 26.06 -0.04 -49.54
N LEU E 177 25.42 -1.11 -49.09
CA LEU E 177 24.36 -1.72 -49.89
C LEU E 177 23.26 -0.66 -49.88
N ASP E 178 22.29 -0.78 -50.78
CA ASP E 178 21.21 0.18 -50.83
C ASP E 178 19.92 -0.46 -50.34
N PRO E 179 18.97 0.36 -49.85
CA PRO E 179 17.73 -0.23 -49.37
C PRO E 179 17.06 -1.13 -50.41
N PRO E 180 16.33 -2.16 -49.95
CA PRO E 180 16.14 -2.47 -48.53
C PRO E 180 17.22 -3.32 -47.89
N ALA E 181 18.41 -3.35 -48.49
CA ALA E 181 19.50 -4.20 -47.97
C ALA E 181 20.62 -3.50 -47.22
N ARG E 182 20.49 -2.20 -46.99
CA ARG E 182 21.56 -1.48 -46.31
C ARG E 182 21.75 -1.86 -44.84
N ARG E 183 23.02 -1.98 -44.45
CA ARG E 183 23.40 -2.31 -43.07
C ARG E 183 23.92 -1.01 -42.47
N GLU E 184 24.39 -1.05 -41.23
CA GLU E 184 24.91 0.15 -40.59
C GLU E 184 26.30 0.48 -41.13
N LEU E 185 26.70 1.74 -40.99
CA LEU E 185 28.01 2.21 -41.43
C LEU E 185 28.85 2.13 -40.14
N PRO E 186 29.62 1.04 -40.00
CA PRO E 186 30.50 0.73 -38.85
C PRO E 186 31.61 1.68 -38.39
N VAL E 187 31.30 2.97 -38.25
CA VAL E 187 32.29 3.89 -37.75
C VAL E 187 31.77 4.42 -36.41
N TYR E 188 32.48 4.08 -35.34
CA TYR E 188 32.12 4.48 -33.99
C TYR E 188 33.17 5.44 -33.42
N THR E 189 34.22 5.65 -34.18
CA THR E 189 35.33 6.52 -33.83
C THR E 189 35.73 7.21 -35.11
N PRO E 190 36.20 8.45 -35.01
CA PRO E 190 36.58 9.11 -36.27
C PRO E 190 37.72 8.45 -37.06
N SER E 191 38.45 7.53 -36.44
CA SER E 191 39.57 6.87 -37.13
C SER E 191 39.29 5.43 -37.56
N ASP E 192 38.03 5.01 -37.48
CA ASP E 192 37.67 3.64 -37.87
C ASP E 192 37.66 3.41 -39.38
N ARG E 193 38.28 2.32 -39.79
CA ARG E 193 38.32 1.94 -41.19
C ARG E 193 37.21 0.93 -41.47
N ILE E 194 36.45 1.15 -42.54
CA ILE E 194 35.37 0.25 -42.90
C ILE E 194 35.44 -0.19 -44.36
N GLY E 195 36.36 0.39 -45.12
CA GLY E 195 36.49 0.05 -46.52
C GLY E 195 37.88 -0.42 -46.92
N LYS E 196 38.26 -0.10 -48.17
CA LYS E 196 39.57 -0.46 -48.71
C LYS E 196 40.38 0.78 -49.06
N PRO E 197 41.71 0.64 -49.14
CA PRO E 197 42.59 1.77 -49.46
C PRO E 197 42.68 2.04 -50.97
N TYR E 198 41.73 1.49 -51.72
CA TYR E 198 41.70 1.66 -53.15
C TYR E 198 40.33 1.28 -53.67
N VAL E 199 40.05 1.69 -54.90
CA VAL E 199 38.78 1.36 -55.55
C VAL E 199 39.06 0.37 -56.70
N GLN E 200 38.29 -0.71 -56.72
CA GLN E 200 38.46 -1.75 -57.72
C GLN E 200 37.46 -1.60 -58.88
N VAL E 201 37.98 -1.56 -60.10
CA VAL E 201 37.14 -1.44 -61.29
C VAL E 201 37.60 -2.45 -62.34
N ASP E 202 36.79 -2.64 -63.37
CA ASP E 202 37.15 -3.53 -64.46
C ASP E 202 38.13 -2.72 -65.33
N PRO E 203 39.38 -3.16 -65.42
CA PRO E 203 40.37 -2.44 -66.24
C PRO E 203 39.90 -2.17 -67.69
N ALA E 204 38.93 -2.94 -68.15
CA ALA E 204 38.39 -2.80 -69.49
C ALA E 204 37.68 -1.46 -69.64
N LYS E 205 37.26 -0.89 -68.52
CA LYS E 205 36.56 0.40 -68.54
C LYS E 205 37.51 1.58 -68.69
N ILE E 206 38.79 1.37 -68.41
CA ILE E 206 39.79 2.44 -68.52
C ILE E 206 40.14 2.65 -70.00
N VAL E 207 39.57 3.69 -70.60
CA VAL E 207 39.85 3.97 -72.01
C VAL E 207 41.23 4.57 -72.20
N GLY E 208 41.88 4.97 -71.10
CA GLY E 208 43.21 5.53 -71.22
C GLY E 208 43.79 6.15 -69.95
N VAL E 209 45.12 6.18 -69.88
CA VAL E 209 45.83 6.75 -68.72
C VAL E 209 46.73 7.88 -69.19
N VAL E 210 46.41 9.10 -68.76
CA VAL E 210 47.20 10.27 -69.12
C VAL E 210 48.19 10.59 -68.00
N ARG E 211 49.48 10.64 -68.33
CA ARG E 211 50.48 10.95 -67.32
C ARG E 211 50.58 12.45 -67.12
N THR E 212 50.56 12.88 -65.86
CA THR E 212 50.67 14.30 -65.54
C THR E 212 51.67 14.49 -64.39
N SER E 213 51.98 15.75 -64.14
CA SER E 213 52.88 16.11 -63.07
C SER E 213 52.39 17.46 -62.65
N GLU E 214 51.42 17.47 -61.75
CA GLU E 214 50.81 18.70 -61.27
C GLU E 214 51.00 18.88 -59.77
N PRO E 215 51.77 19.91 -59.37
CA PRO E 215 52.02 20.20 -57.95
C PRO E 215 50.88 20.97 -57.32
N ASN E 216 50.83 20.97 -55.99
CA ASN E 216 49.80 21.71 -55.25
C ASN E 216 50.12 23.20 -55.36
N ASP E 217 49.10 24.05 -55.33
CA ASP E 217 49.36 25.50 -55.36
C ASP E 217 49.97 25.83 -54.00
N GLU E 218 50.56 27.01 -53.87
CA GLU E 218 51.10 27.35 -52.57
C GLU E 218 50.12 28.28 -51.85
N SER E 219 50.33 28.43 -50.55
CA SER E 219 49.49 29.26 -49.71
C SER E 219 49.60 30.70 -50.18
N ASP E 220 48.45 31.32 -50.45
CA ASP E 220 48.40 32.69 -50.93
C ASP E 220 47.79 33.64 -49.92
N PHE E 221 48.53 34.72 -49.63
CA PHE E 221 48.15 35.78 -48.70
C PHE E 221 47.00 35.48 -47.72
N ALA E 222 47.37 35.26 -46.46
CA ALA E 222 46.38 34.97 -45.41
C ALA E 222 46.62 35.86 -44.19
N PRO E 223 46.31 37.17 -44.32
CA PRO E 223 46.49 38.14 -43.24
C PRO E 223 45.60 37.87 -42.04
N LEU E 224 46.03 38.32 -40.88
CA LEU E 224 45.26 38.16 -39.65
C LEU E 224 44.23 39.29 -39.60
N ASP E 225 43.13 39.07 -38.87
CA ASP E 225 42.10 40.08 -38.76
C ASP E 225 41.52 40.04 -37.35
N PRO E 226 41.52 41.18 -36.65
CA PRO E 226 40.99 41.24 -35.28
C PRO E 226 39.59 40.68 -35.09
N VAL E 227 38.72 40.87 -36.09
CA VAL E 227 37.35 40.35 -36.00
C VAL E 227 37.35 38.80 -35.96
N THR E 228 38.18 38.18 -36.79
CA THR E 228 38.24 36.72 -36.82
C THR E 228 38.97 36.19 -35.59
N GLN E 229 39.93 36.97 -35.08
CA GLN E 229 40.67 36.58 -33.88
C GLN E 229 39.63 36.49 -32.77
N ALA E 230 38.79 37.52 -32.70
CA ALA E 230 37.73 37.60 -31.69
C ALA E 230 36.78 36.42 -31.82
N ILE E 231 36.23 36.22 -33.02
CA ILE E 231 35.31 35.11 -33.29
C ILE E 231 35.93 33.77 -32.88
N GLY E 232 37.16 33.52 -33.32
CA GLY E 232 37.81 32.27 -32.97
C GLY E 232 37.96 32.03 -31.49
N ASP E 233 38.25 33.09 -30.74
CA ASP E 233 38.42 32.96 -29.30
C ASP E 233 37.08 32.66 -28.66
N ASN E 234 36.03 33.34 -29.10
CA ASN E 234 34.70 33.11 -28.55
C ASN E 234 34.28 31.66 -28.72
N VAL E 235 34.55 31.09 -29.89
CA VAL E 235 34.19 29.68 -30.16
C VAL E 235 34.88 28.77 -29.16
N ALA E 236 36.19 28.91 -29.05
CA ALA E 236 37.00 28.10 -28.14
C ALA E 236 36.61 28.23 -26.68
N ALA E 237 36.39 29.47 -26.24
CA ALA E 237 36.02 29.74 -24.84
C ALA E 237 34.62 29.21 -24.53
N PHE E 238 33.73 29.25 -25.51
CA PHE E 238 32.36 28.78 -25.34
C PHE E 238 32.40 27.27 -25.08
N LEU E 239 33.12 26.59 -25.96
CA LEU E 239 33.25 25.15 -25.86
C LEU E 239 33.81 24.69 -24.53
N VAL E 240 34.91 25.27 -24.06
CA VAL E 240 35.45 24.83 -22.78
C VAL E 240 34.41 25.11 -21.70
N SER E 241 33.71 26.23 -21.87
CA SER E 241 32.69 26.65 -20.92
C SER E 241 31.52 25.65 -20.86
N GLU E 242 31.20 25.05 -22.01
CA GLU E 242 30.13 24.07 -22.11
C GLU E 242 30.52 22.78 -21.43
N MSE E 243 31.78 22.38 -21.60
CA MSE E 243 32.26 21.14 -20.98
C MSE E 243 32.16 21.20 -19.46
O MSE E 243 31.75 20.24 -18.82
CB MSE E 243 33.71 20.86 -21.37
CG MSE E 243 33.91 20.49 -22.83
SE MSE E 243 35.71 19.75 -23.17
CE MSE E 243 36.66 21.42 -23.28
N LYS E 244 32.55 22.34 -18.89
CA LYS E 244 32.51 22.49 -17.44
C LYS E 244 31.07 22.69 -16.94
N ALA E 245 30.18 23.07 -17.85
CA ALA E 245 28.77 23.25 -17.51
C ALA E 245 28.08 21.88 -17.57
N GLY E 246 28.77 20.92 -18.16
CA GLY E 246 28.25 19.56 -18.28
C GLY E 246 27.46 19.31 -19.55
N ARG E 247 27.54 20.23 -20.50
CA ARG E 247 26.80 20.09 -21.75
C ARG E 247 27.59 19.46 -22.89
N ILE E 248 28.85 19.14 -22.60
CA ILE E 248 29.73 18.47 -23.55
C ILE E 248 30.61 17.58 -22.69
N PRO E 249 30.75 16.31 -23.06
CA PRO E 249 31.60 15.41 -22.26
C PRO E 249 33.01 15.96 -22.07
N LYS E 250 33.54 15.79 -20.86
CA LYS E 250 34.86 16.26 -20.49
C LYS E 250 36.00 15.95 -21.45
N ASP E 251 35.93 14.84 -22.14
CA ASP E 251 37.01 14.48 -23.08
C ASP E 251 36.78 15.11 -24.44
N PHE E 252 35.79 15.99 -24.53
CA PHE E 252 35.45 16.67 -25.77
C PHE E 252 34.81 15.73 -26.79
N LEU E 253 34.64 16.19 -28.03
CA LEU E 253 34.00 15.42 -29.10
C LEU E 253 34.67 15.72 -30.43
N PRO E 254 34.31 14.98 -31.51
CA PRO E 254 34.92 15.23 -32.82
C PRO E 254 34.45 16.58 -33.34
N LEU E 255 35.30 17.25 -34.11
CA LEU E 255 34.93 18.56 -34.64
C LEU E 255 34.85 18.60 -36.15
N GLN E 256 34.14 19.60 -36.64
CA GLN E 256 34.00 19.84 -38.05
C GLN E 256 33.95 21.36 -38.19
N SER E 257 34.68 21.88 -39.17
CA SER E 257 34.71 23.30 -39.43
C SER E 257 34.79 23.50 -40.92
N GLY E 258 34.43 24.68 -41.37
CA GLY E 258 34.51 24.97 -42.79
C GLY E 258 35.93 25.40 -43.12
N VAL E 259 36.08 26.01 -44.29
CA VAL E 259 37.38 26.51 -44.74
C VAL E 259 37.32 28.03 -44.69
N GLY E 260 38.45 28.67 -44.41
CA GLY E 260 38.44 30.12 -44.35
C GLY E 260 39.20 30.67 -43.16
N ASN E 261 39.26 32.00 -43.10
CA ASN E 261 39.96 32.72 -42.05
C ASN E 261 39.37 32.48 -40.67
N VAL E 262 38.04 32.51 -40.59
CA VAL E 262 37.38 32.29 -39.31
C VAL E 262 37.75 30.89 -38.82
N ALA E 263 37.56 29.92 -39.72
CA ALA E 263 37.88 28.52 -39.42
C ALA E 263 39.31 28.42 -38.89
N ASN E 264 40.23 29.06 -39.59
CA ASN E 264 41.64 29.04 -39.20
C ASN E 264 41.81 29.62 -37.81
N ALA E 265 41.08 30.70 -37.54
CA ALA E 265 41.16 31.37 -36.24
C ALA E 265 40.57 30.46 -35.16
N VAL E 266 39.45 29.81 -35.49
CA VAL E 266 38.84 28.89 -34.54
C VAL E 266 39.81 27.77 -34.18
N LEU E 267 40.38 27.12 -35.20
CA LEU E 267 41.33 26.05 -34.97
C LEU E 267 42.51 26.52 -34.14
N GLY E 268 43.00 27.72 -34.44
CA GLY E 268 44.14 28.25 -33.70
C GLY E 268 43.78 28.48 -32.24
N ALA E 269 42.59 29.06 -32.03
CA ALA E 269 42.12 29.32 -30.67
C ALA E 269 42.02 28.03 -29.85
N LEU E 270 41.44 27.00 -30.47
CA LEU E 270 41.29 25.70 -29.81
C LEU E 270 42.66 25.17 -29.38
N GLY E 271 43.61 25.23 -30.30
CA GLY E 271 44.95 24.78 -30.02
C GLY E 271 45.63 25.55 -28.90
N ASP E 272 45.33 26.84 -28.80
CA ASP E 272 45.92 27.68 -27.76
C ASP E 272 45.18 27.71 -26.43
N ASN E 273 43.97 27.15 -26.38
CA ASN E 273 43.23 27.11 -25.12
C ASN E 273 43.52 25.74 -24.48
N PRO E 274 44.33 25.73 -23.41
CA PRO E 274 44.71 24.51 -22.70
C PRO E 274 43.54 23.69 -22.14
N ASP E 275 42.41 24.35 -21.94
CA ASP E 275 41.22 23.66 -21.43
C ASP E 275 40.56 22.85 -22.51
N ILE E 276 41.02 23.02 -23.74
CA ILE E 276 40.51 22.24 -24.86
C ILE E 276 41.45 21.03 -24.98
N PRO E 277 40.96 19.82 -24.66
CA PRO E 277 41.79 18.63 -24.74
C PRO E 277 42.15 18.25 -26.19
N ALA E 278 43.30 17.58 -26.36
CA ALA E 278 43.75 17.13 -27.68
C ALA E 278 42.50 16.53 -28.33
N PHE E 279 42.22 16.97 -29.55
CA PHE E 279 41.01 16.50 -30.22
C PHE E 279 41.18 15.93 -31.61
N ASN E 280 40.11 15.33 -32.11
CA ASN E 280 40.12 14.73 -33.44
C ASN E 280 39.16 15.49 -34.33
N MSE E 281 39.38 15.39 -35.62
CA MSE E 281 38.54 16.06 -36.61
C MSE E 281 37.75 15.03 -37.35
O MSE E 281 38.24 13.95 -37.64
CB MSE E 281 39.38 16.81 -37.64
CG MSE E 281 40.24 17.92 -37.06
SE MSE E 281 39.20 19.41 -36.34
CE MSE E 281 38.58 20.17 -38.02
N TYR E 282 36.49 15.36 -37.62
CA TYR E 282 35.64 14.53 -38.46
C TYR E 282 35.00 15.57 -39.36
N THR E 283 35.82 16.20 -40.19
CA THR E 283 35.39 17.26 -41.10
C THR E 283 35.18 16.84 -42.55
N GLU E 284 35.07 17.86 -43.40
CA GLU E 284 34.93 17.68 -44.83
C GLU E 284 36.34 17.82 -45.42
N VAL E 285 36.92 19.00 -45.27
CA VAL E 285 38.25 19.23 -45.79
C VAL E 285 39.27 19.57 -44.71
N ILE E 286 40.42 18.91 -44.79
CA ILE E 286 41.51 19.09 -43.84
C ILE E 286 42.43 20.16 -44.43
N GLN E 287 42.58 21.28 -43.71
CA GLN E 287 43.41 22.38 -44.18
C GLN E 287 44.73 22.48 -43.46
N ASP E 288 45.56 23.44 -43.87
CA ASP E 288 46.86 23.66 -43.25
C ASP E 288 46.76 23.83 -41.73
N ALA E 289 45.80 24.64 -41.30
CA ALA E 289 45.60 24.91 -39.87
C ALA E 289 45.49 23.62 -39.04
N VAL E 290 44.84 22.60 -39.61
CA VAL E 290 44.68 21.32 -38.92
C VAL E 290 46.03 20.60 -38.83
N ILE E 291 46.75 20.60 -39.95
CA ILE E 291 48.05 19.96 -40.02
C ILE E 291 48.99 20.58 -38.98
N ALA E 292 48.95 21.91 -38.89
CA ALA E 292 49.80 22.64 -37.94
C ALA E 292 49.56 22.16 -36.52
N LEU E 293 48.29 22.03 -36.14
CA LEU E 293 47.92 21.59 -34.79
C LEU E 293 48.28 20.13 -34.58
N MSE E 294 48.28 19.40 -35.69
CA MSE E 294 48.60 17.98 -35.69
C MSE E 294 50.06 17.75 -35.33
O MSE E 294 50.38 16.84 -34.56
CB MSE E 294 48.29 17.37 -37.05
CG MSE E 294 48.11 15.88 -37.05
SE MSE E 294 47.33 15.18 -38.71
CE MSE E 294 48.76 13.96 -39.16
N LYS E 295 50.93 18.58 -35.90
CA LYS E 295 52.37 18.49 -35.65
C LYS E 295 52.70 18.86 -34.20
N LYS E 296 51.81 19.61 -33.57
CA LYS E 296 52.02 19.99 -32.18
C LYS E 296 51.24 19.05 -31.23
N GLY E 297 50.77 17.93 -31.77
CA GLY E 297 50.04 16.98 -30.96
C GLY E 297 48.71 17.55 -30.46
N ARG E 298 48.36 18.73 -30.94
CA ARG E 298 47.12 19.39 -30.57
C ARG E 298 45.91 18.64 -31.18
N ILE E 299 46.06 18.16 -32.40
CA ILE E 299 45.00 17.39 -33.05
C ILE E 299 45.58 16.00 -33.18
N LYS E 300 44.85 15.02 -32.64
CA LYS E 300 45.30 13.64 -32.64
C LYS E 300 45.08 12.87 -33.93
N PHE E 301 44.03 13.23 -34.66
CA PHE E 301 43.70 12.51 -35.88
C PHE E 301 42.74 13.36 -36.70
N ALA E 302 42.70 13.13 -38.01
CA ALA E 302 41.82 13.91 -38.85
C ALA E 302 41.12 13.06 -39.89
N SER E 303 39.79 13.07 -39.85
CA SER E 303 38.99 12.34 -40.82
C SER E 303 38.40 13.43 -41.72
N GLY E 304 38.38 13.18 -43.02
CA GLY E 304 37.85 14.16 -43.94
C GLY E 304 37.57 13.56 -45.28
N CYS E 305 37.26 14.42 -46.25
CA CYS E 305 36.97 13.94 -47.60
C CYS E 305 38.11 14.35 -48.51
N SER E 306 38.88 15.34 -48.05
CA SER E 306 40.01 15.84 -48.82
C SER E 306 41.06 16.49 -47.93
N LEU E 307 42.30 16.44 -48.40
CA LEU E 307 43.43 17.06 -47.71
C LEU E 307 43.78 18.24 -48.61
N SER E 308 43.14 19.38 -48.35
CA SER E 308 43.35 20.59 -49.11
C SER E 308 44.38 21.49 -48.45
N VAL E 309 45.65 21.17 -48.65
CA VAL E 309 46.73 21.93 -48.05
C VAL E 309 47.64 22.57 -49.09
N SER E 310 48.44 23.55 -48.65
CA SER E 310 49.37 24.25 -49.53
C SER E 310 50.52 23.31 -49.95
N ARG E 311 51.26 23.71 -50.98
CA ARG E 311 52.36 22.91 -51.48
C ARG E 311 53.42 22.62 -50.42
N SER E 312 53.72 23.61 -49.60
CA SER E 312 54.72 23.46 -48.55
C SER E 312 54.28 22.38 -47.56
N VAL E 313 53.00 22.40 -47.20
CA VAL E 313 52.42 21.44 -46.28
C VAL E 313 52.32 20.01 -46.83
N ILE E 314 51.88 19.89 -48.08
CA ILE E 314 51.73 18.59 -48.72
C ILE E 314 53.09 17.91 -48.89
N GLN E 315 54.13 18.70 -49.14
CA GLN E 315 55.47 18.14 -49.29
C GLN E 315 55.99 17.66 -47.93
N ASP E 316 55.62 18.39 -46.88
CA ASP E 316 56.05 18.00 -45.54
C ASP E 316 55.37 16.67 -45.13
N ILE E 317 54.12 16.51 -45.52
CA ILE E 317 53.39 15.28 -45.22
C ILE E 317 54.01 14.11 -45.95
N TYR E 318 54.17 14.26 -47.26
CA TYR E 318 54.76 13.21 -48.10
C TYR E 318 56.18 12.87 -47.72
N ALA E 319 56.85 13.79 -47.01
CA ALA E 319 58.23 13.57 -46.58
C ALA E 319 58.24 12.93 -45.19
N ASN E 320 57.04 12.90 -44.58
CA ASN E 320 56.88 12.35 -43.25
C ASN E 320 55.62 11.49 -43.13
N LEU E 321 55.48 10.52 -44.02
CA LEU E 321 54.35 9.61 -43.97
C LEU E 321 54.48 8.84 -42.67
N ASP E 322 55.69 8.82 -42.13
CA ASP E 322 55.99 8.15 -40.86
C ASP E 322 55.13 8.71 -39.74
N PHE E 323 54.81 10.00 -39.84
CA PHE E 323 54.04 10.69 -38.83
C PHE E 323 52.57 10.88 -39.19
N PHE E 324 52.32 11.29 -40.44
CA PHE E 324 50.97 11.59 -40.89
C PHE E 324 50.07 10.44 -41.34
N LYS E 325 50.67 9.43 -41.98
CA LYS E 325 49.93 8.27 -42.51
C LYS E 325 48.83 7.71 -41.62
N ASP E 326 49.15 7.51 -40.35
CA ASP E 326 48.20 6.95 -39.39
C ASP E 326 47.37 8.01 -38.65
N LYS E 327 47.45 9.26 -39.08
CA LYS E 327 46.71 10.32 -38.41
C LYS E 327 45.70 11.02 -39.33
N ILE E 328 45.79 10.73 -40.63
CA ILE E 328 44.89 11.31 -41.61
C ILE E 328 44.14 10.18 -42.32
N LEU E 329 42.85 10.35 -42.52
CA LEU E 329 42.06 9.33 -43.21
C LEU E 329 41.05 10.05 -44.09
N LEU E 330 41.11 9.80 -45.39
CA LEU E 330 40.19 10.43 -46.33
C LEU E 330 39.07 9.46 -46.73
N ARG E 331 37.83 9.95 -46.69
CA ARG E 331 36.66 9.16 -47.02
C ARG E 331 35.78 9.82 -48.07
N PRO E 332 34.90 9.04 -48.71
CA PRO E 332 34.01 9.60 -49.73
C PRO E 332 33.06 10.51 -48.94
N GLN E 333 32.56 11.57 -49.57
CA GLN E 333 31.67 12.47 -48.86
C GLN E 333 30.43 11.75 -48.36
N GLU E 334 30.13 10.59 -48.94
CA GLU E 334 28.96 9.84 -48.50
C GLU E 334 29.18 9.42 -47.05
N TYR E 335 30.44 9.27 -46.66
CA TYR E 335 30.78 8.89 -45.30
C TYR E 335 31.29 10.05 -44.45
N SER E 336 32.15 10.89 -45.00
CA SER E 336 32.68 12.02 -44.24
C SER E 336 31.58 12.97 -43.76
N ASN E 337 30.48 13.04 -44.51
CA ASN E 337 29.36 13.93 -44.18
C ASN E 337 28.09 13.15 -43.78
N ASN E 338 28.24 11.89 -43.45
CA ASN E 338 27.07 11.08 -43.15
C ASN E 338 26.32 11.43 -41.88
N PRO E 339 25.01 11.68 -42.00
CA PRO E 339 24.15 12.02 -40.86
C PRO E 339 24.27 10.98 -39.74
N GLU E 340 24.25 9.70 -40.13
CA GLU E 340 24.35 8.60 -39.18
C GLU E 340 25.64 8.68 -38.35
N ILE E 341 26.76 8.87 -39.03
CA ILE E 341 28.06 8.96 -38.36
C ILE E 341 28.17 10.22 -37.51
N VAL E 342 27.82 11.35 -38.11
CA VAL E 342 27.88 12.64 -37.45
C VAL E 342 27.12 12.63 -36.13
N ARG E 343 25.87 12.19 -36.16
CA ARG E 343 25.04 12.16 -34.96
C ARG E 343 25.51 11.14 -33.95
N ARG E 344 25.93 9.97 -34.41
CA ARG E 344 26.41 8.92 -33.50
C ARG E 344 27.66 9.38 -32.73
N LEU E 345 28.63 9.94 -33.44
CA LEU E 345 29.87 10.41 -32.83
C LEU E 345 29.69 11.69 -32.00
N GLY E 346 28.57 12.37 -32.22
CA GLY E 346 28.34 13.61 -31.50
C GLY E 346 29.30 14.67 -32.01
N VAL E 347 29.44 14.74 -33.32
CA VAL E 347 30.32 15.72 -33.94
C VAL E 347 29.85 17.13 -33.66
N ILE E 348 30.76 17.99 -33.20
CA ILE E 348 30.44 19.38 -32.94
C ILE E 348 30.77 20.10 -34.25
N THR E 349 29.78 20.76 -34.82
CA THR E 349 29.97 21.44 -36.10
C THR E 349 30.03 22.96 -35.98
N ILE E 350 30.97 23.55 -36.74
CA ILE E 350 31.18 25.00 -36.76
C ILE E 350 31.24 25.44 -38.22
N ASN E 351 30.24 26.20 -38.65
CA ASN E 351 30.17 26.67 -40.03
C ASN E 351 29.93 28.16 -40.11
N THR E 352 30.13 28.72 -41.29
CA THR E 352 29.97 30.16 -41.49
C THR E 352 28.57 30.51 -41.99
N ALA E 353 28.24 31.79 -41.92
CA ALA E 353 26.94 32.27 -42.36
C ALA E 353 27.15 33.53 -43.20
N LEU E 354 26.52 33.59 -44.37
CA LEU E 354 26.62 34.79 -45.19
C LEU E 354 25.89 35.86 -44.40
N GLU E 355 24.75 35.46 -43.85
CA GLU E 355 23.93 36.32 -43.04
C GLU E 355 23.05 35.43 -42.14
N ALA E 356 22.49 36.04 -41.10
CA ALA E 356 21.63 35.32 -40.17
C ALA E 356 20.57 36.31 -39.71
N ASP E 357 19.41 35.80 -39.30
CA ASP E 357 18.37 36.70 -38.81
C ASP E 357 18.17 36.50 -37.32
N ILE E 358 17.46 37.44 -36.70
CA ILE E 358 17.21 37.43 -35.28
C ILE E 358 16.47 36.22 -34.71
N PHE E 359 16.00 35.33 -35.58
CA PHE E 359 15.30 34.16 -35.11
C PHE E 359 16.10 32.88 -35.24
N GLY E 360 17.38 33.02 -35.60
CA GLY E 360 18.25 31.86 -35.71
C GLY E 360 18.30 31.15 -37.05
N ASN E 361 17.77 31.78 -38.11
CA ASN E 361 17.81 31.18 -39.43
C ASN E 361 19.07 31.65 -40.13
N ILE E 362 19.71 30.75 -40.88
CA ILE E 362 20.96 31.07 -41.57
C ILE E 362 20.91 30.95 -43.09
N ASN E 363 21.56 31.91 -43.74
CA ASN E 363 21.68 31.95 -45.19
C ASN E 363 23.16 31.74 -45.44
N SER E 364 23.49 30.68 -46.18
CA SER E 364 24.89 30.42 -46.46
C SER E 364 25.17 30.27 -47.96
N THR E 365 24.25 30.77 -48.78
CA THR E 365 24.43 30.65 -50.22
C THR E 365 24.05 31.81 -51.13
N HIS E 366 22.93 32.48 -50.87
CA HIS E 366 22.50 33.58 -51.74
C HIS E 366 22.71 34.99 -51.23
N VAL E 367 23.40 35.81 -52.03
CA VAL E 367 23.64 37.20 -51.66
C VAL E 367 22.34 37.94 -52.02
N SER E 368 21.79 38.67 -51.06
CA SER E 368 20.54 39.39 -51.30
C SER E 368 19.43 38.44 -51.74
N GLY E 369 19.61 37.16 -51.41
CA GLY E 369 18.63 36.14 -51.74
C GLY E 369 18.51 35.69 -53.18
N THR E 370 19.33 36.24 -54.08
CA THR E 370 19.24 35.89 -55.49
C THR E 370 20.55 35.40 -56.12
N ARG E 371 21.66 36.03 -55.76
CA ARG E 371 22.94 35.63 -56.33
C ARG E 371 23.63 34.45 -55.65
N MSE E 372 23.73 33.34 -56.37
CA MSE E 372 24.37 32.16 -55.82
C MSE E 372 25.80 32.47 -55.45
O MSE E 372 26.50 33.25 -56.10
CB MSE E 372 24.33 30.99 -56.80
CG MSE E 372 25.20 29.78 -56.41
SE MSE E 372 24.85 28.91 -54.67
CE MSE E 372 23.10 28.16 -55.06
N MSE E 373 26.24 31.81 -54.38
CA MSE E 373 27.56 31.95 -53.85
C MSE E 373 28.40 30.74 -54.25
O MSE E 373 29.12 30.77 -55.26
CB MSE E 373 27.45 32.05 -52.34
CG MSE E 373 28.00 33.33 -51.82
SE MSE E 373 29.86 33.22 -52.25
CE MSE E 373 30.58 33.43 -50.48
N ASN E 374 28.29 29.68 -53.46
CA ASN E 374 29.01 28.43 -53.72
C ASN E 374 28.00 27.29 -53.75
N GLY E 375 27.36 27.05 -52.61
CA GLY E 375 26.38 25.99 -52.49
C GLY E 375 26.19 25.67 -51.01
N ILE E 376 25.09 25.03 -50.67
CA ILE E 376 24.82 24.70 -49.28
C ILE E 376 25.94 23.81 -48.73
N GLY E 377 26.58 23.07 -49.64
CA GLY E 377 27.69 22.19 -49.26
C GLY E 377 27.29 21.12 -48.27
N GLY E 378 28.12 20.92 -47.26
CA GLY E 378 27.83 19.94 -46.24
C GLY E 378 27.39 20.59 -44.95
N SER E 379 27.09 21.89 -45.00
CA SER E 379 26.67 22.61 -43.79
C SER E 379 25.36 22.06 -43.26
N GLY E 380 24.53 21.56 -44.17
CA GLY E 380 23.25 20.98 -43.77
C GLY E 380 23.47 19.60 -43.15
N ASP E 381 24.26 18.76 -43.82
CA ASP E 381 24.56 17.42 -43.32
C ASP E 381 25.07 17.48 -41.88
N PHE E 382 25.96 18.42 -41.62
CA PHE E 382 26.56 18.59 -40.30
C PHE E 382 25.66 19.30 -39.32
N THR E 383 25.37 20.57 -39.58
CA THR E 383 24.50 21.37 -38.70
C THR E 383 23.30 20.60 -38.17
N ARG E 384 22.52 20.04 -39.08
CA ARG E 384 21.33 19.30 -38.73
C ARG E 384 21.54 18.18 -37.71
N ASN E 385 22.62 17.42 -37.85
CA ASN E 385 22.86 16.29 -36.97
C ASN E 385 23.95 16.42 -35.90
N SER E 386 24.61 17.57 -35.83
CA SER E 386 25.67 17.74 -34.85
C SER E 386 25.18 17.72 -33.40
N TYR E 387 26.12 17.44 -32.50
CA TYR E 387 25.85 17.41 -31.07
C TYR E 387 25.31 18.80 -30.71
N VAL E 388 26.00 19.82 -31.21
CA VAL E 388 25.63 21.23 -31.02
C VAL E 388 26.10 21.90 -32.30
N SER E 389 25.22 22.59 -32.99
CA SER E 389 25.62 23.27 -34.22
C SER E 389 25.95 24.75 -33.95
N ILE E 390 27.09 25.19 -34.48
CA ILE E 390 27.53 26.57 -34.30
C ILE E 390 27.73 27.28 -35.63
N PHE E 391 27.31 28.53 -35.66
CA PHE E 391 27.47 29.36 -36.85
C PHE E 391 28.21 30.63 -36.46
N THR E 392 29.28 30.90 -37.22
CA THR E 392 30.11 32.06 -36.98
C THR E 392 29.97 33.02 -38.14
N THR E 393 30.29 34.29 -37.88
CA THR E 393 30.22 35.34 -38.89
C THR E 393 30.53 36.71 -38.32
N PRO E 394 31.37 37.48 -39.03
CA PRO E 394 31.66 38.83 -38.51
C PRO E 394 30.30 39.53 -38.47
N SER E 395 30.10 40.42 -37.51
CA SER E 395 28.82 41.09 -37.39
C SER E 395 28.44 41.99 -38.58
N VAL E 396 29.43 42.65 -39.17
CA VAL E 396 29.18 43.56 -40.29
C VAL E 396 30.09 43.37 -41.48
N MSE E 397 29.86 44.19 -42.50
CA MSE E 397 30.61 44.11 -43.74
C MSE E 397 30.63 45.49 -44.39
O MSE E 397 29.92 46.38 -43.94
CB MSE E 397 29.90 43.10 -44.65
CG MSE E 397 30.50 42.88 -46.01
SE MSE E 397 29.32 41.69 -46.94
CE MSE E 397 29.60 40.06 -45.97
N LYS E 398 31.41 45.66 -45.44
CA LYS E 398 31.50 46.92 -46.14
C LYS E 398 31.62 48.11 -45.19
N ASP E 399 32.68 48.12 -44.40
CA ASP E 399 32.93 49.19 -43.43
C ASP E 399 31.71 49.50 -42.56
N GLY E 400 30.93 48.47 -42.24
CA GLY E 400 29.76 48.65 -41.40
C GLY E 400 28.46 48.95 -42.12
N LYS E 401 28.52 49.23 -43.42
CA LYS E 401 27.32 49.56 -44.19
C LYS E 401 26.38 48.37 -44.39
N ILE E 402 26.90 47.17 -44.17
CA ILE E 402 26.13 45.94 -44.31
C ILE E 402 26.15 45.20 -43.00
N SER E 403 24.97 44.79 -42.54
CA SER E 403 24.86 44.04 -41.29
C SER E 403 24.73 42.56 -41.64
N SER E 404 25.48 41.71 -40.93
CA SER E 404 25.41 40.27 -41.18
C SER E 404 24.12 39.72 -40.59
N PHE E 405 23.50 40.51 -39.71
CA PHE E 405 22.26 40.13 -39.06
C PHE E 405 21.10 40.97 -39.60
N VAL E 406 20.03 40.30 -39.99
CA VAL E 406 18.89 40.98 -40.58
C VAL E 406 17.58 40.48 -40.00
N PRO E 407 16.47 41.22 -40.23
CA PRO E 407 15.16 40.81 -39.70
C PRO E 407 14.80 39.41 -40.17
N MSE E 408 15.02 39.17 -41.46
CA MSE E 408 14.75 37.87 -42.06
C MSE E 408 15.81 37.61 -43.13
O MSE E 408 16.16 38.53 -43.88
CB MSE E 408 13.35 37.84 -42.72
CG MSE E 408 12.93 36.46 -43.16
SE MSE E 408 11.42 36.42 -44.32
CE MSE E 408 9.97 36.36 -43.03
N VAL E 409 16.34 36.40 -43.19
CA VAL E 409 17.34 36.07 -44.19
C VAL E 409 16.69 36.01 -45.57
N ALA E 410 17.35 36.63 -46.55
CA ALA E 410 16.86 36.67 -47.93
C ALA E 410 16.83 35.30 -48.59
N HIS E 411 17.43 34.32 -47.91
CA HIS E 411 17.48 32.93 -48.40
C HIS E 411 17.73 32.02 -47.23
N HIS E 412 16.83 31.05 -47.04
CA HIS E 412 16.95 30.13 -45.91
C HIS E 412 17.66 28.82 -46.25
N ASP E 413 18.79 28.59 -45.60
CA ASP E 413 19.55 27.35 -45.80
C ASP E 413 19.46 26.48 -44.53
N HIS E 414 19.40 27.12 -43.38
CA HIS E 414 19.28 26.39 -42.12
C HIS E 414 18.21 27.07 -41.27
N SER E 415 17.33 26.28 -40.67
CA SER E 415 16.22 26.82 -39.88
C SER E 415 16.43 26.90 -38.36
N GLU E 416 15.55 27.66 -37.73
CA GLU E 416 15.54 27.86 -36.29
C GLU E 416 15.60 26.55 -35.53
N HIS E 417 15.12 25.49 -36.16
CA HIS E 417 15.09 24.16 -35.53
C HIS E 417 16.43 23.46 -35.59
N SER E 418 17.34 23.98 -36.40
CA SER E 418 18.65 23.34 -36.59
C SER E 418 19.84 24.13 -36.07
N VAL E 419 19.69 25.46 -36.04
CA VAL E 419 20.76 26.31 -35.58
C VAL E 419 20.71 26.44 -34.05
N LYS E 420 21.74 25.93 -33.39
CA LYS E 420 21.78 25.97 -31.92
C LYS E 420 22.57 27.14 -31.30
N VAL E 421 23.65 27.54 -31.95
CA VAL E 421 24.48 28.62 -31.44
C VAL E 421 25.02 29.52 -32.54
N ILE E 422 25.07 30.82 -32.28
CA ILE E 422 25.59 31.78 -33.24
C ILE E 422 26.68 32.59 -32.52
N ILE E 423 27.78 32.86 -33.22
CA ILE E 423 28.89 33.59 -32.63
C ILE E 423 29.57 34.60 -33.54
N SER E 424 29.69 35.84 -33.07
CA SER E 424 30.39 36.86 -33.86
C SER E 424 31.50 37.40 -32.96
N GLU E 425 32.15 38.47 -33.37
CA GLU E 425 33.23 39.03 -32.55
C GLU E 425 32.70 39.62 -31.24
N TRP E 426 31.41 39.93 -31.21
CA TRP E 426 30.78 40.55 -30.06
C TRP E 426 30.39 39.62 -28.92
N GLY E 427 30.24 38.35 -29.23
CA GLY E 427 29.87 37.40 -28.19
C GLY E 427 29.15 36.22 -28.78
N VAL E 428 28.60 35.36 -27.94
CA VAL E 428 27.90 34.17 -28.42
C VAL E 428 26.44 34.18 -28.00
N ALA E 429 25.58 33.66 -28.87
CA ALA E 429 24.16 33.57 -28.58
C ALA E 429 23.70 32.12 -28.59
N ASP E 430 23.50 31.56 -27.39
CA ASP E 430 23.06 30.18 -27.27
C ASP E 430 21.55 30.22 -27.49
N LEU E 431 21.10 29.60 -28.57
CA LEU E 431 19.69 29.62 -28.93
C LEU E 431 18.85 28.50 -28.32
N ARG E 432 19.51 27.50 -27.76
CA ARG E 432 18.79 26.37 -27.18
C ARG E 432 17.81 26.72 -26.06
N GLY E 433 16.62 26.13 -26.15
CA GLY E 433 15.59 26.33 -25.15
C GLY E 433 14.90 27.67 -25.19
N LYS E 434 15.05 28.37 -26.32
CA LYS E 434 14.45 29.69 -26.49
C LYS E 434 13.45 29.78 -27.63
N ASN E 435 12.42 30.59 -27.44
CA ASN E 435 11.39 30.76 -28.45
C ASN E 435 11.93 31.87 -29.34
N PRO E 436 11.17 32.24 -30.40
CA PRO E 436 11.62 33.30 -31.31
C PRO E 436 12.03 34.63 -30.69
N ARG E 437 11.18 35.18 -29.83
CA ARG E 437 11.48 36.47 -29.19
C ARG E 437 12.70 36.42 -28.26
N GLU E 438 12.82 35.33 -27.51
CA GLU E 438 13.94 35.18 -26.58
C GLU E 438 15.27 35.00 -27.30
N ARG E 439 15.25 34.30 -28.43
CA ARG E 439 16.51 34.11 -29.15
C ARG E 439 16.87 35.36 -29.97
N ALA E 440 15.88 36.17 -30.31
CA ALA E 440 16.14 37.41 -31.04
C ALA E 440 16.87 38.38 -30.12
N HIS E 441 16.39 38.52 -28.87
CA HIS E 441 17.04 39.42 -27.94
C HIS E 441 18.44 38.94 -27.59
N GLU E 442 18.61 37.63 -27.50
CA GLU E 442 19.91 37.07 -27.20
C GLU E 442 20.86 37.39 -28.37
N ILE E 443 20.41 37.10 -29.58
CA ILE E 443 21.21 37.37 -30.78
C ILE E 443 21.56 38.86 -30.91
N ILE E 444 20.59 39.71 -30.59
CA ILE E 444 20.77 41.15 -30.69
C ILE E 444 21.79 41.68 -29.71
N ASP E 445 21.65 41.27 -28.45
CA ASP E 445 22.54 41.70 -27.37
C ASP E 445 23.96 41.11 -27.41
N LYS E 446 24.09 39.90 -27.93
CA LYS E 446 25.40 39.25 -27.96
C LYS E 446 26.16 39.21 -29.28
N CYS E 447 25.45 39.08 -30.40
CA CYS E 447 26.10 38.97 -31.71
C CYS E 447 26.04 40.16 -32.68
N VAL E 448 24.89 40.82 -32.71
CA VAL E 448 24.68 41.96 -33.58
C VAL E 448 25.62 43.11 -33.26
N HIS E 449 26.06 43.82 -34.28
CA HIS E 449 26.95 44.96 -34.12
C HIS E 449 26.14 46.13 -33.53
N PRO E 450 26.70 46.82 -32.52
CA PRO E 450 26.04 47.96 -31.87
C PRO E 450 25.23 48.87 -32.82
N ASP E 451 25.81 49.17 -33.98
CA ASP E 451 25.16 50.03 -34.97
C ASP E 451 23.80 49.52 -35.47
N TYR E 452 23.49 48.26 -35.23
CA TYR E 452 22.22 47.68 -35.70
C TYR E 452 21.35 47.12 -34.60
N ARG E 453 21.85 47.12 -33.38
CA ARG E 453 21.10 46.56 -32.26
C ARG E 453 19.79 47.30 -31.98
N PRO E 454 19.83 48.64 -31.88
CA PRO E 454 18.59 49.35 -31.60
C PRO E 454 17.51 49.23 -32.67
N LEU E 455 17.97 49.15 -33.92
CA LEU E 455 17.07 49.04 -35.07
C LEU E 455 16.34 47.69 -35.07
N LEU E 456 17.07 46.63 -34.74
CA LEU E 456 16.49 45.30 -34.71
C LEU E 456 15.65 45.15 -33.46
N ARG E 457 15.92 45.95 -32.43
CA ARG E 457 15.10 45.89 -31.21
C ARG E 457 13.75 46.52 -31.56
N GLN E 458 13.79 47.61 -32.34
CA GLN E 458 12.59 48.31 -32.77
C GLN E 458 11.74 47.44 -33.69
N TYR E 459 12.40 46.53 -34.42
CA TYR E 459 11.69 45.64 -35.33
C TYR E 459 10.77 44.71 -34.53
N LEU E 460 11.19 44.36 -33.33
CA LEU E 460 10.43 43.46 -32.47
C LEU E 460 9.23 44.13 -31.81
N GLU E 461 9.12 45.45 -32.00
CA GLU E 461 8.02 46.21 -31.39
C GLU E 461 7.16 46.90 -32.44
N LEU E 462 6.99 46.26 -33.59
CA LEU E 462 6.18 46.85 -34.65
C LEU E 462 4.72 46.41 -34.65
N GLY E 463 4.29 45.84 -33.53
CA GLY E 463 2.91 45.40 -33.38
C GLY E 463 2.49 44.06 -33.96
N VAL E 464 3.43 43.30 -34.50
CA VAL E 464 3.11 42.00 -35.06
C VAL E 464 2.71 40.99 -33.97
N LYS E 465 1.61 40.28 -34.22
CA LYS E 465 1.13 39.28 -33.27
C LYS E 465 1.45 37.87 -33.70
N GLY E 466 1.80 37.04 -32.72
CA GLY E 466 2.11 35.65 -33.01
C GLY E 466 3.41 35.11 -32.45
N GLN E 467 3.61 33.81 -32.67
CA GLN E 467 4.81 33.12 -32.24
C GLN E 467 6.06 33.80 -32.78
N THR E 468 6.04 34.13 -34.08
CA THR E 468 7.18 34.79 -34.73
C THR E 468 6.79 36.20 -35.22
N PRO E 469 7.40 37.24 -34.61
CA PRO E 469 7.17 38.66 -34.92
C PRO E 469 7.73 39.13 -36.26
N GLN E 470 7.49 38.40 -37.34
CA GLN E 470 7.98 38.83 -38.64
C GLN E 470 6.97 39.79 -39.28
N ASN E 471 7.45 40.94 -39.75
CA ASN E 471 6.57 41.91 -40.38
C ASN E 471 6.72 41.83 -41.89
N LEU E 472 5.87 41.06 -42.53
CA LEU E 472 5.91 40.87 -43.98
C LEU E 472 5.94 42.15 -44.81
N ASP E 473 5.60 43.29 -44.20
CA ASP E 473 5.61 44.55 -44.92
C ASP E 473 7.02 45.16 -45.02
N CYS E 474 7.90 44.77 -44.10
CA CYS E 474 9.25 45.34 -44.07
C CYS E 474 10.38 44.43 -43.56
N CYS E 475 10.15 43.12 -43.54
CA CYS E 475 11.17 42.18 -43.08
C CYS E 475 12.45 42.22 -43.94
N PHE E 476 12.34 42.74 -45.16
CA PHE E 476 13.49 42.85 -46.05
C PHE E 476 13.98 44.29 -46.26
N ALA E 477 13.57 45.19 -45.38
CA ALA E 477 13.97 46.59 -45.44
C ALA E 477 15.50 46.76 -45.43
N PHE E 478 16.20 45.94 -44.65
CA PHE E 478 17.66 46.01 -44.56
C PHE E 478 18.30 45.80 -45.93
N HIS E 479 17.89 44.73 -46.60
CA HIS E 479 18.35 44.37 -47.94
C HIS E 479 17.92 45.43 -48.95
N GLN E 480 16.66 45.89 -48.81
CA GLN E 480 16.12 46.91 -49.70
C GLN E 480 16.90 48.20 -49.55
N GLU E 481 17.20 48.59 -48.32
CA GLU E 481 17.95 49.81 -48.06
C GLU E 481 19.38 49.74 -48.59
N LEU E 482 19.98 48.55 -48.54
CA LEU E 482 21.34 48.40 -49.07
C LEU E 482 21.34 48.76 -50.54
N ALA E 483 20.30 48.30 -51.23
CA ALA E 483 20.15 48.54 -52.66
C ALA E 483 19.81 49.98 -52.95
N LYS E 484 19.14 50.65 -52.02
CA LYS E 484 18.76 52.04 -52.24
C LYS E 484 19.85 53.02 -51.86
N SER E 485 20.36 52.93 -50.63
CA SER E 485 21.38 53.82 -50.12
C SER E 485 22.81 53.28 -50.10
N GLY E 486 22.94 51.96 -49.94
CA GLY E 486 24.25 51.36 -49.87
C GLY E 486 24.67 51.24 -48.41
N ASP E 487 23.79 51.68 -47.51
CA ASP E 487 24.05 51.62 -46.09
C ASP E 487 22.77 51.22 -45.33
N MSE E 488 22.77 50.03 -44.75
CA MSE E 488 21.60 49.56 -44.02
C MSE E 488 21.24 50.38 -42.79
O MSE E 488 20.09 50.30 -42.32
CB MSE E 488 21.80 48.09 -43.62
CG MSE E 488 22.05 47.14 -44.79
SE MSE E 488 22.12 45.30 -44.22
CE MSE E 488 21.82 44.42 -45.94
N ARG E 489 22.19 51.15 -42.27
CA ARG E 489 21.92 51.97 -41.09
C ARG E 489 20.92 53.08 -41.37
N ASN E 490 20.68 53.33 -42.65
CA ASN E 490 19.74 54.38 -43.06
C ASN E 490 18.29 53.94 -42.94
N VAL E 491 18.06 52.73 -42.45
CA VAL E 491 16.72 52.23 -42.29
C VAL E 491 15.99 52.92 -41.13
N ARG E 492 14.70 53.17 -41.34
CA ARG E 492 13.80 53.77 -40.36
C ARG E 492 12.51 53.06 -40.69
N TRP E 493 12.01 52.28 -39.75
CA TRP E 493 10.80 51.49 -39.94
C TRP E 493 9.59 52.30 -40.38
N GLU E 494 9.54 53.56 -39.97
CA GLU E 494 8.42 54.42 -40.34
C GLU E 494 8.49 54.74 -41.83
N ASP E 495 9.66 54.52 -42.43
CA ASP E 495 9.85 54.76 -43.85
C ASP E 495 9.43 53.54 -44.65
N TYR E 496 9.61 52.36 -44.08
CA TYR E 496 9.24 51.11 -44.76
C TYR E 496 7.82 50.64 -44.44
N MSE E 497 7.01 51.57 -43.94
CA MSE E 497 5.62 51.31 -43.61
C MSE E 497 4.94 52.65 -43.28
O MSE E 497 4.03 53.03 -44.06
CB MSE E 497 5.50 50.35 -42.42
CG MSE E 497 6.12 50.83 -41.13
SE MSE E 497 5.84 49.61 -39.64
CE MSE E 497 4.76 50.73 -38.49
N ALA F 2 6.46 -0.45 -0.96
CA ALA F 2 5.49 -0.99 -1.96
C ALA F 2 4.81 0.16 -2.71
N LEU F 3 4.16 -0.18 -3.82
CA LEU F 3 3.45 0.80 -4.63
C LEU F 3 2.29 1.38 -3.86
N ARG F 4 2.26 2.70 -3.77
CA ARG F 4 1.22 3.41 -3.06
C ARG F 4 0.16 3.94 -4.03
N PHE F 5 -1.10 3.65 -3.74
CA PHE F 5 -2.19 4.11 -4.59
C PHE F 5 -2.78 5.39 -4.01
N ILE F 6 -2.88 6.42 -4.84
CA ILE F 6 -3.40 7.71 -4.39
C ILE F 6 -4.38 8.31 -5.38
N THR F 7 -4.88 9.50 -5.04
CA THR F 7 -5.83 10.22 -5.86
C THR F 7 -5.10 11.18 -6.78
N ALA F 8 -5.83 11.72 -7.76
CA ALA F 8 -5.25 12.67 -8.70
C ALA F 8 -4.94 13.97 -7.97
N GLU F 9 -5.57 14.18 -6.82
CA GLU F 9 -5.35 15.38 -6.03
C GLU F 9 -4.10 15.25 -5.16
N GLU F 10 -3.89 14.05 -4.61
CA GLU F 10 -2.71 13.81 -3.77
C GLU F 10 -1.47 13.81 -4.67
N ALA F 11 -1.63 13.24 -5.86
CA ALA F 11 -0.54 13.15 -6.84
C ALA F 11 -0.10 14.55 -7.29
N ALA F 12 -1.06 15.42 -7.50
CA ALA F 12 -0.79 16.79 -7.93
C ALA F 12 0.05 17.57 -6.91
N GLU F 13 0.05 17.12 -5.67
CA GLU F 13 0.82 17.77 -4.63
C GLU F 13 2.32 17.57 -4.82
N PHE F 14 2.69 16.58 -5.62
CA PHE F 14 4.11 16.28 -5.87
C PHE F 14 4.69 17.18 -6.96
N VAL F 15 3.85 18.03 -7.55
CA VAL F 15 4.27 18.97 -8.59
C VAL F 15 4.25 20.36 -7.97
N HIS F 16 5.36 21.07 -8.08
CA HIS F 16 5.48 22.40 -7.50
C HIS F 16 5.83 23.42 -8.56
N HIS F 17 5.59 24.69 -8.25
CA HIS F 17 5.89 25.77 -9.17
C HIS F 17 7.35 25.69 -9.61
N ASN F 18 7.58 25.94 -10.90
CA ASN F 18 8.91 25.93 -11.47
C ASN F 18 9.48 24.54 -11.70
N ASP F 19 8.69 23.52 -11.40
CA ASP F 19 9.14 22.14 -11.63
C ASP F 19 9.08 21.89 -13.13
N ASN F 20 9.95 21.02 -13.65
CA ASN F 20 9.88 20.68 -15.06
C ASN F 20 9.24 19.32 -15.10
N VAL F 21 8.14 19.20 -15.84
CA VAL F 21 7.44 17.93 -15.91
C VAL F 21 7.43 17.32 -17.32
N GLY F 22 7.75 16.04 -17.38
CA GLY F 22 7.74 15.32 -18.64
C GLY F 22 6.53 14.41 -18.61
N PHE F 23 5.80 14.34 -19.72
CA PHE F 23 4.61 13.51 -19.81
C PHE F 23 4.80 12.39 -20.83
N SER F 24 4.21 11.23 -20.56
CA SER F 24 4.30 10.08 -21.46
C SER F 24 3.36 10.23 -22.66
N GLY F 25 3.45 9.29 -23.59
CA GLY F 25 2.59 9.32 -24.75
C GLY F 25 3.08 10.13 -25.94
N PHE F 26 2.35 9.98 -27.04
CA PHE F 26 2.65 10.66 -28.30
C PHE F 26 1.28 10.89 -28.90
N THR F 27 0.88 12.16 -28.92
CA THR F 27 -0.45 12.60 -29.36
C THR F 27 -1.25 12.23 -28.11
N PRO F 28 -2.53 12.61 -28.03
CA PRO F 28 -3.29 12.25 -26.83
C PRO F 28 -3.02 10.84 -26.35
N ALA F 29 -2.83 9.93 -27.31
CA ALA F 29 -2.57 8.51 -27.00
C ALA F 29 -1.34 8.31 -26.10
N GLY F 30 -1.55 7.59 -25.00
CA GLY F 30 -0.46 7.29 -24.07
C GLY F 30 -0.20 8.38 -23.06
N ASN F 31 -1.01 9.43 -23.06
CA ASN F 31 -0.85 10.56 -22.15
C ASN F 31 -1.73 10.49 -20.91
N PRO F 32 -1.23 11.06 -19.79
CA PRO F 32 -2.00 11.06 -18.54
C PRO F 32 -3.24 11.94 -18.77
N LYS F 33 -4.37 11.57 -18.18
CA LYS F 33 -5.62 12.31 -18.40
C LYS F 33 -6.31 12.92 -17.19
N VAL F 34 -5.91 12.52 -15.99
CA VAL F 34 -6.59 13.05 -14.81
C VAL F 34 -5.70 13.84 -13.85
N VAL F 35 -4.41 13.53 -13.79
CA VAL F 35 -3.52 14.26 -12.91
C VAL F 35 -3.24 15.70 -13.39
N PRO F 36 -2.92 15.87 -14.68
CA PRO F 36 -2.65 17.24 -15.13
C PRO F 36 -3.76 18.24 -14.81
N ALA F 37 -5.01 17.78 -14.80
CA ALA F 37 -6.14 18.64 -14.49
C ALA F 37 -6.10 19.01 -12.99
N ALA F 38 -5.62 18.08 -12.17
CA ALA F 38 -5.52 18.30 -10.73
C ALA F 38 -4.40 19.30 -10.45
N ILE F 39 -3.41 19.33 -11.34
CA ILE F 39 -2.29 20.25 -11.20
C ILE F 39 -2.83 21.63 -11.50
N ALA F 40 -3.64 21.70 -12.54
CA ALA F 40 -4.26 22.94 -12.98
C ALA F 40 -5.06 23.59 -11.86
N LYS F 41 -5.92 22.81 -11.20
CA LYS F 41 -6.73 23.32 -10.09
C LYS F 41 -5.77 23.95 -9.09
N ARG F 42 -4.80 23.14 -8.69
CA ARG F 42 -3.75 23.51 -7.74
C ARG F 42 -3.01 24.78 -8.19
N ALA F 43 -2.74 24.88 -9.48
CA ALA F 43 -2.05 26.03 -10.05
C ALA F 43 -2.91 27.28 -9.94
N ILE F 44 -4.18 27.14 -10.31
CA ILE F 44 -5.11 28.26 -10.25
C ILE F 44 -5.32 28.72 -8.80
N ALA F 45 -5.42 27.77 -7.88
CA ALA F 45 -5.63 28.09 -6.48
C ALA F 45 -4.45 28.89 -5.95
N ALA F 46 -3.29 28.71 -6.56
CA ALA F 46 -2.10 29.44 -6.14
C ALA F 46 -2.11 30.84 -6.73
N HIS F 47 -2.54 30.96 -7.99
CA HIS F 47 -2.60 32.25 -8.68
C HIS F 47 -3.51 33.24 -7.96
N GLU F 48 -4.76 32.86 -7.76
CA GLU F 48 -5.72 33.74 -7.09
C GLU F 48 -5.36 34.01 -5.63
N LYS F 49 -4.30 33.35 -5.17
CA LYS F 49 -3.83 33.55 -3.81
C LYS F 49 -2.62 34.48 -3.86
N GLY F 50 -2.26 34.90 -5.07
CA GLY F 50 -1.13 35.79 -5.25
C GLY F 50 0.20 35.08 -5.45
N ASN F 51 0.18 33.75 -5.40
CA ASN F 51 1.38 32.96 -5.56
C ASN F 51 1.57 32.47 -6.99
N PRO F 52 2.83 32.49 -7.48
CA PRO F 52 3.15 32.05 -8.84
C PRO F 52 3.10 30.54 -8.97
N PHE F 53 2.73 30.06 -10.16
CA PHE F 53 2.67 28.63 -10.38
C PHE F 53 2.66 28.29 -11.87
N LYS F 54 3.83 27.87 -12.35
CA LYS F 54 4.01 27.47 -13.73
C LYS F 54 5.08 26.39 -13.79
N ILE F 55 4.84 25.38 -14.61
CA ILE F 55 5.77 24.27 -14.77
C ILE F 55 6.33 24.21 -16.18
N GLY F 56 7.52 23.61 -16.31
CA GLY F 56 8.13 23.46 -17.60
C GLY F 56 7.55 22.17 -18.13
N MSE F 57 7.28 22.09 -19.43
CA MSE F 57 6.67 20.89 -19.99
C MSE F 57 7.41 20.26 -21.16
O MSE F 57 7.62 20.90 -22.19
CB MSE F 57 5.24 21.19 -20.44
CG MSE F 57 4.35 21.75 -19.34
SE MSE F 57 2.63 22.35 -20.00
CE MSE F 57 1.97 20.62 -20.69
N PHE F 58 7.78 19.00 -20.98
CA PHE F 58 8.45 18.20 -22.01
C PHE F 58 7.47 17.08 -22.34
N THR F 59 7.11 16.93 -23.61
CA THR F 59 6.19 15.87 -24.04
C THR F 59 6.73 15.18 -25.27
N GLY F 60 6.03 14.14 -25.73
CA GLY F 60 6.46 13.44 -26.92
C GLY F 60 6.07 14.33 -28.09
N ALA F 61 4.77 14.58 -28.19
CA ALA F 61 4.20 15.43 -29.22
C ALA F 61 2.95 16.08 -28.61
N SER F 62 1.84 16.05 -29.34
CA SER F 62 0.59 16.63 -28.86
C SER F 62 -0.01 15.83 -27.68
N THR F 63 -0.86 16.49 -26.92
CA THR F 63 -1.49 15.88 -25.77
C THR F 63 -2.98 16.24 -25.86
N GLY F 64 -3.81 15.60 -25.03
CA GLY F 64 -5.22 15.93 -25.11
C GLY F 64 -5.55 17.33 -24.63
N ALA F 65 -6.84 17.64 -24.57
CA ALA F 65 -7.29 18.93 -24.09
C ALA F 65 -7.20 18.92 -22.56
N ARG F 66 -7.06 17.72 -22.01
CA ARG F 66 -6.98 17.51 -20.56
C ARG F 66 -5.53 17.49 -20.09
N LEU F 67 -4.67 18.07 -20.92
CA LEU F 67 -3.24 18.17 -20.62
C LEU F 67 -2.86 19.62 -20.94
N ASP F 68 -2.53 19.88 -22.20
CA ASP F 68 -2.17 21.23 -22.63
C ASP F 68 -3.34 22.19 -22.45
N GLY F 69 -4.53 21.76 -22.86
CA GLY F 69 -5.69 22.60 -22.74
C GLY F 69 -5.94 23.12 -21.34
N VAL F 70 -6.15 22.19 -20.41
CA VAL F 70 -6.40 22.54 -19.02
C VAL F 70 -5.23 23.33 -18.41
N LEU F 71 -4.01 22.91 -18.72
CA LEU F 71 -2.82 23.59 -18.20
C LEU F 71 -2.70 25.01 -18.76
N ALA F 72 -3.05 25.18 -20.04
CA ALA F 72 -2.99 26.48 -20.70
C ALA F 72 -4.07 27.39 -20.16
N GLN F 73 -5.28 26.87 -19.98
CA GLN F 73 -6.39 27.66 -19.45
C GLN F 73 -6.04 28.12 -18.04
N ALA F 74 -5.23 27.31 -17.35
CA ALA F 74 -4.78 27.60 -15.98
C ALA F 74 -3.62 28.59 -15.98
N ASP F 75 -3.09 28.88 -17.16
CA ASP F 75 -1.98 29.81 -17.32
C ASP F 75 -0.82 29.35 -16.42
N ALA F 76 -0.50 28.05 -16.52
CA ALA F 76 0.56 27.47 -15.71
C ALA F 76 1.66 26.85 -16.56
N VAL F 77 1.86 27.41 -17.75
CA VAL F 77 2.88 26.90 -18.67
C VAL F 77 4.08 27.85 -18.74
N LYS F 78 5.17 27.51 -18.04
CA LYS F 78 6.34 28.39 -18.09
C LYS F 78 7.05 28.23 -19.44
N PHE F 79 7.08 27.00 -19.96
CA PHE F 79 7.68 26.72 -21.24
C PHE F 79 7.19 25.36 -21.73
N ARG F 80 7.09 25.23 -23.06
CA ARG F 80 6.58 24.01 -23.66
C ARG F 80 7.40 23.52 -24.84
N THR F 81 7.56 22.20 -24.94
CA THR F 81 8.28 21.53 -26.02
C THR F 81 7.78 20.08 -26.13
N PRO F 82 7.91 19.47 -27.32
CA PRO F 82 8.49 20.06 -28.53
C PRO F 82 7.45 20.30 -29.62
N TYR F 83 6.24 19.77 -29.41
CA TYR F 83 5.15 19.89 -30.36
C TYR F 83 3.84 19.96 -29.59
N GLN F 84 2.91 20.79 -30.06
CA GLN F 84 1.60 20.90 -29.42
C GLN F 84 0.53 20.99 -30.51
N SER F 85 -0.73 20.82 -30.10
CA SER F 85 -1.84 20.85 -31.03
C SER F 85 -3.17 21.13 -30.32
N ASN F 86 -3.15 22.08 -29.38
CA ASN F 86 -4.34 22.45 -28.62
C ASN F 86 -4.61 23.94 -28.79
N LYS F 87 -5.88 24.26 -29.07
CA LYS F 87 -6.29 25.64 -29.31
C LYS F 87 -6.01 26.64 -28.21
N ASP F 88 -6.20 26.20 -26.96
CA ASP F 88 -5.96 27.05 -25.80
C ASP F 88 -4.48 27.34 -25.64
N LEU F 89 -3.65 26.30 -25.76
CA LEU F 89 -2.20 26.48 -25.66
C LEU F 89 -1.69 27.28 -26.85
N ARG F 90 -2.22 26.98 -28.03
CA ARG F 90 -1.83 27.67 -29.26
C ARG F 90 -2.07 29.18 -29.16
N ASN F 91 -3.22 29.57 -28.61
CA ASN F 91 -3.55 30.99 -28.45
C ASN F 91 -2.65 31.63 -27.41
N LEU F 92 -2.42 30.90 -26.31
CA LEU F 92 -1.57 31.36 -25.22
C LEU F 92 -0.19 31.66 -25.80
N ILE F 93 0.24 30.81 -26.73
CA ILE F 93 1.54 30.95 -27.39
C ILE F 93 1.53 32.17 -28.29
N ASN F 94 0.63 32.18 -29.26
CA ASN F 94 0.53 33.28 -30.22
C ASN F 94 0.26 34.64 -29.60
N ASN F 95 -0.20 34.64 -28.35
CA ASN F 95 -0.44 35.89 -27.63
C ASN F 95 0.80 36.24 -26.81
N GLY F 96 1.87 35.45 -27.02
CA GLY F 96 3.13 35.68 -26.33
C GLY F 96 3.02 35.58 -24.82
N SER F 97 2.11 34.74 -24.34
CA SER F 97 1.89 34.56 -22.92
C SER F 97 2.73 33.44 -22.33
N THR F 98 3.47 32.72 -23.16
CA THR F 98 4.34 31.62 -22.71
C THR F 98 5.44 31.34 -23.74
N SER F 99 6.45 30.57 -23.31
CA SER F 99 7.56 30.22 -24.18
C SER F 99 7.39 28.84 -24.82
N TYR F 100 7.38 28.81 -26.13
CA TYR F 100 7.23 27.57 -26.88
C TYR F 100 8.31 27.48 -27.95
N PHE F 101 8.90 26.30 -28.08
CA PHE F 101 9.89 26.08 -29.10
C PHE F 101 9.72 24.68 -29.64
N ASP F 102 9.35 24.57 -30.92
CA ASP F 102 9.17 23.27 -31.55
C ASP F 102 10.51 22.74 -32.05
N LEU F 103 10.73 21.45 -31.79
CA LEU F 103 11.97 20.78 -32.17
C LEU F 103 11.72 19.58 -33.08
N HIS F 104 12.80 19.09 -33.70
CA HIS F 104 12.69 17.91 -34.53
C HIS F 104 12.46 16.85 -33.47
N LEU F 105 11.33 16.16 -33.57
CA LEU F 105 10.96 15.16 -32.56
C LEU F 105 12.00 14.12 -32.19
N SER F 106 12.74 13.62 -33.17
CA SER F 106 13.74 12.61 -32.89
C SER F 106 14.90 13.06 -31.99
N THR F 107 15.04 14.37 -31.79
CA THR F 107 16.16 14.89 -31.00
C THR F 107 15.95 15.21 -29.53
N LEU F 108 14.70 15.35 -29.09
CA LEU F 108 14.43 15.72 -27.70
C LEU F 108 14.99 14.79 -26.63
N ALA F 109 14.84 13.48 -26.85
CA ALA F 109 15.31 12.49 -25.88
C ALA F 109 16.81 12.58 -25.59
N GLN F 110 17.63 12.51 -26.64
CA GLN F 110 19.07 12.58 -26.41
C GLN F 110 19.52 13.93 -25.90
N ASP F 111 18.89 15.00 -26.38
CA ASP F 111 19.28 16.35 -25.97
C ASP F 111 18.96 16.60 -24.51
N LEU F 112 18.00 15.84 -24.00
CA LEU F 112 17.61 15.92 -22.61
C LEU F 112 18.75 15.26 -21.83
N ARG F 113 19.20 14.11 -22.33
CA ARG F 113 20.27 13.37 -21.70
C ARG F 113 21.56 14.18 -21.74
N TYR F 114 21.77 14.90 -22.83
CA TYR F 114 22.96 15.73 -23.01
C TYR F 114 22.96 16.90 -22.02
N GLY F 115 21.80 17.17 -21.43
CA GLY F 115 21.66 18.25 -20.48
C GLY F 115 21.33 19.58 -21.10
N PHE F 116 20.95 19.58 -22.37
CA PHE F 116 20.63 20.81 -23.10
C PHE F 116 19.46 21.59 -22.51
N TYR F 117 18.47 20.87 -22.00
CA TYR F 117 17.32 21.49 -21.35
C TYR F 117 17.51 21.00 -19.93
N GLY F 118 17.30 21.90 -18.97
CA GLY F 118 17.51 21.61 -17.56
C GLY F 118 17.27 20.22 -17.00
N LYS F 119 16.58 20.20 -15.85
CA LYS F 119 16.26 18.97 -15.14
C LYS F 119 14.80 18.57 -15.33
N VAL F 120 14.53 17.27 -15.17
CA VAL F 120 13.16 16.73 -15.25
C VAL F 120 12.84 16.41 -13.78
N ASP F 121 11.96 17.17 -13.18
CA ASP F 121 11.61 16.95 -11.79
C ASP F 121 10.69 15.77 -11.57
N VAL F 122 9.62 15.72 -12.35
CA VAL F 122 8.67 14.62 -12.24
C VAL F 122 8.20 14.17 -13.61
N ALA F 123 7.81 12.90 -13.69
CA ALA F 123 7.30 12.33 -14.92
C ALA F 123 5.89 11.79 -14.64
N ILE F 124 4.89 12.23 -15.40
CA ILE F 124 3.53 11.74 -15.23
C ILE F 124 3.35 10.80 -16.41
N ILE F 125 3.00 9.54 -16.15
CA ILE F 125 2.83 8.60 -17.24
C ILE F 125 1.53 7.78 -17.15
N GLU F 126 0.99 7.41 -18.30
CA GLU F 126 -0.20 6.57 -18.31
C GLU F 126 0.29 5.15 -18.57
N VAL F 127 -0.21 4.18 -17.80
CA VAL F 127 0.27 2.82 -17.92
C VAL F 127 -0.81 1.76 -18.05
N ALA F 128 -0.44 0.62 -18.64
CA ALA F 128 -1.35 -0.52 -18.82
C ALA F 128 -1.05 -1.49 -17.69
N ASP F 129 0.13 -1.32 -17.09
CA ASP F 129 0.58 -2.14 -15.99
C ASP F 129 1.91 -1.66 -15.40
N VAL F 130 1.94 -1.55 -14.09
CA VAL F 130 3.13 -1.13 -13.36
C VAL F 130 3.43 -2.21 -12.33
N THR F 131 4.59 -2.83 -12.46
CA THR F 131 5.03 -3.88 -11.55
C THR F 131 5.57 -3.29 -10.26
N GLU F 132 5.62 -4.12 -9.22
CA GLU F 132 6.11 -3.67 -7.92
C GLU F 132 7.61 -3.42 -7.97
N ASP F 133 8.31 -4.14 -8.85
CA ASP F 133 9.75 -3.98 -9.00
C ASP F 133 10.07 -2.87 -10.03
N GLY F 134 9.09 -1.99 -10.26
CA GLY F 134 9.27 -0.88 -11.18
C GLY F 134 9.24 -1.11 -12.68
N LYS F 135 8.42 -2.06 -13.15
CA LYS F 135 8.33 -2.31 -14.58
C LYS F 135 7.11 -1.60 -15.13
N ILE F 136 7.32 -0.72 -16.10
CA ILE F 136 6.24 0.05 -16.69
C ILE F 136 5.84 -0.45 -18.09
N LEU F 137 4.54 -0.58 -18.31
CA LEU F 137 4.02 -1.01 -19.60
C LEU F 137 3.18 0.16 -20.07
N PRO F 138 3.64 0.87 -21.13
CA PRO F 138 2.96 2.03 -21.72
C PRO F 138 1.63 1.62 -22.34
N THR F 139 0.87 2.60 -22.78
CA THR F 139 -0.40 2.29 -23.41
C THR F 139 -0.30 2.42 -24.92
N THR F 140 -0.93 3.44 -25.49
CA THR F 140 -0.93 3.59 -26.95
C THR F 140 0.05 4.59 -27.57
N GLY F 141 0.89 5.21 -26.75
CA GLY F 141 1.84 6.18 -27.28
C GLY F 141 3.13 6.13 -26.48
N VAL F 142 4.28 6.18 -27.15
CA VAL F 142 5.55 6.12 -26.42
C VAL F 142 6.23 7.47 -26.19
N GLY F 143 6.46 8.20 -27.28
CA GLY F 143 7.11 9.50 -27.15
C GLY F 143 8.51 9.45 -26.57
N ILE F 144 8.70 10.16 -25.44
CA ILE F 144 9.99 10.21 -24.77
C ILE F 144 9.93 9.52 -23.41
N LEU F 145 8.98 8.59 -23.27
CA LEU F 145 8.77 7.84 -22.05
C LEU F 145 10.03 7.35 -21.36
N PRO F 146 10.80 6.47 -22.03
CA PRO F 146 12.02 5.99 -21.36
C PRO F 146 12.97 7.06 -20.82
N THR F 147 13.08 8.17 -21.52
CA THR F 147 13.98 9.22 -21.10
C THR F 147 13.45 10.02 -19.91
N ILE F 148 12.16 10.33 -19.90
CA ILE F 148 11.62 11.08 -18.78
C ILE F 148 11.59 10.23 -17.50
N CYS F 149 11.38 8.93 -17.64
CA CYS F 149 11.37 8.02 -16.49
C CYS F 149 12.77 7.87 -15.92
N ARG F 150 13.77 7.93 -16.79
CA ARG F 150 15.14 7.79 -16.36
C ARG F 150 15.62 9.05 -15.66
N LEU F 151 15.37 10.19 -16.29
CA LEU F 151 15.80 11.50 -15.77
C LEU F 151 15.01 12.11 -14.62
N ALA F 152 13.73 11.75 -14.48
CA ALA F 152 12.88 12.32 -13.44
C ALA F 152 13.24 11.94 -12.01
N ASP F 153 13.09 12.89 -11.09
CA ASP F 153 13.35 12.66 -9.66
C ASP F 153 12.26 11.76 -9.08
N ARG F 154 11.02 11.99 -9.50
CA ARG F 154 9.90 11.18 -9.04
C ARG F 154 8.93 10.94 -10.19
N ILE F 155 8.23 9.82 -10.13
CA ILE F 155 7.27 9.43 -11.16
C ILE F 155 5.85 9.25 -10.63
N ILE F 156 4.89 9.83 -11.34
CA ILE F 156 3.48 9.72 -10.98
C ILE F 156 2.81 8.85 -12.05
N VAL F 157 2.41 7.65 -11.66
CA VAL F 157 1.78 6.70 -12.58
C VAL F 157 0.25 6.76 -12.59
N GLU F 158 -0.31 6.54 -13.77
CA GLU F 158 -1.76 6.56 -13.97
C GLU F 158 -2.11 5.21 -14.62
N LEU F 159 -2.74 4.33 -13.83
CA LEU F 159 -3.14 2.99 -14.29
C LEU F 159 -4.52 2.98 -14.95
N ASN F 160 -4.54 2.96 -16.28
CA ASN F 160 -5.78 2.99 -17.04
C ASN F 160 -6.47 1.64 -17.20
N ASP F 161 -7.74 1.58 -16.80
CA ASP F 161 -8.58 0.39 -16.88
C ASP F 161 -8.73 -0.15 -18.29
N LYS F 162 -8.95 0.78 -19.23
CA LYS F 162 -9.18 0.45 -20.63
C LYS F 162 -8.06 -0.18 -21.45
N HIS F 163 -6.83 -0.17 -20.93
CA HIS F 163 -5.74 -0.76 -21.66
C HIS F 163 -5.21 -2.01 -20.96
N PRO F 164 -5.45 -3.19 -21.56
CA PRO F 164 -5.04 -4.50 -21.04
C PRO F 164 -3.53 -4.78 -21.08
N LYS F 165 -3.04 -5.50 -20.07
CA LYS F 165 -1.63 -5.84 -19.98
C LYS F 165 -1.25 -6.87 -21.03
N GLU F 166 -2.23 -7.36 -21.78
CA GLU F 166 -1.99 -8.34 -22.84
C GLU F 166 -1.29 -7.65 -24.00
N ILE F 167 -1.24 -6.32 -23.93
CA ILE F 167 -0.58 -5.50 -24.94
C ILE F 167 0.91 -5.76 -24.91
N MSE F 168 1.38 -6.21 -23.75
CA MSE F 168 2.79 -6.52 -23.53
C MSE F 168 3.40 -7.12 -24.79
O MSE F 168 2.97 -8.19 -25.24
CB MSE F 168 2.91 -7.53 -22.38
CG MSE F 168 4.30 -8.08 -22.16
SE MSE F 168 5.38 -6.86 -21.13
CE MSE F 168 5.01 -7.61 -19.35
N GLY F 169 4.39 -6.44 -25.36
CA GLY F 169 5.03 -6.95 -26.56
C GLY F 169 4.85 -6.05 -27.76
N MSE F 170 3.92 -5.11 -27.66
CA MSE F 170 3.67 -4.19 -28.75
C MSE F 170 4.58 -2.98 -28.73
O MSE F 170 4.57 -2.18 -29.67
CB MSE F 170 2.21 -3.75 -28.76
CG MSE F 170 1.24 -4.81 -29.28
SE MSE F 170 -0.57 -4.11 -29.54
CE MSE F 170 -0.17 -2.24 -29.86
N HIS F 171 5.35 -2.83 -27.67
CA HIS F 171 6.29 -1.71 -27.58
C HIS F 171 7.72 -2.25 -27.65
N ASP F 172 8.64 -1.40 -28.08
CA ASP F 172 10.05 -1.76 -28.17
C ASP F 172 10.70 -0.54 -27.54
N LEU F 173 10.95 -0.63 -26.24
CA LEU F 173 11.52 0.47 -25.48
C LEU F 173 12.99 0.36 -25.17
N CYS F 174 13.69 1.48 -25.30
CA CYS F 174 15.13 1.55 -25.00
C CYS F 174 15.71 2.91 -25.37
N GLU F 175 16.99 3.06 -25.04
CA GLU F 175 17.74 4.27 -25.30
C GLU F 175 19.13 3.79 -25.65
N PRO F 176 19.83 4.53 -26.51
CA PRO F 176 21.19 4.12 -26.88
C PRO F 176 22.22 4.79 -25.96
N LEU F 177 23.44 4.29 -25.99
CA LEU F 177 24.49 4.90 -25.20
C LEU F 177 24.66 6.26 -25.85
N ASP F 178 25.34 7.18 -25.17
CA ASP F 178 25.54 8.51 -25.75
C ASP F 178 27.00 8.70 -26.11
N PRO F 179 27.29 9.59 -27.07
CA PRO F 179 28.70 9.79 -27.45
C PRO F 179 29.61 10.08 -26.24
N PRO F 180 30.88 9.68 -26.34
CA PRO F 180 31.45 8.98 -27.49
C PRO F 180 31.26 7.45 -27.48
N ALA F 181 30.27 6.96 -26.74
CA ALA F 181 30.06 5.52 -26.63
C ALA F 181 28.90 4.93 -27.42
N ARG F 182 28.23 5.75 -28.23
CA ARG F 182 27.08 5.23 -28.96
C ARG F 182 27.41 4.23 -30.07
N ARG F 183 26.59 3.18 -30.13
CA ARG F 183 26.72 2.12 -31.12
C ARG F 183 25.60 2.34 -32.12
N GLU F 184 25.51 1.49 -33.14
CA GLU F 184 24.48 1.66 -34.15
C GLU F 184 23.13 1.23 -33.59
N LEU F 185 22.06 1.74 -34.19
CA LEU F 185 20.70 1.39 -33.80
C LEU F 185 20.34 0.23 -34.75
N PRO F 186 20.42 -1.00 -34.25
CA PRO F 186 20.14 -2.25 -34.98
C PRO F 186 18.78 -2.54 -35.61
N VAL F 187 18.23 -1.58 -36.35
CA VAL F 187 16.97 -1.83 -37.05
C VAL F 187 17.24 -1.75 -38.54
N TYR F 188 17.10 -2.89 -39.21
CA TYR F 188 17.36 -3.02 -40.64
C TYR F 188 16.07 -3.30 -41.40
N THR F 189 15.00 -3.52 -40.63
CA THR F 189 13.67 -3.82 -41.15
C THR F 189 12.70 -3.04 -40.25
N PRO F 190 11.59 -2.57 -40.80
CA PRO F 190 10.68 -1.83 -39.91
C PRO F 190 10.10 -2.61 -38.72
N SER F 191 10.23 -3.93 -38.73
CA SER F 191 9.68 -4.75 -37.64
C SER F 191 10.73 -5.32 -36.69
N ASP F 192 11.95 -4.83 -36.79
CA ASP F 192 13.03 -5.30 -35.92
C ASP F 192 12.94 -4.76 -34.50
N ARG F 193 13.10 -5.67 -33.54
CA ARG F 193 13.06 -5.32 -32.13
C ARG F 193 14.50 -5.14 -31.63
N ILE F 194 14.75 -4.07 -30.90
CA ILE F 194 16.08 -3.81 -30.37
C ILE F 194 16.05 -3.47 -28.87
N GLY F 195 14.85 -3.38 -28.30
CA GLY F 195 14.76 -3.08 -26.88
C GLY F 195 13.92 -4.06 -26.08
N LYS F 196 13.22 -3.55 -25.06
CA LYS F 196 12.36 -4.36 -24.21
C LYS F 196 10.90 -3.92 -24.31
N PRO F 197 9.97 -4.81 -23.96
CA PRO F 197 8.53 -4.51 -24.03
C PRO F 197 8.03 -3.74 -22.80
N TYR F 198 8.96 -3.16 -22.05
CA TYR F 198 8.62 -2.40 -20.86
C TYR F 198 9.82 -1.56 -20.47
N VAL F 199 9.59 -0.58 -19.60
CA VAL F 199 10.64 0.30 -19.12
C VAL F 199 10.86 0.00 -17.64
N GLN F 200 12.12 -0.21 -17.26
CA GLN F 200 12.48 -0.53 -15.89
C GLN F 200 12.95 0.70 -15.11
N VAL F 201 12.34 0.94 -13.96
CA VAL F 201 12.69 2.08 -13.11
C VAL F 201 12.80 1.62 -11.66
N ASP F 202 13.35 2.48 -10.80
CA ASP F 202 13.47 2.14 -9.39
C ASP F 202 12.08 2.43 -8.82
N PRO F 203 11.40 1.40 -8.32
CA PRO F 203 10.06 1.59 -7.75
C PRO F 203 10.00 2.67 -6.67
N ALA F 204 11.15 3.00 -6.09
CA ALA F 204 11.22 4.02 -5.06
C ALA F 204 10.90 5.40 -5.62
N LYS F 205 11.04 5.55 -6.94
CA LYS F 205 10.76 6.83 -7.60
C LYS F 205 9.27 7.06 -7.84
N ILE F 206 8.48 5.99 -7.77
CA ILE F 206 7.04 6.08 -7.98
C ILE F 206 6.37 6.66 -6.73
N VAL F 207 6.07 7.96 -6.75
CA VAL F 207 5.44 8.58 -5.59
C VAL F 207 3.97 8.17 -5.43
N GLY F 208 3.41 7.53 -6.47
CA GLY F 208 2.03 7.11 -6.37
C GLY F 208 1.43 6.59 -7.67
N VAL F 209 0.40 5.74 -7.52
CA VAL F 209 -0.30 5.17 -8.66
C VAL F 209 -1.78 5.52 -8.59
N VAL F 210 -2.24 6.31 -9.56
CA VAL F 210 -3.63 6.72 -9.61
C VAL F 210 -4.37 5.82 -10.59
N ARG F 211 -5.46 5.19 -10.12
CA ARG F 211 -6.24 4.31 -10.97
C ARG F 211 -7.22 5.13 -11.80
N THR F 212 -7.27 4.85 -13.10
CA THR F 212 -8.17 5.55 -13.99
C THR F 212 -8.86 4.56 -14.93
N SER F 213 -9.86 5.05 -15.63
CA SER F 213 -10.58 4.23 -16.58
C SER F 213 -10.98 5.23 -17.66
N GLU F 214 -10.09 5.45 -18.61
CA GLU F 214 -10.34 6.41 -19.67
C GLU F 214 -10.35 5.76 -21.05
N PRO F 215 -11.52 5.75 -21.71
CA PRO F 215 -11.65 5.15 -23.04
C PRO F 215 -11.15 6.10 -24.13
N ASN F 216 -10.91 5.55 -25.32
CA ASN F 216 -10.46 6.33 -26.47
C ASN F 216 -11.66 7.12 -26.97
N ASP F 217 -11.42 8.28 -27.57
CA ASP F 217 -12.52 9.05 -28.11
C ASP F 217 -12.96 8.29 -29.35
N GLU F 218 -14.13 8.62 -29.90
CA GLU F 218 -14.55 7.92 -31.10
C GLU F 218 -14.28 8.82 -32.29
N SER F 219 -14.27 8.22 -33.47
CA SER F 219 -14.03 8.92 -34.72
C SER F 219 -15.11 9.99 -34.91
N ASP F 220 -14.65 11.22 -35.16
CA ASP F 220 -15.56 12.34 -35.35
C ASP F 220 -15.53 12.86 -36.78
N PHE F 221 -16.72 13.00 -37.35
CA PHE F 221 -16.95 13.51 -38.72
C PHE F 221 -15.73 13.59 -39.63
N ALA F 222 -15.66 12.67 -40.61
CA ALA F 222 -14.55 12.63 -41.57
C ALA F 222 -15.09 12.53 -43.00
N PRO F 223 -15.70 13.61 -43.50
CA PRO F 223 -16.27 13.64 -44.85
C PRO F 223 -15.21 13.51 -45.94
N LEU F 224 -15.63 13.03 -47.10
CA LEU F 224 -14.74 12.86 -48.23
C LEU F 224 -14.66 14.19 -48.96
N ASP F 225 -13.57 14.42 -49.68
CA ASP F 225 -13.38 15.67 -50.40
C ASP F 225 -12.70 15.36 -51.73
N PRO F 226 -13.29 15.82 -52.85
CA PRO F 226 -12.70 15.57 -54.17
C PRO F 226 -11.25 16.02 -54.33
N VAL F 227 -10.87 17.12 -53.68
CA VAL F 227 -9.48 17.60 -53.77
C VAL F 227 -8.53 16.60 -53.13
N THR F 228 -8.89 16.07 -51.96
CA THR F 228 -8.03 15.09 -51.28
C THR F 228 -8.04 13.72 -52.01
N GLN F 229 -9.16 13.39 -52.65
CA GLN F 229 -9.27 12.15 -53.41
C GLN F 229 -8.25 12.26 -54.54
N ALA F 230 -8.23 13.43 -55.20
CA ALA F 230 -7.32 13.70 -56.29
C ALA F 230 -5.88 13.59 -55.80
N ILE F 231 -5.56 14.35 -54.75
CA ILE F 231 -4.22 14.32 -54.17
C ILE F 231 -3.77 12.91 -53.86
N GLY F 232 -4.59 12.16 -53.14
CA GLY F 232 -4.25 10.80 -52.78
C GLY F 232 -3.95 9.91 -53.96
N ASP F 233 -4.74 10.04 -55.02
CA ASP F 233 -4.53 9.23 -56.22
C ASP F 233 -3.20 9.59 -56.87
N ASN F 234 -2.92 10.88 -56.97
CA ASN F 234 -1.68 11.33 -57.59
C ASN F 234 -0.48 10.74 -56.87
N VAL F 235 -0.53 10.71 -55.54
CA VAL F 235 0.59 10.18 -54.76
C VAL F 235 0.82 8.72 -55.11
N ALA F 236 -0.26 7.93 -55.06
CA ALA F 236 -0.20 6.51 -55.35
C ALA F 236 0.26 6.22 -56.77
N ALA F 237 -0.27 6.95 -57.73
CA ALA F 237 0.06 6.75 -59.14
C ALA F 237 1.51 7.13 -59.44
N PHE F 238 1.99 8.16 -58.75
CA PHE F 238 3.36 8.63 -58.93
C PHE F 238 4.30 7.54 -58.46
N LEU F 239 4.05 7.02 -57.27
CA LEU F 239 4.86 5.97 -56.70
C LEU F 239 4.95 4.73 -57.60
N VAL F 240 3.83 4.20 -58.06
CA VAL F 240 3.92 3.01 -58.91
C VAL F 240 4.73 3.38 -60.15
N SER F 241 4.51 4.59 -60.63
CA SER F 241 5.19 5.09 -61.81
C SER F 241 6.71 5.15 -61.64
N GLU F 242 7.14 5.47 -60.42
CA GLU F 242 8.55 5.56 -60.07
C GLU F 242 9.18 4.19 -60.00
N MSE F 243 8.44 3.22 -59.51
CA MSE F 243 8.96 1.86 -59.42
C MSE F 243 9.24 1.30 -60.81
O MSE F 243 10.28 0.67 -61.01
CB MSE F 243 7.98 0.93 -58.70
CG MSE F 243 7.84 1.23 -57.21
SE MSE F 243 6.91 -0.21 -56.28
CE MSE F 243 5.07 0.28 -56.74
N LYS F 244 8.32 1.52 -61.74
CA LYS F 244 8.52 1.01 -63.09
C LYS F 244 9.57 1.80 -63.83
N ALA F 245 9.85 3.02 -63.37
CA ALA F 245 10.87 3.86 -63.98
C ALA F 245 12.25 3.45 -63.46
N GLY F 246 12.24 2.64 -62.39
CA GLY F 246 13.48 2.16 -61.80
C GLY F 246 14.02 3.07 -60.70
N ARG F 247 13.20 4.01 -60.24
CA ARG F 247 13.64 4.95 -59.21
C ARG F 247 13.23 4.55 -57.79
N ILE F 248 12.54 3.43 -57.69
CA ILE F 248 12.14 2.87 -56.41
C ILE F 248 12.17 1.38 -56.64
N PRO F 249 12.77 0.62 -55.70
CA PRO F 249 12.83 -0.84 -55.87
C PRO F 249 11.46 -1.47 -56.04
N LYS F 250 11.36 -2.42 -56.97
CA LYS F 250 10.12 -3.11 -57.28
C LYS F 250 9.29 -3.60 -56.10
N ASP F 251 9.93 -3.99 -55.00
CA ASP F 251 9.20 -4.47 -53.83
C ASP F 251 8.74 -3.32 -52.94
N PHE F 252 8.93 -2.10 -53.41
CA PHE F 252 8.54 -0.90 -52.66
C PHE F 252 9.47 -0.64 -51.47
N LEU F 253 9.09 0.29 -50.62
CA LEU F 253 9.88 0.67 -49.44
C LEU F 253 8.96 1.05 -48.28
N PRO F 254 9.52 1.25 -47.06
CA PRO F 254 8.68 1.63 -45.91
C PRO F 254 8.09 3.01 -46.14
N LEU F 255 6.90 3.26 -45.62
CA LEU F 255 6.27 4.55 -45.80
C LEU F 255 6.03 5.29 -44.51
N GLN F 256 5.91 6.60 -44.64
CA GLN F 256 5.62 7.48 -43.53
C GLN F 256 4.66 8.55 -44.04
N SER F 257 3.60 8.81 -43.30
CA SER F 257 2.64 9.83 -43.70
C SER F 257 2.19 10.55 -42.44
N GLY F 258 1.67 11.76 -42.62
CA GLY F 258 1.19 12.51 -41.48
C GLY F 258 -0.20 12.04 -41.13
N VAL F 259 -0.90 12.85 -40.35
CA VAL F 259 -2.27 12.56 -39.95
C VAL F 259 -3.19 13.55 -40.67
N GLY F 260 -4.39 13.14 -41.02
CA GLY F 260 -5.28 14.05 -41.71
C GLY F 260 -6.02 13.41 -42.87
N ASN F 261 -6.89 14.19 -43.49
CA ASN F 261 -7.70 13.75 -44.61
C ASN F 261 -6.87 13.36 -45.84
N VAL F 262 -5.85 14.16 -46.13
CA VAL F 262 -5.00 13.88 -47.28
C VAL F 262 -4.33 12.54 -47.02
N ALA F 263 -3.69 12.42 -45.86
CA ALA F 263 -3.01 11.20 -45.46
C ALA F 263 -3.96 10.00 -45.66
N ASN F 264 -5.18 10.12 -45.13
CA ASN F 264 -6.17 9.06 -45.24
C ASN F 264 -6.44 8.72 -46.69
N ALA F 265 -6.50 9.74 -47.53
CA ALA F 265 -6.78 9.55 -48.95
C ALA F 265 -5.58 8.87 -49.61
N VAL F 266 -4.38 9.28 -49.21
CA VAL F 266 -3.17 8.69 -49.76
C VAL F 266 -3.14 7.19 -49.43
N LEU F 267 -3.32 6.87 -48.14
CA LEU F 267 -3.34 5.49 -47.68
C LEU F 267 -4.40 4.67 -48.42
N GLY F 268 -5.59 5.26 -48.59
CA GLY F 268 -6.65 4.57 -49.29
C GLY F 268 -6.27 4.29 -50.73
N ALA F 269 -5.73 5.31 -51.40
CA ALA F 269 -5.31 5.19 -52.79
C ALA F 269 -4.28 4.07 -52.95
N LEU F 270 -3.29 4.03 -52.06
CA LEU F 270 -2.25 3.00 -52.10
C LEU F 270 -2.88 1.61 -52.00
N GLY F 271 -3.82 1.47 -51.07
CA GLY F 271 -4.49 0.21 -50.89
C GLY F 271 -5.29 -0.21 -52.10
N ASP F 272 -5.87 0.76 -52.82
CA ASP F 272 -6.68 0.45 -54.00
C ASP F 272 -5.90 0.34 -55.30
N ASN F 273 -4.63 0.73 -55.30
CA ASN F 273 -3.83 0.61 -56.51
C ASN F 273 -3.08 -0.72 -56.44
N PRO F 274 -3.51 -1.71 -57.24
CA PRO F 274 -2.90 -3.04 -57.27
C PRO F 274 -1.40 -3.06 -57.60
N ASP F 275 -0.93 -2.02 -58.29
CA ASP F 275 0.49 -1.96 -58.63
C ASP F 275 1.34 -1.57 -57.43
N ILE F 276 0.67 -1.25 -56.32
CA ILE F 276 1.37 -0.91 -55.09
C ILE F 276 1.39 -2.22 -54.30
N PRO F 277 2.57 -2.83 -54.13
CA PRO F 277 2.68 -4.09 -53.38
C PRO F 277 2.40 -3.91 -51.86
N ALA F 278 1.95 -4.98 -51.23
CA ALA F 278 1.66 -4.97 -49.80
C ALA F 278 2.85 -4.28 -49.17
N PHE F 279 2.60 -3.31 -48.30
CA PHE F 279 3.69 -2.54 -47.74
C PHE F 279 3.68 -2.40 -46.22
N ASN F 280 4.79 -1.90 -45.69
CA ASN F 280 4.94 -1.70 -44.27
C ASN F 280 5.05 -0.22 -43.99
N MSE F 281 4.73 0.18 -42.76
CA MSE F 281 4.78 1.56 -42.35
C MSE F 281 5.90 1.74 -41.36
O MSE F 281 6.16 0.88 -40.52
CB MSE F 281 3.49 1.99 -41.63
CG MSE F 281 2.22 1.89 -42.43
SE MSE F 281 2.13 3.16 -43.87
CE MSE F 281 1.90 4.77 -42.86
N TYR F 282 6.59 2.87 -41.48
CA TYR F 282 7.62 3.22 -40.52
C TYR F 282 7.30 4.69 -40.31
N THR F 283 6.13 4.94 -39.71
CA THR F 283 5.64 6.29 -39.45
C THR F 283 5.82 6.78 -38.01
N GLU F 284 5.13 7.87 -37.73
CA GLU F 284 5.11 8.48 -36.41
C GLU F 284 3.87 7.96 -35.71
N VAL F 285 2.71 8.26 -36.29
CA VAL F 285 1.45 7.81 -35.69
C VAL F 285 0.64 6.91 -36.63
N ILE F 286 0.19 5.79 -36.07
CA ILE F 286 -0.61 4.82 -36.79
C ILE F 286 -2.08 5.18 -36.58
N GLN F 287 -2.77 5.51 -37.67
CA GLN F 287 -4.17 5.89 -37.60
C GLN F 287 -5.11 4.80 -38.07
N ASP F 288 -6.41 5.08 -37.99
CA ASP F 288 -7.44 4.12 -38.40
C ASP F 288 -7.20 3.63 -39.82
N ALA F 289 -6.91 4.57 -40.73
CA ALA F 289 -6.70 4.23 -42.14
C ALA F 289 -5.67 3.10 -42.33
N VAL F 290 -4.63 3.10 -41.50
CA VAL F 290 -3.58 2.08 -41.57
C VAL F 290 -4.14 0.74 -41.10
N ILE F 291 -4.87 0.78 -39.99
CA ILE F 291 -5.48 -0.41 -39.42
C ILE F 291 -6.42 -1.05 -40.45
N ALA F 292 -7.19 -0.22 -41.15
CA ALA F 292 -8.13 -0.70 -42.15
C ALA F 292 -7.41 -1.51 -43.24
N LEU F 293 -6.31 -0.95 -43.74
CA LEU F 293 -5.53 -1.60 -44.79
C LEU F 293 -4.84 -2.85 -44.26
N MSE F 294 -4.57 -2.85 -42.97
CA MSE F 294 -3.92 -3.97 -42.31
C MSE F 294 -4.86 -5.17 -42.28
O MSE F 294 -4.44 -6.30 -42.52
CB MSE F 294 -3.57 -3.55 -40.88
CG MSE F 294 -2.48 -4.37 -40.24
SE MSE F 294 -1.88 -3.54 -38.61
CE MSE F 294 -2.10 -5.06 -37.43
N LYS F 295 -6.13 -4.93 -41.98
CA LYS F 295 -7.12 -6.00 -41.90
C LYS F 295 -7.36 -6.61 -43.27
N LYS F 296 -7.04 -5.86 -44.32
CA LYS F 296 -7.22 -6.36 -45.68
C LYS F 296 -5.90 -6.91 -46.23
N GLY F 297 -4.90 -7.05 -45.35
CA GLY F 297 -3.61 -7.57 -45.76
C GLY F 297 -2.88 -6.60 -46.66
N ARG F 298 -3.44 -5.40 -46.81
CA ARG F 298 -2.84 -4.36 -47.63
C ARG F 298 -1.55 -3.82 -46.98
N ILE F 299 -1.59 -3.67 -45.67
CA ILE F 299 -0.42 -3.22 -44.94
C ILE F 299 0.02 -4.43 -44.12
N LYS F 300 1.28 -4.84 -44.28
CA LYS F 300 1.81 -6.01 -43.61
C LYS F 300 2.22 -5.78 -42.16
N PHE F 301 2.72 -4.58 -41.87
CA PHE F 301 3.21 -4.28 -40.54
C PHE F 301 3.23 -2.78 -40.37
N ALA F 302 3.20 -2.32 -39.12
CA ALA F 302 3.24 -0.89 -38.86
C ALA F 302 4.14 -0.54 -37.68
N SER F 303 5.14 0.29 -37.95
CA SER F 303 6.05 0.75 -36.91
C SER F 303 5.66 2.20 -36.70
N GLY F 304 5.62 2.62 -35.43
CA GLY F 304 5.24 3.99 -35.15
C GLY F 304 5.62 4.38 -33.74
N CYS F 305 5.17 5.55 -33.33
CA CYS F 305 5.45 6.04 -31.98
C CYS F 305 4.16 5.99 -31.18
N SER F 306 3.04 5.92 -31.88
CA SER F 306 1.75 5.87 -31.23
C SER F 306 0.70 5.22 -32.12
N LEU F 307 -0.30 4.64 -31.46
CA LEU F 307 -1.42 4.03 -32.14
C LEU F 307 -2.58 4.97 -31.82
N SER F 308 -2.78 5.96 -32.66
CA SER F 308 -3.84 6.94 -32.47
C SER F 308 -5.07 6.58 -33.27
N VAL F 309 -5.87 5.67 -32.73
CA VAL F 309 -7.06 5.20 -33.42
C VAL F 309 -8.34 5.49 -32.64
N SER F 310 -9.48 5.44 -33.34
CA SER F 310 -10.77 5.69 -32.69
C SER F 310 -11.12 4.57 -31.73
N ARG F 311 -12.10 4.81 -30.86
CA ARG F 311 -12.51 3.81 -29.88
C ARG F 311 -12.96 2.49 -30.52
N SER F 312 -13.68 2.58 -31.63
CA SER F 312 -14.15 1.39 -32.32
C SER F 312 -12.98 0.54 -32.80
N VAL F 313 -11.96 1.21 -33.31
CA VAL F 313 -10.77 0.55 -33.82
C VAL F 313 -9.89 -0.04 -32.73
N ILE F 314 -9.69 0.71 -31.64
CA ILE F 314 -8.86 0.24 -30.53
C ILE F 314 -9.51 -0.98 -29.86
N GLN F 315 -10.83 -1.01 -29.82
CA GLN F 315 -11.52 -2.14 -29.21
C GLN F 315 -11.37 -3.37 -30.09
N ASP F 316 -11.37 -3.15 -31.41
CA ASP F 316 -11.23 -4.27 -32.35
C ASP F 316 -9.84 -4.88 -32.22
N ILE F 317 -8.85 -4.02 -32.02
CA ILE F 317 -7.47 -4.48 -31.88
C ILE F 317 -7.33 -5.30 -30.61
N TYR F 318 -7.76 -4.72 -29.49
CA TYR F 318 -7.69 -5.41 -28.19
C TYR F 318 -8.47 -6.71 -28.13
N ALA F 319 -9.44 -6.84 -29.02
CA ALA F 319 -10.29 -8.04 -29.08
C ALA F 319 -9.67 -9.05 -30.03
N ASN F 320 -8.64 -8.60 -30.75
CA ASN F 320 -7.95 -9.44 -31.73
C ASN F 320 -6.43 -9.28 -31.68
N LEU F 321 -5.87 -9.38 -30.48
CA LEU F 321 -4.42 -9.28 -30.32
C LEU F 321 -3.80 -10.44 -31.10
N ASP F 322 -4.63 -11.44 -31.39
CA ASP F 322 -4.23 -12.61 -32.15
C ASP F 322 -3.73 -12.20 -33.53
N PHE F 323 -4.33 -11.15 -34.07
CA PHE F 323 -4.00 -10.65 -35.40
C PHE F 323 -3.06 -9.43 -35.41
N PHE F 324 -3.34 -8.47 -34.54
CA PHE F 324 -2.57 -7.22 -34.48
C PHE F 324 -1.26 -7.20 -33.71
N LYS F 325 -1.19 -7.94 -32.62
CA LYS F 325 0.00 -7.99 -31.77
C LYS F 325 1.35 -8.05 -32.50
N ASP F 326 1.46 -8.96 -33.46
CA ASP F 326 2.70 -9.14 -34.23
C ASP F 326 2.77 -8.27 -35.49
N LYS F 327 1.85 -7.33 -35.64
CA LYS F 327 1.84 -6.46 -36.81
C LYS F 327 2.03 -4.99 -36.49
N ILE F 328 1.93 -4.66 -35.21
CA ILE F 328 2.09 -3.29 -34.76
C ILE F 328 3.24 -3.24 -33.76
N LEU F 329 4.07 -2.21 -33.87
CA LEU F 329 5.20 -2.05 -32.95
C LEU F 329 5.37 -0.57 -32.67
N LEU F 330 5.30 -0.19 -31.40
CA LEU F 330 5.43 1.21 -31.00
C LEU F 330 6.81 1.48 -30.40
N ARG F 331 7.45 2.53 -30.89
CA ARG F 331 8.79 2.90 -30.45
C ARG F 331 8.87 4.35 -29.94
N PRO F 332 9.93 4.67 -29.18
CA PRO F 332 10.06 6.04 -28.68
C PRO F 332 10.34 6.85 -29.94
N GLN F 333 9.97 8.13 -29.94
CA GLN F 333 10.20 8.95 -31.13
C GLN F 333 11.67 9.05 -31.47
N GLU F 334 12.53 8.73 -30.50
CA GLU F 334 13.96 8.78 -30.74
C GLU F 334 14.32 7.75 -31.80
N TYR F 335 13.48 6.71 -31.87
CA TYR F 335 13.71 5.65 -32.84
C TYR F 335 12.76 5.68 -34.03
N SER F 336 11.47 5.92 -33.76
CA SER F 336 10.48 5.99 -34.83
C SER F 336 10.79 7.09 -35.85
N ASN F 337 11.46 8.15 -35.41
CA ASN F 337 11.81 9.29 -36.26
C ASN F 337 13.31 9.42 -36.48
N ASN F 338 14.07 8.37 -36.19
CA ASN F 338 15.52 8.46 -36.32
C ASN F 338 16.09 8.57 -37.74
N PRO F 339 16.91 9.62 -37.96
CA PRO F 339 17.53 9.86 -39.26
C PRO F 339 18.30 8.64 -39.76
N GLU F 340 19.03 8.00 -38.85
CA GLU F 340 19.82 6.81 -39.17
C GLU F 340 18.93 5.69 -39.72
N ILE F 341 17.83 5.42 -39.03
CA ILE F 341 16.90 4.36 -39.45
C ILE F 341 16.15 4.71 -40.73
N VAL F 342 15.63 5.93 -40.77
CA VAL F 342 14.88 6.43 -41.92
C VAL F 342 15.68 6.32 -43.20
N ARG F 343 16.91 6.83 -43.17
CA ARG F 343 17.76 6.81 -44.35
C ARG F 343 18.25 5.40 -44.72
N ARG F 344 18.53 4.57 -43.72
CA ARG F 344 18.99 3.22 -43.98
C ARG F 344 17.88 2.39 -44.64
N LEU F 345 16.66 2.45 -44.09
CA LEU F 345 15.55 1.68 -44.64
C LEU F 345 15.02 2.25 -45.96
N GLY F 346 15.38 3.50 -46.26
CA GLY F 346 14.91 4.12 -47.49
C GLY F 346 13.42 4.44 -47.36
N VAL F 347 13.03 4.94 -46.19
CA VAL F 347 11.65 5.30 -45.92
C VAL F 347 11.17 6.40 -46.86
N ILE F 348 10.03 6.15 -47.50
CA ILE F 348 9.44 7.15 -48.40
C ILE F 348 8.51 7.97 -47.52
N THR F 349 8.78 9.28 -47.46
CA THR F 349 7.99 10.17 -46.61
C THR F 349 7.00 11.04 -47.38
N ILE F 350 5.81 11.19 -46.81
CA ILE F 350 4.75 11.99 -47.40
C ILE F 350 4.18 12.87 -46.30
N ASN F 351 4.36 14.18 -46.43
CA ASN F 351 3.88 15.11 -45.42
C ASN F 351 3.12 16.27 -46.05
N THR F 352 2.39 17.01 -45.22
CA THR F 352 1.59 18.14 -45.69
C THR F 352 2.35 19.44 -45.63
N ALA F 353 1.82 20.43 -46.35
CA ALA F 353 2.41 21.76 -46.38
C ALA F 353 1.33 22.81 -46.17
N LEU F 354 1.57 23.75 -45.26
CA LEU F 354 0.60 24.82 -45.04
C LEU F 354 0.61 25.62 -46.32
N GLU F 355 1.83 25.83 -46.83
CA GLU F 355 2.05 26.55 -48.07
C GLU F 355 3.42 26.13 -48.61
N ALA F 356 3.64 26.42 -49.89
CA ALA F 356 4.89 26.09 -50.55
C ALA F 356 5.18 27.19 -51.55
N ASP F 357 6.46 27.40 -51.88
CA ASP F 357 6.75 28.41 -52.88
C ASP F 357 7.27 27.75 -54.16
N ILE F 358 7.32 28.53 -55.24
CA ILE F 358 7.76 28.03 -56.54
C ILE F 358 9.19 27.49 -56.61
N PHE F 359 9.96 27.62 -55.54
CA PHE F 359 11.32 27.10 -55.56
C PHE F 359 11.49 25.83 -54.73
N GLY F 360 10.37 25.28 -54.27
CA GLY F 360 10.40 24.03 -53.52
C GLY F 360 10.56 24.15 -52.02
N ASN F 361 10.41 25.34 -51.47
CA ASN F 361 10.54 25.52 -50.04
C ASN F 361 9.17 25.34 -49.40
N ILE F 362 9.12 24.66 -48.25
CA ILE F 362 7.87 24.40 -47.55
C ILE F 362 7.72 25.03 -46.17
N ASN F 363 6.51 25.52 -45.91
CA ASN F 363 6.15 26.11 -44.63
C ASN F 363 5.11 25.14 -44.07
N SER F 364 5.40 24.59 -42.90
CA SER F 364 4.46 23.67 -42.29
C SER F 364 4.12 24.05 -40.86
N THR F 365 4.30 25.32 -40.51
CA THR F 365 4.02 25.75 -39.15
C THR F 365 3.43 27.15 -38.92
N HIS F 366 3.90 28.16 -39.65
CA HIS F 366 3.41 29.53 -39.43
C HIS F 366 2.44 30.08 -40.44
N VAL F 367 1.27 30.51 -39.99
CA VAL F 367 0.28 31.11 -40.88
C VAL F 367 0.75 32.54 -41.10
N SER F 368 0.88 32.94 -42.36
CA SER F 368 1.34 34.29 -42.70
C SER F 368 2.70 34.56 -42.09
N GLY F 369 3.41 33.49 -41.77
CA GLY F 369 4.74 33.58 -41.21
C GLY F 369 4.87 34.03 -39.77
N THR F 370 3.75 34.26 -39.09
CA THR F 370 3.79 34.71 -37.70
C THR F 370 3.04 33.84 -36.71
N ARG F 371 1.85 33.40 -37.09
CA ARG F 371 1.03 32.59 -36.20
C ARG F 371 1.36 31.11 -36.17
N MSE F 372 1.88 30.65 -35.04
CA MSE F 372 2.22 29.24 -34.90
C MSE F 372 0.98 28.38 -35.11
O MSE F 372 -0.15 28.74 -34.75
CB MSE F 372 2.81 28.95 -33.52
CG MSE F 372 3.00 27.46 -33.20
SE MSE F 372 4.11 26.42 -34.46
CE MSE F 372 5.84 27.14 -34.03
N MSE F 373 1.24 27.22 -35.68
CA MSE F 373 0.23 26.24 -35.99
C MSE F 373 0.29 25.12 -34.96
O MSE F 373 -0.44 25.13 -33.98
CB MSE F 373 0.50 25.72 -37.38
CG MSE F 373 -0.62 25.96 -38.30
SE MSE F 373 -1.95 24.85 -37.55
CE MSE F 373 -2.41 23.83 -39.10
N ASN F 374 1.18 24.17 -35.20
CA ASN F 374 1.38 23.04 -34.30
C ASN F 374 2.87 22.97 -33.96
N GLY F 375 3.67 22.68 -34.98
CA GLY F 375 5.09 22.57 -34.79
C GLY F 375 5.69 21.82 -35.97
N ILE F 376 7.00 21.96 -36.18
CA ILE F 376 7.64 21.29 -37.30
C ILE F 376 7.43 19.78 -37.19
N GLY F 377 7.29 19.30 -35.96
CA GLY F 377 7.06 17.88 -35.73
C GLY F 377 8.19 17.02 -36.20
N GLY F 378 7.84 15.91 -36.87
CA GLY F 378 8.84 15.00 -37.38
C GLY F 378 8.97 15.13 -38.89
N SER F 379 8.35 16.15 -39.46
CA SER F 379 8.44 16.34 -40.91
C SER F 379 9.89 16.60 -41.35
N GLY F 380 10.69 17.17 -40.46
CA GLY F 380 12.09 17.43 -40.78
C GLY F 380 12.89 16.15 -40.67
N ASP F 381 12.71 15.41 -39.59
CA ASP F 381 13.42 14.16 -39.38
C ASP F 381 13.24 13.25 -40.58
N PHE F 382 12.00 13.18 -41.08
CA PHE F 382 11.66 12.33 -42.22
C PHE F 382 12.07 12.89 -43.57
N THR F 383 11.45 14.00 -43.96
CA THR F 383 11.73 14.68 -45.22
C THR F 383 13.22 14.71 -45.58
N ARG F 384 14.02 15.24 -44.65
CA ARG F 384 15.45 15.37 -44.84
C ARG F 384 16.16 14.07 -45.19
N ASN F 385 15.79 12.97 -44.55
CA ASN F 385 16.47 11.70 -44.79
C ASN F 385 15.75 10.63 -45.59
N SER F 386 14.55 10.91 -46.07
CA SER F 386 13.78 9.92 -46.82
C SER F 386 14.40 9.58 -48.17
N TYR F 387 14.02 8.42 -48.69
CA TYR F 387 14.49 7.94 -49.98
C TYR F 387 14.06 9.00 -50.99
N VAL F 388 12.81 9.43 -50.89
CA VAL F 388 12.25 10.48 -51.73
C VAL F 388 11.23 11.19 -50.83
N SER F 389 11.36 12.50 -50.68
CA SER F 389 10.44 13.23 -49.82
C SER F 389 9.32 13.84 -50.66
N ILE F 390 8.09 13.68 -50.18
CA ILE F 390 6.93 14.20 -50.89
C ILE F 390 6.13 15.11 -49.99
N PHE F 391 5.62 16.18 -50.59
CA PHE F 391 4.79 17.12 -49.87
C PHE F 391 3.47 17.30 -50.63
N THR F 392 2.37 17.16 -49.90
CA THR F 392 1.04 17.27 -50.48
C THR F 392 0.34 18.47 -49.90
N THR F 393 -0.66 18.96 -50.63
CA THR F 393 -1.42 20.14 -50.22
C THR F 393 -2.41 20.57 -51.26
N PRO F 394 -3.65 20.85 -50.85
CA PRO F 394 -4.63 21.29 -51.84
C PRO F 394 -4.03 22.57 -52.42
N SER F 395 -4.31 22.87 -53.68
CA SER F 395 -3.73 24.07 -54.30
C SER F 395 -4.19 25.39 -53.72
N VAL F 396 -5.46 25.46 -53.33
CA VAL F 396 -6.02 26.68 -52.79
C VAL F 396 -6.77 26.52 -51.47
N MSE F 397 -7.29 27.64 -50.98
CA MSE F 397 -8.00 27.68 -49.73
C MSE F 397 -9.00 28.84 -49.78
O MSE F 397 -8.96 29.65 -50.71
CB MSE F 397 -6.98 27.88 -48.60
CG MSE F 397 -7.56 27.98 -47.21
SE MSE F 397 -6.14 28.37 -45.94
CE MSE F 397 -5.10 26.74 -46.16
N LYS F 398 -9.88 28.92 -48.77
CA LYS F 398 -10.89 29.98 -48.70
C LYS F 398 -11.55 30.23 -50.05
N ASP F 399 -12.24 29.22 -50.56
CA ASP F 399 -12.93 29.33 -51.85
C ASP F 399 -12.05 29.92 -52.94
N GLY F 400 -10.77 29.61 -52.91
CA GLY F 400 -9.86 30.09 -53.92
C GLY F 400 -9.17 31.41 -53.65
N LYS F 401 -9.60 32.12 -52.62
CA LYS F 401 -9.03 33.43 -52.29
C LYS F 401 -7.61 33.33 -51.72
N ILE F 402 -7.23 32.12 -51.32
CA ILE F 402 -5.90 31.88 -50.80
C ILE F 402 -5.21 30.81 -51.63
N SER F 403 -3.99 31.11 -52.07
CA SER F 403 -3.22 30.15 -52.84
C SER F 403 -2.24 29.43 -51.91
N SER F 404 -2.17 28.10 -52.02
CA SER F 404 -1.25 27.33 -51.19
C SER F 404 0.18 27.51 -51.69
N PHE F 405 0.30 28.05 -52.90
CA PHE F 405 1.60 28.30 -53.54
C PHE F 405 1.84 29.79 -53.64
N VAL F 406 3.02 30.21 -53.18
CA VAL F 406 3.38 31.60 -53.15
C VAL F 406 4.79 31.85 -53.67
N PRO F 407 5.12 33.12 -53.98
CA PRO F 407 6.46 33.46 -54.49
C PRO F 407 7.54 32.99 -53.51
N MSE F 408 7.33 33.28 -52.23
CA MSE F 408 8.24 32.90 -51.16
C MSE F 408 7.40 32.54 -49.92
O MSE F 408 6.43 33.24 -49.61
CB MSE F 408 9.19 34.03 -50.80
CG MSE F 408 10.30 33.61 -49.86
SE MSE F 408 11.30 35.07 -49.04
CE MSE F 408 12.64 35.36 -50.41
N VAL F 409 7.75 31.45 -49.24
CA VAL F 409 7.01 31.04 -48.05
C VAL F 409 7.32 32.01 -46.91
N ALA F 410 6.26 32.43 -46.21
CA ALA F 410 6.37 33.37 -45.11
C ALA F 410 7.17 32.80 -43.93
N HIS F 411 7.43 31.49 -43.99
CA HIS F 411 8.19 30.80 -42.94
C HIS F 411 8.78 29.54 -43.54
N HIS F 412 10.10 29.40 -43.46
CA HIS F 412 10.77 28.23 -44.03
C HIS F 412 10.99 27.09 -43.01
N ASP F 413 10.40 25.93 -43.30
CA ASP F 413 10.55 24.76 -42.44
C ASP F 413 11.37 23.71 -43.17
N HIS F 414 11.22 23.65 -44.48
CA HIS F 414 11.97 22.70 -45.30
C HIS F 414 12.53 23.44 -46.50
N SER F 415 13.79 23.20 -46.85
CA SER F 415 14.41 23.90 -47.96
C SER F 415 14.46 23.15 -49.31
N GLU F 416 14.75 23.92 -50.35
CA GLU F 416 14.86 23.41 -51.71
C GLU F 416 15.78 22.20 -51.81
N HIS F 417 16.69 22.08 -50.85
CA HIS F 417 17.66 20.99 -50.83
C HIS F 417 17.10 19.73 -50.22
N SER F 418 15.94 19.84 -49.59
CA SER F 418 15.32 18.71 -48.92
C SER F 418 14.00 18.24 -49.53
N VAL F 419 13.27 19.17 -50.16
CA VAL F 419 12.00 18.83 -50.77
C VAL F 419 12.22 18.28 -52.17
N LYS F 420 11.86 17.01 -52.38
CA LYS F 420 12.06 16.37 -53.67
C LYS F 420 10.85 16.36 -54.61
N VAL F 421 9.66 16.21 -54.03
CA VAL F 421 8.43 16.16 -54.83
C VAL F 421 7.27 16.87 -54.15
N ILE F 422 6.45 17.55 -54.94
CA ILE F 422 5.28 18.26 -54.44
C ILE F 422 4.06 17.80 -55.24
N ILE F 423 2.96 17.57 -54.55
CA ILE F 423 1.74 17.08 -55.21
C ILE F 423 0.43 17.71 -54.72
N SER F 424 -0.37 18.22 -55.66
CA SER F 424 -1.66 18.78 -55.32
C SER F 424 -2.70 18.03 -56.16
N GLU F 425 -3.93 18.49 -56.16
CA GLU F 425 -4.97 17.82 -56.93
C GLU F 425 -4.73 17.96 -58.44
N TRP F 426 -3.95 18.97 -58.81
CA TRP F 426 -3.64 19.26 -60.21
C TRP F 426 -2.56 18.40 -60.88
N GLY F 427 -1.69 17.81 -60.08
CA GLY F 427 -0.63 16.98 -60.64
C GLY F 427 0.55 16.92 -59.71
N VAL F 428 1.65 16.34 -60.18
CA VAL F 428 2.85 16.22 -59.35
C VAL F 428 4.04 16.95 -59.97
N ALA F 429 4.85 17.55 -59.12
CA ALA F 429 6.04 18.27 -59.58
C ALA F 429 7.31 17.62 -59.01
N ASP F 430 7.99 16.84 -59.84
CA ASP F 430 9.22 16.19 -59.41
C ASP F 430 10.30 17.26 -59.48
N LEU F 431 10.83 17.65 -58.33
CA LEU F 431 11.85 18.69 -58.26
C LEU F 431 13.29 18.25 -58.44
N ARG F 432 13.52 16.94 -58.41
CA ARG F 432 14.89 16.40 -58.54
C ARG F 432 15.59 16.74 -59.84
N GLY F 433 16.85 17.14 -59.69
CA GLY F 433 17.66 17.48 -60.86
C GLY F 433 17.34 18.80 -61.52
N LYS F 434 16.60 19.65 -60.81
CA LYS F 434 16.21 20.95 -61.37
C LYS F 434 16.73 22.12 -60.56
N ASN F 435 17.03 23.22 -61.25
CA ASN F 435 17.51 24.42 -60.60
C ASN F 435 16.26 25.20 -60.20
N PRO F 436 16.42 26.38 -59.58
CA PRO F 436 15.24 27.16 -59.16
C PRO F 436 14.21 27.49 -60.23
N ARG F 437 14.64 28.02 -61.37
CA ARG F 437 13.72 28.35 -62.45
C ARG F 437 12.99 27.16 -63.04
N GLU F 438 13.69 26.05 -63.18
CA GLU F 438 13.10 24.85 -63.77
C GLU F 438 12.08 24.21 -62.83
N ARG F 439 12.34 24.27 -61.53
CA ARG F 439 11.40 23.66 -60.60
C ARG F 439 10.20 24.59 -60.35
N ALA F 440 10.38 25.88 -60.61
CA ALA F 440 9.28 26.84 -60.44
C ALA F 440 8.28 26.62 -61.57
N HIS F 441 8.77 26.44 -62.79
CA HIS F 441 7.87 26.21 -63.92
C HIS F 441 7.17 24.87 -63.78
N GLU F 442 7.86 23.89 -63.23
CA GLU F 442 7.27 22.58 -63.04
C GLU F 442 6.16 22.68 -62.00
N ILE F 443 6.45 23.34 -60.88
CA ILE F 443 5.49 23.51 -59.79
C ILE F 443 4.28 24.31 -60.25
N ILE F 444 4.52 25.32 -61.08
CA ILE F 444 3.46 26.18 -61.60
C ILE F 444 2.54 25.43 -62.54
N ASP F 445 3.12 24.72 -63.50
CA ASP F 445 2.35 23.97 -64.48
C ASP F 445 1.61 22.74 -63.97
N LYS F 446 2.17 22.09 -62.93
CA LYS F 446 1.58 20.87 -62.41
C LYS F 446 0.82 20.96 -61.09
N CYS F 447 1.27 21.80 -60.17
CA CYS F 447 0.64 21.89 -58.84
C CYS F 447 -0.22 23.10 -58.53
N VAL F 448 0.23 24.27 -58.99
CA VAL F 448 -0.48 25.52 -58.77
C VAL F 448 -1.88 25.52 -59.40
N HIS F 449 -2.82 26.17 -58.72
CA HIS F 449 -4.18 26.26 -59.21
C HIS F 449 -4.20 27.24 -60.37
N PRO F 450 -4.92 26.91 -61.47
CA PRO F 450 -5.02 27.76 -62.67
C PRO F 450 -5.14 29.25 -62.39
N ASP F 451 -5.93 29.61 -61.38
CA ASP F 451 -6.15 31.00 -60.99
C ASP F 451 -4.88 31.76 -60.57
N TYR F 452 -3.81 31.03 -60.25
CA TYR F 452 -2.56 31.67 -59.82
C TYR F 452 -1.36 31.36 -60.69
N ARG F 453 -1.54 30.50 -61.68
CA ARG F 453 -0.41 30.15 -62.53
C ARG F 453 0.16 31.31 -63.34
N PRO F 454 -0.70 32.10 -64.01
CA PRO F 454 -0.15 33.21 -64.79
C PRO F 454 0.56 34.30 -63.98
N LEU F 455 0.08 34.51 -62.76
CA LEU F 455 0.63 35.52 -61.86
C LEU F 455 2.03 35.09 -61.37
N LEU F 456 2.16 33.81 -61.07
CA LEU F 456 3.45 33.30 -60.62
C LEU F 456 4.42 33.17 -61.80
N ARG F 457 3.88 33.08 -63.02
CA ARG F 457 4.73 33.02 -64.20
C ARG F 457 5.28 34.44 -64.43
N GLN F 458 4.44 35.44 -64.16
CA GLN F 458 4.85 36.82 -64.31
C GLN F 458 5.90 37.20 -63.27
N TYR F 459 5.84 36.53 -62.12
CA TYR F 459 6.79 36.81 -61.04
C TYR F 459 8.21 36.45 -61.47
N LEU F 460 8.31 35.42 -62.32
CA LEU F 460 9.61 34.95 -62.81
C LEU F 460 10.20 35.84 -63.90
N GLU F 461 9.43 36.83 -64.35
CA GLU F 461 9.89 37.74 -65.39
C GLU F 461 9.93 39.17 -64.91
N LEU F 462 10.26 39.38 -63.65
CA LEU F 462 10.31 40.74 -63.12
C LEU F 462 11.71 41.37 -63.17
N GLY F 463 12.57 40.80 -63.99
CA GLY F 463 13.92 41.36 -64.14
C GLY F 463 14.99 40.99 -63.12
N VAL F 464 14.67 40.16 -62.15
CA VAL F 464 15.65 39.77 -61.14
C VAL F 464 16.76 38.89 -61.73
N LYS F 465 17.99 39.20 -61.36
CA LYS F 465 19.15 38.45 -61.85
C LYS F 465 19.71 37.51 -60.79
N GLY F 466 20.17 36.34 -61.23
CA GLY F 466 20.75 35.39 -60.31
C GLY F 466 20.17 34.00 -60.34
N GLN F 467 20.80 33.13 -59.56
CA GLN F 467 20.41 31.73 -59.42
C GLN F 467 18.93 31.60 -59.02
N THR F 468 18.51 32.42 -58.05
CA THR F 468 17.14 32.41 -57.58
C THR F 468 16.47 33.76 -57.83
N PRO F 469 15.43 33.78 -58.70
CA PRO F 469 14.66 34.96 -59.09
C PRO F 469 13.71 35.53 -58.03
N GLN F 470 14.18 35.66 -56.79
CA GLN F 470 13.33 36.24 -55.76
C GLN F 470 13.41 37.76 -55.80
N ASN F 471 12.25 38.42 -55.78
CA ASN F 471 12.21 39.88 -55.82
C ASN F 471 11.86 40.38 -54.41
N LEU F 472 12.90 40.73 -53.66
CA LEU F 472 12.72 41.20 -52.29
C LEU F 472 11.76 42.37 -52.12
N ASP F 473 11.40 43.03 -53.22
CA ASP F 473 10.48 44.16 -53.15
C ASP F 473 9.02 43.71 -53.09
N CYS F 474 8.74 42.51 -53.59
CA CYS F 474 7.38 42.01 -53.63
C CYS F 474 7.18 40.50 -53.47
N CYS F 475 8.19 39.79 -52.95
CA CYS F 475 8.07 38.35 -52.77
C CYS F 475 6.93 37.95 -51.82
N PHE F 476 6.49 38.89 -50.98
CA PHE F 476 5.38 38.65 -50.05
C PHE F 476 4.08 39.33 -50.42
N ALA F 477 3.97 39.77 -51.67
CA ALA F 477 2.77 40.43 -52.16
C ALA F 477 1.50 39.57 -51.98
N PHE F 478 1.60 38.27 -52.21
CA PHE F 478 0.47 37.37 -52.05
C PHE F 478 -0.10 37.45 -50.63
N HIS F 479 0.79 37.33 -49.65
CA HIS F 479 0.44 37.39 -48.23
C HIS F 479 -0.07 38.79 -47.89
N GLN F 480 0.61 39.80 -48.43
CA GLN F 480 0.23 41.18 -48.18
C GLN F 480 -1.15 41.44 -48.73
N GLU F 481 -1.42 40.97 -49.94
CA GLU F 481 -2.73 41.18 -50.57
C GLU F 481 -3.85 40.47 -49.81
N LEU F 482 -3.54 39.31 -49.24
CA LEU F 482 -4.55 38.58 -48.49
C LEU F 482 -5.04 39.44 -47.33
N ALA F 483 -4.09 40.12 -46.70
CA ALA F 483 -4.35 41.00 -45.57
C ALA F 483 -5.07 42.28 -46.00
N LYS F 484 -4.80 42.73 -47.22
CA LYS F 484 -5.44 43.94 -47.73
C LYS F 484 -6.83 43.70 -48.31
N SER F 485 -6.94 42.79 -49.29
CA SER F 485 -8.20 42.48 -49.96
C SER F 485 -8.92 41.22 -49.50
N GLY F 486 -8.16 40.24 -49.02
CA GLY F 486 -8.76 39.00 -48.59
C GLY F 486 -8.76 38.02 -49.75
N ASP F 487 -8.22 38.46 -50.88
CA ASP F 487 -8.15 37.62 -52.07
C ASP F 487 -6.81 37.85 -52.78
N MSE F 488 -5.95 36.84 -52.77
CA MSE F 488 -4.64 36.93 -53.40
C MSE F 488 -4.68 37.14 -54.91
O MSE F 488 -3.70 37.60 -55.51
CB MSE F 488 -3.81 35.69 -53.08
CG MSE F 488 -3.60 35.43 -51.60
SE MSE F 488 -2.38 33.95 -51.29
CE MSE F 488 -1.89 34.35 -49.42
N ARG F 489 -5.81 36.81 -55.55
CA ARG F 489 -5.94 36.98 -57.00
C ARG F 489 -5.92 38.44 -57.41
N ASN F 490 -6.10 39.32 -56.44
CA ASN F 490 -6.10 40.77 -56.70
C ASN F 490 -4.72 41.36 -56.85
N VAL F 491 -3.70 40.50 -56.80
CA VAL F 491 -2.33 40.96 -56.94
C VAL F 491 -2.03 41.33 -58.38
N ARG F 492 -1.24 42.39 -58.53
CA ARG F 492 -0.77 42.92 -59.80
C ARG F 492 0.60 43.42 -59.44
N TRP F 493 1.62 42.80 -59.99
CA TRP F 493 3.01 43.16 -59.68
C TRP F 493 3.33 44.63 -59.87
N GLU F 494 2.66 45.28 -60.81
CA GLU F 494 2.89 46.70 -61.05
C GLU F 494 2.41 47.54 -59.86
N ASP F 495 1.57 46.93 -59.02
CA ASP F 495 1.03 47.59 -57.85
C ASP F 495 1.99 47.41 -56.68
N TYR F 496 2.70 46.28 -56.65
CA TYR F 496 3.62 46.03 -55.57
C TYR F 496 5.05 46.45 -55.88
N MSE F 497 5.17 47.35 -56.85
CA MSE F 497 6.45 47.90 -57.27
C MSE F 497 6.20 49.04 -58.25
O MSE F 497 6.51 50.19 -57.88
CB MSE F 497 7.34 46.82 -57.92
CG MSE F 497 6.75 46.18 -59.16
SE MSE F 497 7.90 44.86 -59.96
CE MSE F 497 8.32 45.80 -61.63
ZN ZN G . 21.99 -20.73 22.10
ZN ZN H . 31.71 -30.62 14.43
ZN ZN I . -39.68 25.38 14.70
ZN ZN J . -32.56 11.73 11.01
ZN ZN K . 19.70 27.14 -50.38
ZN ZN L . 9.99 26.68 -38.05
#